data_5X2P
#
_entry.id   5X2P
#
_cell.length_a   99.632
_cell.length_b   116.063
_cell.length_c   129.592
_cell.angle_alpha   90.00
_cell.angle_beta   91.56
_cell.angle_gamma   90.00
#
_symmetry.space_group_name_H-M   'P 1 21 1'
#
loop_
_entity.id
_entity.type
_entity.pdbx_description
1 polymer 'Taste receptor, type 1, member 2a'
2 polymer 'Taste receptor, type 1, member 3'
3 polymer 'Fab16A Heavy chain'
4 polymer 'Fab16A Light chain'
5 branched beta-D-mannopyranose-(1-4)-2-acetamido-2-deoxy-beta-D-glucopyranose-(1-4)-2-acetamido-2-deoxy-beta-D-glucopyranose
6 branched 2-acetamido-2-deoxy-beta-D-glucopyranose-(1-4)-2-acetamido-2-deoxy-beta-D-glucopyranose
7 non-polymer 2-acetamido-2-deoxy-beta-D-glucopyranose
8 non-polymer 'GLUTAMIC ACID'
9 non-polymer 'SODIUM ION'
10 non-polymer 'CHLORIDE ION'
11 non-polymer 'CALCIUM ION'
12 water water
#
loop_
_entity_poly.entity_id
_entity_poly.type
_entity_poly.pdbx_seq_one_letter_code
_entity_poly.pdbx_strand_id
1 'polypeptide(L)'
;QSTDQTSEFHLRGDYLIGGLFNIHYVAAANFQRPQAIDCSSKLFILPNYRRFQMMRFSVEEINNSSSLLPNVSLGYQMFD
HCSDIHSFPGIFKLLSVNDLIRPWEDASTGLPNAIGVVGPFTSTHALSIAPIFMTNLFPMVSYGCSGSVFSKENLYPSFL
RTVHSNKDVINAIVGIILNFNWRWVAFLYSDDDFGKDGLEQFKNKIEDSEICLAFYKAINVNTDYLQVFKQIEEQNIKVI
VVFAPKVYAEAVVESAVQLNVTNKVWIADDGWSLNKKLPSMNGIQNIGTVLGVAQPVVTIPGFTDFIYSAISQTDGGDTE
QKMFCNQKCNCSNLSVKSLLNADPSFSFPVYAAVYAIAHALHNTLRCGSDRCPKNITVHPHMILEELKKSNFTLLNQTVQ
FDENGDPKFGSLSVVFWNSSGNAEEVGSYHFQSSIHLSINKTKIKWFTNGEVPTSSGIEGR
;
A,C
2 'polypeptide(L)'
;SPNWFNNISTDLFSMPGDIKLGGLFPIKEQSNEVSNDLTKLNSVSCDSLNKDGLGRALVMKYAVEEINANSQLLPGVKLG
YKIYNTCRHSAVIVRPALSFLTEKSNGTLSVECNYTDYETDMVAVIGPQSSEMVTVIGKLLGFFLMPQISFGATSDKFSD
SLVYPSFFRTVPSDIRQVDAMVQLIKKFNWNWVAVVGSEEEYGQQGVQQFSKKAEDMGVCVAYQGLIPIYDDPKPAIQTI
INNIQTTEVKVVVVFSLVSPAVSFFEEVIKKNLTGVWIASSSWAISDKVYSLPNIDSIGTVIGFIDETETLELLSPFTEV
LFKKIHEASPTEKPEDPYNPCPECWSLSPANVSLVKEESVQRTAFSVYAAVYTVAHALHKLLECNSAACKWSSSTRLYPW
KLLEVLKEFSVNISNTSLKFDQNGNPNIGYSVIQRIWENQSLSSVGSYRSANLSINETLFKWYTNNSEKPESSGIEGR
;
B,D
3 'polypeptide(L)'
;EVQLQQSGPELVKPGASMKISCKASGYSFTGYSMNWVKQSHGKNLEWIGLINPYNGDTTYKQKFKGKATLTVDRSSSTAY
MELLRLTSEDSAVYYCARSGRGAPTTTTAWFTYWGQGTLVTVSAAKTTPPSVYPLAPGSAAQTNSMVTLGCLVKGYFPEP
VTVTWNSGSLSSGVHTFPAVLQSDLYTLSSSVTVPSSTWPSETVTCNVAHPASSTKVDKKIVPRD
;
H,J
4 'polypeptide(L)'
;DIVLTQSPASLAVSLGQRATISCRASESVDSYGNSFMHWYQQKPGQPPILLISRASNLESGIPARFSGSGSRTDFTLTIN
PVEADDFATYYCQQTNEDPRTFGGGTKLEIKRADAAPTVSIFPPSSEQLTSGGASVVCFLNNFYPKDINVKWKIDGSERQ
NGVLNSWTDQDSKDSTYSMSSTLTLTKDEYERHNSYTCEATHKTSTSPIVKSFNRNE
;
L,K
#
# COMPACT_ATOMS: atom_id res chain seq x y z
N THR A 6 14.86 63.17 -33.57
CA THR A 6 15.24 61.81 -33.23
C THR A 6 16.18 61.68 -32.04
N SER A 7 15.97 60.61 -31.28
CA SER A 7 16.99 60.06 -30.41
C SER A 7 16.87 58.56 -30.50
N GLU A 8 18.00 57.87 -30.62
CA GLU A 8 18.01 56.43 -30.61
C GLU A 8 17.48 55.89 -29.30
N PHE A 9 17.54 56.71 -28.26
CA PHE A 9 17.26 56.25 -26.90
C PHE A 9 15.80 56.37 -26.52
N HIS A 10 15.02 56.99 -27.37
CA HIS A 10 13.65 57.32 -27.00
C HIS A 10 12.74 57.20 -28.20
N LEU A 11 11.65 56.48 -28.04
CA LEU A 11 10.71 56.29 -29.10
C LEU A 11 9.32 56.35 -28.50
N ARG A 12 8.52 57.30 -28.94
CA ARG A 12 7.16 57.40 -28.43
C ARG A 12 6.35 56.18 -28.85
N GLY A 13 5.28 55.87 -28.10
CA GLY A 13 4.40 54.77 -28.44
C GLY A 13 3.23 54.67 -27.47
N ASP A 14 2.28 53.80 -27.75
CA ASP A 14 1.12 53.65 -26.85
C ASP A 14 1.53 53.07 -25.49
N TYR A 15 2.60 52.26 -25.48
CA TYR A 15 3.15 51.65 -24.27
C TYR A 15 4.67 51.64 -24.36
N LEU A 16 5.33 51.76 -23.21
CA LEU A 16 6.78 51.88 -23.18
C LEU A 16 7.44 50.72 -22.47
N ILE A 17 8.49 50.24 -23.11
CA ILE A 17 9.44 49.32 -22.54
C ILE A 17 10.70 50.09 -22.17
N GLY A 18 11.16 49.97 -20.93
CA GLY A 18 12.47 50.47 -20.55
C GLY A 18 13.58 49.58 -21.08
N GLY A 19 14.68 50.18 -21.51
CA GLY A 19 15.83 49.42 -22.01
C GLY A 19 17.08 49.74 -21.20
N LEU A 20 17.55 48.77 -20.43
CA LEU A 20 18.73 49.02 -19.60
C LEU A 20 19.98 48.44 -20.26
N PHE A 21 20.85 49.32 -20.76
CA PHE A 21 22.09 48.88 -21.36
C PHE A 21 23.29 49.58 -20.76
N ASN A 22 24.46 49.14 -21.16
CA ASN A 22 25.67 49.84 -20.78
C ASN A 22 26.59 49.85 -21.97
N ILE A 23 26.58 50.97 -22.68
CA ILE A 23 27.30 51.13 -23.95
C ILE A 23 28.75 51.52 -23.72
N HIS A 24 29.01 52.14 -22.57
CA HIS A 24 30.37 52.49 -22.21
C HIS A 24 30.82 51.78 -20.96
N TYR A 25 32.13 51.70 -20.77
CA TYR A 25 32.70 51.10 -19.59
C TYR A 25 33.55 52.08 -18.81
N VAL A 26 33.35 52.12 -17.51
CA VAL A 26 34.25 52.86 -16.65
C VAL A 26 34.40 52.13 -15.31
N ALA A 27 35.62 52.09 -14.80
CA ALA A 27 35.88 51.50 -13.48
C ALA A 27 35.23 52.33 -12.39
N ALA A 28 34.90 51.69 -11.27
CA ALA A 28 34.33 52.39 -10.11
C ALA A 28 35.31 53.40 -9.54
N ALA A 29 34.78 54.54 -9.10
CA ALA A 29 35.60 55.61 -8.57
C ALA A 29 34.87 56.42 -7.50
N ASN A 30 35.61 56.94 -6.52
CA ASN A 30 35.03 57.76 -5.47
C ASN A 30 34.30 58.95 -6.09
N PHE A 31 33.17 59.31 -5.49
CA PHE A 31 32.45 60.52 -5.88
C PHE A 31 31.98 61.24 -4.65
N GLN A 32 31.66 62.52 -4.78
CA GLN A 32 31.32 63.29 -3.59
C GLN A 32 30.03 64.04 -3.79
N ARG A 33 29.44 63.86 -4.97
CA ARG A 33 28.19 64.50 -5.32
C ARG A 33 27.16 63.47 -5.79
N PRO A 34 25.90 63.67 -5.40
CA PRO A 34 24.82 62.74 -5.76
C PRO A 34 24.23 63.05 -7.15
N GLN A 35 24.88 62.55 -8.20
CA GLN A 35 24.51 62.92 -9.57
C GLN A 35 24.96 61.88 -10.55
N ALA A 36 24.30 61.85 -11.71
CA ALA A 36 24.61 60.93 -12.80
C ALA A 36 26.04 61.16 -13.33
N ILE A 37 26.63 60.11 -13.86
CA ILE A 37 27.94 60.14 -14.49
C ILE A 37 27.81 60.46 -15.99
N ASP A 38 28.74 61.23 -16.53
CA ASP A 38 28.82 61.38 -17.98
C ASP A 38 29.41 60.10 -18.56
N CYS A 39 28.56 59.19 -19.00
CA CYS A 39 29.06 57.90 -19.49
C CYS A 39 29.63 58.06 -20.88
N SER A 40 29.09 59.02 -21.61
CA SER A 40 29.33 59.18 -23.04
C SER A 40 30.78 59.52 -23.39
N SER A 41 31.56 59.95 -22.39
CA SER A 41 32.97 60.26 -22.63
C SER A 41 33.89 59.10 -22.27
N LYS A 42 33.30 58.00 -21.83
CA LYS A 42 34.11 56.85 -21.43
C LYS A 42 34.27 55.86 -22.57
N LEU A 43 34.94 54.75 -22.28
CA LEU A 43 35.31 53.77 -23.30
C LEU A 43 34.11 53.03 -23.93
N PHE A 44 33.88 53.28 -25.21
CA PHE A 44 32.84 52.63 -25.99
C PHE A 44 33.00 51.09 -26.08
N ILE A 45 31.89 50.38 -25.90
CA ILE A 45 31.87 48.92 -26.02
C ILE A 45 31.02 48.49 -27.22
N LEU A 46 31.67 48.10 -28.31
CA LEU A 46 30.97 47.82 -29.56
C LEU A 46 29.92 46.69 -29.47
N PRO A 47 30.29 45.53 -28.90
CA PRO A 47 29.25 44.49 -28.85
C PRO A 47 28.05 44.84 -27.96
N ASN A 48 28.25 45.73 -26.98
CA ASN A 48 27.12 46.15 -26.16
C ASN A 48 26.16 47.02 -26.97
N TYR A 49 26.75 47.89 -27.79
CA TYR A 49 26.02 48.77 -28.68
C TYR A 49 25.19 48.00 -29.66
N ARG A 50 25.74 46.88 -30.14
CA ARG A 50 25.04 45.95 -31.03
C ARG A 50 23.81 45.35 -30.34
N ARG A 51 23.95 44.97 -29.08
CA ARG A 51 22.82 44.46 -28.29
C ARG A 51 21.72 45.51 -28.09
N PHE A 52 22.18 46.75 -27.89
CA PHE A 52 21.35 47.95 -27.85
C PHE A 52 20.50 48.11 -29.12
N GLN A 53 21.18 48.07 -30.27
CA GLN A 53 20.49 48.10 -31.56
C GLN A 53 19.53 46.93 -31.75
N MET A 54 19.90 45.77 -31.22
CA MET A 54 19.07 44.60 -31.35
C MET A 54 17.69 44.84 -30.73
N MET A 55 17.65 45.51 -29.58
CA MET A 55 16.37 45.86 -28.97
C MET A 55 15.62 46.87 -29.82
N ARG A 56 16.32 47.83 -30.42
CA ARG A 56 15.66 48.83 -31.27
C ARG A 56 15.12 48.17 -32.54
N PHE A 57 15.84 47.16 -33.03
CA PHE A 57 15.39 46.39 -34.18
C PHE A 57 14.13 45.58 -33.85
N SER A 58 14.13 44.96 -32.67
CA SER A 58 13.02 44.12 -32.23
C SER A 58 11.71 44.89 -32.10
N VAL A 59 11.78 46.08 -31.51
CA VAL A 59 10.59 46.92 -31.34
C VAL A 59 10.04 47.43 -32.69
N GLU A 60 10.94 47.78 -33.61
CA GLU A 60 10.54 48.24 -34.93
C GLU A 60 9.90 47.12 -35.74
N GLU A 61 10.43 45.90 -35.60
CA GLU A 61 9.85 44.74 -36.29
C GLU A 61 8.42 44.49 -35.76
N ILE A 62 8.26 44.56 -34.45
CA ILE A 62 6.95 44.35 -33.86
C ILE A 62 5.97 45.47 -34.24
N ASN A 63 6.45 46.70 -34.34
CA ASN A 63 5.60 47.80 -34.80
C ASN A 63 5.27 47.70 -36.30
N ASN A 64 6.09 46.97 -37.04
CA ASN A 64 5.84 46.77 -38.46
C ASN A 64 4.77 45.71 -38.66
N SER A 65 4.48 44.97 -37.61
CA SER A 65 3.59 43.79 -37.68
C SER A 65 2.14 44.10 -37.42
N SER A 66 1.26 43.59 -38.29
CA SER A 66 -0.17 43.81 -38.13
C SER A 66 -0.89 42.66 -37.45
N SER A 67 -0.13 41.71 -36.89
CA SER A 67 -0.74 40.61 -36.16
C SER A 67 -0.31 40.59 -34.70
N LEU A 68 0.95 40.93 -34.41
CA LEU A 68 1.38 41.15 -33.03
C LEU A 68 1.14 42.60 -32.63
N LEU A 69 0.27 42.81 -31.66
CA LEU A 69 -0.07 44.18 -31.25
C LEU A 69 -0.53 45.07 -32.43
N PRO A 70 -1.61 44.68 -33.12
CA PRO A 70 -2.13 45.50 -34.23
C PRO A 70 -2.64 46.86 -33.78
N ASN A 71 -2.20 47.90 -34.47
CA ASN A 71 -2.59 49.28 -34.21
C ASN A 71 -2.33 49.71 -32.76
N VAL A 72 -1.36 49.06 -32.14
CA VAL A 72 -0.91 49.44 -30.79
C VAL A 72 0.60 49.53 -30.80
N SER A 73 1.11 50.74 -30.84
CA SER A 73 2.54 50.97 -31.00
C SER A 73 3.31 50.82 -29.69
N LEU A 74 4.50 50.22 -29.79
CA LEU A 74 5.43 50.05 -28.69
C LEU A 74 6.51 51.12 -28.74
N GLY A 75 6.75 51.80 -27.63
CA GLY A 75 7.81 52.78 -27.58
C GLY A 75 8.85 52.33 -26.58
N TYR A 76 9.85 53.15 -26.32
CA TYR A 76 10.83 52.81 -25.29
C TYR A 76 11.61 54.00 -24.74
N GLN A 77 12.07 53.82 -23.51
CA GLN A 77 13.03 54.70 -22.86
C GLN A 77 14.28 53.90 -22.64
N MET A 78 15.38 54.24 -23.29
CA MET A 78 16.59 53.45 -23.12
C MET A 78 17.71 54.18 -22.43
N PHE A 79 18.55 53.43 -21.72
CA PHE A 79 19.63 54.05 -20.97
C PHE A 79 20.97 53.37 -21.13
N ASP A 80 22.01 54.18 -20.98
CA ASP A 80 23.36 53.72 -21.00
C ASP A 80 23.90 53.90 -19.60
N HIS A 81 23.91 52.81 -18.82
CA HIS A 81 24.35 52.91 -17.42
C HIS A 81 25.70 52.27 -17.25
N CYS A 82 26.73 53.09 -17.34
CA CYS A 82 28.10 52.57 -17.26
C CYS A 82 28.39 52.22 -15.82
N SER A 83 27.57 52.75 -14.91
CA SER A 83 27.76 52.55 -13.47
C SER A 83 26.46 52.10 -12.80
N ASP A 84 26.52 51.00 -12.05
CA ASP A 84 25.34 50.50 -11.31
C ASP A 84 24.88 51.52 -10.25
N ILE A 85 25.80 51.96 -9.39
CA ILE A 85 25.45 52.92 -8.35
C ILE A 85 24.83 54.23 -8.90
N HIS A 86 25.08 54.56 -10.16
CA HIS A 86 24.60 55.85 -10.70
C HIS A 86 23.41 55.71 -11.63
N SER A 87 22.84 54.52 -11.67
CA SER A 87 21.81 54.26 -12.66
C SER A 87 20.41 54.63 -12.16
N PHE A 88 20.29 54.99 -10.89
CA PHE A 88 18.97 55.23 -10.31
C PHE A 88 18.14 56.36 -10.95
N PRO A 89 18.77 57.42 -11.49
CA PRO A 89 17.88 58.39 -12.14
C PRO A 89 17.07 57.78 -13.28
N GLY A 90 17.72 56.99 -14.13
CA GLY A 90 16.99 56.37 -15.21
C GLY A 90 15.98 55.36 -14.72
N ILE A 91 16.29 54.68 -13.61
CA ILE A 91 15.36 53.73 -13.02
C ILE A 91 14.11 54.46 -12.54
N PHE A 92 14.32 55.58 -11.85
CA PHE A 92 13.21 56.39 -11.37
C PHE A 92 12.33 56.88 -12.52
N LYS A 93 12.91 57.11 -13.70
CA LYS A 93 12.10 57.56 -14.83
C LYS A 93 11.12 56.50 -15.28
N LEU A 94 11.56 55.27 -15.40
CA LEU A 94 10.68 54.17 -15.80
C LEU A 94 9.56 53.93 -14.77
N LEU A 95 9.89 54.06 -13.50
CA LEU A 95 8.96 53.74 -12.43
C LEU A 95 8.08 54.89 -12.05
N SER A 96 8.45 56.09 -12.50
CA SER A 96 7.77 57.29 -12.06
C SER A 96 6.42 57.47 -12.72
N VAL A 97 5.53 58.13 -11.97
CA VAL A 97 4.24 58.59 -12.47
C VAL A 97 4.25 60.12 -12.50
N ASN A 98 4.38 60.69 -13.70
CA ASN A 98 4.50 62.14 -13.93
C ASN A 98 5.81 62.74 -13.41
N ASP A 99 6.90 61.99 -13.54
CA ASP A 99 8.23 62.41 -13.08
C ASP A 99 8.22 62.52 -11.54
N LEU A 100 7.35 61.74 -10.91
CA LEU A 100 7.31 61.66 -9.45
C LEU A 100 7.20 60.22 -8.98
N ILE A 101 7.93 59.91 -7.91
CA ILE A 101 7.80 58.62 -7.26
C ILE A 101 7.12 58.73 -5.90
N ARG A 102 6.03 57.99 -5.76
CA ARG A 102 5.32 57.90 -4.51
C ARG A 102 5.67 56.55 -3.90
N PRO A 103 6.56 56.56 -2.91
CA PRO A 103 7.14 55.40 -2.22
C PRO A 103 6.11 54.38 -1.76
N TRP A 104 4.94 54.86 -1.38
CA TRP A 104 3.93 54.01 -0.79
C TRP A 104 2.85 53.54 -1.76
N GLU A 105 3.02 53.84 -3.05
CA GLU A 105 2.04 53.50 -4.07
C GLU A 105 1.80 51.98 -4.21
N ASP A 106 0.54 51.64 -4.45
CA ASP A 106 0.06 50.26 -4.42
C ASP A 106 0.47 49.44 -5.66
N LEU A 111 -0.18 53.82 -12.42
CA LEU A 111 0.33 53.71 -13.78
C LEU A 111 1.73 54.28 -13.96
N PRO A 112 2.76 53.42 -13.83
CA PRO A 112 4.13 53.84 -14.10
C PRO A 112 4.33 54.22 -15.57
N ASN A 113 5.43 54.92 -15.84
CA ASN A 113 5.79 55.34 -17.18
C ASN A 113 5.90 54.15 -18.15
N ALA A 114 6.56 53.08 -17.70
CA ALA A 114 6.74 51.91 -18.54
C ALA A 114 5.90 50.72 -18.01
N ILE A 115 5.75 49.69 -18.83
CA ILE A 115 5.03 48.48 -18.46
C ILE A 115 5.98 47.32 -18.21
N GLY A 116 7.25 47.51 -18.51
CA GLY A 116 8.23 46.45 -18.35
C GLY A 116 9.60 46.96 -18.70
N VAL A 117 10.62 46.17 -18.41
CA VAL A 117 11.96 46.61 -18.74
C VAL A 117 12.79 45.42 -19.26
N VAL A 118 13.64 45.70 -20.23
CA VAL A 118 14.56 44.75 -20.80
C VAL A 118 15.97 45.05 -20.30
N GLY A 119 16.61 44.06 -19.68
CA GLY A 119 17.90 44.27 -19.05
C GLY A 119 17.77 44.27 -17.53
N PRO A 120 18.88 44.53 -16.84
CA PRO A 120 20.15 44.92 -17.44
C PRO A 120 20.99 43.71 -17.91
N PHE A 121 22.25 43.96 -18.23
CA PHE A 121 23.08 42.94 -18.84
C PHE A 121 23.91 42.19 -17.80
N THR A 122 24.16 42.80 -16.64
CA THR A 122 25.09 42.23 -15.68
C THR A 122 24.50 42.03 -14.27
N SER A 123 24.98 40.98 -13.61
CA SER A 123 24.49 40.64 -12.26
C SER A 123 24.60 41.82 -11.30
N THR A 124 25.70 42.58 -11.40
CA THR A 124 25.93 43.71 -10.53
C THR A 124 24.87 44.79 -10.74
N HIS A 125 24.59 45.15 -12.00
CA HIS A 125 23.56 46.15 -12.29
C HIS A 125 22.25 45.66 -11.70
N ALA A 126 21.99 44.37 -11.88
CA ALA A 126 20.69 43.80 -11.52
C ALA A 126 20.49 43.76 -10.01
N LEU A 127 21.56 43.50 -9.25
CA LEU A 127 21.42 43.40 -7.81
C LEU A 127 21.13 44.78 -7.21
N SER A 128 21.76 45.81 -7.75
CA SER A 128 21.61 47.16 -7.23
C SER A 128 20.21 47.74 -7.42
N ILE A 129 19.51 47.33 -8.49
CA ILE A 129 18.25 47.98 -8.80
C ILE A 129 16.98 47.11 -8.67
N ALA A 130 17.12 45.78 -8.83
CA ALA A 130 15.96 44.88 -8.85
C ALA A 130 14.94 45.03 -7.72
N PRO A 131 15.40 45.16 -6.45
CA PRO A 131 14.48 45.42 -5.33
C PRO A 131 13.44 46.51 -5.59
N ILE A 132 13.84 47.61 -6.21
CA ILE A 132 12.89 48.69 -6.48
C ILE A 132 11.81 48.25 -7.48
N PHE A 133 12.19 47.35 -8.37
CA PHE A 133 11.25 46.82 -9.34
C PHE A 133 10.38 45.72 -8.73
N MET A 134 11.00 44.82 -7.95
CA MET A 134 10.27 43.73 -7.31
C MET A 134 9.14 44.18 -6.40
N THR A 135 9.30 45.31 -5.70
CA THR A 135 8.27 45.75 -4.73
C THR A 135 6.85 45.81 -5.36
N ASN A 136 6.72 46.24 -6.60
CA ASN A 136 5.40 46.24 -7.22
C ASN A 136 5.30 45.32 -8.41
N LEU A 137 6.11 44.26 -8.38
CA LEU A 137 6.03 43.21 -9.37
C LEU A 137 6.14 43.81 -10.77
N PHE A 138 7.08 44.73 -10.89
CA PHE A 138 7.41 45.29 -12.18
C PHE A 138 8.29 44.30 -12.94
N PRO A 139 7.86 43.87 -14.12
CA PRO A 139 8.60 42.86 -14.90
C PRO A 139 9.97 43.35 -15.37
N MET A 140 11.03 42.68 -14.92
CA MET A 140 12.33 42.81 -15.54
C MET A 140 12.58 41.56 -16.34
N VAL A 141 12.97 41.73 -17.60
CA VAL A 141 13.38 40.57 -18.37
C VAL A 141 14.81 40.81 -18.80
N SER A 142 15.74 40.16 -18.10
CA SER A 142 17.17 40.30 -18.36
C SER A 142 17.62 39.50 -19.58
N TYR A 143 18.51 40.07 -20.36
CA TYR A 143 19.00 39.40 -21.56
C TYR A 143 20.43 38.92 -21.32
N GLY A 144 20.88 38.94 -20.07
CA GLY A 144 22.28 38.61 -19.83
C GLY A 144 22.73 38.30 -18.41
N CYS A 145 21.86 38.54 -17.45
CA CYS A 145 22.23 38.39 -16.05
C CYS A 145 22.12 36.92 -15.62
N SER A 146 23.26 36.31 -15.33
CA SER A 146 23.29 34.88 -15.12
C SER A 146 23.52 34.44 -13.66
N GLY A 147 23.41 35.38 -12.73
CA GLY A 147 23.56 35.07 -11.31
C GLY A 147 22.56 34.03 -10.80
N SER A 148 23.05 33.12 -9.97
CA SER A 148 22.24 31.98 -9.52
C SER A 148 21.11 32.45 -8.64
N VAL A 149 21.38 33.52 -7.91
CA VAL A 149 20.45 34.00 -6.92
C VAL A 149 19.13 34.42 -7.56
N PHE A 150 19.15 34.74 -8.86
CA PHE A 150 17.93 35.23 -9.54
C PHE A 150 16.92 34.13 -9.88
N SER A 151 17.31 32.88 -9.63
CA SER A 151 16.40 31.73 -9.70
C SER A 151 15.54 31.61 -8.44
N LYS A 152 15.92 32.30 -7.37
CA LYS A 152 15.13 32.31 -6.14
C LYS A 152 13.93 33.26 -6.29
N GLU A 153 12.78 32.69 -6.64
CA GLU A 153 11.59 33.46 -7.03
C GLU A 153 10.99 34.28 -5.87
N ASN A 154 11.22 33.84 -4.64
CA ASN A 154 10.69 34.58 -3.50
C ASN A 154 11.47 35.90 -3.24
N LEU A 155 12.72 35.96 -3.69
CA LEU A 155 13.53 37.17 -3.62
C LEU A 155 13.29 38.09 -4.83
N TYR A 156 13.18 37.51 -6.02
CA TYR A 156 12.97 38.29 -7.25
C TYR A 156 11.77 37.76 -8.02
N PRO A 157 10.56 38.09 -7.55
CA PRO A 157 9.32 37.49 -8.08
C PRO A 157 8.83 38.08 -9.38
N SER A 158 9.39 39.20 -9.82
CA SER A 158 9.04 39.72 -11.15
C SER A 158 10.26 39.70 -12.05
N PHE A 159 11.29 38.95 -11.65
CA PHE A 159 12.50 38.89 -12.45
C PHE A 159 12.53 37.66 -13.34
N LEU A 160 12.49 37.90 -14.65
CA LEU A 160 12.68 36.84 -15.62
C LEU A 160 13.96 37.07 -16.43
N ARG A 161 14.45 36.04 -17.08
CA ARG A 161 15.63 36.22 -17.91
C ARG A 161 15.59 35.30 -19.13
N THR A 162 16.39 35.64 -20.14
CA THR A 162 16.38 34.83 -21.35
C THR A 162 17.74 34.20 -21.62
N VAL A 163 18.67 34.34 -20.67
CA VAL A 163 19.89 33.54 -20.70
C VAL A 163 19.86 32.59 -19.53
N HIS A 164 20.71 31.56 -19.58
CA HIS A 164 20.75 30.56 -18.51
C HIS A 164 21.58 31.01 -17.33
N SER A 165 21.30 30.38 -16.19
CA SER A 165 22.03 30.55 -14.96
C SER A 165 23.51 30.12 -15.10
N ASN A 166 24.37 30.60 -14.21
CA ASN A 166 25.76 30.13 -14.13
C ASN A 166 25.86 28.61 -13.90
N LYS A 167 24.94 28.06 -13.12
CA LYS A 167 24.92 26.62 -12.86
C LYS A 167 25.13 25.82 -14.14
N ASP A 168 24.35 26.14 -15.17
CA ASP A 168 24.40 25.40 -16.42
C ASP A 168 25.73 25.56 -17.09
N VAL A 169 26.17 26.80 -17.22
CA VAL A 169 27.42 27.11 -17.89
C VAL A 169 28.57 26.44 -17.15
N ILE A 170 28.51 26.46 -15.82
CA ILE A 170 29.52 25.76 -15.02
C ILE A 170 29.50 24.24 -15.32
N ASN A 171 28.33 23.63 -15.32
CA ASN A 171 28.17 22.24 -15.77
C ASN A 171 28.83 21.95 -17.11
N ALA A 172 28.47 22.76 -18.11
CA ALA A 172 29.11 22.67 -19.42
C ALA A 172 30.62 22.74 -19.31
N ILE A 173 31.13 23.69 -18.50
CA ILE A 173 32.57 23.86 -18.36
C ILE A 173 33.20 22.64 -17.69
N VAL A 174 32.54 22.10 -16.67
CA VAL A 174 33.00 20.85 -16.06
C VAL A 174 32.95 19.72 -17.06
N GLY A 175 31.91 19.69 -17.90
CA GLY A 175 31.81 18.69 -18.95
C GLY A 175 33.03 18.64 -19.87
N ILE A 176 33.54 19.82 -20.21
CA ILE A 176 34.72 19.93 -21.04
C ILE A 176 35.93 19.36 -20.32
N ILE A 177 36.09 19.72 -19.06
CA ILE A 177 37.23 19.24 -18.29
C ILE A 177 37.23 17.70 -18.18
N LEU A 178 36.08 17.13 -17.84
CA LEU A 178 35.97 15.69 -17.66
C LEU A 178 36.18 14.93 -18.96
N ASN A 179 35.90 15.59 -20.08
CA ASN A 179 36.10 14.97 -21.37
C ASN A 179 37.56 14.75 -21.73
N PHE A 180 38.45 15.48 -21.07
CA PHE A 180 39.88 15.33 -21.28
C PHE A 180 40.58 14.77 -20.04
N ASN A 181 41.91 14.78 -20.04
CA ASN A 181 42.66 14.06 -19.00
C ASN A 181 43.17 14.92 -17.86
N TRP A 182 43.11 16.26 -18.00
CA TRP A 182 43.65 17.11 -16.94
C TRP A 182 42.65 17.25 -15.79
N ARG A 183 43.18 17.24 -14.56
CA ARG A 183 42.36 17.23 -13.36
C ARG A 183 42.75 18.29 -12.30
N TRP A 184 43.93 18.91 -12.45
CA TRP A 184 44.24 20.14 -11.70
C TRP A 184 43.81 21.37 -12.53
N VAL A 185 43.10 22.28 -11.87
CA VAL A 185 42.50 23.41 -12.55
C VAL A 185 42.80 24.71 -11.81
N ALA A 186 43.14 25.75 -12.57
CA ALA A 186 43.13 27.11 -12.03
C ALA A 186 41.80 27.76 -12.40
N PHE A 187 41.28 28.56 -11.49
CA PHE A 187 40.00 29.23 -11.70
C PHE A 187 40.14 30.73 -11.45
N LEU A 188 40.29 31.48 -12.53
CA LEU A 188 40.41 32.93 -12.43
C LEU A 188 39.06 33.56 -12.63
N TYR A 189 38.61 34.34 -11.66
CA TYR A 189 37.24 34.87 -11.74
C TYR A 189 37.22 36.35 -11.43
N SER A 190 36.26 37.03 -12.06
CA SER A 190 36.14 38.45 -11.85
C SER A 190 35.72 38.73 -10.42
N ASP A 191 36.36 39.73 -9.82
CA ASP A 191 36.06 40.14 -8.46
C ASP A 191 34.74 40.89 -8.40
N ASP A 192 33.67 40.17 -8.68
CA ASP A 192 32.33 40.74 -8.58
C ASP A 192 31.32 39.61 -8.43
N ASP A 193 30.04 39.94 -8.55
CA ASP A 193 28.99 39.00 -8.21
C ASP A 193 28.88 37.91 -9.27
N PHE A 194 29.12 38.27 -10.51
CA PHE A 194 29.16 37.31 -11.59
C PHE A 194 30.23 36.26 -11.31
N GLY A 195 31.48 36.73 -11.26
CA GLY A 195 32.62 35.89 -10.97
C GLY A 195 32.47 35.09 -9.67
N LYS A 196 32.23 35.78 -8.56
CA LYS A 196 32.15 35.10 -7.27
C LYS A 196 31.13 33.98 -7.33
N ASP A 197 29.99 34.23 -7.97
CA ASP A 197 28.94 33.21 -8.02
C ASP A 197 29.38 32.00 -8.84
N GLY A 198 30.10 32.24 -9.94
CA GLY A 198 30.72 31.19 -10.70
C GLY A 198 31.63 30.29 -9.88
N LEU A 199 32.49 30.90 -9.09
CA LEU A 199 33.40 30.17 -8.23
C LEU A 199 32.66 29.23 -7.27
N GLU A 200 31.52 29.66 -6.72
CA GLU A 200 30.80 28.79 -5.79
C GLU A 200 30.10 27.67 -6.54
N GLN A 201 29.57 27.95 -7.73
CA GLN A 201 28.92 26.91 -8.52
C GLN A 201 29.96 25.87 -8.97
N PHE A 202 31.14 26.36 -9.34
CA PHE A 202 32.25 25.48 -9.72
C PHE A 202 32.72 24.60 -8.56
N LYS A 203 33.10 25.20 -7.43
CA LYS A 203 33.44 24.43 -6.22
C LYS A 203 32.40 23.36 -5.85
N ASN A 204 31.12 23.72 -5.85
CA ASN A 204 30.07 22.74 -5.57
C ASN A 204 30.10 21.55 -6.52
N LYS A 205 30.20 21.83 -7.82
CA LYS A 205 30.10 20.80 -8.85
C LYS A 205 31.28 19.84 -8.84
N ILE A 206 32.44 20.28 -8.39
CA ILE A 206 33.61 19.43 -8.48
C ILE A 206 33.98 18.77 -7.17
N GLU A 207 33.25 19.07 -6.09
CA GLU A 207 33.60 18.53 -4.79
C GLU A 207 33.61 17.01 -4.85
N ASP A 208 32.54 16.44 -5.40
CA ASP A 208 32.47 15.01 -5.62
C ASP A 208 32.96 14.64 -7.01
N SER A 209 34.26 14.82 -7.24
CA SER A 209 34.85 14.39 -8.50
C SER A 209 36.37 14.35 -8.46
N GLU A 210 36.94 13.92 -9.58
CA GLU A 210 38.37 13.75 -9.73
C GLU A 210 39.03 15.13 -9.91
N ILE A 211 38.23 16.11 -10.29
CA ILE A 211 38.71 17.47 -10.52
C ILE A 211 39.08 18.14 -9.21
N CYS A 212 40.26 18.75 -9.18
CA CYS A 212 40.76 19.38 -7.98
C CYS A 212 41.07 20.85 -8.26
N LEU A 213 40.47 21.75 -7.47
CA LEU A 213 40.71 23.18 -7.66
C LEU A 213 42.08 23.56 -7.11
N ALA A 214 43.07 23.66 -7.98
CA ALA A 214 44.44 23.80 -7.54
C ALA A 214 44.77 25.25 -7.18
N PHE A 215 44.00 26.16 -7.75
CA PHE A 215 44.32 27.57 -7.59
C PHE A 215 43.16 28.41 -8.04
N TYR A 216 42.85 29.42 -7.27
CA TYR A 216 41.89 30.40 -7.72
C TYR A 216 42.26 31.80 -7.23
N LYS A 217 41.86 32.79 -8.01
CA LYS A 217 42.13 34.18 -7.72
C LYS A 217 40.99 35.03 -8.28
N ALA A 218 40.55 35.98 -7.46
CA ALA A 218 39.62 36.96 -7.93
C ALA A 218 40.44 37.96 -8.75
N ILE A 219 39.91 38.34 -9.90
CA ILE A 219 40.61 39.18 -10.84
C ILE A 219 40.05 40.61 -10.79
N ASN A 220 40.88 41.59 -10.48
CA ASN A 220 40.42 43.00 -10.57
C ASN A 220 41.40 43.92 -11.31
N VAL A 221 41.51 45.17 -10.85
CA VAL A 221 42.24 46.19 -11.60
C VAL A 221 43.77 46.02 -11.48
N ASN A 222 44.31 45.96 -10.27
CA ASN A 222 45.76 45.79 -10.15
C ASN A 222 46.08 44.42 -9.58
N THR A 223 45.43 43.42 -10.19
CA THR A 223 45.84 42.05 -10.01
C THR A 223 47.26 41.97 -10.56
N ASP A 224 48.22 41.55 -9.75
CA ASP A 224 49.56 41.37 -10.27
C ASP A 224 49.61 40.06 -11.06
N TYR A 225 49.24 40.14 -12.34
CA TYR A 225 49.26 38.98 -13.22
C TYR A 225 50.59 38.25 -13.30
N LEU A 226 51.68 38.98 -13.14
CA LEU A 226 52.98 38.35 -13.08
C LEU A 226 52.99 37.29 -11.99
N GLN A 227 52.38 37.62 -10.86
CA GLN A 227 52.48 36.75 -9.69
C GLN A 227 51.42 35.64 -9.68
N VAL A 228 50.23 35.93 -10.23
CA VAL A 228 49.24 34.88 -10.50
C VAL A 228 49.84 33.77 -11.38
N PHE A 229 50.45 34.16 -12.51
CA PHE A 229 51.01 33.18 -13.42
C PHE A 229 52.29 32.56 -12.86
N LYS A 230 52.87 33.21 -11.87
CA LYS A 230 54.06 32.66 -11.24
C LYS A 230 53.69 31.39 -10.45
N GLN A 231 52.63 31.47 -9.64
CA GLN A 231 52.21 30.30 -8.86
C GLN A 231 51.60 29.24 -9.75
N ILE A 232 50.78 29.68 -10.71
CA ILE A 232 50.11 28.75 -11.59
C ILE A 232 51.09 27.78 -12.26
N GLU A 233 52.25 28.26 -12.71
CA GLU A 233 53.19 27.32 -13.32
C GLU A 233 54.12 26.64 -12.29
N GLU A 234 54.18 27.18 -11.06
CA GLU A 234 54.94 26.54 -10.00
C GLU A 234 54.13 25.40 -9.36
N GLN A 235 52.85 25.39 -9.65
CA GLN A 235 52.00 24.26 -9.26
C GLN A 235 51.72 23.38 -10.47
N ASN A 236 52.38 23.67 -11.58
CA ASN A 236 52.26 22.88 -12.81
C ASN A 236 50.84 22.64 -13.27
N ILE A 237 50.01 23.66 -13.17
CA ILE A 237 48.64 23.58 -13.63
C ILE A 237 48.59 23.87 -15.12
N LYS A 238 47.90 23.03 -15.89
CA LYS A 238 47.84 23.23 -17.34
C LYS A 238 46.53 23.86 -17.77
N VAL A 239 45.47 23.63 -16.98
CA VAL A 239 44.12 24.06 -17.33
C VAL A 239 43.73 25.32 -16.56
N ILE A 240 43.27 26.34 -17.28
CA ILE A 240 42.93 27.59 -16.64
C ILE A 240 41.54 28.05 -17.06
N VAL A 241 40.60 28.01 -16.13
CA VAL A 241 39.27 28.53 -16.40
C VAL A 241 39.27 30.04 -16.16
N VAL A 242 38.82 30.82 -17.15
CA VAL A 242 38.73 32.24 -16.91
C VAL A 242 37.27 32.65 -17.03
N PHE A 243 36.66 32.86 -15.88
CA PHE A 243 35.25 33.13 -15.79
C PHE A 243 35.04 34.62 -15.50
N ALA A 244 34.84 35.40 -16.55
CA ALA A 244 34.86 36.85 -16.39
C ALA A 244 34.22 37.61 -17.56
N PRO A 245 33.85 38.87 -17.31
CA PRO A 245 33.36 39.76 -18.38
C PRO A 245 34.48 40.15 -19.33
N LYS A 246 34.07 40.62 -20.51
CA LYS A 246 34.97 41.06 -21.58
C LYS A 246 36.19 41.85 -21.08
N VAL A 247 35.97 42.81 -20.17
CA VAL A 247 37.07 43.66 -19.74
C VAL A 247 38.12 42.89 -18.93
N TYR A 248 37.65 42.11 -17.96
CA TYR A 248 38.55 41.31 -17.14
C TYR A 248 39.21 40.18 -17.93
N ALA A 249 38.46 39.57 -18.84
CA ALA A 249 39.02 38.47 -19.63
C ALA A 249 40.16 38.98 -20.50
N GLU A 250 39.97 40.13 -21.14
CA GLU A 250 41.02 40.67 -21.99
C GLU A 250 42.26 41.00 -21.17
N ALA A 251 42.08 41.51 -19.96
CA ALA A 251 43.22 41.77 -19.09
C ALA A 251 44.05 40.48 -18.88
N VAL A 252 43.36 39.41 -18.49
CA VAL A 252 44.00 38.13 -18.24
C VAL A 252 44.75 37.63 -19.48
N VAL A 253 44.04 37.50 -20.60
CA VAL A 253 44.64 36.92 -21.78
C VAL A 253 45.76 37.81 -22.31
N GLU A 254 45.53 39.11 -22.38
CA GLU A 254 46.59 40.02 -22.83
C GLU A 254 47.84 39.96 -21.95
N SER A 255 47.66 39.83 -20.65
CA SER A 255 48.81 39.72 -19.74
C SER A 255 49.55 38.42 -20.01
N ALA A 256 48.80 37.37 -20.33
CA ALA A 256 49.36 36.06 -20.58
C ALA A 256 50.34 36.11 -21.75
N VAL A 257 49.91 36.68 -22.87
CA VAL A 257 50.80 36.84 -24.02
C VAL A 257 52.04 37.62 -23.61
N GLN A 258 51.81 38.71 -22.86
CA GLN A 258 52.85 39.61 -22.39
C GLN A 258 53.90 38.91 -21.51
N LEU A 259 53.42 38.10 -20.59
CA LEU A 259 54.29 37.39 -19.66
C LEU A 259 54.76 36.04 -20.23
N ASN A 260 54.46 35.81 -21.51
CA ASN A 260 54.78 34.58 -22.26
C ASN A 260 54.39 33.28 -21.52
N VAL A 261 53.23 33.29 -20.90
CA VAL A 261 52.60 32.07 -20.45
C VAL A 261 52.31 31.20 -21.66
N THR A 262 52.86 30.00 -21.69
CA THR A 262 52.66 29.11 -22.83
C THR A 262 52.06 27.74 -22.43
N ASN A 263 51.68 26.94 -23.43
CA ASN A 263 51.21 25.55 -23.22
C ASN A 263 50.14 25.39 -22.15
N LYS A 264 49.10 26.20 -22.21
CA LYS A 264 47.98 26.08 -21.30
C LYS A 264 46.72 25.68 -22.05
N VAL A 265 45.77 25.10 -21.33
CA VAL A 265 44.44 24.94 -21.90
C VAL A 265 43.53 25.96 -21.23
N TRP A 266 43.17 26.97 -22.00
CA TRP A 266 42.28 28.01 -21.54
C TRP A 266 40.83 27.61 -21.77
N ILE A 267 39.99 27.83 -20.75
CA ILE A 267 38.57 27.60 -20.92
C ILE A 267 37.77 28.86 -20.64
N ALA A 268 36.97 29.23 -21.63
CA ALA A 268 36.17 30.44 -21.61
C ALA A 268 34.68 30.19 -21.32
N ASP A 269 34.04 31.09 -20.62
CA ASP A 269 32.57 31.09 -20.58
C ASP A 269 32.05 31.85 -21.80
N ASP A 270 30.72 31.85 -21.99
CA ASP A 270 30.13 32.44 -23.18
C ASP A 270 30.21 33.98 -23.23
N GLY A 271 30.62 34.61 -22.13
CA GLY A 271 30.90 36.03 -22.13
C GLY A 271 32.11 36.45 -22.95
N TRP A 272 33.08 35.54 -23.15
CA TRP A 272 34.24 35.86 -23.99
C TRP A 272 34.70 34.75 -24.94
N SER A 273 34.02 33.61 -24.98
CA SER A 273 34.39 32.59 -25.96
C SER A 273 34.24 33.09 -27.41
N LEU A 274 33.38 34.10 -27.62
CA LEU A 274 33.24 34.70 -28.95
C LEU A 274 33.87 36.12 -29.06
N ASN A 275 34.74 36.47 -28.12
CA ASN A 275 35.53 37.70 -28.24
C ASN A 275 36.13 37.85 -29.65
N LYS A 276 36.01 39.02 -30.26
CA LYS A 276 36.54 39.19 -31.60
C LYS A 276 37.91 39.87 -31.60
N LYS A 277 38.32 40.39 -30.45
CA LYS A 277 39.64 41.01 -30.32
C LYS A 277 40.75 40.00 -30.10
N LEU A 278 40.60 39.17 -29.06
CA LEU A 278 41.66 38.23 -28.67
C LEU A 278 42.16 37.25 -29.75
N PRO A 279 41.25 36.65 -30.55
CA PRO A 279 41.74 35.66 -31.52
C PRO A 279 42.61 36.24 -32.63
N SER A 280 42.45 37.54 -32.89
CA SER A 280 43.20 38.23 -33.94
C SER A 280 44.44 38.87 -33.36
N MET A 281 44.50 38.92 -32.03
CA MET A 281 45.62 39.51 -31.32
C MET A 281 46.94 38.82 -31.65
N ASN A 282 48.00 39.59 -31.77
CA ASN A 282 49.26 38.98 -32.11
C ASN A 282 49.79 38.29 -30.88
N GLY A 283 50.41 37.13 -31.08
CA GLY A 283 50.95 36.36 -29.98
C GLY A 283 49.93 35.42 -29.36
N ILE A 284 48.68 35.51 -29.82
CA ILE A 284 47.62 34.71 -29.21
C ILE A 284 47.97 33.22 -29.26
N GLN A 285 48.60 32.81 -30.35
CA GLN A 285 48.96 31.42 -30.62
C GLN A 285 49.84 30.90 -29.51
N ASN A 286 50.66 31.78 -28.95
CA ASN A 286 51.69 31.42 -27.99
C ASN A 286 51.21 30.81 -26.69
N ILE A 287 49.99 31.12 -26.26
CA ILE A 287 49.60 30.79 -24.88
C ILE A 287 48.97 29.41 -24.77
N GLY A 288 48.87 28.73 -25.90
CA GLY A 288 48.30 27.41 -25.93
C GLY A 288 47.02 27.36 -26.71
N THR A 289 45.99 26.77 -26.11
CA THR A 289 44.79 26.41 -26.82
C THR A 289 43.58 26.96 -26.11
N VAL A 290 42.71 27.65 -26.85
CA VAL A 290 41.56 28.23 -26.19
C VAL A 290 40.29 27.51 -26.61
N LEU A 291 39.61 26.93 -25.62
CA LEU A 291 38.29 26.33 -25.78
C LEU A 291 37.29 27.18 -25.01
N GLY A 292 36.01 26.93 -25.21
CA GLY A 292 35.02 27.60 -24.38
C GLY A 292 33.61 27.12 -24.55
N VAL A 293 32.75 27.52 -23.62
CA VAL A 293 31.32 27.40 -23.76
C VAL A 293 30.84 28.62 -24.52
N ALA A 294 30.10 28.41 -25.60
CA ALA A 294 29.59 29.55 -26.36
C ALA A 294 28.11 29.39 -26.74
N GLN A 295 27.46 30.53 -26.96
CA GLN A 295 26.11 30.51 -27.49
C GLN A 295 26.21 30.36 -28.99
N PRO A 296 25.48 29.40 -29.56
CA PRO A 296 25.51 29.24 -31.01
C PRO A 296 25.01 30.51 -31.72
N VAL A 297 25.65 30.88 -32.82
CA VAL A 297 25.24 32.07 -33.52
C VAL A 297 23.84 31.89 -34.08
N VAL A 298 22.90 32.66 -33.57
CA VAL A 298 21.54 32.63 -34.06
C VAL A 298 21.39 33.72 -35.10
N THR A 299 20.89 33.37 -36.28
CA THR A 299 20.69 34.35 -37.33
C THR A 299 19.39 35.12 -37.18
N ILE A 300 19.52 36.43 -36.93
CA ILE A 300 18.35 37.29 -36.81
C ILE A 300 18.15 38.05 -38.13
N PRO A 301 17.19 37.61 -38.94
CA PRO A 301 17.04 38.13 -40.31
C PRO A 301 16.57 39.57 -40.34
N GLY A 302 17.16 40.39 -41.19
CA GLY A 302 16.78 41.79 -41.29
C GLY A 302 17.64 42.72 -40.45
N PHE A 303 18.46 42.14 -39.56
CA PHE A 303 19.28 42.94 -38.66
C PHE A 303 20.42 43.66 -39.38
N THR A 304 21.06 42.97 -40.31
CA THR A 304 22.08 43.58 -41.15
C THR A 304 21.53 44.82 -41.87
N ASP A 305 20.38 44.67 -42.50
CA ASP A 305 19.78 45.81 -43.17
C ASP A 305 19.44 46.94 -42.19
N PHE A 306 18.98 46.59 -41.00
CA PHE A 306 18.65 47.59 -40.00
C PHE A 306 19.89 48.37 -39.55
N ILE A 307 20.99 47.67 -39.35
CA ILE A 307 22.24 48.31 -38.95
C ILE A 307 22.70 49.35 -39.99
N TYR A 308 22.71 48.99 -41.28
CA TYR A 308 23.12 49.94 -42.34
C TYR A 308 22.26 51.21 -42.29
N SER A 309 20.98 51.01 -42.07
CA SER A 309 20.07 52.14 -42.00
C SER A 309 20.21 52.96 -40.70
N ALA A 310 20.80 52.38 -39.66
CA ALA A 310 20.87 53.03 -38.35
C ALA A 310 22.17 53.81 -38.14
N ILE A 311 23.27 53.28 -38.67
CA ILE A 311 24.56 53.96 -38.61
C ILE A 311 24.51 55.35 -39.25
N SER A 312 23.60 55.55 -40.20
CA SER A 312 23.33 56.88 -40.72
C SER A 312 22.56 57.76 -39.71
N PHE A 324 17.83 64.15 -20.96
CA PHE A 324 17.98 63.33 -19.75
C PHE A 324 19.33 62.60 -19.78
N CYS A 325 19.90 62.37 -18.62
CA CYS A 325 21.22 61.76 -18.51
C CYS A 325 21.26 60.33 -19.03
N ASN A 326 22.47 59.91 -19.40
CA ASN A 326 22.70 58.55 -19.88
C ASN A 326 21.84 58.18 -21.07
N GLN A 327 21.55 59.15 -21.94
CA GLN A 327 20.85 58.89 -23.21
C GLN A 327 21.59 59.50 -24.41
N LYS A 328 22.90 59.36 -24.41
CA LYS A 328 23.72 59.86 -25.48
C LYS A 328 24.80 58.82 -25.79
N CYS A 329 25.02 58.60 -27.09
CA CYS A 329 25.93 57.57 -27.55
C CYS A 329 27.36 58.09 -27.76
N ASN A 330 27.46 59.33 -28.24
CA ASN A 330 28.74 59.88 -28.66
C ASN A 330 29.53 58.83 -29.43
N CYS A 331 28.97 58.37 -30.53
CA CYS A 331 29.68 57.43 -31.38
C CYS A 331 29.27 57.54 -32.84
N SER A 332 29.58 58.70 -33.43
CA SER A 332 29.58 58.83 -34.87
C SER A 332 30.72 57.99 -35.43
N ASN A 333 31.05 58.19 -36.70
CA ASN A 333 32.25 57.57 -37.28
C ASN A 333 32.43 56.05 -37.00
N LEU A 334 31.31 55.33 -36.85
CA LEU A 334 31.36 53.90 -36.62
C LEU A 334 31.39 53.10 -37.89
N SER A 335 32.38 52.23 -38.00
CA SER A 335 32.42 51.27 -39.09
C SER A 335 31.24 50.31 -38.98
N VAL A 336 30.28 50.45 -39.89
CA VAL A 336 29.12 49.57 -39.94
C VAL A 336 29.57 48.11 -39.99
N LYS A 337 30.60 47.81 -40.79
CA LYS A 337 31.14 46.46 -40.84
C LYS A 337 31.61 45.97 -39.46
N SER A 338 32.18 46.87 -38.65
CA SER A 338 32.82 46.44 -37.40
C SER A 338 31.76 46.16 -36.35
N LEU A 339 30.63 46.84 -36.48
CA LEU A 339 29.46 46.56 -35.65
C LEU A 339 28.79 45.23 -36.07
N LEU A 340 28.66 45.01 -37.37
CA LEU A 340 28.04 43.80 -37.85
C LEU A 340 28.82 42.56 -37.42
N ASN A 341 30.14 42.63 -37.57
CA ASN A 341 30.98 41.49 -37.22
C ASN A 341 31.42 41.43 -35.76
N ALA A 342 30.80 42.26 -34.91
CA ALA A 342 31.08 42.24 -33.47
C ALA A 342 30.45 41.03 -32.81
N ASP A 343 30.85 40.75 -31.58
CA ASP A 343 30.38 39.60 -30.81
C ASP A 343 28.85 39.54 -30.81
N PRO A 344 28.32 38.53 -31.49
CA PRO A 344 26.87 38.38 -31.65
C PRO A 344 26.22 37.67 -30.46
N SER A 345 26.96 37.47 -29.38
CA SER A 345 26.39 36.75 -28.25
C SER A 345 25.29 37.59 -27.61
N PHE A 346 24.27 36.89 -27.10
CA PHE A 346 23.15 37.49 -26.38
C PHE A 346 22.13 38.15 -27.31
N SER A 347 22.27 37.91 -28.62
CA SER A 347 21.40 38.56 -29.61
C SER A 347 19.98 38.03 -29.54
N PHE A 348 19.82 36.73 -29.70
CA PHE A 348 18.51 36.14 -29.49
C PHE A 348 17.92 36.40 -28.09
N PRO A 349 18.74 36.32 -27.02
CA PRO A 349 18.18 36.72 -25.73
C PRO A 349 17.53 38.10 -25.75
N VAL A 350 18.20 39.11 -26.29
CA VAL A 350 17.60 40.47 -26.36
C VAL A 350 16.33 40.43 -27.19
N TYR A 351 16.43 39.79 -28.35
CA TYR A 351 15.33 39.65 -29.29
C TYR A 351 14.10 39.08 -28.59
N ALA A 352 14.29 37.92 -27.95
CA ALA A 352 13.22 37.21 -27.25
C ALA A 352 12.65 37.98 -26.06
N ALA A 353 13.53 38.72 -25.37
CA ALA A 353 13.10 39.52 -24.22
C ALA A 353 12.06 40.52 -24.65
N VAL A 354 12.33 41.22 -25.76
CA VAL A 354 11.42 42.23 -26.26
C VAL A 354 10.13 41.58 -26.72
N TYR A 355 10.25 40.49 -27.47
CA TYR A 355 9.06 39.76 -27.91
C TYR A 355 8.26 39.14 -26.74
N ALA A 356 8.95 38.64 -25.72
CA ALA A 356 8.26 38.10 -24.54
C ALA A 356 7.34 39.17 -23.95
N ILE A 357 7.86 40.38 -23.87
CA ILE A 357 7.07 41.46 -23.33
C ILE A 357 5.96 41.90 -24.28
N ALA A 358 6.24 41.94 -25.58
CA ALA A 358 5.23 42.35 -26.52
C ALA A 358 4.07 41.35 -26.51
N HIS A 359 4.37 40.06 -26.44
CA HIS A 359 3.32 39.04 -26.42
C HIS A 359 2.46 39.17 -25.15
N ALA A 360 3.11 39.39 -24.02
CA ALA A 360 2.40 39.58 -22.76
C ALA A 360 1.44 40.76 -22.85
N LEU A 361 1.92 41.87 -23.43
CA LEU A 361 1.09 43.04 -23.61
C LEU A 361 -0.11 42.68 -24.45
N HIS A 362 0.18 42.10 -25.60
CA HIS A 362 -0.82 41.62 -26.54
C HIS A 362 -1.88 40.76 -25.85
N ASN A 363 -1.45 39.88 -24.97
CA ASN A 363 -2.39 38.99 -24.34
C ASN A 363 -3.15 39.65 -23.17
N THR A 364 -2.51 40.61 -22.49
CA THR A 364 -3.20 41.36 -21.46
C THR A 364 -4.34 42.23 -22.02
N LEU A 365 -4.03 42.95 -23.09
CA LEU A 365 -5.03 43.69 -23.84
C LEU A 365 -6.13 42.81 -24.47
N ARG A 366 -5.90 41.50 -24.49
CA ARG A 366 -6.78 40.56 -25.19
C ARG A 366 -6.98 40.92 -26.68
N CYS A 367 -5.87 41.18 -27.36
CA CYS A 367 -5.87 41.46 -28.79
C CYS A 367 -6.32 40.26 -29.61
N GLY A 368 -6.91 40.54 -30.77
CA GLY A 368 -7.19 39.52 -31.74
C GLY A 368 -6.00 39.38 -32.68
N SER A 369 -6.24 38.80 -33.84
CA SER A 369 -5.19 38.65 -34.84
C SER A 369 -5.10 39.89 -35.72
N ASP A 370 -6.09 40.77 -35.63
CA ASP A 370 -6.03 42.03 -36.37
C ASP A 370 -6.53 43.27 -35.59
N ARG A 371 -6.93 43.12 -34.33
CA ARG A 371 -7.42 44.27 -33.57
C ARG A 371 -7.23 44.12 -32.05
N CYS A 372 -7.16 45.26 -31.35
CA CYS A 372 -6.97 45.33 -29.90
C CYS A 372 -8.01 46.23 -29.25
N PRO A 373 -8.77 45.70 -28.27
CA PRO A 373 -9.66 46.53 -27.44
C PRO A 373 -8.89 47.75 -26.95
N LYS A 374 -9.42 48.95 -27.21
CA LYS A 374 -8.58 50.14 -27.18
C LYS A 374 -8.63 50.96 -25.91
N ASN A 375 -7.48 51.59 -25.61
CA ASN A 375 -7.28 52.45 -24.43
C ASN A 375 -7.40 51.79 -23.07
N ILE A 376 -7.06 50.49 -22.96
CA ILE A 376 -7.29 49.78 -21.70
C ILE A 376 -6.19 50.05 -20.67
N THR A 377 -6.62 50.17 -19.41
CA THR A 377 -5.75 50.23 -18.24
C THR A 377 -4.92 48.97 -18.09
N VAL A 378 -3.64 49.04 -18.46
CA VAL A 378 -2.71 47.94 -18.23
C VAL A 378 -1.80 48.20 -17.02
N HIS A 379 -1.67 47.20 -16.17
CA HIS A 379 -0.86 47.31 -14.97
C HIS A 379 0.29 46.33 -15.05
N PRO A 380 1.51 46.83 -14.82
CA PRO A 380 2.75 46.04 -14.92
C PRO A 380 2.64 44.65 -14.29
N HIS A 381 1.82 44.47 -13.26
CA HIS A 381 1.72 43.15 -12.66
C HIS A 381 0.87 42.19 -13.53
N MET A 382 -0.01 42.72 -14.37
CA MET A 382 -0.73 41.89 -15.34
C MET A 382 0.22 41.37 -16.43
N ILE A 383 1.13 42.22 -16.87
CA ILE A 383 2.18 41.83 -17.78
C ILE A 383 3.04 40.69 -17.21
N LEU A 384 3.33 40.76 -15.92
CA LEU A 384 4.08 39.69 -15.25
C LEU A 384 3.35 38.32 -15.34
N GLU A 385 2.05 38.30 -15.04
CA GLU A 385 1.29 37.03 -15.09
C GLU A 385 1.26 36.42 -16.49
N GLU A 386 1.14 37.26 -17.52
CA GLU A 386 1.20 36.81 -18.91
C GLU A 386 2.63 36.45 -19.31
N LEU A 387 3.61 37.22 -18.83
CA LEU A 387 5.03 36.89 -19.04
C LEU A 387 5.41 35.50 -18.58
N LYS A 388 4.95 35.15 -17.39
CA LYS A 388 5.34 33.89 -16.76
C LYS A 388 4.80 32.70 -17.54
N LYS A 389 3.59 32.81 -18.06
CA LYS A 389 3.05 31.73 -18.88
C LYS A 389 3.29 31.96 -20.37
N SER A 390 4.35 32.71 -20.70
CA SER A 390 4.81 32.82 -22.09
C SER A 390 4.91 31.45 -22.73
N ASN A 391 4.42 31.35 -23.96
CA ASN A 391 4.55 30.15 -24.76
C ASN A 391 4.28 30.50 -26.22
N PHE A 392 5.33 30.82 -26.98
CA PHE A 392 5.17 31.18 -28.39
C PHE A 392 6.44 30.88 -29.21
N THR A 393 6.31 30.76 -30.53
CA THR A 393 7.50 30.48 -31.34
C THR A 393 8.12 31.76 -31.86
N LEU A 394 9.41 31.67 -32.15
CA LEU A 394 10.20 32.80 -32.59
C LEU A 394 11.44 32.24 -33.26
N LEU A 395 11.56 32.44 -34.57
CA LEU A 395 12.69 31.88 -35.31
C LEU A 395 12.83 30.39 -35.03
N ASN A 396 11.71 29.70 -35.01
CA ASN A 396 11.68 28.26 -34.75
C ASN A 396 12.34 27.83 -33.44
N GLN A 397 12.34 28.71 -32.46
CA GLN A 397 12.56 28.28 -31.07
C GLN A 397 11.25 28.48 -30.33
N THR A 398 11.10 27.83 -29.18
CA THR A 398 9.91 28.00 -28.36
C THR A 398 10.25 28.82 -27.13
N VAL A 399 9.63 29.98 -26.95
CA VAL A 399 9.97 30.84 -25.82
C VAL A 399 9.09 30.54 -24.61
N GLN A 400 9.71 30.02 -23.56
CA GLN A 400 9.03 29.67 -22.31
C GLN A 400 10.00 29.87 -21.17
N PHE A 401 9.45 30.03 -19.97
CA PHE A 401 10.26 30.15 -18.77
C PHE A 401 9.74 29.16 -17.73
N ASP A 402 10.64 28.62 -16.93
CA ASP A 402 10.18 27.74 -15.87
C ASP A 402 9.67 28.58 -14.70
N GLU A 403 9.30 27.89 -13.63
CA GLU A 403 8.78 28.49 -12.40
C GLU A 403 9.74 29.52 -11.78
N ASN A 404 11.04 29.40 -12.05
CA ASN A 404 12.03 30.38 -11.55
C ASN A 404 12.20 31.64 -12.43
N GLY A 405 11.51 31.71 -13.55
CA GLY A 405 11.75 32.78 -14.49
C GLY A 405 12.99 32.57 -15.33
N ASP A 406 13.56 31.37 -15.26
CA ASP A 406 14.67 31.00 -16.13
C ASP A 406 14.14 30.42 -17.47
N PRO A 407 14.92 30.57 -18.55
CA PRO A 407 14.50 30.15 -19.91
C PRO A 407 14.64 28.65 -20.22
N LYS A 408 13.61 28.11 -20.89
CA LYS A 408 13.61 26.74 -21.38
C LYS A 408 13.93 26.67 -22.88
N PHE A 409 14.86 27.52 -23.32
CA PHE A 409 15.31 27.58 -24.71
C PHE A 409 16.77 28.09 -24.73
N GLY A 410 17.48 27.81 -25.81
CA GLY A 410 18.88 28.20 -25.95
C GLY A 410 19.85 27.06 -25.66
N SER A 411 20.73 26.79 -26.62
CA SER A 411 21.76 25.79 -26.45
C SER A 411 23.06 26.43 -26.01
N LEU A 412 23.99 25.61 -25.54
CA LEU A 412 25.39 26.01 -25.43
C LEU A 412 26.19 25.08 -26.33
N SER A 413 27.25 25.60 -26.93
CA SER A 413 28.17 24.76 -27.69
C SER A 413 29.58 24.90 -27.17
N VAL A 414 30.45 23.96 -27.57
CA VAL A 414 31.86 24.06 -27.27
C VAL A 414 32.61 24.62 -28.49
N VAL A 415 33.42 25.64 -28.31
CA VAL A 415 34.23 26.13 -29.41
C VAL A 415 35.71 25.97 -29.16
N PHE A 416 36.45 26.02 -30.25
CA PHE A 416 37.89 25.93 -30.23
C PHE A 416 38.39 27.08 -31.11
N TRP A 417 39.27 27.92 -30.56
CA TRP A 417 39.87 29.00 -31.36
C TRP A 417 40.88 28.42 -32.31
N ASN A 418 40.53 28.35 -33.61
CA ASN A 418 41.38 27.68 -34.59
C ASN A 418 42.31 28.62 -35.32
N SER A 419 43.25 28.04 -36.05
CA SER A 419 44.43 28.72 -36.58
C SER A 419 44.18 30.01 -37.39
N SER A 420 42.94 30.22 -37.80
CA SER A 420 42.59 31.39 -38.60
C SER A 420 41.65 32.33 -37.86
N GLY A 421 41.71 32.31 -36.53
CA GLY A 421 40.98 33.26 -35.70
C GLY A 421 39.48 33.04 -35.61
N ASN A 422 39.03 31.83 -35.87
CA ASN A 422 37.61 31.53 -35.77
C ASN A 422 37.28 30.65 -34.58
N ALA A 423 36.09 30.87 -34.02
CA ALA A 423 35.60 30.04 -32.92
C ALA A 423 34.79 28.88 -33.46
N GLU A 424 35.50 27.84 -33.89
CA GLU A 424 34.92 26.68 -34.53
C GLU A 424 34.20 25.77 -33.53
N GLU A 425 32.93 25.48 -33.79
CA GLU A 425 32.17 24.57 -32.93
C GLU A 425 32.75 23.16 -33.01
N VAL A 426 32.96 22.55 -31.85
CA VAL A 426 33.51 21.22 -31.83
C VAL A 426 32.69 20.33 -30.93
N GLY A 427 31.61 20.88 -30.38
CA GLY A 427 30.75 20.10 -29.52
C GLY A 427 29.43 20.73 -29.10
N SER A 428 28.62 19.97 -28.35
CA SER A 428 27.35 20.45 -27.84
C SER A 428 27.19 20.13 -26.38
N TYR A 429 26.56 21.03 -25.64
CA TYR A 429 26.12 20.71 -24.30
C TYR A 429 24.64 20.32 -24.39
N HIS A 430 24.31 19.16 -23.84
CA HIS A 430 22.92 18.74 -23.79
C HIS A 430 22.41 18.82 -22.36
N PHE A 431 21.41 19.67 -22.12
CA PHE A 431 20.88 19.83 -20.76
C PHE A 431 20.35 18.52 -20.16
N GLN A 432 19.66 17.71 -20.97
CA GLN A 432 19.04 16.49 -20.46
C GLN A 432 19.41 15.24 -21.29
N SER A 433 20.70 14.89 -21.30
CA SER A 433 21.14 13.64 -21.92
C SER A 433 21.97 12.83 -20.94
N SER A 434 22.31 11.60 -21.33
CA SER A 434 23.13 10.71 -20.50
C SER A 434 24.60 11.12 -20.51
N ILE A 435 25.14 11.34 -21.70
CA ILE A 435 26.45 11.98 -21.87
C ILE A 435 26.18 13.49 -22.03
N HIS A 436 26.43 14.24 -20.98
CA HIS A 436 25.96 15.62 -20.92
C HIS A 436 26.67 16.52 -21.92
N LEU A 437 27.96 16.26 -22.14
CA LEU A 437 28.71 17.05 -23.07
C LEU A 437 29.47 16.19 -24.07
N SER A 438 29.34 16.53 -25.35
CA SER A 438 29.98 15.78 -26.42
C SER A 438 30.94 16.65 -27.24
N ILE A 439 32.12 16.13 -27.54
CA ILE A 439 33.14 16.87 -28.27
C ILE A 439 33.86 16.04 -29.34
N ASN A 440 33.83 16.50 -30.59
CA ASN A 440 34.67 15.91 -31.63
C ASN A 440 36.11 16.33 -31.41
N LYS A 441 36.82 15.55 -30.60
CA LYS A 441 38.19 15.87 -30.23
C LYS A 441 39.11 16.07 -31.43
N THR A 442 38.80 15.45 -32.56
CA THR A 442 39.75 15.48 -33.67
C THR A 442 39.80 16.87 -34.31
N LYS A 443 38.74 17.64 -34.11
CA LYS A 443 38.71 19.02 -34.61
C LYS A 443 39.69 19.94 -33.87
N ILE A 444 39.97 19.65 -32.60
CA ILE A 444 40.88 20.48 -31.81
C ILE A 444 42.35 20.35 -32.17
N LYS A 445 42.98 21.44 -32.62
CA LYS A 445 44.41 21.44 -32.92
C LYS A 445 45.18 22.06 -31.76
N TRP A 446 45.98 21.24 -31.09
CA TRP A 446 46.56 21.62 -29.80
C TRP A 446 47.88 22.41 -29.92
N PHE A 447 47.88 23.62 -29.35
CA PHE A 447 49.08 24.42 -29.21
C PHE A 447 49.60 24.28 -27.78
N PRO B 2 17.19 62.09 37.04
CA PRO B 2 17.40 62.86 35.80
C PRO B 2 16.14 63.59 35.39
N ASN B 3 16.09 64.90 35.60
CA ASN B 3 14.85 65.68 35.44
C ASN B 3 14.24 65.64 34.05
N TRP B 4 15.03 65.33 33.04
CA TRP B 4 14.54 65.41 31.67
C TRP B 4 13.75 64.17 31.27
N PHE B 5 13.70 63.18 32.17
CA PHE B 5 12.90 61.99 31.90
C PHE B 5 11.41 62.30 31.89
N ASN B 6 11.01 63.40 32.53
CA ASN B 6 9.59 63.75 32.58
C ASN B 6 9.09 64.65 31.45
N ASN B 7 10.01 65.23 30.67
CA ASN B 7 9.65 66.05 29.51
C ASN B 7 9.45 65.24 28.22
N ILE B 8 9.66 63.92 28.28
CA ILE B 8 9.72 63.14 27.05
C ILE B 8 8.36 62.80 26.46
N SER B 9 8.32 62.66 25.13
CA SER B 9 7.07 62.38 24.42
C SER B 9 6.81 60.88 24.30
N THR B 10 5.55 60.52 24.02
CA THR B 10 5.16 59.13 23.97
C THR B 10 5.16 58.48 22.58
N ASP B 11 5.55 59.22 21.56
CA ASP B 11 5.63 58.62 20.23
C ASP B 11 6.88 57.76 20.12
N LEU B 12 6.71 56.48 19.80
CA LEU B 12 7.87 55.60 19.64
C LEU B 12 8.55 55.82 18.31
N PHE B 13 7.79 55.67 17.24
CA PHE B 13 8.35 55.48 15.91
C PHE B 13 8.33 56.72 15.02
N SER B 14 8.07 57.86 15.64
CA SER B 14 8.01 59.14 14.94
C SER B 14 8.17 60.31 15.91
N MET B 15 9.30 60.99 15.83
CA MET B 15 9.51 62.20 16.61
C MET B 15 9.68 63.42 15.70
N PRO B 16 8.85 64.45 15.91
CA PRO B 16 9.00 65.73 15.20
C PRO B 16 10.36 66.36 15.47
N GLY B 17 10.97 66.96 14.45
CA GLY B 17 12.19 67.73 14.67
C GLY B 17 12.52 68.65 13.52
N ASP B 18 13.50 69.53 13.73
CA ASP B 18 14.01 70.38 12.66
C ASP B 18 14.81 69.53 11.69
N ILE B 19 15.81 68.83 12.20
CA ILE B 19 16.55 67.87 11.40
C ILE B 19 16.10 66.48 11.79
N LYS B 20 16.05 65.56 10.82
CA LYS B 20 15.44 64.26 11.04
C LYS B 20 16.30 63.07 10.61
N LEU B 21 16.39 62.09 11.49
CA LEU B 21 17.04 60.81 11.20
C LEU B 21 16.02 59.82 10.69
N GLY B 22 16.41 59.01 9.71
CA GLY B 22 15.63 57.85 9.32
C GLY B 22 16.06 56.60 10.08
N GLY B 23 15.08 55.81 10.48
CA GLY B 23 15.34 54.59 11.21
C GLY B 23 14.78 53.36 10.54
N LEU B 24 15.58 52.30 10.51
CA LEU B 24 15.17 51.04 9.92
C LEU B 24 15.40 49.90 10.90
N PHE B 25 14.33 49.24 11.36
CA PHE B 25 14.45 48.21 12.40
C PHE B 25 13.64 46.96 12.11
N PRO B 26 14.24 45.78 12.36
CA PRO B 26 13.51 44.52 12.25
C PRO B 26 12.59 44.34 13.46
N ILE B 27 11.46 45.02 13.43
CA ILE B 27 10.51 45.09 14.54
C ILE B 27 9.47 43.97 14.49
N LYS B 28 8.97 43.68 13.30
CA LYS B 28 7.99 42.60 13.12
C LYS B 28 8.33 41.77 11.89
N GLU B 29 8.49 40.46 12.09
CA GLU B 29 8.88 39.59 11.00
C GLU B 29 7.77 38.63 10.62
N GLN B 30 7.94 37.96 9.48
CA GLN B 30 7.09 36.82 9.11
C GLN B 30 7.43 35.65 10.00
N SER B 31 6.47 34.75 10.19
CA SER B 31 6.72 33.53 10.94
C SER B 31 7.75 32.63 10.28
N SER B 43 0.61 42.39 0.50
CA SER B 43 1.59 41.53 -0.16
C SER B 43 2.00 40.37 0.76
N VAL B 44 2.59 40.73 1.89
CA VAL B 44 3.26 39.81 2.82
C VAL B 44 2.85 40.10 4.27
N SER B 45 2.80 39.07 5.11
CA SER B 45 2.31 39.23 6.49
C SER B 45 3.44 39.30 7.54
N CYS B 46 3.53 40.45 8.22
CA CYS B 46 4.51 40.62 9.29
C CYS B 46 3.79 40.60 10.64
N ASP B 47 3.73 39.42 11.26
CA ASP B 47 2.88 39.20 12.43
C ASP B 47 3.65 38.91 13.71
N SER B 48 4.88 38.43 13.59
CA SER B 48 5.70 38.07 14.73
C SER B 48 6.56 39.22 15.24
N LEU B 49 6.28 39.69 16.46
CA LEU B 49 7.07 40.73 17.10
C LEU B 49 8.49 40.26 17.43
N ASN B 50 9.48 41.01 16.96
CA ASN B 50 10.86 40.74 17.33
C ASN B 50 11.24 41.60 18.52
N LYS B 51 11.21 41.04 19.74
CA LYS B 51 11.43 41.85 20.95
C LYS B 51 12.79 42.56 20.97
N ASP B 52 13.81 41.95 20.38
CA ASP B 52 15.12 42.57 20.22
C ASP B 52 15.08 43.82 19.32
N GLY B 53 14.53 43.66 18.12
CA GLY B 53 14.24 44.77 17.24
C GLY B 53 13.48 45.91 17.93
N LEU B 54 12.37 45.59 18.57
CA LEU B 54 11.62 46.59 19.32
C LEU B 54 12.53 47.22 20.38
N GLY B 55 13.29 46.37 21.05
CA GLY B 55 14.27 46.82 22.03
C GLY B 55 15.25 47.86 21.50
N ARG B 56 15.91 47.52 20.39
CA ARG B 56 16.91 48.42 19.82
C ARG B 56 16.30 49.74 19.36
N ALA B 57 15.05 49.70 18.93
CA ALA B 57 14.33 50.90 18.52
C ALA B 57 14.13 51.82 19.72
N LEU B 58 13.74 51.25 20.85
CA LEU B 58 13.61 52.02 22.08
C LEU B 58 14.92 52.75 22.41
N VAL B 59 16.04 52.09 22.12
CA VAL B 59 17.33 52.70 22.39
C VAL B 59 17.52 53.95 21.53
N MET B 60 17.11 53.90 20.26
CA MET B 60 17.11 55.10 19.43
C MET B 60 16.21 56.19 19.99
N LYS B 61 15.04 55.82 20.52
CA LYS B 61 14.19 56.85 21.07
C LYS B 61 14.87 57.50 22.27
N TYR B 62 15.54 56.67 23.08
CA TYR B 62 16.22 57.18 24.25
C TYR B 62 17.35 58.12 23.87
N ALA B 63 18.25 57.65 23.01
CA ALA B 63 19.34 58.48 22.52
C ALA B 63 18.89 59.86 21.99
N VAL B 64 17.76 59.90 21.27
CA VAL B 64 17.31 61.15 20.65
C VAL B 64 16.64 62.05 21.68
N GLU B 65 15.92 61.45 22.62
CA GLU B 65 15.35 62.18 23.74
C GLU B 65 16.45 62.79 24.62
N GLU B 66 17.59 62.12 24.69
CA GLU B 66 18.67 62.59 25.54
C GLU B 66 19.47 63.69 24.87
N ILE B 67 19.78 63.50 23.58
CA ILE B 67 20.46 64.52 22.79
C ILE B 67 19.69 65.84 22.86
N ASN B 68 18.38 65.72 22.76
CA ASN B 68 17.50 66.87 22.75
C ASN B 68 17.47 67.62 24.07
N ALA B 69 17.41 66.87 25.17
CA ALA B 69 17.47 67.42 26.54
C ALA B 69 18.80 68.11 26.85
N ASN B 70 19.86 67.71 26.18
CA ASN B 70 21.18 68.30 26.34
C ASN B 70 21.27 69.64 25.62
N SER B 71 21.33 70.73 26.40
CA SER B 71 21.35 72.07 25.84
C SER B 71 22.65 72.41 25.08
N GLN B 72 23.69 71.63 25.32
CA GLN B 72 25.02 71.95 24.79
C GLN B 72 25.41 71.16 23.54
N LEU B 73 24.59 70.20 23.13
CA LEU B 73 24.97 69.38 21.98
C LEU B 73 24.43 69.96 20.67
N LEU B 74 23.13 70.05 20.51
CA LEU B 74 22.62 70.76 19.33
C LEU B 74 21.70 71.86 19.83
N PRO B 75 22.28 72.96 20.32
CA PRO B 75 21.53 73.96 21.09
C PRO B 75 20.33 74.55 20.35
N GLY B 76 20.48 74.95 19.11
CA GLY B 76 19.37 75.57 18.43
C GLY B 76 18.36 74.59 17.85
N VAL B 77 18.81 73.37 17.60
CA VAL B 77 18.08 72.44 16.75
C VAL B 77 17.43 71.26 17.48
N LYS B 78 16.18 70.98 17.17
CA LYS B 78 15.55 69.77 17.68
C LYS B 78 15.71 68.62 16.68
N LEU B 79 16.14 67.48 17.21
CA LEU B 79 16.39 66.29 16.42
C LEU B 79 15.17 65.36 16.45
N GLY B 80 14.72 64.98 15.28
CA GLY B 80 13.55 64.13 15.17
C GLY B 80 13.86 62.91 14.34
N TYR B 81 12.86 62.06 14.11
CA TYR B 81 13.11 60.84 13.38
C TYR B 81 11.83 60.14 12.98
N LYS B 82 11.95 59.25 11.99
CA LYS B 82 10.89 58.34 11.59
C LYS B 82 11.50 56.95 11.53
N ILE B 83 10.89 56.02 12.25
CA ILE B 83 11.38 54.66 12.32
C ILE B 83 10.40 53.74 11.60
N TYR B 84 10.91 52.87 10.73
CA TYR B 84 10.05 51.89 10.06
C TYR B 84 10.52 50.47 10.26
N ASN B 85 9.57 49.57 10.20
CA ASN B 85 9.86 48.16 10.20
C ASN B 85 10.44 47.71 8.86
N THR B 86 11.45 46.85 8.93
CA THR B 86 12.06 46.30 7.72
C THR B 86 11.49 44.95 7.39
N CYS B 87 10.90 44.32 8.40
CA CYS B 87 10.37 42.96 8.30
C CYS B 87 11.41 41.95 7.81
N ARG B 88 12.68 42.36 7.86
CA ARG B 88 13.79 41.61 7.29
C ARG B 88 13.42 41.04 5.90
N HIS B 89 12.75 41.85 5.10
CA HIS B 89 12.24 41.44 3.80
C HIS B 89 12.40 42.55 2.74
N SER B 90 13.03 42.20 1.63
CA SER B 90 13.38 43.17 0.59
C SER B 90 12.21 44.06 0.14
N ALA B 91 11.07 43.47 -0.19
CA ALA B 91 9.92 44.26 -0.62
C ALA B 91 9.42 45.27 0.44
N VAL B 92 9.62 44.97 1.72
CA VAL B 92 9.10 45.81 2.78
C VAL B 92 10.00 47.02 2.99
N ILE B 93 11.30 46.78 3.00
CA ILE B 93 12.24 47.83 3.38
C ILE B 93 12.48 48.88 2.29
N VAL B 94 12.15 48.59 1.04
CA VAL B 94 12.42 49.56 -0.01
C VAL B 94 11.56 50.83 0.13
N ARG B 95 10.30 50.64 0.47
CA ARG B 95 9.41 51.79 0.55
C ARG B 95 9.87 52.80 1.61
N PRO B 96 10.16 52.36 2.85
CA PRO B 96 10.73 53.32 3.80
C PRO B 96 12.02 54.00 3.35
N ALA B 97 12.91 53.26 2.67
CA ALA B 97 14.13 53.86 2.12
C ALA B 97 13.81 55.02 1.15
N LEU B 98 12.95 54.76 0.18
CA LEU B 98 12.58 55.81 -0.76
C LEU B 98 11.97 57.00 -0.04
N SER B 99 11.18 56.76 1.00
CA SER B 99 10.49 57.87 1.69
C SER B 99 11.47 58.84 2.38
N PHE B 100 12.60 58.32 2.85
CA PHE B 100 13.66 59.15 3.44
C PHE B 100 14.22 60.13 2.40
N LEU B 101 14.05 59.80 1.13
CA LEU B 101 14.67 60.53 0.03
C LEU B 101 13.75 61.58 -0.62
N THR B 102 12.47 61.60 -0.24
CA THR B 102 11.55 62.58 -0.77
C THR B 102 12.00 63.99 -0.36
N GLU B 103 11.57 65.00 -1.12
CA GLU B 103 11.94 66.38 -0.81
C GLU B 103 11.27 66.77 0.48
N LYS B 104 12.04 67.37 1.38
CA LYS B 104 11.55 67.76 2.71
C LYS B 104 10.21 68.51 2.65
N SER B 105 10.10 69.47 1.74
CA SER B 105 8.87 70.28 1.52
C SER B 105 7.65 69.53 0.92
N ASN B 106 7.90 68.60 -0.01
CA ASN B 106 6.86 68.02 -0.87
C ASN B 106 6.21 66.72 -0.42
N GLY B 107 7.02 65.76 0.04
CA GLY B 107 6.55 64.42 0.29
C GLY B 107 6.73 63.47 -0.89
N THR B 108 7.24 64.00 -1.99
CA THR B 108 7.44 63.21 -3.20
C THR B 108 8.91 63.14 -3.55
N LEU B 109 9.27 62.14 -4.32
CA LEU B 109 10.64 62.00 -4.81
C LEU B 109 10.70 62.41 -6.27
N SER B 110 11.39 63.49 -6.56
CA SER B 110 11.41 63.99 -7.94
C SER B 110 12.49 63.26 -8.70
N VAL B 111 12.29 63.20 -10.00
CA VAL B 111 13.15 62.46 -10.89
C VAL B 111 14.09 63.41 -11.56
N GLU B 112 15.35 63.39 -11.11
CA GLU B 112 16.37 64.28 -11.65
C GLU B 112 17.66 63.54 -11.94
N CYS B 113 18.54 64.20 -12.68
CA CYS B 113 19.86 63.64 -12.97
C CYS B 113 20.89 64.12 -11.96
N ASN B 114 20.54 65.13 -11.18
CA ASN B 114 21.49 65.79 -10.29
C ASN B 114 20.79 66.14 -8.99
N TYR B 115 21.27 65.60 -7.90
CA TYR B 115 20.59 65.79 -6.63
C TYR B 115 21.39 66.63 -5.65
N THR B 116 22.41 67.33 -6.13
CA THR B 116 23.29 68.11 -5.25
C THR B 116 22.56 69.21 -4.47
N ASP B 117 21.48 69.73 -5.03
CA ASP B 117 20.72 70.82 -4.41
C ASP B 117 19.40 70.31 -3.83
N TYR B 118 19.30 68.99 -3.73
CA TYR B 118 18.05 68.33 -3.38
C TYR B 118 18.01 68.04 -1.88
N GLU B 119 17.11 68.71 -1.15
CA GLU B 119 17.03 68.54 0.30
C GLU B 119 16.08 67.40 0.65
N THR B 120 16.67 66.29 1.07
CA THR B 120 15.93 65.11 1.49
C THR B 120 15.28 65.35 2.83
N ASP B 121 14.21 64.60 3.10
CA ASP B 121 13.49 64.68 4.38
C ASP B 121 14.35 64.20 5.55
N MET B 122 15.16 63.16 5.33
CA MET B 122 16.09 62.66 6.36
C MET B 122 17.48 63.05 5.99
N VAL B 123 18.32 63.27 7.00
CA VAL B 123 19.67 63.71 6.73
C VAL B 123 20.64 62.54 6.79
N ALA B 124 20.25 61.47 7.47
CA ALA B 124 21.06 60.27 7.65
C ALA B 124 20.17 59.12 8.09
N VAL B 125 20.65 57.89 7.94
CA VAL B 125 19.81 56.74 8.27
C VAL B 125 20.46 55.89 9.34
N ILE B 126 19.70 55.60 10.39
CA ILE B 126 20.11 54.63 11.41
C ILE B 126 19.52 53.25 11.09
N GLY B 127 20.38 52.27 10.86
CA GLY B 127 19.94 50.95 10.44
C GLY B 127 20.41 50.73 9.01
N PRO B 128 19.99 49.63 8.38
CA PRO B 128 19.23 48.57 9.04
C PRO B 128 20.13 47.70 9.92
N GLN B 129 19.57 46.63 10.47
CA GLN B 129 20.27 45.77 11.41
C GLN B 129 21.00 44.66 10.68
N SER B 130 20.41 44.16 9.59
CA SER B 130 20.96 42.97 8.98
C SER B 130 21.67 43.28 7.65
N SER B 131 22.71 42.51 7.36
CA SER B 131 23.48 42.64 6.14
C SER B 131 22.65 42.38 4.89
N GLU B 132 21.69 41.47 4.97
CA GLU B 132 20.84 41.19 3.81
C GLU B 132 20.08 42.46 3.45
N MET B 133 19.62 43.18 4.47
CA MET B 133 18.87 44.40 4.25
C MET B 133 19.69 45.55 3.66
N VAL B 134 20.96 45.70 4.09
CA VAL B 134 21.87 46.70 3.51
C VAL B 134 22.09 46.48 2.01
N THR B 135 22.15 45.23 1.57
CA THR B 135 22.41 44.93 0.17
C THR B 135 21.20 45.28 -0.67
N VAL B 136 20.05 45.43 0.00
CA VAL B 136 18.85 45.91 -0.68
C VAL B 136 18.84 47.41 -0.98
N ILE B 137 19.27 48.24 -0.03
CA ILE B 137 19.14 49.68 -0.15
C ILE B 137 20.46 50.43 -0.16
N GLY B 138 21.54 49.71 0.12
CA GLY B 138 22.85 50.33 0.30
C GLY B 138 23.36 51.13 -0.89
N LYS B 139 23.02 50.71 -2.10
CA LYS B 139 23.48 51.42 -3.28
C LYS B 139 22.49 52.53 -3.68
N LEU B 140 21.22 52.37 -3.34
CA LEU B 140 20.24 53.45 -3.47
C LEU B 140 20.67 54.61 -2.60
N LEU B 141 20.92 54.30 -1.33
CA LEU B 141 21.27 55.31 -0.35
C LEU B 141 22.65 55.90 -0.69
N GLY B 142 23.52 55.02 -1.17
CA GLY B 142 24.85 55.40 -1.56
C GLY B 142 24.88 56.33 -2.76
N PHE B 143 23.93 56.18 -3.67
CA PHE B 143 23.85 57.10 -4.78
C PHE B 143 23.52 58.51 -4.28
N PHE B 144 22.69 58.62 -3.26
CA PHE B 144 22.34 59.94 -2.73
C PHE B 144 23.39 60.40 -1.75
N LEU B 145 24.33 59.50 -1.45
CA LEU B 145 25.33 59.76 -0.46
C LEU B 145 24.66 60.11 0.86
N MET B 146 23.53 59.46 1.12
CA MET B 146 22.93 59.53 2.45
C MET B 146 23.73 58.67 3.41
N PRO B 147 24.31 59.30 4.45
CA PRO B 147 25.01 58.48 5.45
C PRO B 147 24.06 57.45 6.02
N GLN B 148 24.49 56.19 6.06
CA GLN B 148 23.72 55.18 6.75
C GLN B 148 24.66 54.53 7.76
N ILE B 149 24.21 54.49 8.99
CA ILE B 149 25.04 53.96 10.05
C ILE B 149 24.36 52.75 10.63
N SER B 150 24.84 51.56 10.29
CA SER B 150 24.22 50.36 10.78
C SER B 150 24.76 49.99 12.16
N PHE B 151 23.83 49.60 13.01
CA PHE B 151 24.13 49.19 14.36
C PHE B 151 24.23 47.66 14.48
N GLY B 152 24.18 46.95 13.35
CA GLY B 152 24.20 45.49 13.39
C GLY B 152 24.74 44.71 12.20
N ALA B 153 24.75 45.33 11.01
CA ALA B 153 25.17 44.66 9.79
C ALA B 153 26.69 44.48 9.71
N THR B 154 27.15 43.23 9.73
CA THR B 154 28.56 42.94 10.00
C THR B 154 29.35 42.36 8.83
N SER B 155 28.68 42.08 7.73
CA SER B 155 29.36 41.53 6.55
C SER B 155 30.50 42.42 6.04
N ASP B 156 31.60 41.79 5.60
CA ASP B 156 32.79 42.51 5.12
C ASP B 156 32.60 43.08 3.71
N LYS B 157 31.50 42.70 3.05
CA LYS B 157 31.18 43.25 1.75
C LYS B 157 31.09 44.80 1.78
N PHE B 158 30.60 45.34 2.90
CA PHE B 158 30.32 46.77 2.99
C PHE B 158 31.54 47.60 3.33
N SER B 159 32.66 46.94 3.57
CA SER B 159 33.90 47.62 3.90
C SER B 159 34.53 48.30 2.68
N ASP B 160 33.99 48.01 1.50
CA ASP B 160 34.48 48.63 0.26
C ASP B 160 33.65 49.87 -0.08
N SER B 161 34.26 51.05 0.10
CA SER B 161 33.57 52.32 -0.06
C SER B 161 33.35 52.73 -1.53
N LEU B 162 34.02 52.03 -2.46
CA LEU B 162 33.74 52.15 -3.89
C LEU B 162 32.44 51.45 -4.30
N VAL B 163 32.00 50.53 -3.45
CA VAL B 163 30.78 49.76 -3.72
C VAL B 163 29.65 50.25 -2.81
N TYR B 164 30.01 50.69 -1.60
CA TYR B 164 29.02 51.20 -0.65
C TYR B 164 29.47 52.55 -0.09
N PRO B 165 29.31 53.60 -0.90
CA PRO B 165 29.89 54.94 -0.68
C PRO B 165 29.60 55.61 0.67
N SER B 166 28.44 55.37 1.25
CA SER B 166 28.08 56.09 2.45
C SER B 166 27.83 55.17 3.64
N PHE B 167 28.46 54.00 3.66
CA PHE B 167 28.16 53.04 4.71
C PHE B 167 29.10 53.11 5.92
N PHE B 168 28.52 53.26 7.11
CA PHE B 168 29.26 53.13 8.36
C PHE B 168 28.60 52.12 9.26
N ARG B 169 29.30 51.83 10.36
CA ARG B 169 28.99 50.71 11.24
C ARG B 169 29.36 51.05 12.68
N THR B 170 28.53 50.76 13.67
CA THR B 170 29.06 50.86 15.02
C THR B 170 29.43 49.48 15.55
N VAL B 171 29.44 48.48 14.68
CA VAL B 171 29.94 47.16 15.08
C VAL B 171 31.04 46.71 14.10
N PRO B 172 31.96 45.85 14.56
CA PRO B 172 33.09 45.43 13.72
C PRO B 172 32.69 44.55 12.54
N SER B 173 33.50 44.56 11.48
CA SER B 173 33.29 43.64 10.37
C SER B 173 33.58 42.17 10.74
N ASP B 174 32.94 41.24 10.04
CA ASP B 174 33.14 39.83 10.34
C ASP B 174 34.51 39.28 9.92
N ILE B 175 35.23 40.04 9.10
CA ILE B 175 36.58 39.64 8.71
C ILE B 175 37.38 39.45 10.01
N ARG B 176 37.04 40.23 11.04
CA ARG B 176 37.73 40.19 12.34
C ARG B 176 37.17 39.14 13.28
N GLN B 177 35.84 38.98 13.27
CA GLN B 177 35.19 37.96 14.07
C GLN B 177 35.72 36.57 13.70
N VAL B 178 35.90 36.29 12.41
CA VAL B 178 36.38 34.97 12.05
C VAL B 178 37.85 34.82 12.43
N ASP B 179 38.61 35.91 12.33
CA ASP B 179 39.98 35.91 12.80
C ASP B 179 40.06 35.51 14.26
N ALA B 180 39.15 36.09 15.05
CA ALA B 180 39.04 35.78 16.46
C ALA B 180 38.67 34.30 16.66
N MET B 181 37.76 33.82 15.83
CA MET B 181 37.33 32.42 15.91
C MET B 181 38.48 31.48 15.58
N VAL B 182 39.15 31.75 14.46
CA VAL B 182 40.27 30.93 14.05
C VAL B 182 41.38 30.92 15.11
N GLN B 183 41.66 32.07 15.70
CA GLN B 183 42.70 32.14 16.72
C GLN B 183 42.33 31.33 17.97
N LEU B 184 41.05 31.31 18.33
CA LEU B 184 40.64 30.52 19.48
C LEU B 184 40.73 29.02 19.19
N ILE B 185 40.37 28.65 17.97
CA ILE B 185 40.50 27.27 17.54
C ILE B 185 41.97 26.79 17.57
N LYS B 186 42.92 27.65 17.15
CA LYS B 186 44.35 27.30 17.17
C LYS B 186 44.87 27.19 18.59
N LYS B 187 44.41 28.09 19.45
CA LYS B 187 44.82 28.11 20.87
C LYS B 187 44.47 26.82 21.58
N PHE B 188 43.40 26.17 21.11
CA PHE B 188 42.92 24.98 21.75
C PHE B 188 43.41 23.73 21.01
N ASN B 189 44.20 23.96 19.97
CA ASN B 189 44.84 22.88 19.21
C ASN B 189 43.86 21.95 18.51
N TRP B 190 42.69 22.48 18.18
CA TRP B 190 41.74 21.84 17.29
C TRP B 190 42.05 22.23 15.85
N ASN B 191 42.35 21.27 14.96
CA ASN B 191 42.58 21.61 13.56
C ASN B 191 41.72 20.80 12.60
N TRP B 192 40.54 20.41 13.05
CA TRP B 192 39.63 19.62 12.23
C TRP B 192 38.19 19.96 12.59
N VAL B 193 37.62 20.91 11.85
CA VAL B 193 36.35 21.54 12.21
C VAL B 193 35.37 21.66 11.03
N ALA B 194 34.10 21.83 11.34
CA ALA B 194 33.09 22.09 10.34
C ALA B 194 32.49 23.47 10.56
N VAL B 195 31.99 24.07 9.48
CA VAL B 195 31.36 25.38 9.60
C VAL B 195 29.99 25.37 8.92
N VAL B 196 29.02 25.99 9.58
CA VAL B 196 27.62 26.03 9.18
C VAL B 196 27.12 27.45 9.16
N GLY B 197 26.52 27.86 8.04
CA GLY B 197 25.98 29.21 7.93
C GLY B 197 24.51 29.23 7.52
N SER B 198 23.83 30.34 7.78
CA SER B 198 22.48 30.51 7.23
C SER B 198 22.59 30.96 5.77
N GLU B 199 21.62 30.57 4.96
CA GLU B 199 21.72 30.79 3.52
C GLU B 199 21.26 32.21 3.08
N GLU B 200 21.95 33.22 3.61
CA GLU B 200 21.82 34.59 3.15
C GLU B 200 23.16 35.30 3.41
N GLU B 201 23.26 36.58 3.02
CA GLU B 201 24.50 37.38 3.10
C GLU B 201 25.42 37.14 4.32
N TYR B 202 24.89 37.28 5.53
CA TYR B 202 25.69 37.15 6.75
C TYR B 202 26.33 35.77 6.85
N GLY B 203 25.47 34.74 6.85
CA GLY B 203 25.91 33.35 6.88
C GLY B 203 26.83 32.97 5.73
N GLN B 204 26.51 33.40 4.51
CA GLN B 204 27.28 33.01 3.34
C GLN B 204 28.67 33.63 3.39
N GLN B 205 28.72 34.93 3.65
CA GLN B 205 29.99 35.63 3.83
C GLN B 205 30.79 35.09 5.02
N GLY B 206 30.10 34.82 6.13
CA GLY B 206 30.73 34.25 7.30
C GLY B 206 31.46 32.95 7.00
N VAL B 207 30.73 32.02 6.37
CA VAL B 207 31.29 30.73 5.97
C VAL B 207 32.48 30.89 5.01
N GLN B 208 32.40 31.84 4.08
CA GLN B 208 33.48 32.02 3.14
C GLN B 208 34.72 32.61 3.79
N GLN B 209 34.51 33.67 4.56
CA GLN B 209 35.61 34.33 5.27
C GLN B 209 36.32 33.40 6.25
N PHE B 210 35.53 32.56 6.94
CA PHE B 210 36.09 31.59 7.86
C PHE B 210 36.97 30.60 7.13
N SER B 211 36.37 29.92 6.15
CA SER B 211 37.05 28.88 5.38
C SER B 211 38.38 29.36 4.85
N LYS B 212 38.35 30.54 4.27
CA LYS B 212 39.54 31.17 3.72
C LYS B 212 40.62 31.33 4.79
N LYS B 213 40.24 31.93 5.91
CA LYS B 213 41.19 32.22 6.97
C LYS B 213 41.67 30.94 7.68
N ALA B 214 40.81 29.94 7.80
CA ALA B 214 41.20 28.65 8.39
C ALA B 214 42.31 27.97 7.58
N GLU B 215 42.34 28.24 6.29
CA GLU B 215 43.43 27.78 5.43
C GLU B 215 44.71 28.51 5.83
N ASP B 216 44.64 29.84 5.90
CA ASP B 216 45.80 30.68 6.23
C ASP B 216 46.47 30.26 7.54
N MET B 217 45.69 29.61 8.39
CA MET B 217 46.12 29.25 9.73
C MET B 217 46.26 27.75 9.92
N GLY B 218 46.15 27.01 8.82
CA GLY B 218 46.30 25.57 8.86
C GLY B 218 45.21 24.82 9.64
N VAL B 219 43.98 25.31 9.58
CA VAL B 219 42.84 24.57 10.07
C VAL B 219 42.08 23.92 8.92
N CYS B 220 41.95 22.60 8.94
CA CYS B 220 41.25 21.95 7.84
C CYS B 220 39.74 21.98 8.05
N VAL B 221 39.02 22.54 7.09
CA VAL B 221 37.57 22.58 7.16
C VAL B 221 36.95 21.35 6.54
N ALA B 222 36.55 20.42 7.40
CA ALA B 222 36.01 19.12 7.01
C ALA B 222 34.70 19.21 6.26
N TYR B 223 33.95 20.29 6.46
CA TYR B 223 32.64 20.43 5.86
C TYR B 223 32.08 21.86 5.99
N GLN B 224 31.38 22.32 4.96
CA GLN B 224 30.62 23.58 5.03
C GLN B 224 29.18 23.37 4.63
N GLY B 225 28.25 23.94 5.39
CA GLY B 225 26.85 23.82 5.05
C GLY B 225 26.10 25.14 5.18
N LEU B 226 24.98 25.22 4.49
CA LEU B 226 24.13 26.38 4.57
C LEU B 226 22.66 26.02 4.90
N ILE B 227 22.17 26.53 6.02
CA ILE B 227 20.76 26.43 6.39
C ILE B 227 19.87 27.41 5.64
N PRO B 228 18.89 26.93 4.86
CA PRO B 228 17.96 27.79 4.12
C PRO B 228 17.13 28.68 5.04
N ILE B 229 16.81 29.90 4.64
CA ILE B 229 16.02 30.79 5.50
C ILE B 229 14.63 30.99 4.93
N TYR B 230 14.41 30.48 3.72
CA TYR B 230 13.09 30.46 3.13
C TYR B 230 12.74 29.01 2.87
N ASP B 231 11.51 28.63 3.20
CA ASP B 231 11.04 27.25 3.03
C ASP B 231 11.75 26.28 3.99
N ASP B 232 11.26 25.04 4.02
CA ASP B 232 11.66 24.03 4.99
C ASP B 232 13.16 23.75 5.02
N PRO B 233 13.81 23.99 6.16
CA PRO B 233 15.26 23.83 6.28
C PRO B 233 15.63 22.45 6.86
N LYS B 234 14.63 21.73 7.34
CA LYS B 234 14.83 20.39 7.90
C LYS B 234 15.60 19.43 6.98
N PRO B 235 15.26 19.39 5.66
CA PRO B 235 16.02 18.44 4.84
C PRO B 235 17.50 18.82 4.77
N ALA B 236 17.76 20.10 4.53
CA ALA B 236 19.13 20.59 4.44
C ALA B 236 19.86 20.37 5.76
N ILE B 237 19.15 20.58 6.86
CA ILE B 237 19.73 20.42 8.19
C ILE B 237 20.10 18.96 8.48
N GLN B 238 19.24 18.02 8.09
CA GLN B 238 19.55 16.61 8.29
C GLN B 238 20.78 16.19 7.48
N THR B 239 20.96 16.79 6.31
CA THR B 239 22.12 16.50 5.47
C THR B 239 23.40 16.99 6.16
N ILE B 240 23.40 18.27 6.52
CA ILE B 240 24.50 18.90 7.25
C ILE B 240 24.91 18.06 8.45
N ILE B 241 23.94 17.79 9.32
CA ILE B 241 24.17 16.98 10.50
C ILE B 241 24.75 15.63 10.15
N ASN B 242 24.32 15.05 9.04
CA ASN B 242 24.88 13.77 8.67
C ASN B 242 26.33 13.90 8.29
N ASN B 243 26.70 15.02 7.69
CA ASN B 243 28.09 15.22 7.32
C ASN B 243 28.95 15.52 8.54
N ILE B 244 28.35 16.12 9.56
CA ILE B 244 29.06 16.41 10.79
C ILE B 244 29.41 15.10 11.52
N GLN B 245 28.45 14.18 11.62
CA GLN B 245 28.69 12.88 12.22
C GLN B 245 29.74 12.12 11.43
N THR B 246 29.54 12.11 10.12
CA THR B 246 30.39 11.37 9.20
C THR B 246 31.85 11.79 9.31
N THR B 247 32.11 13.09 9.30
CA THR B 247 33.48 13.60 9.39
C THR B 247 34.05 13.46 10.79
N GLU B 248 33.18 13.13 11.73
CA GLU B 248 33.54 12.97 13.15
C GLU B 248 34.24 14.19 13.74
N VAL B 249 33.90 15.37 13.26
CA VAL B 249 34.40 16.58 13.88
C VAL B 249 33.74 16.74 15.24
N LYS B 250 34.36 17.55 16.06
CA LYS B 250 33.90 17.79 17.42
C LYS B 250 33.78 19.30 17.66
N VAL B 251 34.22 20.09 16.68
CA VAL B 251 34.10 21.54 16.75
C VAL B 251 33.32 21.99 15.55
N VAL B 252 32.27 22.76 15.79
CA VAL B 252 31.44 23.28 14.72
C VAL B 252 31.25 24.78 14.88
N VAL B 253 31.62 25.54 13.85
CA VAL B 253 31.41 26.97 13.83
C VAL B 253 30.06 27.25 13.17
N VAL B 254 29.17 27.93 13.89
CA VAL B 254 27.81 28.13 13.42
C VAL B 254 27.60 29.59 13.18
N PHE B 255 27.76 29.99 11.93
CA PHE B 255 27.67 31.37 11.53
C PHE B 255 26.25 31.62 10.99
N SER B 256 25.32 31.99 11.86
CA SER B 256 23.90 31.93 11.47
C SER B 256 22.97 32.97 12.12
N LEU B 257 21.97 33.39 11.38
CA LEU B 257 20.86 34.16 11.93
C LEU B 257 20.09 33.30 12.95
N VAL B 258 19.40 33.96 13.88
CA VAL B 258 18.80 33.25 15.00
C VAL B 258 17.83 32.15 14.57
N SER B 259 16.91 32.43 13.66
CA SER B 259 15.86 31.45 13.32
C SER B 259 16.37 30.15 12.68
N PRO B 260 17.22 30.25 11.65
CA PRO B 260 17.75 28.96 11.22
C PRO B 260 18.55 28.26 12.33
N ALA B 261 19.27 29.01 13.17
CA ALA B 261 20.03 28.41 14.26
C ALA B 261 19.11 27.58 15.15
N VAL B 262 17.92 28.11 15.40
CA VAL B 262 16.95 27.42 16.22
C VAL B 262 16.52 26.14 15.50
N SER B 263 16.18 26.28 14.23
CA SER B 263 15.85 25.14 13.38
C SER B 263 16.96 24.09 13.47
N PHE B 264 18.19 24.58 13.44
CA PHE B 264 19.38 23.73 13.47
C PHE B 264 19.53 22.91 14.76
N PHE B 265 19.62 23.60 15.90
CA PHE B 265 19.88 22.91 17.15
C PHE B 265 18.70 22.04 17.61
N GLU B 266 17.50 22.35 17.13
CA GLU B 266 16.35 21.48 17.34
C GLU B 266 16.66 20.09 16.80
N GLU B 267 17.41 20.04 15.71
CA GLU B 267 17.76 18.77 15.10
C GLU B 267 18.98 18.15 15.76
N VAL B 268 19.87 19.03 16.19
CA VAL B 268 21.07 18.65 16.90
C VAL B 268 20.75 18.03 18.26
N ILE B 269 19.60 18.40 18.82
CA ILE B 269 19.18 17.86 20.11
C ILE B 269 18.44 16.53 19.93
N LYS B 270 17.61 16.46 18.89
CA LYS B 270 16.97 15.20 18.49
C LYS B 270 17.97 14.06 18.25
N LYS B 271 19.11 14.38 17.64
CA LYS B 271 20.09 13.36 17.33
C LYS B 271 21.18 13.24 18.37
N ASN B 272 20.98 13.88 19.51
CA ASN B 272 21.91 13.77 20.63
C ASN B 272 23.35 14.04 20.27
N LEU B 273 23.59 15.02 19.39
CA LEU B 273 24.96 15.42 19.09
C LEU B 273 25.56 16.22 20.24
N THR B 274 26.87 16.06 20.43
CA THR B 274 27.60 16.74 21.48
C THR B 274 28.94 17.23 20.93
N GLY B 275 29.41 18.36 21.42
CA GLY B 275 30.72 18.83 21.05
C GLY B 275 30.93 20.28 21.43
N VAL B 276 31.92 20.89 20.82
CA VAL B 276 32.14 22.31 20.95
C VAL B 276 31.48 23.08 19.81
N TRP B 277 30.59 24.00 20.16
CA TRP B 277 29.95 24.89 19.18
C TRP B 277 30.43 26.34 19.35
N ILE B 278 31.00 26.90 18.27
CA ILE B 278 31.42 28.30 18.18
C ILE B 278 30.28 29.19 17.65
N ALA B 279 29.79 30.10 18.48
CA ALA B 279 28.67 30.96 18.10
C ALA B 279 29.15 32.29 17.51
N SER B 280 28.57 32.68 16.36
CA SER B 280 28.73 34.03 15.86
C SER B 280 27.85 34.98 16.69
N SER B 281 28.16 36.26 16.67
CA SER B 281 27.47 37.23 17.52
C SER B 281 25.94 37.20 17.37
N SER B 282 25.45 36.90 16.19
CA SER B 282 23.99 36.93 15.96
C SER B 282 23.20 35.99 16.87
N TRP B 283 23.76 34.85 17.25
CA TRP B 283 23.00 33.95 18.10
C TRP B 283 23.69 33.61 19.44
N ALA B 284 24.91 34.10 19.63
CA ALA B 284 25.67 33.85 20.85
C ALA B 284 24.94 34.24 22.14
N ILE B 285 23.95 35.10 22.05
CA ILE B 285 23.22 35.49 23.27
C ILE B 285 21.71 35.42 23.02
N SER B 286 21.31 34.57 22.09
CA SER B 286 19.91 34.44 21.74
C SER B 286 19.21 33.60 22.79
N ASP B 287 18.21 34.20 23.43
CA ASP B 287 17.40 33.47 24.38
C ASP B 287 16.55 32.42 23.67
N LYS B 288 16.28 32.64 22.39
CA LYS B 288 15.43 31.71 21.67
C LYS B 288 16.17 30.37 21.43
N VAL B 289 17.48 30.42 21.23
CA VAL B 289 18.29 29.20 21.18
C VAL B 289 18.53 28.55 22.57
N TYR B 290 18.86 29.36 23.57
CA TYR B 290 19.22 28.83 24.88
C TYR B 290 18.02 28.38 25.70
N SER B 291 16.81 28.65 25.22
CA SER B 291 15.61 28.21 25.94
C SER B 291 15.02 26.92 25.38
N LEU B 292 15.65 26.38 24.33
CA LEU B 292 15.25 25.10 23.73
C LEU B 292 15.37 23.96 24.74
N PRO B 293 14.35 23.10 24.82
CA PRO B 293 14.47 21.94 25.70
C PRO B 293 15.67 21.07 25.36
N ASN B 294 16.45 20.74 26.39
CA ASN B 294 17.68 19.96 26.28
C ASN B 294 18.79 20.58 25.48
N ILE B 295 18.80 21.89 25.35
CA ILE B 295 19.90 22.53 24.63
C ILE B 295 21.17 22.30 25.44
N ASP B 296 21.04 22.17 26.75
CA ASP B 296 22.21 22.06 27.63
C ASP B 296 22.95 20.74 27.46
N SER B 297 22.48 19.93 26.53
CA SER B 297 23.03 18.62 26.31
C SER B 297 23.90 18.59 25.07
N ILE B 298 23.94 19.70 24.34
CA ILE B 298 24.72 19.72 23.11
C ILE B 298 26.19 19.92 23.45
N GLY B 299 26.48 20.27 24.69
CA GLY B 299 27.86 20.40 25.14
C GLY B 299 28.29 21.84 25.39
N THR B 300 29.48 22.19 24.92
CA THR B 300 30.07 23.49 25.20
C THR B 300 29.78 24.52 24.10
N VAL B 301 29.28 25.68 24.49
CA VAL B 301 29.01 26.76 23.55
C VAL B 301 29.91 27.95 23.86
N ILE B 302 30.74 28.33 22.89
CA ILE B 302 31.63 29.47 23.02
C ILE B 302 31.26 30.51 21.99
N GLY B 303 31.13 31.76 22.43
CA GLY B 303 30.63 32.79 21.55
C GLY B 303 31.42 34.08 21.51
N PHE B 304 31.21 34.82 20.43
CA PHE B 304 31.85 36.10 20.24
C PHE B 304 30.80 37.19 20.12
N ILE B 305 30.88 38.21 20.98
CA ILE B 305 29.97 39.35 20.85
C ILE B 305 30.75 40.66 20.91
N ASP B 306 30.13 41.74 20.45
CA ASP B 306 30.79 43.04 20.45
C ASP B 306 31.11 43.52 21.85
N GLU B 307 32.30 44.11 22.00
CA GLU B 307 32.68 44.76 23.25
C GLU B 307 31.99 46.12 23.32
N THR B 308 30.95 46.19 24.15
CA THR B 308 30.08 47.37 24.25
C THR B 308 30.02 47.90 25.68
N GLU B 309 29.72 49.20 25.83
CA GLU B 309 29.37 49.70 27.15
C GLU B 309 27.98 49.25 27.48
N THR B 310 27.63 49.42 28.75
CA THR B 310 26.26 49.28 29.18
C THR B 310 25.65 50.65 29.40
N LEU B 311 24.52 50.90 28.76
CA LEU B 311 23.76 52.12 28.96
C LEU B 311 23.03 52.05 30.28
N GLU B 312 23.60 52.68 31.31
CA GLU B 312 23.01 52.60 32.64
C GLU B 312 21.64 53.27 32.73
N LEU B 313 21.37 54.22 31.84
CA LEU B 313 20.14 55.00 31.93
C LEU B 313 18.96 54.40 31.16
N LEU B 314 19.22 53.32 30.43
CA LEU B 314 18.21 52.75 29.54
C LEU B 314 16.95 52.25 30.26
N SER B 315 17.14 51.55 31.38
CA SER B 315 16.01 50.99 32.12
C SER B 315 15.23 52.04 32.90
N PRO B 316 15.92 52.99 33.57
CA PRO B 316 15.13 54.05 34.20
C PRO B 316 14.34 54.85 33.17
N PHE B 317 14.98 55.19 32.05
CA PHE B 317 14.32 55.89 30.96
C PHE B 317 13.07 55.14 30.47
N THR B 318 13.20 53.83 30.33
CA THR B 318 12.15 53.08 29.65
C THR B 318 10.93 52.87 30.55
N GLU B 319 11.12 52.85 31.87
CA GLU B 319 9.95 52.63 32.73
C GLU B 319 9.12 53.92 32.83
N VAL B 320 9.81 55.04 33.00
CA VAL B 320 9.17 56.34 32.89
C VAL B 320 8.39 56.45 31.58
N LEU B 321 9.05 56.10 30.47
CA LEU B 321 8.43 56.15 29.15
C LEU B 321 7.22 55.23 29.01
N PHE B 322 7.37 53.97 29.42
CA PHE B 322 6.30 52.99 29.32
C PHE B 322 5.17 53.30 30.29
N LYS B 323 5.44 54.20 31.23
CA LYS B 323 4.42 54.66 32.15
C LYS B 323 3.62 55.77 31.46
N LYS B 324 4.34 56.67 30.81
CA LYS B 324 3.73 57.76 30.06
C LYS B 324 2.93 57.25 28.85
N ILE B 325 3.37 56.15 28.26
CA ILE B 325 2.65 55.52 27.17
C ILE B 325 1.31 54.91 27.65
N HIS B 326 1.34 54.26 28.81
CA HIS B 326 0.14 53.67 29.41
C HIS B 326 -0.94 54.71 29.73
N GLU B 327 -0.52 55.84 30.27
CA GLU B 327 -1.41 56.94 30.62
C GLU B 327 -2.13 57.51 29.39
N ALA B 328 -1.40 57.60 28.29
CA ALA B 328 -1.90 58.22 27.05
C ALA B 328 -2.49 57.18 26.10
N SER B 329 -2.65 55.95 26.60
CA SER B 329 -3.12 54.83 25.80
C SER B 329 -4.51 54.97 25.13
N PRO B 330 -5.50 55.56 25.81
CA PRO B 330 -6.81 55.57 25.16
C PRO B 330 -6.89 56.39 23.87
N THR B 331 -5.86 57.19 23.57
CA THR B 331 -5.87 58.01 22.37
C THR B 331 -5.66 57.16 21.12
N TYR B 338 -0.15 53.70 8.66
CA TYR B 338 -0.08 52.63 9.65
C TYR B 338 1.14 52.79 10.61
N ASN B 339 1.43 51.69 11.33
CA ASN B 339 2.44 51.64 12.37
C ASN B 339 3.34 50.40 12.18
N PRO B 340 4.63 50.51 12.55
CA PRO B 340 5.57 49.37 12.56
C PRO B 340 5.32 48.36 13.67
N CYS B 341 4.46 48.69 14.61
CA CYS B 341 4.17 47.80 15.71
C CYS B 341 2.83 48.17 16.34
N PRO B 342 1.73 47.77 15.69
CA PRO B 342 0.37 48.13 16.12
C PRO B 342 0.12 47.88 17.62
N GLU B 343 0.55 46.74 18.15
CA GLU B 343 0.24 46.38 19.54
C GLU B 343 1.13 47.07 20.59
N CYS B 344 1.95 48.02 20.16
CA CYS B 344 2.80 48.74 21.10
C CYS B 344 2.03 49.82 21.85
N TRP B 345 0.77 50.01 21.46
CA TRP B 345 -0.11 50.97 22.15
C TRP B 345 -0.33 50.56 23.60
N SER B 346 -0.37 49.26 23.86
CA SER B 346 -0.68 48.74 25.18
C SER B 346 0.57 48.40 26.00
N LEU B 347 1.68 49.07 25.72
CA LEU B 347 2.89 48.90 26.50
C LEU B 347 2.70 49.43 27.92
N SER B 348 3.11 48.65 28.91
CA SER B 348 2.99 49.05 30.31
C SER B 348 4.36 49.01 30.96
N PRO B 349 4.48 49.48 32.22
CA PRO B 349 5.73 49.28 32.98
C PRO B 349 6.09 47.80 33.17
N ALA B 350 5.10 46.93 32.94
CA ALA B 350 5.32 45.49 32.99
C ALA B 350 6.21 45.04 31.83
N ASN B 351 6.32 45.89 30.81
CA ASN B 351 7.02 45.53 29.58
C ASN B 351 8.46 46.05 29.52
N VAL B 352 8.94 46.59 30.65
CA VAL B 352 10.31 47.13 30.70
C VAL B 352 11.39 46.05 30.56
N SER B 353 10.99 44.79 30.57
CA SER B 353 11.96 43.72 30.40
C SER B 353 12.51 43.72 28.97
N LEU B 354 11.81 44.38 28.05
CA LEU B 354 12.29 44.50 26.67
C LEU B 354 13.68 45.10 26.58
N VAL B 355 14.03 45.97 27.51
CA VAL B 355 15.36 46.55 27.49
C VAL B 355 16.26 45.90 28.53
N LYS B 356 15.70 45.03 29.37
CA LYS B 356 16.51 44.34 30.39
C LYS B 356 17.00 42.98 29.89
N GLU B 357 16.43 42.52 28.79
CA GLU B 357 16.89 41.31 28.13
C GLU B 357 18.36 41.46 27.76
N GLU B 358 19.14 40.41 27.97
CA GLU B 358 20.58 40.55 27.91
C GLU B 358 21.06 40.84 26.50
N SER B 359 20.26 40.48 25.49
CA SER B 359 20.67 40.67 24.10
C SER B 359 20.43 42.12 23.63
N VAL B 360 19.50 42.81 24.29
CA VAL B 360 19.32 44.24 24.07
C VAL B 360 20.35 45.04 24.89
N GLN B 361 20.41 44.74 26.18
CA GLN B 361 21.38 45.32 27.11
C GLN B 361 22.81 45.30 26.59
N ARG B 362 23.20 44.20 25.96
CA ARG B 362 24.58 44.07 25.51
C ARG B 362 24.80 44.51 24.05
N THR B 363 23.74 44.99 23.38
CA THR B 363 23.93 45.58 22.05
C THR B 363 23.38 47.01 21.96
N ALA B 364 22.74 47.47 23.02
CA ALA B 364 22.14 48.80 23.03
C ALA B 364 23.12 49.89 22.61
N PHE B 365 24.37 49.78 23.04
CA PHE B 365 25.36 50.83 22.80
C PHE B 365 25.63 51.05 21.32
N SER B 366 25.61 49.97 20.55
CA SER B 366 25.72 50.06 19.11
C SER B 366 24.67 51.02 18.54
N VAL B 367 23.45 50.92 19.04
CA VAL B 367 22.37 51.77 18.57
C VAL B 367 22.58 53.21 19.02
N TYR B 368 22.86 53.35 20.31
CA TYR B 368 23.16 54.62 20.97
C TYR B 368 24.31 55.39 20.29
N ALA B 369 25.36 54.66 19.91
CA ALA B 369 26.57 55.27 19.37
C ALA B 369 26.36 55.70 17.93
N ALA B 370 25.43 55.04 17.26
CA ALA B 370 25.08 55.42 15.91
C ALA B 370 24.41 56.79 15.96
N VAL B 371 23.41 56.91 16.82
CA VAL B 371 22.64 58.15 16.87
C VAL B 371 23.54 59.29 17.30
N TYR B 372 24.35 59.07 18.33
CA TYR B 372 25.24 60.12 18.79
C TYR B 372 26.30 60.47 17.78
N THR B 373 26.65 59.52 16.92
CA THR B 373 27.66 59.79 15.90
C THR B 373 27.12 60.83 14.93
N VAL B 374 25.94 60.58 14.39
CA VAL B 374 25.28 61.58 13.54
C VAL B 374 25.09 62.95 14.22
N ALA B 375 24.68 62.95 15.49
CA ALA B 375 24.44 64.20 16.20
C ALA B 375 25.72 65.02 16.35
N HIS B 376 26.84 64.36 16.64
CA HIS B 376 28.08 65.11 16.81
C HIS B 376 28.52 65.66 15.47
N ALA B 377 28.46 64.80 14.45
CA ALA B 377 28.74 65.21 13.09
C ALA B 377 27.89 66.42 12.70
N LEU B 378 26.59 66.36 12.98
CA LEU B 378 25.70 67.50 12.77
C LEU B 378 26.18 68.77 13.50
N HIS B 379 26.52 68.61 14.77
CA HIS B 379 27.03 69.71 15.57
C HIS B 379 28.24 70.35 14.89
N LYS B 380 29.12 69.55 14.31
CA LYS B 380 30.32 70.05 13.63
C LYS B 380 29.99 70.68 12.27
N LEU B 381 29.06 70.08 11.54
CA LEU B 381 28.63 70.62 10.26
C LEU B 381 27.98 71.99 10.42
N LEU B 382 27.08 72.09 11.39
CA LEU B 382 26.35 73.31 11.66
C LEU B 382 27.15 74.34 12.48
N GLU B 383 28.45 74.11 12.59
CA GLU B 383 29.35 75.03 13.27
C GLU B 383 28.88 75.40 14.68
N CYS B 384 28.26 74.44 15.35
CA CYS B 384 27.74 74.66 16.70
C CYS B 384 28.85 74.83 17.71
N ASN B 385 28.55 75.59 18.77
CA ASN B 385 29.29 75.50 20.01
C ASN B 385 28.29 75.20 21.12
N SER B 386 28.71 75.31 22.38
CA SER B 386 27.82 74.97 23.48
C SER B 386 26.60 75.91 23.54
N ALA B 387 26.72 77.06 22.90
CA ALA B 387 25.69 78.09 23.02
C ALA B 387 24.74 78.13 21.81
N ALA B 388 25.29 78.19 20.61
CA ALA B 388 24.46 78.35 19.42
C ALA B 388 25.00 77.59 18.23
N CYS B 389 24.15 77.44 17.21
CA CYS B 389 24.52 76.83 15.94
C CYS B 389 24.35 77.81 14.79
N LYS B 390 25.02 77.55 13.68
CA LYS B 390 24.69 78.26 12.44
C LYS B 390 23.50 77.56 11.82
N TRP B 391 22.36 77.66 12.48
CA TRP B 391 21.15 77.03 11.99
C TRP B 391 19.95 77.96 12.06
N SER B 392 19.04 77.80 11.12
CA SER B 392 17.75 78.49 11.14
C SER B 392 16.78 77.73 10.25
N SER B 393 15.51 78.10 10.29
CA SER B 393 14.48 77.41 9.50
C SER B 393 14.63 77.57 7.98
N SER B 394 15.73 78.18 7.54
CA SER B 394 15.98 78.34 6.11
C SER B 394 17.23 77.59 5.72
N THR B 395 17.89 76.99 6.70
CA THR B 395 19.07 76.19 6.44
C THR B 395 18.65 74.99 5.60
N ARG B 396 19.46 74.66 4.59
CA ARG B 396 19.19 73.49 3.76
C ARG B 396 20.25 72.45 4.01
N LEU B 397 19.86 71.32 4.58
CA LEU B 397 20.81 70.25 4.89
C LEU B 397 20.83 69.17 3.84
N TYR B 398 21.97 69.04 3.17
CA TYR B 398 22.14 67.94 2.21
C TYR B 398 22.93 66.81 2.83
N PRO B 399 22.45 65.58 2.63
CA PRO B 399 23.16 64.42 3.18
C PRO B 399 24.62 64.39 2.75
N TRP B 400 24.94 64.57 1.47
CA TRP B 400 26.34 64.51 1.01
C TRP B 400 27.27 65.45 1.80
N LYS B 401 26.73 66.57 2.28
CA LYS B 401 27.50 67.47 3.13
C LYS B 401 27.79 66.83 4.49
N LEU B 402 26.80 66.13 5.04
CA LEU B 402 26.97 65.49 6.33
C LEU B 402 28.00 64.34 6.22
N LEU B 403 27.92 63.61 5.13
CA LEU B 403 28.86 62.53 4.86
C LEU B 403 30.29 63.01 4.87
N GLU B 404 30.53 64.18 4.27
CA GLU B 404 31.86 64.77 4.25
C GLU B 404 32.44 64.89 5.67
N VAL B 405 31.59 65.20 6.64
CA VAL B 405 32.01 65.32 8.03
C VAL B 405 32.29 63.95 8.67
N LEU B 406 31.46 62.96 8.35
CA LEU B 406 31.55 61.64 8.97
C LEU B 406 32.73 60.82 8.54
N LYS B 407 33.29 61.13 7.37
CA LYS B 407 34.45 60.40 6.90
C LYS B 407 35.56 60.47 7.96
N GLU B 408 36.07 59.29 8.31
CA GLU B 408 37.11 59.11 9.33
C GLU B 408 36.81 59.89 10.60
N PHE B 409 35.62 59.69 11.15
CA PHE B 409 35.16 60.52 12.26
C PHE B 409 35.70 60.03 13.58
N SER B 410 36.02 60.97 14.47
CA SER B 410 36.39 60.63 15.84
C SER B 410 35.41 61.30 16.76
N VAL B 411 35.03 60.59 17.81
CA VAL B 411 34.09 61.14 18.75
C VAL B 411 34.18 60.33 20.03
N ASN B 412 34.08 61.00 21.18
CA ASN B 412 33.95 60.24 22.41
C ASN B 412 32.48 60.05 22.62
N ILE B 413 32.10 58.87 23.07
CA ILE B 413 30.70 58.61 23.36
C ILE B 413 30.62 57.86 24.68
N SER B 414 30.11 58.56 25.70
CA SER B 414 30.15 58.08 27.07
C SER B 414 31.62 57.84 27.46
N ASN B 415 32.05 56.59 27.49
CA ASN B 415 33.44 56.31 27.84
C ASN B 415 34.23 55.62 26.70
N THR B 416 33.69 55.67 25.50
CA THR B 416 34.31 55.03 24.32
C THR B 416 34.88 56.05 23.33
N SER B 417 36.13 55.84 22.96
CA SER B 417 36.75 56.56 21.86
C SER B 417 36.40 55.86 20.56
N LEU B 418 35.33 56.32 19.93
CA LEU B 418 34.92 55.75 18.67
C LEU B 418 35.64 56.42 17.51
N LYS B 419 36.23 55.60 16.64
CA LYS B 419 37.00 56.05 15.49
C LYS B 419 36.64 55.21 14.27
N PHE B 420 36.10 55.84 13.24
CA PHE B 420 35.80 55.12 12.01
C PHE B 420 37.02 55.16 11.08
N ASP B 421 37.36 54.04 10.45
CA ASP B 421 38.41 54.09 9.44
C ASP B 421 37.81 54.38 8.06
N GLN B 422 38.68 54.48 7.05
CA GLN B 422 38.25 54.83 5.70
C GLN B 422 37.23 53.86 5.10
N ASN B 423 36.94 52.77 5.80
CA ASN B 423 35.93 51.84 5.32
C ASN B 423 34.57 52.08 5.96
N GLY B 424 34.58 52.75 7.11
CA GLY B 424 33.37 52.93 7.89
C GLY B 424 33.30 51.97 9.06
N ASN B 425 34.35 51.17 9.20
CA ASN B 425 34.49 50.25 10.31
C ASN B 425 34.99 50.93 11.58
N PRO B 426 34.39 50.58 12.72
CA PRO B 426 34.77 51.11 14.03
C PRO B 426 35.93 50.38 14.68
N ASN B 427 36.57 51.06 15.63
CA ASN B 427 37.61 50.46 16.45
C ASN B 427 37.03 49.72 17.65
N ILE B 428 36.06 48.84 17.37
CA ILE B 428 35.37 48.09 18.39
C ILE B 428 35.81 46.63 18.28
N GLY B 429 36.10 46.00 19.42
CA GLY B 429 36.53 44.61 19.46
C GLY B 429 35.43 43.64 19.90
N TYR B 430 35.84 42.47 20.42
CA TYR B 430 34.90 41.44 20.85
C TYR B 430 35.11 40.98 22.29
N SER B 431 34.00 40.62 22.94
CA SER B 431 34.06 39.81 24.15
C SER B 431 33.80 38.35 23.81
N VAL B 432 34.58 37.47 24.44
CA VAL B 432 34.40 36.03 24.27
C VAL B 432 33.62 35.48 25.46
N ILE B 433 32.54 34.79 25.16
CA ILE B 433 31.71 34.28 26.23
C ILE B 433 31.48 32.79 26.13
N GLN B 434 31.08 32.22 27.24
CA GLN B 434 30.73 30.82 27.31
C GLN B 434 29.33 30.74 27.88
N ARG B 435 28.52 29.81 27.38
CA ARG B 435 27.20 29.60 27.95
C ARG B 435 27.28 28.63 29.14
N ILE B 436 26.90 29.10 30.33
CA ILE B 436 26.91 28.24 31.51
C ILE B 436 25.52 27.67 31.82
N TRP B 437 25.33 26.37 31.59
CA TRP B 437 23.99 25.78 31.57
C TRP B 437 23.27 25.78 32.92
N GLU B 438 24.00 25.61 34.03
CA GLU B 438 23.41 25.58 35.38
C GLU B 438 22.72 26.89 35.78
N ASN B 439 23.40 28.01 35.61
CA ASN B 439 22.78 29.32 35.81
C ASN B 439 21.86 29.78 34.71
N GLN B 440 21.96 29.14 33.56
CA GLN B 440 21.51 29.76 32.32
C GLN B 440 22.11 31.15 32.24
N SER B 441 23.43 31.22 32.35
CA SER B 441 24.14 32.49 32.27
C SER B 441 25.24 32.47 31.22
N LEU B 442 25.85 33.64 31.05
CA LEU B 442 27.01 33.80 30.18
C LEU B 442 28.19 34.27 31.01
N SER B 443 29.31 33.56 30.94
CA SER B 443 30.52 34.03 31.60
C SER B 443 31.53 34.61 30.61
N SER B 444 32.32 35.57 31.08
CA SER B 444 33.40 36.14 30.30
C SER B 444 34.65 35.30 30.38
N VAL B 445 35.28 35.04 29.24
CA VAL B 445 36.48 34.20 29.24
C VAL B 445 37.66 34.85 28.53
N GLY B 446 37.41 35.99 27.89
CA GLY B 446 38.49 36.74 27.27
C GLY B 446 37.99 37.79 26.29
N SER B 447 38.92 38.38 25.53
CA SER B 447 38.52 39.41 24.57
C SER B 447 39.37 39.40 23.29
N TYR B 448 38.96 40.20 22.31
CA TYR B 448 39.69 40.34 21.05
C TYR B 448 39.76 41.83 20.70
N ARG B 449 40.94 42.43 20.88
CA ARG B 449 41.12 43.84 20.58
C ARG B 449 42.27 44.01 19.60
N SER B 450 42.01 44.78 18.53
CA SER B 450 42.88 44.83 17.34
C SER B 450 42.82 43.49 16.62
N ALA B 451 43.95 42.78 16.58
CA ALA B 451 43.95 41.43 16.02
C ALA B 451 44.48 40.42 17.05
N ASN B 452 44.36 40.79 18.32
CA ASN B 452 44.88 39.95 19.38
C ASN B 452 43.75 39.35 20.20
N LEU B 453 43.54 38.05 20.00
CA LEU B 453 42.64 37.33 20.85
C LEU B 453 43.38 37.16 22.16
N SER B 454 42.65 37.22 23.27
CA SER B 454 43.26 37.12 24.56
C SER B 454 42.30 36.40 25.50
N ILE B 455 42.48 35.11 25.64
CA ILE B 455 41.63 34.33 26.55
C ILE B 455 42.42 33.67 27.68
N ASN B 456 41.71 33.35 28.74
CA ASN B 456 42.27 32.59 29.88
C ASN B 456 41.69 31.17 29.91
N GLU B 457 42.46 30.20 29.43
CA GLU B 457 41.95 28.85 29.24
C GLU B 457 41.42 28.27 30.55
N THR B 458 41.94 28.77 31.66
CA THR B 458 41.54 28.31 32.99
C THR B 458 40.09 28.66 33.33
N LEU B 459 39.57 29.70 32.70
CA LEU B 459 38.20 30.11 32.97
C LEU B 459 37.16 29.29 32.23
N PHE B 460 37.61 28.42 31.31
CA PHE B 460 36.68 27.67 30.47
C PHE B 460 36.11 26.44 31.19
N LYS B 461 34.80 26.25 31.06
CA LYS B 461 34.15 25.07 31.60
C LYS B 461 33.87 24.09 30.47
N TRP B 462 34.34 22.86 30.61
CA TRP B 462 34.19 21.90 29.53
C TRP B 462 33.06 20.93 29.82
N TYR B 463 31.99 21.06 29.05
CA TYR B 463 30.85 20.20 29.27
C TYR B 463 31.07 18.87 28.59
N THR B 464 31.80 18.00 29.28
CA THR B 464 32.15 16.69 28.75
C THR B 464 32.04 15.67 29.87
N ASN B 465 32.40 14.41 29.56
CA ASN B 465 32.25 13.32 30.53
C ASN B 465 33.11 13.48 31.77
N ASN B 466 34.33 14.01 31.62
CA ASN B 466 35.25 14.14 32.76
C ASN B 466 35.59 15.60 33.05
N SER B 467 34.79 16.51 32.50
CA SER B 467 34.99 17.95 32.64
C SER B 467 36.36 18.41 32.14
N GLU B 468 36.80 17.81 31.04
CA GLU B 468 38.05 18.17 30.43
C GLU B 468 37.91 18.54 28.96
N LYS B 469 38.78 19.44 28.50
CA LYS B 469 38.73 19.93 27.13
C LYS B 469 38.72 18.78 26.14
N PRO B 470 37.71 18.73 25.26
CA PRO B 470 37.62 17.76 24.15
C PRO B 470 38.94 17.61 23.45
N GLU B 471 39.43 16.35 23.36
CA GLU B 471 40.80 16.02 22.97
C GLU B 471 41.83 16.42 24.03
N THR C 6 -3.19 17.50 19.40
CA THR C 6 -3.59 16.40 20.30
C THR C 6 -5.07 16.04 20.14
N SER C 7 -5.32 14.88 19.56
CA SER C 7 -6.66 14.52 19.15
C SER C 7 -6.93 13.07 19.50
N GLU C 8 -8.20 12.75 19.76
CA GLU C 8 -8.60 11.41 20.16
C GLU C 8 -8.39 10.36 19.07
N PHE C 9 -8.18 10.81 17.83
CA PHE C 9 -8.15 9.88 16.71
C PHE C 9 -6.75 9.41 16.38
N HIS C 10 -5.77 10.07 16.96
CA HIS C 10 -4.38 9.80 16.62
C HIS C 10 -3.56 9.76 17.88
N LEU C 11 -2.66 8.79 17.92
CA LEU C 11 -1.73 8.64 19.02
C LEU C 11 -0.43 8.14 18.42
N ARG C 12 0.67 8.81 18.71
CA ARG C 12 1.93 8.36 18.15
C ARG C 12 2.40 7.12 18.91
N GLY C 13 3.25 6.32 18.28
CA GLY C 13 3.79 5.15 18.93
C GLY C 13 4.81 4.47 18.03
N ASP C 14 5.55 3.52 18.58
CA ASP C 14 6.52 2.77 17.79
C ASP C 14 5.84 2.01 16.64
N TYR C 15 4.61 1.57 16.88
CA TYR C 15 3.84 0.83 15.92
C TYR C 15 2.37 1.27 15.97
N LEU C 16 1.72 1.45 14.81
CA LEU C 16 0.35 1.95 14.79
C LEU C 16 -0.65 0.86 14.46
N ILE C 17 -1.77 0.89 15.16
CA ILE C 17 -2.96 0.12 14.82
C ILE C 17 -3.99 1.02 14.12
N GLY C 18 -4.57 0.54 13.02
CA GLY C 18 -5.71 1.24 12.45
C GLY C 18 -7.00 0.97 13.22
N GLY C 19 -7.86 1.99 13.30
CA GLY C 19 -9.17 1.80 13.89
C GLY C 19 -10.29 2.32 13.00
N LEU C 20 -11.11 1.42 12.50
CA LEU C 20 -12.24 1.85 11.70
C LEU C 20 -13.53 1.85 12.53
N PHE C 21 -14.08 3.03 12.80
CA PHE C 21 -15.36 3.10 13.50
C PHE C 21 -16.33 3.95 12.71
N ASN C 22 -17.55 4.06 13.22
CA ASN C 22 -18.53 4.91 12.55
C ASN C 22 -19.36 5.55 13.64
N ILE C 23 -18.98 6.75 14.07
CA ILE C 23 -19.64 7.35 15.22
C ILE C 23 -20.75 8.28 14.78
N HIS C 24 -20.82 8.53 13.47
CA HIS C 24 -22.00 9.21 12.93
C HIS C 24 -22.70 8.36 11.88
N TYR C 25 -24.02 8.56 11.75
CA TYR C 25 -24.83 7.90 10.74
C TYR C 25 -25.39 8.90 9.75
N VAL C 26 -25.36 8.54 8.48
CA VAL C 26 -26.03 9.31 7.44
C VAL C 26 -26.60 8.37 6.39
N ALA C 27 -27.78 8.70 5.87
CA ALA C 27 -28.33 7.96 4.73
C ALA C 27 -27.49 8.21 3.51
N ALA C 28 -27.35 7.19 2.67
CA ALA C 28 -26.66 7.30 1.40
C ALA C 28 -27.22 8.45 0.54
N ALA C 29 -26.35 9.06 -0.24
CA ALA C 29 -26.73 10.19 -1.03
C ALA C 29 -25.84 10.25 -2.27
N ASN C 30 -26.30 10.94 -3.31
CA ASN C 30 -25.49 11.05 -4.49
C ASN C 30 -24.38 12.07 -4.23
N PHE C 31 -23.38 12.04 -5.10
CA PHE C 31 -22.27 12.98 -4.98
C PHE C 31 -21.63 13.11 -6.35
N GLN C 32 -20.91 14.20 -6.55
CA GLN C 32 -20.45 14.53 -7.89
C GLN C 32 -18.99 14.98 -7.88
N ARG C 33 -18.36 14.92 -6.71
CA ARG C 33 -16.93 15.14 -6.61
C ARG C 33 -16.31 13.98 -5.85
N PRO C 34 -15.07 13.63 -6.18
CA PRO C 34 -14.43 12.50 -5.51
C PRO C 34 -13.71 12.95 -4.23
N GLN C 35 -14.42 12.95 -3.11
CA GLN C 35 -13.86 13.48 -1.88
C GLN C 35 -14.48 12.91 -0.62
N ALA C 36 -13.79 13.10 0.49
CA ALA C 36 -14.26 12.62 1.78
C ALA C 36 -15.53 13.37 2.21
N ILE C 37 -16.35 12.72 3.03
CA ILE C 37 -17.57 13.31 3.56
C ILE C 37 -17.30 13.91 4.93
N ASP C 38 -17.95 15.04 5.22
CA ASP C 38 -17.93 15.57 6.58
C ASP C 38 -18.98 14.87 7.47
N CYS C 39 -18.58 13.78 8.11
CA CYS C 39 -19.47 13.00 8.97
C CYS C 39 -19.82 13.68 10.29
N SER C 40 -18.94 14.57 10.75
CA SER C 40 -19.10 15.23 12.04
C SER C 40 -20.38 16.08 12.18
N SER C 41 -21.02 16.41 11.06
CA SER C 41 -22.27 17.16 11.12
C SER C 41 -23.50 16.25 11.07
N LYS C 42 -23.28 14.96 10.90
CA LYS C 42 -24.39 14.03 10.81
C LYS C 42 -24.93 13.61 12.19
N LEU C 43 -25.65 12.48 12.23
CA LEU C 43 -26.30 12.00 13.45
C LEU C 43 -25.36 11.18 14.36
N PHE C 44 -25.14 11.68 15.58
CA PHE C 44 -24.25 11.02 16.54
C PHE C 44 -24.79 9.69 16.99
N ILE C 45 -23.91 8.70 17.11
CA ILE C 45 -24.33 7.40 17.60
C ILE C 45 -23.63 7.08 18.90
N LEU C 46 -24.32 7.31 20.02
CA LEU C 46 -23.76 7.04 21.34
C LEU C 46 -23.07 5.65 21.48
N PRO C 47 -23.77 4.55 21.20
CA PRO C 47 -23.09 3.28 21.49
C PRO C 47 -21.88 2.96 20.59
N ASN C 48 -21.82 3.51 19.38
CA ASN C 48 -20.66 3.29 18.50
C ASN C 48 -19.46 4.07 19.05
N TYR C 49 -19.74 5.25 19.59
CA TYR C 49 -18.71 6.07 20.21
C TYR C 49 -18.13 5.41 21.47
N ARG C 50 -18.98 4.69 22.20
CA ARG C 50 -18.54 3.93 23.36
C ARG C 50 -17.51 2.88 22.93
N ARG C 51 -17.76 2.18 21.82
CA ARG C 51 -16.83 1.16 21.33
C ARG C 51 -15.52 1.79 20.86
N PHE C 52 -15.64 2.96 20.23
CA PHE C 52 -14.51 3.78 19.83
C PHE C 52 -13.60 4.06 21.03
N GLN C 53 -14.22 4.53 22.12
CA GLN C 53 -13.47 4.80 23.35
C GLN C 53 -12.83 3.51 23.87
N MET C 54 -13.56 2.41 23.80
CA MET C 54 -13.07 1.13 24.25
C MET C 54 -11.75 0.79 23.59
N MET C 55 -11.62 1.11 22.29
CA MET C 55 -10.34 0.86 21.63
C MET C 55 -9.27 1.81 22.18
N ARG C 56 -9.65 3.06 22.45
CA ARG C 56 -8.70 3.99 23.03
C ARG C 56 -8.29 3.49 24.41
N PHE C 57 -9.27 2.98 25.14
CA PHE C 57 -9.02 2.43 26.46
C PHE C 57 -8.07 1.21 26.41
N SER C 58 -8.32 0.28 25.49
CA SER C 58 -7.48 -0.90 25.38
C SER C 58 -6.01 -0.57 25.12
N VAL C 59 -5.74 0.41 24.26
CA VAL C 59 -4.36 0.78 23.91
C VAL C 59 -3.63 1.45 25.08
N GLU C 60 -4.33 2.36 25.75
CA GLU C 60 -3.73 3.04 26.90
C GLU C 60 -3.38 2.01 27.98
N GLU C 61 -4.26 1.04 28.22
CA GLU C 61 -3.99 0.01 29.22
C GLU C 61 -2.73 -0.82 28.86
N ILE C 62 -2.62 -1.25 27.61
CA ILE C 62 -1.42 -1.93 27.13
C ILE C 62 -0.15 -1.08 27.21
N ASN C 63 -0.22 0.18 26.79
CA ASN C 63 0.91 1.08 26.97
C ASN C 63 1.24 1.29 28.46
N ASN C 64 0.24 1.21 29.32
CA ASN C 64 0.45 1.32 30.75
C ASN C 64 1.14 0.10 31.35
N SER C 65 1.00 -1.05 30.67
CA SER C 65 1.60 -2.31 31.11
C SER C 65 3.09 -2.40 30.79
N SER C 66 3.87 -2.93 31.73
CA SER C 66 5.31 -3.14 31.55
C SER C 66 5.58 -4.62 31.29
N SER C 67 4.48 -5.35 31.15
CA SER C 67 4.48 -6.78 30.95
C SER C 67 4.28 -7.08 29.46
N LEU C 68 3.13 -6.66 28.95
CA LEU C 68 2.82 -6.79 27.54
C LEU C 68 3.40 -5.63 26.75
N LEU C 69 4.20 -5.93 25.72
CA LEU C 69 4.98 -4.95 24.97
C LEU C 69 5.75 -4.01 25.89
N PRO C 70 6.76 -4.53 26.59
CA PRO C 70 7.61 -3.73 27.48
C PRO C 70 8.51 -2.74 26.72
N ASN C 71 8.29 -1.45 26.97
CA ASN C 71 9.01 -0.36 26.32
C ASN C 71 8.82 -0.27 24.78
N VAL C 72 7.73 -0.83 24.29
CA VAL C 72 7.30 -0.61 22.92
C VAL C 72 5.92 0.02 22.97
N SER C 73 5.76 1.16 22.30
CA SER C 73 4.53 1.93 22.41
C SER C 73 3.53 1.65 21.28
N LEU C 74 2.27 1.46 21.65
CA LEU C 74 1.20 1.36 20.67
C LEU C 74 0.58 2.71 20.40
N GLY C 75 0.57 3.13 19.14
CA GLY C 75 -0.21 4.30 18.75
C GLY C 75 -1.39 3.90 17.90
N TYR C 76 -2.17 4.86 17.39
CA TYR C 76 -3.24 4.50 16.46
C TYR C 76 -3.61 5.62 15.51
N GLN C 77 -4.32 5.24 14.45
CA GLN C 77 -4.96 6.15 13.53
C GLN C 77 -6.38 5.72 13.48
N MET C 78 -7.27 6.46 14.13
CA MET C 78 -8.65 6.05 14.07
C MET C 78 -9.48 6.91 13.14
N PHE C 79 -10.54 6.32 12.60
CA PHE C 79 -11.40 6.99 11.63
C PHE C 79 -12.89 6.80 11.91
N ASP C 80 -13.65 7.83 11.58
CA ASP C 80 -15.11 7.82 11.66
C ASP C 80 -15.70 7.81 10.24
N HIS C 81 -16.07 6.62 9.78
CA HIS C 81 -16.62 6.46 8.44
C HIS C 81 -18.13 6.25 8.42
N CYS C 82 -18.89 7.33 8.32
CA CYS C 82 -20.34 7.22 8.25
C CYS C 82 -20.81 6.67 6.90
N SER C 83 -19.90 6.67 5.92
CA SER C 83 -20.17 6.16 4.57
C SER C 83 -19.07 5.21 4.11
N ASP C 84 -19.46 4.03 3.66
CA ASP C 84 -18.49 3.03 3.17
C ASP C 84 -17.81 3.45 1.85
N ILE C 85 -18.60 3.94 0.89
CA ILE C 85 -18.04 4.44 -0.39
C ILE C 85 -16.98 5.51 -0.19
N HIS C 86 -17.05 6.25 0.93
CA HIS C 86 -16.15 7.40 1.13
C HIS C 86 -15.06 7.15 2.15
N SER C 87 -14.88 5.89 2.53
CA SER C 87 -13.91 5.57 3.55
C SER C 87 -12.49 5.32 3.02
N PHE C 88 -12.34 5.27 1.70
CA PHE C 88 -11.04 4.89 1.14
C PHE C 88 -9.82 5.78 1.52
N PRO C 89 -10.00 7.10 1.74
CA PRO C 89 -8.79 7.84 2.09
C PRO C 89 -8.15 7.39 3.41
N GLY C 90 -8.96 7.17 4.43
CA GLY C 90 -8.45 6.63 5.67
C GLY C 90 -7.90 5.23 5.50
N ILE C 91 -8.49 4.44 4.60
CA ILE C 91 -7.93 3.12 4.26
C ILE C 91 -6.55 3.25 3.61
N PHE C 92 -6.41 4.20 2.68
CA PHE C 92 -5.12 4.38 2.00
C PHE C 92 -4.04 4.81 2.98
N LYS C 93 -4.37 5.75 3.86
CA LYS C 93 -3.41 6.20 4.85
C LYS C 93 -2.84 5.03 5.65
N LEU C 94 -3.70 4.13 6.13
CA LEU C 94 -3.22 2.97 6.88
C LEU C 94 -2.25 2.09 6.10
N LEU C 95 -2.45 2.02 4.79
CA LEU C 95 -1.69 1.09 3.96
C LEU C 95 -0.47 1.69 3.29
N SER C 96 -0.31 2.99 3.42
CA SER C 96 0.66 3.72 2.64
C SER C 96 2.04 3.82 3.29
N VAL C 97 3.04 4.14 2.47
CA VAL C 97 4.35 4.55 2.93
C VAL C 97 4.63 5.95 2.39
N ASN C 98 4.91 6.90 3.28
CA ASN C 98 5.19 8.27 2.88
C ASN C 98 3.97 8.91 2.22
N ASP C 99 2.80 8.55 2.74
CA ASP C 99 1.51 8.88 2.11
C ASP C 99 1.45 8.59 0.61
N LEU C 100 2.13 7.51 0.21
CA LEU C 100 2.06 6.99 -1.15
C LEU C 100 1.58 5.55 -1.12
N ILE C 101 0.88 5.15 -2.16
CA ILE C 101 0.55 3.76 -2.33
C ILE C 101 1.10 3.27 -3.65
N ARG C 102 1.75 2.12 -3.59
CA ARG C 102 2.28 1.46 -4.76
C ARG C 102 1.52 0.15 -4.99
N PRO C 103 0.64 0.14 -6.00
CA PRO C 103 -0.31 -0.94 -6.29
C PRO C 103 0.30 -2.34 -6.34
N TRP C 104 1.54 -2.43 -6.77
CA TRP C 104 2.11 -3.71 -7.15
C TRP C 104 3.11 -4.29 -6.18
N GLU C 105 3.89 -3.45 -5.50
CA GLU C 105 4.93 -4.00 -4.64
C GLU C 105 4.36 -4.26 -3.26
N ASP C 106 4.44 -5.54 -2.87
CA ASP C 106 3.96 -5.99 -1.58
C ASP C 106 5.10 -6.20 -0.57
N THR C 109 5.01 -8.03 2.30
CA THR C 109 6.39 -7.87 2.76
C THR C 109 6.81 -6.40 2.76
N GLY C 110 5.95 -5.54 3.30
CA GLY C 110 6.13 -4.10 3.17
C GLY C 110 6.23 -3.33 4.48
N LEU C 111 6.21 -2.00 4.37
CA LEU C 111 6.32 -1.15 5.55
C LEU C 111 5.19 -0.12 5.69
N PRO C 112 3.93 -0.59 5.78
CA PRO C 112 2.82 0.35 5.85
C PRO C 112 2.79 1.10 7.18
N ASN C 113 2.06 2.20 7.20
CA ASN C 113 1.91 3.04 8.37
C ASN C 113 1.46 2.19 9.57
N ALA C 114 0.48 1.34 9.33
CA ALA C 114 -0.09 0.54 10.38
C ALA C 114 0.33 -0.94 10.27
N ILE C 115 0.31 -1.67 11.39
CA ILE C 115 0.66 -3.07 11.38
C ILE C 115 -0.57 -3.96 11.31
N GLY C 116 -1.73 -3.33 11.47
CA GLY C 116 -2.99 -4.07 11.43
C GLY C 116 -4.10 -3.12 11.73
N VAL C 117 -5.33 -3.59 11.63
CA VAL C 117 -6.46 -2.71 11.80
C VAL C 117 -7.63 -3.40 12.52
N VAL C 118 -8.20 -2.67 13.46
CA VAL C 118 -9.38 -3.09 14.23
C VAL C 118 -10.61 -2.51 13.57
N GLY C 119 -11.54 -3.38 13.19
CA GLY C 119 -12.72 -2.92 12.46
C GLY C 119 -12.81 -3.60 11.11
N PRO C 120 -13.86 -3.26 10.33
CA PRO C 120 -14.87 -2.31 10.78
C PRO C 120 -15.99 -2.98 11.59
N PHE C 121 -17.08 -2.27 11.77
CA PHE C 121 -18.21 -2.73 12.57
C PHE C 121 -19.23 -3.49 11.71
N THR C 122 -19.63 -2.91 10.58
CA THR C 122 -20.69 -3.49 9.78
C THR C 122 -20.17 -4.28 8.57
N SER C 123 -20.96 -5.27 8.15
CA SER C 123 -20.58 -6.10 7.01
C SER C 123 -20.45 -5.28 5.73
N THR C 124 -21.30 -4.27 5.56
CA THR C 124 -21.24 -3.48 4.35
C THR C 124 -19.89 -2.78 4.25
N HIS C 125 -19.42 -2.17 5.34
CA HIS C 125 -18.10 -1.56 5.34
C HIS C 125 -17.01 -2.57 4.94
N ALA C 126 -16.97 -3.71 5.61
CA ALA C 126 -15.94 -4.70 5.34
C ALA C 126 -15.91 -5.11 3.87
N LEU C 127 -17.10 -5.30 3.29
CA LEU C 127 -17.21 -5.69 1.88
C LEU C 127 -16.61 -4.64 0.90
N SER C 128 -16.77 -3.35 1.20
CA SER C 128 -16.23 -2.27 0.38
C SER C 128 -14.71 -2.23 0.35
N ILE C 129 -14.09 -2.60 1.48
CA ILE C 129 -12.67 -2.34 1.67
C ILE C 129 -11.79 -3.59 1.89
N ALA C 130 -12.38 -4.72 2.30
CA ALA C 130 -11.54 -5.90 2.60
C ALA C 130 -10.57 -6.30 1.47
N PRO C 131 -11.06 -6.29 0.21
CA PRO C 131 -10.14 -6.70 -0.88
C PRO C 131 -8.82 -5.97 -0.88
N ILE C 132 -8.81 -4.69 -0.52
CA ILE C 132 -7.57 -3.92 -0.58
C ILE C 132 -6.64 -4.43 0.50
N PHE C 133 -7.19 -4.73 1.66
CA PHE C 133 -6.40 -5.33 2.72
C PHE C 133 -5.97 -6.77 2.42
N MET C 134 -6.89 -7.58 1.89
CA MET C 134 -6.63 -9.00 1.60
C MET C 134 -5.48 -9.19 0.62
N THR C 135 -5.37 -8.28 -0.36
CA THR C 135 -4.37 -8.40 -1.43
C THR C 135 -2.97 -8.42 -0.86
N ASN C 136 -2.75 -7.64 0.19
CA ASN C 136 -1.45 -7.53 0.82
C ASN C 136 -1.33 -8.40 2.08
N LEU C 137 -2.33 -9.24 2.32
CA LEU C 137 -2.44 -10.00 3.55
C LEU C 137 -2.26 -9.09 4.76
N PHE C 138 -2.85 -7.91 4.69
CA PHE C 138 -2.89 -7.01 5.82
C PHE C 138 -3.96 -7.48 6.78
N PRO C 139 -3.62 -7.65 8.06
CA PRO C 139 -4.61 -8.28 8.96
C PRO C 139 -5.72 -7.35 9.46
N MET C 140 -6.96 -7.69 9.17
CA MET C 140 -8.09 -7.00 9.78
C MET C 140 -8.71 -7.86 10.86
N VAL C 141 -8.97 -7.25 12.01
CA VAL C 141 -9.65 -7.92 13.10
C VAL C 141 -10.94 -7.15 13.39
N SER C 142 -12.05 -7.66 12.87
CA SER C 142 -13.31 -6.94 12.98
C SER C 142 -13.97 -7.19 14.34
N TYR C 143 -14.48 -6.14 14.96
CA TYR C 143 -15.16 -6.28 16.23
C TYR C 143 -16.65 -6.39 16.05
N GLY C 144 -17.11 -6.48 14.79
CA GLY C 144 -18.54 -6.53 14.56
C GLY C 144 -19.09 -7.23 13.33
N CYS C 145 -18.31 -7.31 12.27
CA CYS C 145 -18.81 -7.86 11.02
CA CYS C 145 -18.81 -7.87 11.00
C CYS C 145 -19.23 -9.32 11.18
N SER C 146 -20.51 -9.61 10.98
CA SER C 146 -20.98 -10.99 11.20
C SER C 146 -21.38 -11.72 9.92
N GLY C 147 -21.04 -11.15 8.77
CA GLY C 147 -21.37 -11.76 7.49
C GLY C 147 -20.73 -13.13 7.38
N SER C 148 -21.53 -14.13 7.06
CA SER C 148 -21.02 -15.50 6.99
C SER C 148 -19.97 -15.64 5.88
N VAL C 149 -20.02 -14.77 4.90
CA VAL C 149 -19.10 -14.86 3.79
C VAL C 149 -17.64 -14.71 4.22
N PHE C 150 -17.40 -14.09 5.39
CA PHE C 150 -16.03 -13.85 5.88
C PHE C 150 -15.38 -15.08 6.56
N SER C 151 -16.15 -16.15 6.72
CA SER C 151 -15.59 -17.40 7.20
C SER C 151 -14.85 -18.12 6.08
N LYS C 152 -14.88 -17.55 4.88
CA LYS C 152 -14.19 -18.17 3.76
C LYS C 152 -12.74 -17.66 3.61
N GLU C 153 -11.80 -18.54 3.92
CA GLU C 153 -10.38 -18.21 3.97
C GLU C 153 -9.84 -17.90 2.57
N ASN C 154 -10.40 -18.54 1.55
CA ASN C 154 -9.98 -18.31 0.17
C ASN C 154 -10.28 -16.90 -0.33
N LEU C 155 -11.35 -16.29 0.18
CA LEU C 155 -11.70 -14.93 -0.19
C LEU C 155 -11.11 -13.92 0.81
N TYR C 156 -11.08 -14.29 2.08
CA TYR C 156 -10.61 -13.36 3.11
C TYR C 156 -9.49 -13.98 3.96
N PRO C 157 -8.34 -14.22 3.33
CA PRO C 157 -7.22 -14.89 4.02
C PRO C 157 -6.68 -14.15 5.24
N SER C 158 -6.76 -12.82 5.29
CA SER C 158 -6.23 -12.09 6.44
C SER C 158 -7.30 -11.39 7.27
N PHE C 159 -8.54 -11.86 7.14
CA PHE C 159 -9.66 -11.32 7.89
C PHE C 159 -10.04 -12.23 9.06
N LEU C 160 -9.86 -11.72 10.28
CA LEU C 160 -10.36 -12.39 11.48
C LEU C 160 -11.44 -11.55 12.13
N ARG C 161 -12.10 -12.11 13.13
CA ARG C 161 -13.10 -11.37 13.88
C ARG C 161 -13.32 -11.96 15.27
N THR C 162 -13.84 -11.12 16.16
CA THR C 162 -14.01 -11.46 17.56
C THR C 162 -15.49 -11.55 17.92
N VAL C 163 -16.34 -11.44 16.89
CA VAL C 163 -17.74 -11.79 17.01
C VAL C 163 -18.06 -12.98 16.10
N HIS C 164 -19.17 -13.64 16.37
CA HIS C 164 -19.53 -14.84 15.65
C HIS C 164 -20.22 -14.58 14.30
N SER C 165 -20.24 -15.61 13.47
CA SER C 165 -20.94 -15.55 12.19
C SER C 165 -22.44 -15.39 12.39
N ASN C 166 -23.14 -14.93 11.36
CA ASN C 166 -24.58 -14.93 11.37
C ASN C 166 -25.14 -16.34 11.52
N LYS C 167 -24.40 -17.35 11.08
CA LYS C 167 -24.86 -18.72 11.26
C LYS C 167 -25.11 -19.08 12.73
N ASP C 168 -24.21 -18.70 13.62
CA ASP C 168 -24.38 -19.06 15.03
C ASP C 168 -25.60 -18.37 15.63
N VAL C 169 -25.76 -17.09 15.33
CA VAL C 169 -26.85 -16.30 15.87
C VAL C 169 -28.19 -16.81 15.34
N ILE C 170 -28.25 -17.05 14.04
CA ILE C 170 -29.42 -17.64 13.41
C ILE C 170 -29.82 -18.98 14.05
N ASN C 171 -28.83 -19.79 14.39
CA ASN C 171 -29.09 -21.03 15.09
C ASN C 171 -29.83 -20.79 16.39
N ALA C 172 -29.41 -19.77 17.14
CA ALA C 172 -30.05 -19.44 18.41
C ALA C 172 -31.47 -18.89 18.24
N ILE C 173 -31.69 -18.11 17.18
CA ILE C 173 -33.03 -17.55 16.95
C ILE C 173 -33.98 -18.71 16.68
N VAL C 174 -33.55 -19.63 15.82
CA VAL C 174 -34.29 -20.84 15.52
C VAL C 174 -34.54 -21.66 16.80
N GLY C 175 -33.53 -21.77 17.64
CA GLY C 175 -33.67 -22.39 18.94
C GLY C 175 -34.75 -21.75 19.81
N ILE C 176 -34.86 -20.42 19.79
CA ILE C 176 -35.89 -19.75 20.57
C ILE C 176 -37.26 -20.14 20.06
N ILE C 177 -37.42 -20.13 18.73
CA ILE C 177 -38.66 -20.47 18.08
C ILE C 177 -39.08 -21.91 18.37
N LEU C 178 -38.12 -22.83 18.31
CA LEU C 178 -38.42 -24.25 18.50
C LEU C 178 -38.85 -24.53 19.94
N ASN C 179 -38.45 -23.66 20.86
CA ASN C 179 -38.84 -23.83 22.25
C ASN C 179 -40.31 -23.49 22.47
N PHE C 180 -40.88 -22.70 21.57
CA PHE C 180 -42.28 -22.34 21.68
C PHE C 180 -43.07 -23.00 20.55
N ASN C 181 -44.38 -22.77 20.53
CA ASN C 181 -45.27 -23.62 19.73
C ASN C 181 -45.60 -23.07 18.36
N TRP C 182 -45.19 -21.83 18.09
CA TRP C 182 -45.53 -21.19 16.82
C TRP C 182 -44.58 -21.63 15.72
N ARG C 183 -45.14 -21.87 14.53
CA ARG C 183 -44.33 -22.39 13.43
C ARG C 183 -44.47 -21.55 12.16
N TRP C 184 -45.28 -20.50 12.21
CA TRP C 184 -45.27 -19.49 11.14
C TRP C 184 -44.54 -18.26 11.64
N VAL C 185 -43.51 -17.85 10.92
CA VAL C 185 -42.69 -16.70 11.30
C VAL C 185 -42.64 -15.66 10.18
N ALA C 186 -42.54 -14.40 10.58
CA ALA C 186 -42.17 -13.34 9.66
C ALA C 186 -40.72 -12.97 9.87
N PHE C 187 -40.00 -12.76 8.77
CA PHE C 187 -38.59 -12.40 8.86
C PHE C 187 -38.35 -11.02 8.24
N LEU C 188 -38.33 -9.99 9.08
CA LEU C 188 -37.95 -8.65 8.63
C LEU C 188 -36.45 -8.48 8.80
N TYR C 189 -35.77 -8.16 7.71
CA TYR C 189 -34.33 -7.99 7.74
C TYR C 189 -33.93 -6.67 7.11
N SER C 190 -32.83 -6.09 7.59
CA SER C 190 -32.30 -4.85 7.02
C SER C 190 -31.90 -5.02 5.54
N ASP C 191 -32.27 -4.03 4.74
CA ASP C 191 -31.96 -4.05 3.31
C ASP C 191 -30.47 -3.77 3.05
N ASP C 192 -29.61 -4.68 3.48
CA ASP C 192 -28.16 -4.51 3.35
C ASP C 192 -27.52 -5.89 3.44
N ASP C 193 -26.19 -5.95 3.31
CA ASP C 193 -25.54 -7.25 3.24
C ASP C 193 -25.72 -8.05 4.53
N PHE C 194 -25.72 -7.38 5.66
CA PHE C 194 -26.00 -8.02 6.95
C PHE C 194 -27.34 -8.76 6.95
N GLY C 195 -28.41 -8.01 6.68
CA GLY C 195 -29.76 -8.55 6.73
C GLY C 195 -29.99 -9.63 5.70
N LYS C 196 -29.47 -9.43 4.49
CA LYS C 196 -29.67 -10.42 3.45
C LYS C 196 -28.99 -11.71 3.88
N ASP C 197 -27.82 -11.60 4.51
CA ASP C 197 -27.11 -12.80 4.91
C ASP C 197 -27.92 -13.54 5.98
N GLY C 198 -28.51 -12.77 6.88
CA GLY C 198 -29.42 -13.35 7.86
C GLY C 198 -30.54 -14.14 7.19
N LEU C 199 -31.12 -13.58 6.12
CA LEU C 199 -32.23 -14.22 5.45
C LEU C 199 -31.82 -15.56 4.89
N GLU C 200 -30.66 -15.59 4.24
CA GLU C 200 -30.22 -16.81 3.62
C GLU C 200 -29.89 -17.85 4.69
N GLN C 201 -29.29 -17.41 5.79
CA GLN C 201 -28.94 -18.37 6.85
C GLN C 201 -30.20 -18.95 7.48
N PHE C 202 -31.18 -18.10 7.67
CA PHE C 202 -32.44 -18.49 8.26
C PHE C 202 -33.18 -19.50 7.37
N LYS C 203 -33.30 -19.19 6.08
CA LYS C 203 -33.94 -20.09 5.12
C LYS C 203 -33.26 -21.47 5.13
N ASN C 204 -31.93 -21.45 5.11
CA ASN C 204 -31.13 -22.68 5.15
C ASN C 204 -31.36 -23.49 6.42
N LYS C 205 -31.42 -22.82 7.57
CA LYS C 205 -31.52 -23.52 8.83
C LYS C 205 -32.90 -24.12 9.05
N ILE C 206 -33.93 -23.45 8.56
CA ILE C 206 -35.30 -23.92 8.77
C ILE C 206 -35.89 -24.80 7.66
N GLU C 207 -35.10 -25.13 6.63
CA GLU C 207 -35.65 -25.87 5.48
C GLU C 207 -36.13 -27.24 5.92
N ASP C 208 -35.37 -27.87 6.81
CA ASP C 208 -35.72 -29.18 7.32
C ASP C 208 -36.24 -29.07 8.76
N SER C 209 -37.37 -28.39 8.90
CA SER C 209 -38.01 -28.26 10.20
C SER C 209 -39.49 -27.92 10.03
N GLU C 210 -40.22 -27.93 11.15
CA GLU C 210 -41.62 -27.52 11.14
C GLU C 210 -41.78 -26.03 10.89
N ILE C 211 -40.73 -25.26 11.13
CA ILE C 211 -40.79 -23.80 11.02
C ILE C 211 -41.01 -23.41 9.58
N CYS C 212 -42.07 -22.64 9.33
CA CYS C 212 -42.42 -22.19 8.00
C CYS C 212 -42.24 -20.67 7.88
N LEU C 213 -41.38 -20.22 6.96
CA LEU C 213 -41.23 -18.78 6.72
C LEU C 213 -42.45 -18.25 5.95
N ALA C 214 -43.40 -17.63 6.65
CA ALA C 214 -44.67 -17.26 6.03
C ALA C 214 -44.64 -15.86 5.41
N PHE C 215 -43.64 -15.05 5.75
CA PHE C 215 -43.56 -13.71 5.24
C PHE C 215 -42.17 -13.19 5.45
N TYR C 216 -41.61 -12.51 4.47
CA TYR C 216 -40.35 -11.83 4.72
C TYR C 216 -40.21 -10.59 3.85
N LYS C 217 -39.53 -9.57 4.36
CA LYS C 217 -39.33 -8.31 3.64
C LYS C 217 -38.07 -7.56 4.05
N ALA C 218 -37.29 -7.16 3.06
CA ALA C 218 -36.18 -6.22 3.28
C ALA C 218 -36.75 -4.89 3.75
N ILE C 219 -36.22 -4.43 4.87
CA ILE C 219 -36.81 -3.33 5.57
C ILE C 219 -35.85 -2.13 5.58
N ASN C 220 -36.41 -0.92 5.73
CA ASN C 220 -35.63 0.34 5.75
C ASN C 220 -36.27 1.40 6.64
N VAL C 221 -35.55 2.49 6.85
CA VAL C 221 -36.03 3.57 7.72
C VAL C 221 -37.27 4.29 7.15
N ASN C 222 -37.45 4.23 5.83
CA ASN C 222 -38.60 4.88 5.20
C ASN C 222 -39.64 3.90 4.67
N THR C 223 -39.42 2.61 4.91
CA THR C 223 -40.39 1.56 4.57
C THR C 223 -41.81 1.93 4.99
N ASP C 224 -42.80 1.64 4.14
CA ASP C 224 -44.18 1.79 4.59
C ASP C 224 -44.57 0.59 5.47
N TYR C 225 -44.46 0.78 6.78
CA TYR C 225 -44.64 -0.29 7.76
C TYR C 225 -46.10 -0.66 7.95
N LEU C 226 -47.00 0.28 7.70
CA LEU C 226 -48.43 0.00 7.72
C LEU C 226 -48.80 -1.12 6.75
N GLN C 227 -48.21 -1.10 5.57
CA GLN C 227 -48.47 -2.20 4.66
C GLN C 227 -47.77 -3.45 5.15
N VAL C 228 -46.59 -3.28 5.75
CA VAL C 228 -45.87 -4.46 6.23
C VAL C 228 -46.71 -5.21 7.27
N PHE C 229 -47.13 -4.51 8.32
CA PHE C 229 -47.90 -5.10 9.39
C PHE C 229 -49.26 -5.61 8.93
N LYS C 230 -49.83 -4.99 7.90
CA LYS C 230 -51.15 -5.40 7.43
C LYS C 230 -51.05 -6.79 6.82
N GLN C 231 -50.02 -7.01 6.00
CA GLN C 231 -49.71 -8.31 5.43
C GLN C 231 -49.48 -9.37 6.52
N ILE C 232 -48.65 -9.03 7.50
CA ILE C 232 -48.33 -9.96 8.58
C ILE C 232 -49.61 -10.32 9.36
N GLU C 233 -50.50 -9.35 9.51
CA GLU C 233 -51.78 -9.59 10.15
C GLU C 233 -52.69 -10.52 9.32
N GLU C 234 -52.71 -10.30 8.02
CA GLU C 234 -53.53 -11.08 7.10
C GLU C 234 -53.14 -12.55 7.08
N GLN C 235 -51.86 -12.79 7.30
CA GLN C 235 -51.32 -14.14 7.32
C GLN C 235 -51.40 -14.79 8.70
N ASN C 236 -52.03 -14.09 9.65
CA ASN C 236 -52.14 -14.59 11.01
C ASN C 236 -50.83 -14.98 11.66
N ILE C 237 -49.74 -14.38 11.19
CA ILE C 237 -48.42 -14.66 11.76
C ILE C 237 -48.31 -14.00 13.14
N LYS C 238 -47.71 -14.71 14.09
CA LYS C 238 -47.61 -14.21 15.45
C LYS C 238 -46.17 -13.85 15.79
N VAL C 239 -45.22 -14.58 15.22
CA VAL C 239 -43.82 -14.41 15.56
C VAL C 239 -43.13 -13.56 14.49
N ILE C 240 -42.53 -12.47 14.93
CA ILE C 240 -41.82 -11.61 14.01
C ILE C 240 -40.35 -11.55 14.36
N VAL C 241 -39.51 -12.13 13.52
CA VAL C 241 -38.07 -11.98 13.70
C VAL C 241 -37.61 -10.67 13.07
N VAL C 242 -36.97 -9.81 13.84
CA VAL C 242 -36.44 -8.57 13.29
C VAL C 242 -34.91 -8.59 13.26
N PHE C 243 -34.34 -8.75 12.07
CA PHE C 243 -32.91 -8.99 11.94
C PHE C 243 -32.23 -7.78 11.34
N ALA C 244 -31.87 -6.83 12.18
CA ALA C 244 -31.47 -5.52 11.67
C ALA C 244 -30.57 -4.78 12.63
N PRO C 245 -29.79 -3.82 12.10
CA PRO C 245 -29.05 -2.86 12.92
C PRO C 245 -29.95 -1.86 13.64
N LYS C 246 -29.38 -1.20 14.64
CA LYS C 246 -30.02 -0.17 15.45
C LYS C 246 -31.02 0.72 14.71
N VAL C 247 -30.59 1.53 13.73
CA VAL C 247 -31.53 2.47 13.10
C VAL C 247 -32.71 1.73 12.47
N TYR C 248 -32.45 0.56 11.87
CA TYR C 248 -33.50 -0.22 11.23
C TYR C 248 -34.47 -0.80 12.25
N ALA C 249 -33.93 -1.47 13.26
CA ALA C 249 -34.76 -2.00 14.33
C ALA C 249 -35.63 -0.91 14.97
N GLU C 250 -35.04 0.25 15.27
CA GLU C 250 -35.84 1.33 15.84
C GLU C 250 -36.97 1.78 14.89
N ALA C 251 -36.72 1.79 13.59
CA ALA C 251 -37.77 2.18 12.66
C ALA C 251 -38.94 1.19 12.70
N VAL C 252 -38.65 -0.11 12.71
CA VAL C 252 -39.69 -1.14 12.77
C VAL C 252 -40.50 -1.09 14.08
N VAL C 253 -39.80 -0.99 15.21
CA VAL C 253 -40.46 -1.06 16.51
C VAL C 253 -41.14 0.25 16.87
N GLU C 254 -40.57 1.37 16.43
CA GLU C 254 -41.26 2.65 16.65
C GLU C 254 -42.57 2.65 15.84
N SER C 255 -42.54 2.10 14.63
CA SER C 255 -43.73 1.96 13.79
C SER C 255 -44.76 1.06 14.43
N ALA C 256 -44.30 -0.07 14.94
CA ALA C 256 -45.17 -1.02 15.58
C ALA C 256 -45.97 -0.32 16.68
N VAL C 257 -45.33 0.62 17.38
CA VAL C 257 -45.98 1.28 18.50
C VAL C 257 -47.05 2.22 18.00
N GLN C 258 -46.68 3.10 17.06
CA GLN C 258 -47.61 4.12 16.64
C GLN C 258 -48.72 3.53 15.76
N LEU C 259 -48.48 2.36 15.19
CA LEU C 259 -49.52 1.74 14.37
C LEU C 259 -50.40 0.73 15.13
N ASN C 260 -50.15 0.61 16.44
CA ASN C 260 -50.94 -0.24 17.34
C ASN C 260 -50.90 -1.72 16.96
N VAL C 261 -49.71 -2.17 16.56
CA VAL C 261 -49.48 -3.59 16.43
C VAL C 261 -49.49 -4.17 17.83
N THR C 262 -50.17 -5.30 18.01
CA THR C 262 -50.24 -5.97 19.31
C THR C 262 -50.17 -7.50 19.17
N ASN C 263 -50.01 -8.18 20.30
CA ASN C 263 -50.05 -9.65 20.35
C ASN C 263 -49.05 -10.32 19.44
N LYS C 264 -47.86 -9.75 19.31
CA LYS C 264 -46.82 -10.38 18.52
C LYS C 264 -45.71 -10.80 19.43
N VAL C 265 -44.91 -11.74 18.95
CA VAL C 265 -43.72 -12.14 19.63
C VAL C 265 -42.59 -11.65 18.75
N TRP C 266 -41.87 -10.66 19.26
CA TRP C 266 -40.76 -10.08 18.56
C TRP C 266 -39.45 -10.74 18.96
N ILE C 267 -38.63 -11.09 17.98
CA ILE C 267 -37.36 -11.70 18.26
C ILE C 267 -36.20 -10.87 17.70
N ALA C 268 -35.34 -10.44 18.61
CA ALA C 268 -34.19 -9.60 18.31
C ALA C 268 -32.89 -10.38 18.22
N ASP C 269 -32.07 -10.03 17.24
CA ASP C 269 -30.67 -10.46 17.23
C ASP C 269 -29.88 -9.58 18.23
N ASP C 270 -28.58 -9.88 18.43
CA ASP C 270 -27.76 -9.13 19.38
C ASP C 270 -27.43 -7.69 18.95
N GLY C 271 -27.86 -7.32 17.75
CA GLY C 271 -27.75 -5.96 17.26
C GLY C 271 -28.63 -4.99 18.03
N TRP C 272 -29.84 -5.40 18.42
CA TRP C 272 -30.71 -4.49 19.16
C TRP C 272 -31.40 -5.08 20.38
N SER C 273 -31.09 -6.32 20.74
CA SER C 273 -31.71 -6.92 21.93
C SER C 273 -31.31 -6.18 23.20
N LEU C 274 -30.16 -5.51 23.20
CA LEU C 274 -29.77 -4.71 24.36
C LEU C 274 -29.91 -3.21 24.09
N ASN C 275 -30.71 -2.86 23.07
CA ASN C 275 -31.09 -1.48 22.78
C ASN C 275 -31.54 -0.70 24.03
N LYS C 276 -31.21 0.58 24.11
CA LYS C 276 -31.56 1.36 25.30
C LYS C 276 -32.70 2.32 25.07
N LYS C 277 -32.96 2.70 23.82
CA LYS C 277 -34.05 3.64 23.51
C LYS C 277 -35.45 2.99 23.56
N LEU C 278 -35.65 1.95 22.77
CA LEU C 278 -36.95 1.26 22.65
C LEU C 278 -37.59 0.73 23.95
N PRO C 279 -36.81 0.10 24.85
CA PRO C 279 -37.50 -0.48 26.02
C PRO C 279 -38.18 0.53 26.95
N SER C 280 -37.71 1.77 26.94
CA SER C 280 -38.30 2.76 27.84
C SER C 280 -39.24 3.71 27.09
N MET C 281 -39.44 3.43 25.80
CA MET C 281 -40.40 4.19 25.00
C MET C 281 -41.83 3.99 25.50
N ASN C 282 -42.59 5.08 25.61
CA ASN C 282 -43.98 4.99 26.05
C ASN C 282 -44.80 4.16 25.06
N GLY C 283 -45.47 3.14 25.58
CA GLY C 283 -46.32 2.30 24.75
C GLY C 283 -45.62 1.07 24.21
N ILE C 284 -44.39 0.82 24.64
CA ILE C 284 -43.60 -0.30 24.13
C ILE C 284 -44.17 -1.67 24.51
N GLN C 285 -44.74 -1.84 25.71
CA GLN C 285 -45.15 -3.18 26.11
C GLN C 285 -46.50 -3.50 25.45
N ASN C 286 -47.07 -2.52 24.75
CA ASN C 286 -48.32 -2.85 24.09
C ASN C 286 -48.15 -3.64 22.79
N ILE C 287 -46.92 -3.78 22.30
CA ILE C 287 -46.74 -4.40 20.99
C ILE C 287 -46.50 -5.91 21.06
N GLY C 288 -46.47 -6.42 22.29
CA GLY C 288 -46.37 -7.85 22.49
C GLY C 288 -45.26 -8.18 23.45
N THR C 289 -44.61 -9.29 23.23
CA THR C 289 -43.50 -9.71 24.06
C THR C 289 -42.25 -9.67 23.21
N VAL C 290 -41.14 -9.21 23.79
CA VAL C 290 -39.93 -9.06 23.01
C VAL C 290 -38.82 -9.93 23.58
N LEU C 291 -38.41 -10.95 22.82
CA LEU C 291 -37.29 -11.81 23.21
C LEU C 291 -36.12 -11.48 22.35
N GLY C 292 -34.95 -11.97 22.71
CA GLY C 292 -33.81 -11.75 21.83
C GLY C 292 -32.61 -12.58 22.15
N VAL C 293 -31.71 -12.68 21.20
CA VAL C 293 -30.37 -13.18 21.45
C VAL C 293 -29.52 -11.98 21.86
N ALA C 294 -28.72 -12.11 22.90
CA ALA C 294 -27.87 -11.02 23.35
C ALA C 294 -26.47 -11.48 23.72
N GLN C 295 -25.58 -10.50 23.79
CA GLN C 295 -24.25 -10.77 24.30
C GLN C 295 -24.32 -10.50 25.79
N PRO C 296 -23.86 -11.48 26.60
CA PRO C 296 -23.76 -11.24 28.04
C PRO C 296 -22.92 -9.99 28.28
N VAL C 297 -23.33 -9.17 29.23
CA VAL C 297 -22.60 -7.96 29.57
C VAL C 297 -21.29 -8.27 30.28
N VAL C 298 -20.18 -8.06 29.58
CA VAL C 298 -18.85 -8.28 30.15
C VAL C 298 -18.30 -6.99 30.74
N THR C 299 -17.99 -7.02 32.04
CA THR C 299 -17.45 -5.84 32.68
C THR C 299 -15.99 -5.65 32.30
N ILE C 300 -15.64 -4.44 31.89
CA ILE C 300 -14.27 -4.14 31.54
C ILE C 300 -13.70 -3.23 32.60
N PRO C 301 -13.03 -3.82 33.60
CA PRO C 301 -12.54 -3.07 34.76
C PRO C 301 -11.70 -1.86 34.36
N GLY C 302 -12.01 -0.69 34.92
CA GLY C 302 -11.24 0.52 34.62
C GLY C 302 -11.88 1.46 33.61
N PHE C 303 -12.82 0.95 32.82
CA PHE C 303 -13.38 1.64 31.67
C PHE C 303 -14.28 2.79 32.06
N THR C 304 -14.99 2.62 33.16
CA THR C 304 -15.81 3.68 33.73
C THR C 304 -15.00 4.92 34.05
N ASP C 305 -13.94 4.75 34.83
CA ASP C 305 -13.09 5.87 35.17
C ASP C 305 -12.42 6.45 33.93
N PHE C 306 -12.24 5.61 32.92
CA PHE C 306 -11.62 6.07 31.69
C PHE C 306 -12.52 7.04 30.92
N ILE C 307 -13.80 6.75 30.90
CA ILE C 307 -14.78 7.57 30.21
C ILE C 307 -14.89 8.95 30.86
N TYR C 308 -14.89 9.02 32.19
CA TYR C 308 -14.93 10.33 32.87
C TYR C 308 -13.78 11.21 32.44
N SER C 309 -12.60 10.62 32.26
CA SER C 309 -11.41 11.38 31.90
C SER C 309 -11.38 11.75 30.43
N ALA C 310 -12.03 10.94 29.60
CA ALA C 310 -12.05 11.22 28.17
C ALA C 310 -13.11 12.27 27.85
N ILE C 311 -14.21 12.23 28.59
CA ILE C 311 -15.29 13.19 28.40
C ILE C 311 -14.89 14.57 28.94
N SER C 312 -14.14 14.57 30.04
CA SER C 312 -13.60 15.80 30.65
C SER C 312 -12.82 16.67 29.66
N GLN C 313 -12.47 16.08 28.53
CA GLN C 313 -11.70 16.76 27.50
C GLN C 313 -12.52 16.98 26.23
N MET C 323 -4.21 17.66 9.40
CA MET C 323 -5.66 17.61 9.57
C MET C 323 -6.27 16.69 8.52
N PHE C 324 -6.55 15.46 8.94
CA PHE C 324 -7.07 14.46 8.03
C PHE C 324 -8.58 14.35 8.18
N CYS C 325 -9.23 13.88 7.12
CA CYS C 325 -10.68 13.74 7.13
C CYS C 325 -11.19 12.59 8.03
N ASN C 326 -12.44 12.75 8.45
CA ASN C 326 -13.12 11.76 9.26
C ASN C 326 -12.38 11.47 10.56
N GLN C 327 -11.75 12.50 11.11
CA GLN C 327 -11.13 12.38 12.43
C GLN C 327 -11.60 13.53 13.31
N LYS C 328 -12.91 13.64 13.46
CA LYS C 328 -13.51 14.78 14.15
C LYS C 328 -14.85 14.39 14.76
N CYS C 329 -14.92 14.43 16.08
CA CYS C 329 -16.06 13.88 16.82
C CYS C 329 -17.29 14.79 16.91
N ASN C 330 -17.09 16.11 17.09
CA ASN C 330 -18.19 17.05 17.27
C ASN C 330 -19.24 16.52 18.25
N CYS C 331 -18.81 16.23 19.47
CA CYS C 331 -19.70 15.73 20.52
C CYS C 331 -19.26 16.28 21.86
N SER C 332 -18.96 17.58 21.87
CA SER C 332 -18.49 18.28 23.05
C SER C 332 -19.40 18.16 24.29
N ASN C 333 -20.71 18.38 24.12
CA ASN C 333 -21.61 18.41 25.28
C ASN C 333 -22.20 17.05 25.63
N LEU C 334 -21.39 16.13 26.12
CA LEU C 334 -21.82 14.74 26.26
C LEU C 334 -22.04 14.31 27.69
N SER C 335 -23.22 13.76 27.95
CA SER C 335 -23.51 13.21 29.27
C SER C 335 -22.67 11.98 29.52
N VAL C 336 -21.81 12.03 30.54
CA VAL C 336 -21.03 10.87 30.90
C VAL C 336 -21.96 9.70 31.23
N LYS C 337 -22.94 9.97 32.09
CA LYS C 337 -23.92 8.97 32.49
C LYS C 337 -24.59 8.28 31.28
N SER C 338 -24.95 9.06 30.27
CA SER C 338 -25.65 8.51 29.11
C SER C 338 -24.70 7.69 28.22
N LEU C 339 -23.41 7.99 28.29
CA LEU C 339 -22.43 7.22 27.55
C LEU C 339 -22.16 5.89 28.28
N LEU C 340 -22.13 5.95 29.60
CA LEU C 340 -21.91 4.76 30.41
C LEU C 340 -23.06 3.79 30.25
N ASN C 341 -24.27 4.32 30.18
CA ASN C 341 -25.45 3.48 30.15
C ASN C 341 -25.89 3.02 28.76
N ALA C 342 -25.07 3.29 27.76
CA ALA C 342 -25.40 2.87 26.40
C ALA C 342 -25.19 1.38 26.24
N ASP C 343 -25.77 0.85 25.17
CA ASP C 343 -25.61 -0.52 24.73
C ASP C 343 -24.16 -1.00 24.84
N PRO C 344 -23.88 -1.89 25.81
CA PRO C 344 -22.48 -2.28 26.00
C PRO C 344 -22.09 -3.41 25.08
N SER C 345 -23.00 -3.85 24.20
CA SER C 345 -22.70 -4.96 23.30
C SER C 345 -21.45 -4.69 22.46
N PHE C 346 -20.71 -5.77 22.17
CA PHE C 346 -19.47 -5.70 21.39
C PHE C 346 -18.27 -5.07 22.11
N SER C 347 -18.40 -4.76 23.41
CA SER C 347 -17.29 -4.19 24.17
C SER C 347 -16.07 -5.11 24.22
N PHE C 348 -16.27 -6.35 24.66
CA PHE C 348 -15.16 -7.31 24.70
C PHE C 348 -14.60 -7.66 23.30
N PRO C 349 -15.47 -7.80 22.28
CA PRO C 349 -14.90 -8.00 20.94
C PRO C 349 -13.89 -6.92 20.53
N VAL C 350 -14.15 -5.66 20.88
CA VAL C 350 -13.19 -4.57 20.61
C VAL C 350 -11.92 -4.70 21.45
N TYR C 351 -12.13 -4.76 22.76
CA TYR C 351 -11.09 -5.02 23.73
C TYR C 351 -10.19 -6.21 23.32
N ALA C 352 -10.82 -7.33 22.94
CA ALA C 352 -10.08 -8.53 22.55
C ALA C 352 -9.32 -8.33 21.24
N ALA C 353 -9.90 -7.57 20.32
CA ALA C 353 -9.24 -7.33 19.04
C ALA C 353 -7.97 -6.49 19.20
N VAL C 354 -8.05 -5.41 19.98
CA VAL C 354 -6.83 -4.64 20.25
C VAL C 354 -5.80 -5.54 20.95
N TYR C 355 -6.23 -6.31 21.95
CA TYR C 355 -5.27 -7.20 22.61
C TYR C 355 -4.72 -8.33 21.71
N ALA C 356 -5.52 -8.84 20.79
CA ALA C 356 -5.01 -9.91 19.93
C ALA C 356 -3.88 -9.36 19.06
N ILE C 357 -4.06 -8.18 18.50
CA ILE C 357 -3.01 -7.56 17.70
C ILE C 357 -1.75 -7.26 18.55
N ALA C 358 -1.98 -6.76 19.76
CA ALA C 358 -0.88 -6.45 20.67
C ALA C 358 -0.07 -7.70 21.00
N HIS C 359 -0.76 -8.78 21.39
CA HIS C 359 -0.08 -10.05 21.64
C HIS C 359 0.66 -10.51 20.40
N ALA C 360 0.05 -10.26 19.23
CA ALA C 360 0.68 -10.65 17.97
C ALA C 360 1.97 -9.87 17.77
N LEU C 361 1.91 -8.54 17.92
CA LEU C 361 3.11 -7.73 17.87
C LEU C 361 4.18 -8.23 18.85
N HIS C 362 3.80 -8.35 20.11
CA HIS C 362 4.70 -8.75 21.19
C HIS C 362 5.43 -10.07 20.84
N ASN C 363 4.70 -11.03 20.29
CA ASN C 363 5.32 -12.30 19.92
C ASN C 363 6.23 -12.21 18.69
N THR C 364 5.79 -11.49 17.67
CA THR C 364 6.61 -11.23 16.49
C THR C 364 7.95 -10.60 16.85
N LEU C 365 7.92 -9.63 17.75
CA LEU C 365 9.15 -9.00 18.21
C LEU C 365 9.92 -9.89 19.16
N ARG C 366 9.35 -11.05 19.49
CA ARG C 366 9.98 -11.99 20.44
C ARG C 366 10.34 -11.32 21.76
N CYS C 367 9.33 -10.74 22.42
CA CYS C 367 9.54 -10.03 23.67
C CYS C 367 9.59 -10.97 24.84
N GLY C 368 10.38 -10.61 25.83
CA GLY C 368 10.37 -11.30 27.10
C GLY C 368 9.35 -10.64 28.01
N SER C 369 9.46 -10.91 29.31
CA SER C 369 8.53 -10.37 30.28
C SER C 369 8.88 -8.92 30.69
N ASP C 370 10.04 -8.44 30.24
CA ASP C 370 10.46 -7.09 30.61
C ASP C 370 11.48 -6.47 29.66
N ARG C 371 11.57 -6.98 28.44
CA ARG C 371 12.42 -6.34 27.42
C ARG C 371 12.09 -6.83 26.01
N CYS C 372 12.16 -5.93 25.03
CA CYS C 372 11.96 -6.27 23.61
C CYS C 372 13.20 -6.00 22.79
N PRO C 373 13.56 -6.92 21.90
CA PRO C 373 14.59 -6.67 20.87
C PRO C 373 14.20 -5.43 20.05
N LYS C 374 15.12 -4.49 19.87
CA LYS C 374 14.80 -3.13 19.42
C LYS C 374 14.72 -3.12 17.88
N ASN C 375 13.93 -2.17 17.36
CA ASN C 375 13.24 -2.18 16.07
C ASN C 375 13.62 -3.22 15.00
N ILE C 376 13.42 -4.49 15.35
CA ILE C 376 13.50 -5.60 14.39
C ILE C 376 12.31 -5.48 13.44
N THR C 377 12.58 -5.68 12.15
CA THR C 377 11.62 -5.34 11.11
C THR C 377 10.34 -6.16 11.25
N VAL C 378 9.22 -5.46 11.37
CA VAL C 378 7.90 -6.08 11.49
C VAL C 378 7.06 -5.89 10.23
N HIS C 379 6.74 -6.98 9.55
CA HIS C 379 5.86 -6.90 8.41
C HIS C 379 4.45 -7.40 8.77
N PRO C 380 3.42 -6.68 8.32
CA PRO C 380 2.02 -6.98 8.68
C PRO C 380 1.63 -8.44 8.52
N HIS C 381 2.27 -9.17 7.61
CA HIS C 381 1.93 -10.58 7.42
C HIS C 381 2.49 -11.45 8.57
N MET C 382 3.58 -11.01 9.18
CA MET C 382 4.09 -11.68 10.37
C MET C 382 3.09 -11.54 11.51
N ILE C 383 2.49 -10.35 11.63
CA ILE C 383 1.41 -10.13 12.57
C ILE C 383 0.25 -11.10 12.31
N LEU C 384 0.00 -11.41 11.04
CA LEU C 384 -1.13 -12.25 10.66
C LEU C 384 -0.91 -13.72 11.08
N GLU C 385 0.32 -14.20 10.94
CA GLU C 385 0.62 -15.56 11.34
C GLU C 385 0.38 -15.73 12.85
N GLU C 386 0.86 -14.76 13.63
CA GLU C 386 0.72 -14.85 15.09
C GLU C 386 -0.71 -14.62 15.55
N LEU C 387 -1.47 -13.79 14.83
CA LEU C 387 -2.87 -13.55 15.18
C LEU C 387 -3.62 -14.85 15.06
N LYS C 388 -3.27 -15.60 14.02
CA LYS C 388 -3.90 -16.88 13.75
C LYS C 388 -3.61 -17.90 14.87
N LYS C 389 -2.38 -17.92 15.38
CA LYS C 389 -2.06 -18.79 16.50
C LYS C 389 -2.49 -18.22 17.85
N SER C 390 -3.23 -17.11 17.87
CA SER C 390 -3.59 -16.47 19.16
C SER C 390 -3.99 -17.46 20.26
N ASN C 391 -3.48 -17.21 21.46
CA ASN C 391 -3.67 -18.14 22.57
C ASN C 391 -3.28 -17.47 23.85
N PHE C 392 -4.18 -16.68 24.39
CA PHE C 392 -3.89 -15.94 25.60
C PHE C 392 -5.20 -15.71 26.34
N THR C 393 -5.11 -15.59 27.66
CA THR C 393 -6.31 -15.30 28.43
C THR C 393 -6.48 -13.82 28.63
N LEU C 394 -7.73 -13.44 28.85
CA LEU C 394 -8.14 -12.05 28.91
C LEU C 394 -9.44 -12.02 29.70
N LEU C 395 -9.38 -11.49 30.93
CA LEU C 395 -10.55 -11.45 31.80
C LEU C 395 -11.25 -12.83 31.90
N ASN C 396 -10.50 -13.86 32.25
CA ASN C 396 -11.01 -15.22 32.42
C ASN C 396 -11.72 -15.77 31.18
N GLN C 397 -11.39 -15.21 30.02
CA GLN C 397 -11.80 -15.78 28.76
C GLN C 397 -10.54 -16.15 28.00
N THR C 398 -10.64 -17.15 27.13
CA THR C 398 -9.51 -17.55 26.30
C THR C 398 -9.68 -17.01 24.89
N VAL C 399 -8.77 -16.15 24.46
CA VAL C 399 -8.83 -15.65 23.08
C VAL C 399 -8.07 -16.55 22.11
N GLN C 400 -8.84 -17.20 21.23
CA GLN C 400 -8.33 -18.06 20.14
C GLN C 400 -9.21 -17.88 18.92
N PHE C 401 -8.69 -18.19 17.73
CA PHE C 401 -9.54 -18.18 16.56
C PHE C 401 -9.47 -19.53 15.84
N ASP C 402 -10.56 -19.92 15.17
CA ASP C 402 -10.52 -21.16 14.40
C ASP C 402 -9.87 -20.93 13.04
N GLU C 403 -9.82 -21.96 12.21
CA GLU C 403 -9.13 -21.87 10.93
C GLU C 403 -9.80 -20.91 9.96
N ASN C 404 -11.02 -20.47 10.30
CA ASN C 404 -11.72 -19.44 9.52
C ASN C 404 -11.51 -18.00 10.03
N GLY C 405 -10.73 -17.87 11.10
CA GLY C 405 -10.53 -16.57 11.73
C GLY C 405 -11.76 -16.21 12.54
N ASP C 406 -12.57 -17.21 12.84
CA ASP C 406 -13.76 -16.97 13.66
C ASP C 406 -13.43 -17.22 15.14
N PRO C 407 -14.08 -16.47 16.05
CA PRO C 407 -13.71 -16.53 17.47
C PRO C 407 -14.15 -17.83 18.16
N LYS C 408 -13.29 -18.39 19.02
CA LYS C 408 -13.61 -19.58 19.81
C LYS C 408 -13.95 -19.21 21.25
N PHE C 409 -14.55 -18.06 21.43
CA PHE C 409 -14.87 -17.52 22.74
C PHE C 409 -16.07 -16.59 22.62
N GLY C 410 -16.75 -16.33 23.72
CA GLY C 410 -17.99 -15.57 23.65
C GLY C 410 -19.16 -16.52 23.62
N SER C 411 -20.27 -16.06 24.17
CA SER C 411 -21.45 -16.87 24.33
C SER C 411 -22.67 -16.02 24.10
N LEU C 412 -23.83 -16.64 24.01
CA LEU C 412 -25.03 -15.86 23.77
C LEU C 412 -26.06 -16.12 24.84
N SER C 413 -26.75 -15.06 25.23
CA SER C 413 -27.85 -15.11 26.17
C SER C 413 -29.18 -15.06 25.45
N VAL C 414 -30.22 -15.58 26.09
CA VAL C 414 -31.58 -15.26 25.72
C VAL C 414 -32.15 -14.27 26.74
N VAL C 415 -32.67 -13.15 26.23
CA VAL C 415 -33.23 -12.09 27.06
C VAL C 415 -34.68 -11.84 26.71
N PHE C 416 -35.43 -11.40 27.71
CA PHE C 416 -36.81 -10.99 27.58
C PHE C 416 -36.92 -9.56 28.11
N TRP C 417 -37.56 -8.67 27.36
CA TRP C 417 -37.72 -7.30 27.85
C TRP C 417 -38.82 -7.23 28.88
N ASN C 418 -38.51 -6.83 30.11
CA ASN C 418 -39.49 -6.96 31.18
C ASN C 418 -40.09 -5.63 31.60
N SER C 419 -41.02 -5.69 32.56
CA SER C 419 -41.88 -4.56 32.90
C SER C 419 -41.11 -3.31 33.37
N SER C 420 -39.93 -3.50 33.90
CA SER C 420 -39.12 -2.39 34.36
C SER C 420 -38.21 -1.92 33.23
N GLY C 421 -38.41 -2.49 32.04
CA GLY C 421 -37.64 -2.08 30.87
C GLY C 421 -36.20 -2.57 30.85
N ASN C 422 -35.93 -3.66 31.54
CA ASN C 422 -34.61 -4.28 31.42
C ASN C 422 -34.71 -5.49 30.52
N ALA C 423 -33.59 -5.82 29.90
CA ALA C 423 -33.50 -7.05 29.13
C ALA C 423 -33.03 -8.14 30.07
N GLU C 424 -33.97 -8.92 30.58
CA GLU C 424 -33.69 -9.96 31.58
C GLU C 424 -33.25 -11.30 30.97
N GLU C 425 -32.11 -11.82 31.41
CA GLU C 425 -31.65 -13.12 30.93
C GLU C 425 -32.63 -14.22 31.34
N VAL C 426 -33.07 -15.00 30.36
CA VAL C 426 -33.98 -16.11 30.63
C VAL C 426 -33.43 -17.40 30.07
N GLY C 427 -32.23 -17.35 29.50
CA GLY C 427 -31.67 -18.53 28.88
C GLY C 427 -30.27 -18.37 28.36
N SER C 428 -29.70 -19.47 27.90
CA SER C 428 -28.32 -19.54 27.45
C SER C 428 -28.24 -20.38 26.20
N TYR C 429 -27.49 -19.91 25.20
CA TYR C 429 -27.30 -20.70 24.01
C TYR C 429 -25.98 -21.46 24.06
N HIS C 430 -26.00 -22.67 23.53
CA HIS C 430 -24.81 -23.52 23.48
C HIS C 430 -24.41 -23.89 22.07
N PHE C 431 -23.13 -23.70 21.80
CA PHE C 431 -22.49 -24.20 20.60
C PHE C 431 -22.16 -25.69 20.84
N GLN C 432 -22.58 -26.17 22.02
CA GLN C 432 -22.01 -27.30 22.72
C GLN C 432 -22.92 -28.53 22.69
N SER C 433 -24.15 -28.27 23.12
CA SER C 433 -25.00 -29.23 23.81
C SER C 433 -25.82 -30.14 22.89
N SER C 434 -26.52 -31.09 23.49
CA SER C 434 -27.58 -31.82 22.79
C SER C 434 -28.81 -30.91 22.71
N ILE C 435 -29.12 -30.24 23.82
CA ILE C 435 -30.13 -29.19 23.86
C ILE C 435 -29.41 -27.85 23.71
N HIS C 436 -29.27 -27.40 22.47
CA HIS C 436 -28.51 -26.20 22.17
C HIS C 436 -29.01 -24.98 22.91
N LEU C 437 -30.26 -25.04 23.35
CA LEU C 437 -30.88 -23.87 23.94
C LEU C 437 -32.01 -24.23 24.87
N SER C 438 -31.88 -23.86 26.14
CA SER C 438 -33.04 -23.95 27.00
C SER C 438 -33.27 -22.59 27.62
N ILE C 439 -34.51 -22.40 28.05
CA ILE C 439 -35.06 -21.11 28.43
C ILE C 439 -35.93 -21.30 29.67
N ASN C 440 -35.91 -20.32 30.55
CA ASN C 440 -36.82 -20.27 31.69
C ASN C 440 -38.12 -19.63 31.21
N LYS C 441 -39.07 -20.46 30.79
CA LYS C 441 -40.34 -19.96 30.25
C LYS C 441 -41.18 -19.28 31.32
N THR C 442 -40.91 -19.65 32.57
CA THR C 442 -41.57 -19.12 33.75
C THR C 442 -41.30 -17.63 33.96
N LYS C 443 -40.08 -17.21 33.61
CA LYS C 443 -39.65 -15.83 33.75
C LYS C 443 -40.31 -14.89 32.73
N ILE C 444 -40.90 -15.46 31.69
CA ILE C 444 -41.42 -14.66 30.59
C ILE C 444 -42.87 -14.31 30.79
N LYS C 445 -43.15 -13.01 30.91
CA LYS C 445 -44.52 -12.56 31.10
C LYS C 445 -45.23 -12.23 29.77
N TRP C 446 -46.53 -12.53 29.72
CA TRP C 446 -47.33 -12.35 28.50
C TRP C 446 -48.51 -11.39 28.71
N SER D 1 -10.24 -5.60 -47.67
CA SER D 1 -10.09 -5.14 -46.29
C SER D 1 -9.84 -3.63 -46.22
N PRO D 2 -10.19 -3.01 -45.09
CA PRO D 2 -9.93 -1.57 -44.97
C PRO D 2 -8.45 -1.27 -44.97
N ASN D 3 -8.10 -0.13 -45.54
CA ASN D 3 -6.72 0.32 -45.69
C ASN D 3 -5.94 0.43 -44.38
N TRP D 4 -6.61 0.90 -43.33
CA TRP D 4 -5.93 1.22 -42.09
C TRP D 4 -5.42 -0.01 -41.35
N PHE D 5 -5.84 -1.19 -41.80
CA PHE D 5 -5.42 -2.44 -41.18
C PHE D 5 -3.89 -2.59 -41.15
N ASN D 6 -3.22 -1.90 -42.07
CA ASN D 6 -1.78 -2.01 -42.19
C ASN D 6 -0.99 -1.18 -41.21
N ASN D 7 -1.64 -0.19 -40.61
CA ASN D 7 -0.96 0.67 -39.64
C ASN D 7 -1.31 0.31 -38.20
N ILE D 8 -1.77 -0.92 -37.99
CA ILE D 8 -2.08 -1.37 -36.64
C ILE D 8 -0.85 -1.99 -35.98
N SER D 9 -0.74 -1.83 -34.66
CA SER D 9 0.42 -2.29 -33.92
C SER D 9 0.26 -3.72 -33.39
N THR D 10 1.37 -4.34 -33.02
CA THR D 10 1.39 -5.71 -32.54
C THR D 10 1.31 -5.85 -31.01
N ASP D 11 1.07 -4.75 -30.30
CA ASP D 11 0.90 -4.82 -28.84
C ASP D 11 -0.54 -5.17 -28.48
N LEU D 12 -0.75 -6.28 -27.78
CA LEU D 12 -2.12 -6.74 -27.49
C LEU D 12 -2.78 -6.06 -26.31
N PHE D 13 -2.04 -5.94 -25.21
CA PHE D 13 -2.66 -5.57 -23.94
C PHE D 13 -2.21 -4.23 -23.44
N SER D 14 -1.40 -3.55 -24.24
CA SER D 14 -0.95 -2.25 -23.82
C SER D 14 -0.71 -1.36 -25.04
N MET D 15 -1.46 -0.27 -25.12
CA MET D 15 -1.25 0.69 -26.18
C MET D 15 -1.07 2.08 -25.63
N PRO D 16 0.04 2.72 -25.98
CA PRO D 16 0.34 4.12 -25.66
C PRO D 16 -0.71 5.07 -26.24
N GLY D 17 -0.95 6.20 -25.57
CA GLY D 17 -1.94 7.17 -26.01
C GLY D 17 -1.94 8.43 -25.18
N ASP D 18 -2.59 9.47 -25.68
CA ASP D 18 -2.75 10.71 -24.93
C ASP D 18 -3.72 10.49 -23.79
N ILE D 19 -4.86 9.89 -24.12
CA ILE D 19 -5.82 9.46 -23.11
C ILE D 19 -5.84 7.92 -23.03
N LYS D 20 -5.98 7.38 -21.84
CA LYS D 20 -5.92 5.93 -21.70
C LYS D 20 -7.13 5.33 -20.97
N LEU D 21 -7.58 4.19 -21.50
CA LEU D 21 -8.62 3.41 -20.88
C LEU D 21 -7.97 2.30 -20.04
N GLY D 22 -8.59 1.95 -18.91
CA GLY D 22 -8.19 0.76 -18.18
C GLY D 22 -9.07 -0.40 -18.64
N GLY D 23 -8.47 -1.57 -18.87
CA GLY D 23 -9.25 -2.74 -19.25
C GLY D 23 -9.12 -3.89 -18.26
N LEU D 24 -10.25 -4.53 -17.94
CA LEU D 24 -10.25 -5.70 -17.04
C LEU D 24 -10.92 -6.91 -17.68
N PHE D 25 -10.14 -7.93 -17.97
CA PHE D 25 -10.71 -9.10 -18.66
C PHE D 25 -10.36 -10.42 -17.96
N PRO D 26 -11.29 -11.38 -17.99
CA PRO D 26 -10.96 -12.74 -17.51
C PRO D 26 -10.20 -13.52 -18.57
N ILE D 27 -8.90 -13.28 -18.70
CA ILE D 27 -8.13 -13.92 -19.76
C ILE D 27 -7.50 -15.25 -19.33
N LYS D 28 -6.98 -15.32 -18.10
CA LYS D 28 -6.46 -16.59 -17.57
C LYS D 28 -7.01 -16.87 -16.19
N GLU D 29 -7.70 -18.01 -16.06
CA GLU D 29 -8.36 -18.33 -14.81
C GLU D 29 -7.64 -19.41 -14.07
N GLN D 30 -8.12 -19.73 -12.89
CA GLN D 30 -7.63 -20.88 -12.13
C GLN D 30 -8.35 -22.13 -12.62
N SER D 31 -7.77 -23.30 -12.38
CA SER D 31 -8.43 -24.56 -12.70
C SER D 31 -9.50 -24.93 -11.67
N VAL D 44 -1.86 -17.34 -5.81
CA VAL D 44 -2.87 -17.69 -6.80
C VAL D 44 -2.24 -18.04 -8.16
N SER D 45 -2.66 -19.17 -8.72
CA SER D 45 -2.14 -19.62 -10.02
C SER D 45 -3.20 -19.51 -11.14
N CYS D 46 -3.01 -18.54 -12.04
CA CYS D 46 -3.94 -18.37 -13.15
C CYS D 46 -3.38 -18.98 -14.42
N ASP D 47 -3.35 -20.32 -14.49
CA ASP D 47 -2.70 -21.00 -15.60
C ASP D 47 -3.67 -21.61 -16.62
N SER D 48 -4.94 -21.24 -16.54
CA SER D 48 -5.95 -21.76 -17.46
C SER D 48 -6.55 -20.68 -18.39
N LEU D 49 -6.14 -20.72 -19.66
CA LEU D 49 -6.56 -19.71 -20.63
C LEU D 49 -8.07 -19.72 -20.87
N ASN D 50 -8.67 -18.55 -20.73
CA ASN D 50 -10.09 -18.41 -21.00
C ASN D 50 -10.29 -17.76 -22.37
N LYS D 51 -10.48 -18.59 -23.39
CA LYS D 51 -10.54 -18.12 -24.79
C LYS D 51 -11.61 -17.06 -25.07
N ASP D 52 -12.72 -17.06 -24.34
CA ASP D 52 -13.75 -16.05 -24.52
C ASP D 52 -13.25 -14.69 -24.05
N GLY D 53 -12.62 -14.70 -22.88
CA GLY D 53 -12.09 -13.47 -22.31
C GLY D 53 -10.99 -12.84 -23.17
N LEU D 54 -10.09 -13.68 -23.70
CA LEU D 54 -9.01 -13.20 -24.57
C LEU D 54 -9.59 -12.67 -25.87
N GLY D 55 -10.63 -13.33 -26.35
CA GLY D 55 -11.29 -12.91 -27.57
C GLY D 55 -11.92 -11.55 -27.36
N ARG D 56 -12.50 -11.34 -26.18
CA ARG D 56 -13.13 -10.06 -25.86
C ARG D 56 -12.09 -8.96 -25.81
N ALA D 57 -10.95 -9.28 -25.22
CA ALA D 57 -9.83 -8.34 -25.14
C ALA D 57 -9.40 -7.93 -26.53
N LEU D 58 -9.44 -8.89 -27.47
CA LEU D 58 -9.17 -8.62 -28.87
C LEU D 58 -10.17 -7.65 -29.50
N VAL D 59 -11.42 -7.65 -29.02
CA VAL D 59 -12.42 -6.73 -29.54
C VAL D 59 -12.07 -5.30 -29.11
N MET D 60 -11.61 -5.15 -27.88
CA MET D 60 -11.17 -3.85 -27.39
C MET D 60 -10.02 -3.31 -28.24
N LYS D 61 -9.04 -4.16 -28.59
CA LYS D 61 -7.96 -3.70 -29.47
C LYS D 61 -8.48 -3.20 -30.82
N TYR D 62 -9.29 -4.02 -31.48
CA TYR D 62 -9.91 -3.64 -32.73
C TYR D 62 -10.65 -2.29 -32.61
N ALA D 63 -11.45 -2.12 -31.56
CA ALA D 63 -12.23 -0.91 -31.39
C ALA D 63 -11.33 0.33 -31.23
N VAL D 64 -10.36 0.26 -30.32
CA VAL D 64 -9.46 1.36 -30.10
C VAL D 64 -8.65 1.70 -31.37
N GLU D 65 -8.11 0.68 -32.02
CA GLU D 65 -7.37 0.88 -33.27
C GLU D 65 -8.22 1.55 -34.35
N GLU D 66 -9.46 1.08 -34.48
CA GLU D 66 -10.38 1.61 -35.45
C GLU D 66 -10.71 3.06 -35.10
N ILE D 67 -10.89 3.31 -33.82
CA ILE D 67 -11.13 4.67 -33.32
C ILE D 67 -9.97 5.63 -33.61
N ASN D 68 -8.74 5.13 -33.48
CA ASN D 68 -7.54 5.92 -33.77
C ASN D 68 -7.37 6.22 -35.26
N ALA D 69 -7.94 5.35 -36.10
CA ALA D 69 -7.85 5.50 -37.54
C ALA D 69 -8.94 6.42 -38.12
N ASN D 70 -9.99 6.63 -37.32
CA ASN D 70 -11.07 7.53 -37.69
C ASN D 70 -10.68 8.97 -37.31
N SER D 71 -10.15 9.69 -38.29
CA SER D 71 -9.63 11.05 -38.12
C SER D 71 -10.68 12.06 -37.67
N GLN D 72 -11.95 11.66 -37.75
CA GLN D 72 -13.03 12.57 -37.43
C GLN D 72 -13.59 12.33 -36.03
N LEU D 73 -13.05 11.31 -35.36
CA LEU D 73 -13.45 10.94 -34.01
C LEU D 73 -12.24 11.05 -33.10
N LEU D 74 -12.29 12.00 -32.17
CA LEU D 74 -11.10 12.39 -31.41
C LEU D 74 -9.90 12.73 -32.31
N PRO D 75 -10.08 13.68 -33.24
CA PRO D 75 -8.95 14.05 -34.11
C PRO D 75 -7.78 14.69 -33.33
N GLY D 76 -6.56 14.24 -33.60
CA GLY D 76 -5.39 14.74 -32.90
C GLY D 76 -5.10 14.07 -31.57
N VAL D 77 -6.09 13.36 -31.03
CA VAL D 77 -5.90 12.70 -29.74
C VAL D 77 -5.84 11.19 -29.89
N LYS D 78 -4.68 10.61 -29.60
CA LYS D 78 -4.49 9.17 -29.73
C LYS D 78 -4.99 8.46 -28.48
N LEU D 79 -5.99 7.60 -28.69
CA LEU D 79 -6.53 6.79 -27.61
C LEU D 79 -5.63 5.58 -27.32
N GLY D 80 -5.42 5.29 -26.03
CA GLY D 80 -4.57 4.18 -25.62
C GLY D 80 -5.20 3.42 -24.48
N TYR D 81 -4.54 2.37 -24.01
CA TYR D 81 -5.09 1.55 -22.93
C TYR D 81 -4.05 0.62 -22.28
N LYS D 82 -4.42 0.11 -21.11
CA LYS D 82 -3.71 -1.00 -20.47
C LYS D 82 -4.75 -2.04 -20.11
N ILE D 83 -4.54 -3.27 -20.56
CA ILE D 83 -5.47 -4.35 -20.20
C ILE D 83 -4.80 -5.35 -19.25
N TYR D 84 -5.51 -5.68 -18.18
CA TYR D 84 -5.02 -6.68 -17.26
C TYR D 84 -5.97 -7.86 -17.11
N ASN D 85 -5.41 -8.97 -16.65
CA ASN D 85 -6.19 -10.14 -16.31
C ASN D 85 -6.87 -9.96 -14.95
N THR D 86 -8.10 -10.44 -14.83
CA THR D 86 -8.81 -10.46 -13.54
C THR D 86 -8.71 -11.83 -12.87
N CYS D 87 -8.54 -12.87 -13.67
CA CYS D 87 -8.49 -14.25 -13.20
C CYS D 87 -9.79 -14.64 -12.46
N ARG D 88 -10.83 -13.83 -12.60
CA ARG D 88 -12.08 -14.02 -11.87
C ARG D 88 -11.79 -14.13 -10.38
N HIS D 89 -10.74 -13.45 -9.93
CA HIS D 89 -10.29 -13.60 -8.56
C HIS D 89 -10.05 -12.26 -7.90
N SER D 90 -10.60 -12.09 -6.70
CA SER D 90 -10.65 -10.79 -6.04
C SER D 90 -9.30 -10.34 -5.51
N ALA D 91 -8.36 -11.26 -5.32
CA ALA D 91 -7.02 -10.85 -4.94
C ALA D 91 -6.28 -10.26 -6.14
N VAL D 92 -6.55 -10.82 -7.31
CA VAL D 92 -5.86 -10.44 -8.53
C VAL D 92 -6.35 -9.10 -9.07
N ILE D 93 -7.66 -8.87 -9.04
CA ILE D 93 -8.22 -7.72 -9.73
C ILE D 93 -7.89 -6.40 -9.01
N VAL D 94 -7.59 -6.48 -7.71
CA VAL D 94 -7.45 -5.27 -6.91
C VAL D 94 -6.26 -4.43 -7.32
N ARG D 95 -5.15 -5.09 -7.66
CA ARG D 95 -3.96 -4.32 -8.01
C ARG D 95 -4.14 -3.50 -9.31
N PRO D 96 -4.57 -4.14 -10.42
CA PRO D 96 -4.75 -3.34 -11.64
C PRO D 96 -5.74 -2.21 -11.44
N ALA D 97 -6.74 -2.44 -10.61
CA ALA D 97 -7.75 -1.45 -10.34
C ALA D 97 -7.13 -0.19 -9.74
N LEU D 98 -6.25 -0.40 -8.76
CA LEU D 98 -5.56 0.70 -8.09
C LEU D 98 -4.60 1.35 -9.07
N SER D 99 -3.91 0.54 -9.86
CA SER D 99 -2.97 1.06 -10.84
C SER D 99 -3.62 2.03 -11.83
N PHE D 100 -4.95 2.01 -11.96
CA PHE D 100 -5.66 2.94 -12.86
C PHE D 100 -5.83 4.30 -12.19
N LEU D 101 -5.62 4.31 -10.88
CA LEU D 101 -5.89 5.49 -10.08
C LEU D 101 -4.59 6.14 -9.68
N THR D 102 -3.47 5.62 -10.17
CA THR D 102 -2.20 6.26 -9.86
C THR D 102 -2.13 7.59 -10.58
N GLU D 103 -1.38 8.52 -10.00
CA GLU D 103 -1.25 9.85 -10.56
C GLU D 103 -0.51 9.73 -11.91
N LYS D 104 -1.01 10.46 -12.92
CA LYS D 104 -0.55 10.26 -14.30
C LYS D 104 0.96 10.45 -14.51
N SER D 105 1.55 11.45 -13.88
CA SER D 105 2.94 11.80 -14.16
C SER D 105 3.99 11.01 -13.36
N ASN D 106 3.67 10.55 -12.15
CA ASN D 106 4.65 9.77 -11.38
C ASN D 106 4.11 8.46 -10.78
N GLY D 107 3.19 7.82 -11.50
CA GLY D 107 2.80 6.44 -11.26
C GLY D 107 2.56 5.93 -9.85
N THR D 108 2.27 6.82 -8.90
CA THR D 108 1.92 6.41 -7.55
C THR D 108 0.50 6.87 -7.22
N LEU D 109 -0.16 6.20 -6.29
CA LEU D 109 -1.47 6.65 -5.86
C LEU D 109 -1.24 7.41 -4.56
N SER D 110 -1.83 8.59 -4.43
CA SER D 110 -1.49 9.42 -3.28
C SER D 110 -2.64 9.46 -2.32
N VAL D 111 -2.32 9.72 -1.07
CA VAL D 111 -3.27 9.68 0.01
C VAL D 111 -3.77 11.08 0.27
N GLU D 112 -5.06 11.30 0.04
CA GLU D 112 -5.66 12.62 0.11
C GLU D 112 -7.12 12.53 0.52
N CYS D 113 -7.65 13.60 1.07
CA CYS D 113 -9.04 13.62 1.45
C CYS D 113 -9.93 14.11 0.30
N ASN D 114 -9.31 14.86 -0.62
CA ASN D 114 -10.03 15.45 -1.75
C ASN D 114 -9.28 15.17 -3.05
N TYR D 115 -9.91 14.45 -3.97
CA TYR D 115 -9.27 14.08 -5.22
C TYR D 115 -9.85 14.80 -6.45
N THR D 116 -10.52 15.92 -6.22
CA THR D 116 -11.15 16.70 -7.29
C THR D 116 -10.13 17.21 -8.32
N ASP D 117 -8.96 17.62 -7.84
CA ASP D 117 -7.90 18.08 -8.74
C ASP D 117 -6.83 17.02 -8.99
N TYR D 118 -7.24 15.75 -9.02
CA TYR D 118 -6.30 14.66 -9.09
C TYR D 118 -6.39 13.92 -10.42
N GLU D 119 -5.33 14.00 -11.21
CA GLU D 119 -5.36 13.35 -12.52
C GLU D 119 -4.83 11.93 -12.52
N THR D 120 -5.77 11.00 -12.64
CA THR D 120 -5.47 9.60 -12.68
C THR D 120 -4.94 9.19 -14.05
N ASP D 121 -4.21 8.09 -14.08
CA ASP D 121 -3.61 7.61 -15.32
C ASP D 121 -4.66 7.20 -16.34
N MET D 122 -5.72 6.51 -15.91
CA MET D 122 -6.80 6.14 -16.82
C MET D 122 -8.00 7.02 -16.59
N VAL D 123 -8.74 7.30 -17.65
CA VAL D 123 -9.89 8.16 -17.54
C VAL D 123 -11.20 7.37 -17.38
N ALA D 124 -11.17 6.08 -17.74
CA ALA D 124 -12.31 5.19 -17.55
C ALA D 124 -11.85 3.73 -17.56
N VAL D 125 -12.70 2.84 -17.03
CA VAL D 125 -12.44 1.43 -17.04
C VAL D 125 -13.43 0.68 -17.95
N ILE D 126 -12.91 -0.14 -18.86
CA ILE D 126 -13.68 -1.12 -19.63
C ILE D 126 -13.66 -2.46 -18.88
N GLY D 127 -14.81 -3.02 -18.56
CA GLY D 127 -14.88 -4.22 -17.73
C GLY D 127 -15.09 -3.88 -16.26
N PRO D 128 -15.00 -4.88 -15.36
CA PRO D 128 -14.79 -6.30 -15.61
C PRO D 128 -16.01 -6.99 -16.25
N GLN D 129 -15.86 -8.28 -16.52
CA GLN D 129 -16.89 -9.07 -17.17
C GLN D 129 -17.95 -9.59 -16.20
N SER D 130 -17.57 -9.85 -14.95
CA SER D 130 -18.46 -10.57 -14.04
C SER D 130 -18.95 -9.75 -12.85
N SER D 131 -20.13 -10.10 -12.37
CA SER D 131 -20.76 -9.40 -11.26
C SER D 131 -20.01 -9.62 -9.95
N GLU D 132 -19.28 -10.72 -9.85
CA GLU D 132 -18.50 -10.96 -8.65
C GLU D 132 -17.35 -9.98 -8.60
N MET D 133 -16.81 -9.67 -9.77
CA MET D 133 -15.65 -8.81 -9.86
C MET D 133 -16.02 -7.34 -9.65
N VAL D 134 -17.22 -6.97 -10.11
CA VAL D 134 -17.68 -5.62 -9.92
C VAL D 134 -17.86 -5.34 -8.42
N THR D 135 -18.45 -6.26 -7.67
CA THR D 135 -18.62 -6.03 -6.23
C THR D 135 -17.26 -5.86 -5.50
N VAL D 136 -16.16 -6.28 -6.13
CA VAL D 136 -14.83 -6.14 -5.53
C VAL D 136 -14.25 -4.73 -5.66
N ILE D 137 -14.28 -4.17 -6.88
CA ILE D 137 -13.63 -2.89 -7.15
C ILE D 137 -14.63 -1.80 -7.46
N GLY D 138 -15.90 -2.08 -7.21
CA GLY D 138 -16.96 -1.22 -7.68
C GLY D 138 -17.10 0.03 -6.85
N LYS D 139 -16.95 -0.11 -5.53
CA LYS D 139 -17.06 1.04 -4.66
C LYS D 139 -15.75 1.83 -4.65
N LEU D 140 -14.66 1.14 -4.95
CA LEU D 140 -13.36 1.78 -5.08
C LEU D 140 -13.38 2.75 -6.26
N LEU D 141 -13.79 2.24 -7.42
CA LEU D 141 -13.92 3.08 -8.60
C LEU D 141 -15.01 4.13 -8.38
N GLY D 142 -16.06 3.75 -7.64
CA GLY D 142 -17.15 4.62 -7.32
C GLY D 142 -16.69 5.88 -6.61
N PHE D 143 -15.78 5.71 -5.66
CA PHE D 143 -15.26 6.82 -4.86
C PHE D 143 -14.55 7.87 -5.74
N PHE D 144 -13.78 7.41 -6.72
CA PHE D 144 -13.07 8.34 -7.61
C PHE D 144 -13.98 8.83 -8.73
N LEU D 145 -15.24 8.44 -8.68
CA LEU D 145 -16.19 8.66 -9.77
C LEU D 145 -15.56 8.36 -11.12
N MET D 146 -14.78 7.27 -11.19
CA MET D 146 -14.24 6.82 -12.46
C MET D 146 -15.28 5.99 -13.16
N PRO D 147 -15.62 6.40 -14.39
CA PRO D 147 -16.58 5.60 -15.15
C PRO D 147 -16.04 4.21 -15.42
N GLN D 148 -16.81 3.20 -15.02
CA GLN D 148 -16.51 1.85 -15.42
C GLN D 148 -17.68 1.41 -16.23
N ILE D 149 -17.38 0.80 -17.36
CA ILE D 149 -18.43 0.31 -18.22
C ILE D 149 -18.21 -1.18 -18.44
N SER D 150 -19.06 -1.99 -17.82
CA SER D 150 -18.95 -3.42 -17.93
C SER D 150 -19.60 -3.92 -19.21
N PHE D 151 -18.99 -4.92 -19.83
CA PHE D 151 -19.52 -5.53 -21.03
C PHE D 151 -20.23 -6.84 -20.73
N GLY D 152 -20.25 -7.25 -19.46
CA GLY D 152 -20.82 -8.54 -19.13
C GLY D 152 -21.52 -8.66 -17.78
N ALA D 153 -21.10 -7.87 -16.79
CA ALA D 153 -21.71 -7.96 -15.48
C ALA D 153 -23.19 -7.58 -15.57
N THR D 154 -24.08 -8.49 -15.21
CA THR D 154 -25.50 -8.28 -15.49
C THR D 154 -26.41 -8.18 -14.27
N SER D 155 -25.83 -8.33 -13.08
CA SER D 155 -26.61 -8.36 -11.84
C SER D 155 -27.30 -7.05 -11.47
N ASP D 156 -28.57 -7.11 -11.10
CA ASP D 156 -29.37 -5.92 -10.83
C ASP D 156 -28.83 -5.08 -9.68
N LYS D 157 -28.00 -5.68 -8.84
CA LYS D 157 -27.37 -5.01 -7.72
C LYS D 157 -26.72 -3.68 -8.15
N PHE D 158 -26.21 -3.63 -9.37
CA PHE D 158 -25.43 -2.48 -9.84
C PHE D 158 -26.29 -1.39 -10.48
N SER D 159 -27.61 -1.60 -10.48
CA SER D 159 -28.53 -0.62 -11.03
C SER D 159 -28.68 0.62 -10.12
N ASP D 160 -28.30 0.51 -8.85
CA ASP D 160 -28.51 1.61 -7.91
C ASP D 160 -27.30 2.53 -7.79
N SER D 161 -27.37 3.72 -8.40
CA SER D 161 -26.23 4.63 -8.40
C SER D 161 -25.93 5.27 -7.03
N LEU D 162 -26.77 5.03 -6.03
CA LEU D 162 -26.43 5.39 -4.66
C LEU D 162 -25.34 4.47 -4.13
N VAL D 163 -25.33 3.23 -4.62
CA VAL D 163 -24.36 2.26 -4.16
C VAL D 163 -23.17 2.21 -5.11
N TYR D 164 -23.46 2.19 -6.41
CA TYR D 164 -22.46 2.16 -7.47
C TYR D 164 -22.59 3.39 -8.37
N PRO D 165 -22.02 4.52 -7.93
CA PRO D 165 -22.21 5.87 -8.50
C PRO D 165 -21.75 6.03 -9.96
N SER D 166 -20.80 5.21 -10.41
CA SER D 166 -20.19 5.41 -11.73
C SER D 166 -20.23 4.18 -12.62
N PHE D 167 -21.18 3.28 -12.39
CA PHE D 167 -21.23 2.01 -13.12
C PHE D 167 -22.17 2.03 -14.35
N PHE D 168 -21.69 1.52 -15.48
CA PHE D 168 -22.53 1.37 -16.68
C PHE D 168 -22.40 -0.04 -17.25
N ARG D 169 -23.44 -0.50 -17.93
CA ARG D 169 -23.35 -1.79 -18.64
C ARG D 169 -23.72 -1.58 -20.10
N THR D 170 -23.09 -2.30 -21.02
CA THR D 170 -23.58 -2.33 -22.39
C THR D 170 -24.44 -3.56 -22.66
N VAL D 171 -24.75 -4.30 -21.59
CA VAL D 171 -25.69 -5.43 -21.60
C VAL D 171 -26.81 -5.19 -20.55
N PRO D 172 -28.00 -5.78 -20.75
CA PRO D 172 -29.11 -5.41 -19.87
C PRO D 172 -29.01 -6.05 -18.49
N SER D 173 -29.78 -5.53 -17.53
CA SER D 173 -29.84 -6.12 -16.19
C SER D 173 -30.65 -7.42 -16.16
N ASP D 174 -30.16 -8.40 -15.42
CA ASP D 174 -30.83 -9.70 -15.34
C ASP D 174 -32.27 -9.60 -14.85
N ILE D 175 -32.61 -8.49 -14.21
CA ILE D 175 -33.98 -8.28 -13.75
C ILE D 175 -34.93 -8.24 -14.94
N ARG D 176 -34.39 -7.97 -16.13
CA ARG D 176 -35.19 -7.98 -17.35
C ARG D 176 -35.12 -9.35 -18.01
N GLN D 177 -33.99 -10.03 -17.86
CA GLN D 177 -33.84 -11.39 -18.41
C GLN D 177 -34.81 -12.36 -17.75
N VAL D 178 -34.92 -12.30 -16.43
CA VAL D 178 -35.83 -13.18 -15.71
C VAL D 178 -37.27 -12.84 -16.11
N ASP D 179 -37.52 -11.56 -16.36
CA ASP D 179 -38.82 -11.14 -16.88
C ASP D 179 -39.11 -11.80 -18.21
N ALA D 180 -38.11 -11.81 -19.09
CA ALA D 180 -38.19 -12.48 -20.38
C ALA D 180 -38.39 -13.98 -20.20
N MET D 181 -37.96 -14.50 -19.06
CA MET D 181 -38.16 -15.90 -18.73
C MET D 181 -39.57 -16.16 -18.20
N VAL D 182 -40.01 -15.33 -17.26
CA VAL D 182 -41.33 -15.48 -16.68
C VAL D 182 -42.40 -15.41 -17.77
N GLN D 183 -42.29 -14.44 -18.68
CA GLN D 183 -43.26 -14.31 -19.75
C GLN D 183 -43.30 -15.53 -20.65
N LEU D 184 -42.13 -16.09 -20.95
CA LEU D 184 -42.07 -17.27 -21.81
C LEU D 184 -42.78 -18.47 -21.21
N ILE D 185 -42.51 -18.78 -19.94
CA ILE D 185 -43.03 -20.01 -19.35
C ILE D 185 -44.55 -20.00 -19.16
N LYS D 186 -45.18 -18.82 -19.21
CA LYS D 186 -46.64 -18.76 -19.12
C LYS D 186 -47.30 -18.70 -20.49
N LYS D 187 -46.57 -18.25 -21.50
CA LYS D 187 -47.11 -18.33 -22.86
C LYS D 187 -47.12 -19.79 -23.32
N PHE D 188 -46.36 -20.60 -22.60
CA PHE D 188 -46.43 -22.04 -22.76
C PHE D 188 -47.19 -22.66 -21.59
N ASN D 189 -47.92 -21.79 -20.87
CA ASN D 189 -48.85 -22.19 -19.81
C ASN D 189 -48.31 -23.10 -18.70
N TRP D 190 -47.02 -23.02 -18.42
CA TRP D 190 -46.43 -23.84 -17.36
C TRP D 190 -46.57 -23.19 -15.99
N VAL D 195 -35.62 -23.82 -9.94
CA VAL D 195 -34.59 -22.87 -10.33
C VAL D 195 -33.24 -23.28 -9.77
N VAL D 196 -32.19 -23.13 -10.58
CA VAL D 196 -30.86 -23.53 -10.16
C VAL D 196 -29.86 -22.41 -10.41
N GLY D 197 -29.15 -22.01 -9.37
CA GLY D 197 -28.17 -20.96 -9.52
C GLY D 197 -26.78 -21.38 -9.08
N SER D 198 -25.77 -20.75 -9.65
CA SER D 198 -24.42 -20.85 -9.10
C SER D 198 -24.36 -19.99 -7.82
N GLU D 199 -23.66 -20.45 -6.79
CA GLU D 199 -23.58 -19.67 -5.55
C GLU D 199 -22.50 -18.59 -5.68
N GLU D 200 -22.96 -17.42 -6.11
CA GLU D 200 -22.15 -16.22 -6.25
C GLU D 200 -23.08 -15.10 -6.70
N GLU D 201 -22.54 -13.92 -6.92
CA GLU D 201 -23.36 -12.74 -7.20
C GLU D 201 -24.35 -12.93 -8.35
N TYR D 202 -23.91 -13.55 -9.42
CA TYR D 202 -24.74 -13.68 -10.61
C TYR D 202 -25.90 -14.64 -10.36
N GLY D 203 -25.57 -15.85 -9.90
CA GLY D 203 -26.57 -16.87 -9.64
C GLY D 203 -27.50 -16.59 -8.46
N GLN D 204 -26.94 -16.13 -7.35
CA GLN D 204 -27.76 -15.83 -6.15
C GLN D 204 -28.79 -14.75 -6.49
N GLN D 205 -28.35 -13.72 -7.20
CA GLN D 205 -29.26 -12.67 -7.64
C GLN D 205 -30.20 -13.17 -8.72
N GLY D 206 -29.78 -14.22 -9.42
CA GLY D 206 -30.61 -14.85 -10.44
C GLY D 206 -31.85 -15.50 -9.86
N VAL D 207 -31.65 -16.46 -8.96
CA VAL D 207 -32.74 -17.20 -8.34
C VAL D 207 -33.57 -16.28 -7.44
N GLN D 208 -32.95 -15.20 -7.01
CA GLN D 208 -33.62 -14.23 -6.15
C GLN D 208 -34.68 -13.50 -6.97
N GLN D 209 -34.26 -12.90 -8.08
CA GLN D 209 -35.15 -12.11 -8.91
C GLN D 209 -36.17 -12.97 -9.67
N PHE D 210 -35.72 -14.13 -10.14
CA PHE D 210 -36.62 -15.04 -10.84
C PHE D 210 -37.77 -15.47 -9.95
N SER D 211 -37.42 -15.94 -8.75
CA SER D 211 -38.41 -16.50 -7.83
C SER D 211 -39.34 -15.43 -7.25
N LYS D 212 -38.85 -14.21 -7.14
CA LYS D 212 -39.68 -13.12 -6.64
C LYS D 212 -40.83 -12.81 -7.58
N LYS D 213 -40.55 -12.90 -8.88
CA LYS D 213 -41.57 -12.65 -9.90
C LYS D 213 -41.91 -13.93 -10.65
N VAL D 221 -43.31 -22.32 -8.64
CA VAL D 221 -42.16 -22.15 -7.75
C VAL D 221 -41.28 -23.40 -7.77
N ALA D 222 -41.75 -24.44 -7.07
CA ALA D 222 -41.10 -25.77 -6.96
C ALA D 222 -39.92 -25.79 -5.98
N TYR D 223 -38.79 -25.25 -6.39
CA TYR D 223 -37.55 -25.47 -5.64
C TYR D 223 -36.46 -24.49 -6.03
N GLN D 224 -35.66 -24.06 -5.07
CA GLN D 224 -34.50 -23.18 -5.32
C GLN D 224 -33.19 -23.88 -4.95
N GLY D 225 -32.29 -24.02 -5.92
CA GLY D 225 -31.02 -24.70 -5.68
C GLY D 225 -29.77 -23.84 -5.85
N LEU D 226 -28.64 -24.30 -5.31
CA LEU D 226 -27.39 -23.53 -5.33
C LEU D 226 -26.15 -24.39 -5.53
N ILE D 227 -25.38 -24.10 -6.57
CA ILE D 227 -24.19 -24.86 -6.91
C ILE D 227 -22.91 -24.17 -6.44
N PRO D 228 -22.16 -24.80 -5.53
CA PRO D 228 -20.85 -24.31 -5.08
C PRO D 228 -19.88 -23.95 -6.21
N ILE D 229 -18.95 -23.05 -5.89
CA ILE D 229 -18.10 -22.42 -6.89
C ILE D 229 -16.61 -22.58 -6.52
N TYR D 230 -16.34 -22.93 -5.27
CA TYR D 230 -14.96 -22.90 -4.76
C TYR D 230 -14.42 -24.26 -4.30
N ASP D 231 -15.17 -24.99 -3.48
CA ASP D 231 -14.75 -26.34 -3.09
C ASP D 231 -15.08 -27.40 -4.16
N ASP D 232 -15.67 -28.52 -3.77
CA ASP D 232 -16.19 -29.48 -4.74
C ASP D 232 -17.73 -29.38 -4.73
N PRO D 233 -18.32 -29.07 -5.90
CA PRO D 233 -19.75 -28.84 -6.17
C PRO D 233 -20.67 -30.06 -6.26
N LYS D 234 -20.18 -31.24 -6.67
CA LYS D 234 -21.11 -32.34 -7.01
C LYS D 234 -21.78 -33.08 -5.84
N PRO D 235 -21.10 -33.20 -4.69
CA PRO D 235 -21.96 -33.68 -3.58
C PRO D 235 -23.15 -32.73 -3.40
N ALA D 236 -22.87 -31.44 -3.40
CA ALA D 236 -23.93 -30.44 -3.38
C ALA D 236 -24.74 -30.42 -4.69
N ILE D 237 -24.10 -30.62 -5.84
CA ILE D 237 -24.79 -30.48 -7.13
C ILE D 237 -26.00 -31.37 -7.38
N GLN D 238 -25.94 -32.64 -7.00
CA GLN D 238 -27.19 -33.27 -6.63
C GLN D 238 -27.05 -33.88 -5.27
N THR D 239 -27.39 -32.98 -4.34
CA THR D 239 -28.55 -33.03 -3.43
C THR D 239 -29.77 -32.36 -4.22
N ILE D 240 -29.51 -31.86 -5.44
CA ILE D 240 -30.47 -30.97 -6.11
C ILE D 240 -31.01 -31.46 -7.47
N ILE D 241 -30.25 -32.21 -8.30
CA ILE D 241 -30.60 -32.41 -9.73
C ILE D 241 -31.66 -33.39 -9.84
N ASN D 242 -31.79 -34.16 -8.80
CA ASN D 242 -32.88 -35.05 -8.77
C ASN D 242 -33.51 -34.94 -7.38
N ASN D 243 -33.51 -33.72 -6.82
CA ASN D 243 -34.51 -33.35 -5.82
C ASN D 243 -35.57 -32.60 -6.60
N VAL D 253 -34.80 -24.20 -15.04
CA VAL D 253 -34.17 -22.89 -15.23
C VAL D 253 -32.76 -22.82 -14.63
N VAL D 254 -31.74 -22.87 -15.45
CA VAL D 254 -30.38 -22.85 -14.95
C VAL D 254 -29.76 -21.46 -15.12
N PHE D 255 -29.89 -20.66 -14.06
CA PHE D 255 -29.26 -19.34 -14.02
C PHE D 255 -27.88 -19.46 -13.39
N SER D 256 -26.84 -19.54 -14.22
CA SER D 256 -25.52 -19.91 -13.69
C SER D 256 -24.34 -19.58 -14.60
N LEU D 257 -23.17 -19.44 -13.99
CA LEU D 257 -21.92 -19.38 -14.74
C LEU D 257 -21.67 -20.68 -15.50
N VAL D 258 -20.80 -20.63 -16.52
CA VAL D 258 -20.54 -21.80 -17.37
C VAL D 258 -19.90 -22.96 -16.60
N SER D 259 -18.90 -22.66 -15.78
CA SER D 259 -18.13 -23.69 -15.08
C SER D 259 -18.93 -24.51 -14.05
N PRO D 260 -19.78 -23.86 -13.23
CA PRO D 260 -20.61 -24.74 -12.40
C PRO D 260 -21.77 -25.33 -13.19
N ALA D 261 -22.05 -24.76 -14.36
CA ALA D 261 -23.14 -25.26 -15.20
C ALA D 261 -22.74 -26.55 -15.91
N VAL D 262 -21.50 -26.61 -16.38
CA VAL D 262 -21.02 -27.81 -17.04
C VAL D 262 -21.06 -28.97 -16.05
N SER D 263 -20.65 -28.74 -14.80
CA SER D 263 -20.57 -29.80 -13.81
C SER D 263 -21.95 -30.18 -13.28
N PHE D 264 -22.91 -29.26 -13.39
CA PHE D 264 -24.30 -29.60 -13.12
C PHE D 264 -24.82 -30.54 -14.20
N PHE D 265 -24.24 -30.41 -15.40
CA PHE D 265 -24.74 -31.13 -16.56
C PHE D 265 -23.99 -32.41 -16.87
N GLU D 266 -22.87 -32.66 -16.20
CA GLU D 266 -22.24 -33.96 -16.31
C GLU D 266 -23.07 -34.98 -15.55
N GLU D 267 -23.76 -34.52 -14.52
CA GLU D 267 -24.47 -35.43 -13.64
C GLU D 267 -25.87 -35.73 -14.14
N VAL D 268 -26.46 -34.79 -14.89
CA VAL D 268 -27.78 -35.07 -15.45
C VAL D 268 -27.70 -36.12 -16.58
N ILE D 269 -26.58 -36.13 -17.30
CA ILE D 269 -26.42 -37.00 -18.46
C ILE D 269 -26.00 -38.41 -18.04
N LYS D 270 -25.26 -38.49 -16.94
CA LYS D 270 -24.73 -39.77 -16.48
C LYS D 270 -25.56 -40.27 -15.29
N LYS D 271 -26.62 -39.51 -14.99
CA LYS D 271 -27.69 -39.92 -14.09
C LYS D 271 -29.04 -39.44 -14.65
N ASN D 272 -29.36 -40.03 -15.81
CA ASN D 272 -30.69 -40.34 -16.41
C ASN D 272 -31.68 -39.21 -16.81
N LEU D 273 -31.28 -37.96 -16.68
CA LEU D 273 -32.22 -36.84 -16.76
C LEU D 273 -32.73 -36.37 -18.15
N THR D 274 -34.01 -35.99 -18.18
CA THR D 274 -34.63 -35.35 -19.33
C THR D 274 -35.81 -34.47 -18.89
N GLY D 275 -36.09 -33.42 -19.64
CA GLY D 275 -37.08 -32.42 -19.28
C GLY D 275 -36.69 -31.08 -19.89
N VAL D 276 -37.38 -30.01 -19.51
CA VAL D 276 -37.18 -28.68 -20.09
C VAL D 276 -36.10 -27.87 -19.37
N TRP D 277 -35.19 -27.28 -20.16
CA TRP D 277 -34.09 -26.48 -19.63
C TRP D 277 -34.07 -25.06 -20.19
N ILE D 278 -34.28 -24.07 -19.31
CA ILE D 278 -34.17 -22.66 -19.66
C ILE D 278 -32.76 -22.14 -19.38
N ALA D 279 -32.11 -21.59 -20.40
CA ALA D 279 -30.72 -21.17 -20.28
C ALA D 279 -30.59 -19.67 -20.14
N SER D 280 -29.91 -19.24 -19.08
CA SER D 280 -29.48 -17.85 -18.94
C SER D 280 -28.36 -17.53 -19.93
N SER D 281 -28.11 -16.25 -20.12
CA SER D 281 -27.11 -15.77 -21.08
C SER D 281 -25.70 -16.31 -20.90
N SER D 282 -25.33 -16.66 -19.68
CA SER D 282 -23.93 -16.98 -19.41
C SER D 282 -23.50 -18.35 -19.94
N TRP D 283 -24.45 -19.25 -20.14
CA TRP D 283 -24.09 -20.57 -20.65
C TRP D 283 -24.87 -20.97 -21.91
N ALA D 284 -25.87 -20.18 -22.29
CA ALA D 284 -26.80 -20.56 -23.36
C ALA D 284 -26.15 -20.76 -24.73
N ILE D 285 -24.91 -20.34 -24.88
CA ILE D 285 -24.19 -20.45 -26.14
C ILE D 285 -22.77 -20.96 -25.91
N SER D 286 -22.59 -21.61 -24.76
CA SER D 286 -21.30 -22.18 -24.39
C SER D 286 -21.04 -23.51 -25.10
N ASP D 287 -19.86 -23.59 -25.73
CA ASP D 287 -19.37 -24.83 -26.33
C ASP D 287 -18.94 -25.80 -25.24
N LYS D 288 -18.54 -25.27 -24.09
CA LYS D 288 -18.07 -26.13 -23.02
C LYS D 288 -19.21 -26.98 -22.47
N VAL D 289 -20.44 -26.51 -22.66
CA VAL D 289 -21.60 -27.34 -22.32
C VAL D 289 -22.01 -28.24 -23.49
N TYR D 290 -22.18 -27.63 -24.66
CA TYR D 290 -22.78 -28.30 -25.82
C TYR D 290 -21.83 -29.25 -26.55
N SER D 291 -20.65 -29.46 -25.98
CA SER D 291 -19.68 -30.35 -26.60
C SER D 291 -19.52 -31.62 -25.78
N LEU D 292 -19.91 -31.54 -24.50
CA LEU D 292 -19.74 -32.65 -23.58
C LEU D 292 -20.52 -33.87 -24.07
N PRO D 293 -19.95 -35.08 -23.89
CA PRO D 293 -20.60 -36.36 -24.21
C PRO D 293 -22.06 -36.43 -23.73
N ASN D 294 -22.91 -37.06 -24.52
CA ASN D 294 -24.28 -37.39 -24.11
C ASN D 294 -25.14 -36.17 -23.78
N ILE D 295 -24.67 -34.99 -24.16
CA ILE D 295 -25.22 -33.73 -23.68
C ILE D 295 -26.71 -33.50 -24.00
N ASP D 296 -27.22 -34.13 -25.07
CA ASP D 296 -28.56 -33.82 -25.59
C ASP D 296 -29.44 -35.07 -25.68
N SER D 297 -29.04 -36.10 -24.95
CA SER D 297 -30.01 -37.00 -24.38
C SER D 297 -30.87 -36.16 -23.43
N ILE D 298 -30.28 -35.08 -22.92
CA ILE D 298 -30.95 -34.09 -22.07
C ILE D 298 -32.25 -33.52 -22.67
N GLY D 299 -32.26 -33.30 -23.99
CA GLY D 299 -33.47 -32.88 -24.69
C GLY D 299 -33.55 -31.43 -25.11
N THR D 300 -34.70 -30.82 -24.90
CA THR D 300 -34.90 -29.39 -25.10
C THR D 300 -33.88 -28.52 -24.33
N VAL D 301 -33.48 -27.40 -24.95
CA VAL D 301 -32.67 -26.37 -24.30
C VAL D 301 -33.03 -25.01 -24.91
N ILE D 302 -33.85 -24.23 -24.22
CA ILE D 302 -34.18 -22.88 -24.68
C ILE D 302 -33.11 -21.90 -24.21
N GLY D 303 -32.78 -20.89 -25.03
CA GLY D 303 -31.76 -19.94 -24.67
C GLY D 303 -32.10 -18.45 -24.75
N PHE D 304 -31.57 -17.68 -23.79
CA PHE D 304 -31.67 -16.22 -23.80
C PHE D 304 -30.30 -15.55 -23.94
N ILE D 305 -30.13 -14.70 -24.93
CA ILE D 305 -28.90 -13.92 -25.05
C ILE D 305 -29.17 -12.46 -25.43
N ASP D 306 -28.15 -11.63 -25.23
CA ASP D 306 -28.29 -10.20 -25.47
C ASP D 306 -28.27 -9.96 -26.94
N GLU D 307 -29.27 -9.22 -27.41
CA GLU D 307 -29.43 -9.00 -28.83
C GLU D 307 -28.43 -7.95 -29.30
N THR D 308 -27.65 -8.33 -30.30
CA THR D 308 -26.48 -7.56 -30.68
C THR D 308 -26.25 -7.53 -32.18
N GLU D 309 -25.32 -6.69 -32.58
CA GLU D 309 -24.84 -6.66 -33.95
C GLU D 309 -23.63 -7.57 -34.10
N THR D 310 -23.45 -8.06 -35.32
CA THR D 310 -22.25 -8.77 -35.71
C THR D 310 -21.20 -7.79 -36.20
N LEU D 311 -20.04 -7.75 -35.56
CA LEU D 311 -18.94 -6.92 -36.04
C LEU D 311 -18.33 -7.54 -37.30
N GLU D 312 -18.57 -6.90 -38.43
CA GLU D 312 -18.18 -7.45 -39.73
C GLU D 312 -16.68 -7.48 -39.94
N LEU D 313 -15.95 -6.56 -39.31
CA LEU D 313 -14.52 -6.42 -39.56
C LEU D 313 -13.66 -7.11 -38.51
N LEU D 314 -14.28 -7.68 -37.48
CA LEU D 314 -13.54 -8.26 -36.37
C LEU D 314 -12.62 -9.40 -36.80
N SER D 315 -13.12 -10.29 -37.66
CA SER D 315 -12.32 -11.39 -38.14
C SER D 315 -11.21 -10.92 -39.08
N PRO D 316 -11.54 -10.17 -40.16
CA PRO D 316 -10.47 -9.64 -41.00
C PRO D 316 -9.39 -8.87 -40.23
N PHE D 317 -9.80 -7.98 -39.33
CA PHE D 317 -8.86 -7.28 -38.45
C PHE D 317 -7.91 -8.25 -37.74
N THR D 318 -8.48 -9.28 -37.13
CA THR D 318 -7.67 -10.26 -36.39
C THR D 318 -6.72 -11.08 -37.30
N GLU D 319 -7.18 -11.40 -38.50
CA GLU D 319 -6.32 -12.10 -39.45
C GLU D 319 -5.09 -11.27 -39.79
N VAL D 320 -5.27 -9.96 -39.93
CA VAL D 320 -4.14 -9.08 -40.19
C VAL D 320 -3.31 -8.92 -38.91
N LEU D 321 -3.98 -8.84 -37.76
CA LEU D 321 -3.23 -8.65 -36.52
C LEU D 321 -2.39 -9.88 -36.19
N PHE D 322 -3.01 -11.06 -36.27
CA PHE D 322 -2.29 -12.29 -35.94
C PHE D 322 -1.23 -12.56 -36.98
N LYS D 323 -1.46 -12.14 -38.20
CA LYS D 323 -0.43 -12.17 -39.23
C LYS D 323 0.76 -11.31 -38.77
N LYS D 324 0.49 -10.07 -38.36
CA LYS D 324 1.56 -9.13 -38.02
C LYS D 324 2.32 -9.54 -36.78
N ILE D 325 1.64 -10.14 -35.79
CA ILE D 325 2.33 -10.58 -34.59
C ILE D 325 3.31 -11.70 -34.92
N HIS D 326 2.83 -12.67 -35.70
CA HIS D 326 3.64 -13.82 -36.09
C HIS D 326 4.87 -13.35 -36.84
N GLU D 327 4.66 -12.55 -37.89
CA GLU D 327 5.75 -12.07 -38.74
C GLU D 327 6.72 -11.17 -37.96
N ALA D 328 6.25 -10.66 -36.82
CA ALA D 328 7.14 -9.95 -35.92
C ALA D 328 8.08 -10.93 -35.24
N SER D 329 8.06 -10.93 -33.91
CA SER D 329 9.02 -11.71 -33.14
C SER D 329 8.33 -12.65 -32.16
N ASN D 339 2.18 -8.57 -18.06
CA ASN D 339 1.69 -9.35 -19.19
C ASN D 339 0.60 -10.33 -18.76
N PRO D 340 -0.66 -10.02 -19.10
CA PRO D 340 -1.84 -10.81 -18.76
C PRO D 340 -1.94 -12.16 -19.44
N CYS D 341 -1.12 -12.42 -20.45
CA CYS D 341 -1.22 -13.68 -21.18
C CYS D 341 0.12 -14.08 -21.76
N PRO D 342 0.90 -14.82 -20.95
CA PRO D 342 2.27 -15.25 -21.29
C PRO D 342 2.41 -15.89 -22.67
N GLU D 343 1.44 -16.69 -23.09
CA GLU D 343 1.60 -17.44 -24.34
C GLU D 343 1.07 -16.71 -25.57
N CYS D 344 0.45 -15.55 -25.38
CA CYS D 344 -0.03 -14.76 -26.52
C CYS D 344 1.10 -14.10 -27.32
N TRP D 345 2.34 -14.46 -26.97
CA TRP D 345 3.50 -14.00 -27.71
C TRP D 345 3.58 -14.72 -29.03
N SER D 346 3.07 -15.95 -29.04
CA SER D 346 3.22 -16.78 -30.23
C SER D 346 1.90 -17.01 -30.94
N LEU D 347 1.04 -15.99 -30.98
CA LEU D 347 -0.18 -16.05 -31.79
C LEU D 347 0.18 -15.97 -33.27
N SER D 348 -0.76 -16.39 -34.11
CA SER D 348 -0.53 -16.54 -35.54
C SER D 348 -1.88 -16.65 -36.22
N PRO D 349 -1.91 -16.70 -37.57
CA PRO D 349 -3.23 -16.82 -38.22
C PRO D 349 -4.05 -18.02 -37.74
N ALA D 350 -3.37 -19.10 -37.35
CA ALA D 350 -4.04 -20.33 -36.92
C ALA D 350 -5.00 -20.11 -35.74
N ASN D 351 -4.85 -18.99 -35.05
CA ASN D 351 -5.66 -18.67 -33.90
C ASN D 351 -6.84 -17.75 -34.19
N VAL D 352 -7.17 -17.53 -35.47
CA VAL D 352 -8.25 -16.60 -35.79
C VAL D 352 -9.57 -17.11 -35.17
N SER D 353 -9.65 -18.43 -35.00
CA SER D 353 -10.81 -19.09 -34.41
C SER D 353 -11.22 -18.52 -33.05
N LEU D 354 -10.30 -17.85 -32.36
CA LEU D 354 -10.65 -17.12 -31.14
C LEU D 354 -11.80 -16.15 -31.39
N VAL D 355 -11.71 -15.35 -32.45
CA VAL D 355 -12.73 -14.35 -32.67
C VAL D 355 -13.83 -14.91 -33.56
N LYS D 356 -13.62 -16.09 -34.12
CA LYS D 356 -14.64 -16.66 -34.98
C LYS D 356 -15.67 -17.53 -34.24
N GLU D 357 -15.34 -17.95 -33.02
CA GLU D 357 -16.30 -18.67 -32.20
C GLU D 357 -17.56 -17.83 -31.94
N GLU D 358 -18.70 -18.52 -31.88
CA GLU D 358 -19.99 -17.84 -31.82
C GLU D 358 -20.16 -17.01 -30.54
N SER D 359 -19.74 -17.55 -29.41
CA SER D 359 -19.89 -16.85 -28.14
C SER D 359 -19.15 -15.50 -28.17
N VAL D 360 -18.07 -15.43 -28.95
CA VAL D 360 -17.36 -14.16 -29.09
C VAL D 360 -18.09 -13.30 -30.12
N GLN D 361 -18.45 -13.89 -31.26
CA GLN D 361 -19.16 -13.16 -32.30
C GLN D 361 -20.44 -12.51 -31.78
N ARG D 362 -21.20 -13.26 -30.98
CA ARG D 362 -22.51 -12.80 -30.54
C ARG D 362 -22.45 -11.96 -29.27
N THR D 363 -21.25 -11.69 -28.78
CA THR D 363 -21.10 -10.80 -27.61
C THR D 363 -20.05 -9.74 -27.80
N ALA D 364 -19.29 -9.82 -28.90
CA ALA D 364 -18.22 -8.86 -29.17
C ALA D 364 -18.70 -7.43 -29.14
N PHE D 365 -19.91 -7.22 -29.66
CA PHE D 365 -20.52 -5.92 -29.73
C PHE D 365 -20.58 -5.20 -28.38
N SER D 366 -20.71 -5.95 -27.29
CA SER D 366 -20.79 -5.32 -25.98
C SER D 366 -19.49 -4.61 -25.63
N VAL D 367 -18.37 -5.24 -25.98
CA VAL D 367 -17.07 -4.66 -25.68
C VAL D 367 -16.86 -3.47 -26.57
N TYR D 368 -17.15 -3.69 -27.85
CA TYR D 368 -17.07 -2.66 -28.88
C TYR D 368 -17.87 -1.42 -28.46
N ALA D 369 -19.11 -1.64 -28.00
CA ALA D 369 -19.99 -0.55 -27.62
C ALA D 369 -19.50 0.16 -26.36
N ALA D 370 -18.84 -0.59 -25.47
CA ALA D 370 -18.33 0.03 -24.26
C ALA D 370 -17.22 1.01 -24.61
N VAL D 371 -16.30 0.60 -25.47
CA VAL D 371 -15.19 1.47 -25.85
C VAL D 371 -15.67 2.70 -26.63
N TYR D 372 -16.62 2.51 -27.54
CA TYR D 372 -17.12 3.62 -28.35
C TYR D 372 -17.96 4.61 -27.55
N THR D 373 -18.69 4.12 -26.56
CA THR D 373 -19.41 4.99 -25.65
C THR D 373 -18.46 5.94 -24.94
N VAL D 374 -17.32 5.44 -24.47
CA VAL D 374 -16.36 6.30 -23.81
C VAL D 374 -15.71 7.29 -24.81
N ALA D 375 -15.42 6.82 -26.03
CA ALA D 375 -14.71 7.66 -27.00
C ALA D 375 -15.57 8.83 -27.45
N HIS D 376 -16.84 8.56 -27.67
CA HIS D 376 -17.79 9.63 -27.98
C HIS D 376 -17.96 10.58 -26.81
N ALA D 377 -18.07 10.05 -25.60
CA ALA D 377 -18.11 10.86 -24.40
C ALA D 377 -16.88 11.76 -24.33
N LEU D 378 -15.69 11.18 -24.52
CA LEU D 378 -14.46 11.98 -24.54
C LEU D 378 -14.54 13.06 -25.62
N HIS D 379 -15.11 12.71 -26.77
CA HIS D 379 -15.24 13.62 -27.90
C HIS D 379 -16.12 14.79 -27.50
N LYS D 380 -17.19 14.52 -26.78
CA LYS D 380 -18.06 15.60 -26.33
C LYS D 380 -17.37 16.40 -25.23
N LEU D 381 -16.76 15.70 -24.26
CA LEU D 381 -16.08 16.37 -23.15
C LEU D 381 -14.97 17.30 -23.64
N LEU D 382 -14.26 16.89 -24.68
CA LEU D 382 -13.14 17.69 -25.14
C LEU D 382 -13.59 18.72 -26.18
N GLU D 383 -14.90 18.94 -26.23
CA GLU D 383 -15.55 19.80 -27.21
C GLU D 383 -14.88 19.71 -28.57
N CYS D 384 -15.06 18.56 -29.21
CA CYS D 384 -14.43 18.30 -30.49
C CYS D 384 -15.43 18.52 -31.61
N ASN D 385 -14.92 18.96 -32.77
CA ASN D 385 -15.67 18.89 -34.01
C ASN D 385 -15.00 17.84 -34.88
N SER D 386 -15.35 17.79 -36.16
CA SER D 386 -14.81 16.77 -37.06
C SER D 386 -13.33 16.98 -37.34
N ALA D 387 -12.80 18.16 -37.05
CA ALA D 387 -11.40 18.47 -37.34
C ALA D 387 -10.52 18.61 -36.09
N ALA D 388 -11.04 19.25 -35.04
CA ALA D 388 -10.20 19.56 -33.87
C ALA D 388 -10.85 19.33 -32.51
N CYS D 389 -10.02 19.16 -31.48
CA CYS D 389 -10.48 19.02 -30.10
C CYS D 389 -9.78 20.05 -29.22
N LYS D 390 -10.49 20.66 -28.27
CA LYS D 390 -9.78 21.49 -27.32
C LYS D 390 -9.08 20.57 -26.30
N TRP D 391 -7.99 19.98 -26.76
CA TRP D 391 -7.14 19.12 -25.96
C TRP D 391 -5.70 19.39 -26.32
N SER D 392 -4.84 19.54 -25.31
CA SER D 392 -3.42 19.68 -25.58
C SER D 392 -2.61 18.83 -24.61
N SER D 393 -1.30 18.84 -24.79
CA SER D 393 -0.36 18.09 -23.97
C SER D 393 -0.30 18.61 -22.54
N SER D 394 -1.15 19.56 -22.21
CA SER D 394 -1.20 20.10 -20.85
C SER D 394 -2.60 19.99 -20.23
N THR D 395 -3.58 19.60 -21.04
CA THR D 395 -4.95 19.42 -20.55
C THR D 395 -5.01 18.35 -19.45
N ARG D 396 -5.89 18.54 -18.48
CA ARG D 396 -5.97 17.62 -17.37
C ARG D 396 -7.35 16.96 -17.26
N LEU D 397 -7.38 15.69 -17.63
CA LEU D 397 -8.63 14.93 -17.67
C LEU D 397 -8.93 14.27 -16.35
N TYR D 398 -9.99 14.74 -15.70
CA TYR D 398 -10.47 14.19 -14.45
C TYR D 398 -11.62 13.23 -14.74
N PRO D 399 -11.55 12.00 -14.20
CA PRO D 399 -12.60 11.02 -14.49
C PRO D 399 -13.98 11.53 -14.12
N TRP D 400 -14.09 12.24 -13.00
CA TRP D 400 -15.40 12.71 -12.57
C TRP D 400 -16.05 13.71 -13.58
N LYS D 401 -15.24 14.42 -14.35
CA LYS D 401 -15.79 15.26 -15.41
C LYS D 401 -16.28 14.39 -16.57
N LEU D 402 -15.58 13.31 -16.85
CA LEU D 402 -15.99 12.42 -17.94
C LEU D 402 -17.33 11.79 -17.57
N LEU D 403 -17.57 11.69 -16.28
CA LEU D 403 -18.71 10.95 -15.79
C LEU D 403 -20.00 11.75 -15.95
N GLU D 404 -19.93 13.06 -15.68
CA GLU D 404 -21.12 13.91 -15.75
C GLU D 404 -21.62 13.99 -17.18
N VAL D 405 -20.70 13.88 -18.13
CA VAL D 405 -21.05 13.75 -19.53
C VAL D 405 -21.81 12.44 -19.81
N LEU D 406 -21.32 11.34 -19.22
CA LEU D 406 -21.83 9.98 -19.45
C LEU D 406 -23.24 9.68 -18.93
N LYS D 407 -23.65 10.37 -17.87
CA LYS D 407 -24.99 10.13 -17.31
C LYS D 407 -26.07 10.33 -18.37
N GLU D 408 -26.86 9.28 -18.60
CA GLU D 408 -27.95 9.27 -19.58
C GLU D 408 -27.49 9.56 -21.00
N PHE D 409 -26.24 9.23 -21.29
CA PHE D 409 -25.64 9.42 -22.61
C PHE D 409 -26.48 8.72 -23.69
N SER D 410 -26.62 9.41 -24.82
CA SER D 410 -27.17 8.80 -26.03
C SER D 410 -26.12 8.88 -27.12
N VAL D 411 -25.94 7.77 -27.84
CA VAL D 411 -24.98 7.71 -28.91
C VAL D 411 -25.42 6.61 -29.87
N ASN D 412 -25.17 6.81 -31.15
CA ASN D 412 -25.44 5.75 -32.11
C ASN D 412 -24.13 5.02 -32.44
N ILE D 413 -24.10 3.72 -32.16
CA ILE D 413 -22.91 2.93 -32.45
C ILE D 413 -23.24 1.89 -33.51
N SER D 414 -22.55 2.02 -34.66
CA SER D 414 -22.86 1.27 -35.87
C SER D 414 -24.32 1.51 -36.28
N ASN D 415 -25.15 0.47 -36.23
CA ASN D 415 -26.55 0.66 -36.58
C ASN D 415 -27.47 0.62 -35.36
N THR D 416 -26.90 0.84 -34.18
CA THR D 416 -27.65 0.73 -32.93
C THR D 416 -27.79 2.07 -32.18
N SER D 417 -29.02 2.45 -31.90
CA SER D 417 -29.32 3.60 -31.06
C SER D 417 -29.14 3.22 -29.60
N LEU D 418 -27.98 3.53 -29.06
CA LEU D 418 -27.64 3.14 -27.70
C LEU D 418 -27.87 4.25 -26.68
N LYS D 419 -28.85 4.04 -25.80
CA LYS D 419 -29.19 5.01 -24.76
C LYS D 419 -29.05 4.45 -23.33
N PHE D 420 -28.29 5.15 -22.49
CA PHE D 420 -28.19 4.80 -21.07
C PHE D 420 -29.25 5.49 -20.22
N ASP D 421 -29.85 4.76 -19.28
CA ASP D 421 -30.89 5.34 -18.43
C ASP D 421 -30.33 5.86 -17.09
N GLN D 422 -31.22 6.25 -16.19
CA GLN D 422 -30.84 6.82 -14.90
C GLN D 422 -29.84 5.96 -14.13
N ASN D 423 -29.93 4.65 -14.33
CA ASN D 423 -29.15 3.68 -13.58
C ASN D 423 -27.87 3.24 -14.26
N GLY D 424 -27.65 3.67 -15.49
CA GLY D 424 -26.50 3.19 -16.24
C GLY D 424 -26.82 1.91 -16.98
N ASN D 425 -28.10 1.56 -17.00
CA ASN D 425 -28.58 0.42 -17.77
C ASN D 425 -28.85 0.81 -19.23
N PRO D 426 -28.61 -0.14 -20.15
CA PRO D 426 -28.78 0.11 -21.60
C PRO D 426 -30.12 -0.36 -22.19
N ASN D 427 -30.46 0.16 -23.37
CA ASN D 427 -31.69 -0.25 -24.06
C ASN D 427 -31.41 -1.35 -25.06
N ILE D 428 -30.73 -2.39 -24.57
CA ILE D 428 -30.49 -3.61 -25.30
C ILE D 428 -31.56 -4.63 -24.89
N GLY D 429 -32.05 -5.42 -25.85
CA GLY D 429 -33.02 -6.46 -25.55
C GLY D 429 -32.45 -7.87 -25.59
N TYR D 430 -33.31 -8.88 -25.71
CA TYR D 430 -32.87 -10.28 -25.77
C TYR D 430 -33.26 -11.00 -27.05
N SER D 431 -32.43 -11.97 -27.42
CA SER D 431 -32.80 -12.91 -28.48
C SER D 431 -33.11 -14.24 -27.83
N VAL D 432 -34.35 -14.69 -28.00
CA VAL D 432 -34.70 -16.04 -27.61
C VAL D 432 -34.15 -17.01 -28.66
N ILE D 433 -33.28 -17.91 -28.24
CA ILE D 433 -32.74 -18.89 -29.14
C ILE D 433 -33.13 -20.26 -28.64
N GLN D 434 -32.68 -21.28 -29.36
CA GLN D 434 -32.94 -22.65 -28.97
C GLN D 434 -31.87 -23.54 -29.59
N ARG D 435 -31.42 -24.53 -28.85
CA ARG D 435 -30.38 -25.40 -29.34
C ARG D 435 -31.00 -26.58 -30.05
N ILE D 436 -30.93 -26.59 -31.38
CA ILE D 436 -31.28 -27.79 -32.11
C ILE D 436 -29.98 -28.58 -32.35
N TRP D 437 -30.06 -29.89 -32.14
CA TRP D 437 -28.88 -30.73 -32.12
C TRP D 437 -28.59 -31.38 -33.48
N GLU D 438 -29.56 -31.24 -34.39
CA GLU D 438 -29.45 -31.77 -35.74
C GLU D 438 -28.21 -31.22 -36.46
N ASN D 439 -28.24 -29.95 -36.80
CA ASN D 439 -27.07 -29.33 -37.44
C ASN D 439 -26.25 -28.55 -36.41
N GLN D 440 -26.34 -28.99 -35.14
CA GLN D 440 -25.69 -28.37 -33.97
C GLN D 440 -25.57 -26.85 -34.05
N SER D 441 -26.70 -26.17 -34.16
CA SER D 441 -26.71 -24.72 -34.25
C SER D 441 -27.63 -24.11 -33.20
N LEU D 442 -27.89 -22.81 -33.33
CA LEU D 442 -28.85 -22.14 -32.46
C LEU D 442 -29.96 -21.51 -33.29
N SER D 443 -31.20 -21.84 -32.97
CA SER D 443 -32.35 -21.39 -33.75
C SER D 443 -32.94 -20.10 -33.19
N SER D 444 -32.92 -19.04 -33.99
CA SER D 444 -33.54 -17.79 -33.57
C SER D 444 -35.06 -17.95 -33.60
N VAL D 445 -35.69 -17.90 -32.44
CA VAL D 445 -37.11 -18.20 -32.33
C VAL D 445 -37.94 -17.07 -31.71
N GLY D 446 -37.33 -15.94 -31.45
CA GLY D 446 -38.05 -14.81 -30.89
C GLY D 446 -37.16 -13.71 -30.32
N SER D 447 -37.78 -12.67 -29.78
CA SER D 447 -37.03 -11.55 -29.21
C SER D 447 -37.72 -10.86 -28.04
N TYR D 448 -36.93 -10.36 -27.11
CA TYR D 448 -37.45 -9.59 -26.00
C TYR D 448 -36.89 -8.18 -26.09
N ARG D 449 -37.77 -7.23 -26.37
CA ARG D 449 -37.38 -5.83 -26.43
C ARG D 449 -38.38 -4.99 -25.66
N SER D 450 -37.93 -3.84 -25.17
CA SER D 450 -38.80 -2.82 -24.55
C SER D 450 -39.82 -3.39 -23.57
N ALA D 451 -39.46 -4.51 -22.92
CA ALA D 451 -40.29 -5.25 -21.97
C ALA D 451 -41.36 -6.09 -22.66
N ASN D 452 -41.30 -6.21 -23.98
CA ASN D 452 -42.25 -7.02 -24.71
C ASN D 452 -41.60 -8.28 -25.25
N LEU D 453 -42.19 -9.43 -24.94
CA LEU D 453 -41.72 -10.68 -25.50
C LEU D 453 -42.49 -10.96 -26.79
N SER D 454 -41.76 -11.33 -27.83
CA SER D 454 -42.36 -11.67 -29.11
C SER D 454 -41.66 -12.87 -29.74
N ILE D 455 -41.97 -14.06 -29.23
CA ILE D 455 -41.65 -15.31 -29.90
C ILE D 455 -42.89 -15.80 -30.62
N GLU E 1 29.09 6.07 2.99
CA GLU E 1 30.19 5.21 2.59
C GLU E 1 30.21 5.02 1.06
N VAL E 2 31.37 5.23 0.46
CA VAL E 2 31.57 4.76 -0.91
C VAL E 2 31.63 3.22 -0.91
N GLN E 3 30.79 2.58 -1.72
CA GLN E 3 30.91 1.13 -1.90
C GLN E 3 30.93 0.71 -3.35
N LEU E 4 31.85 -0.19 -3.66
CA LEU E 4 31.87 -0.86 -4.94
C LEU E 4 31.49 -2.33 -4.75
N GLN E 5 30.31 -2.71 -5.23
CA GLN E 5 29.81 -4.07 -5.06
C GLN E 5 29.90 -4.87 -6.36
N GLN E 6 30.86 -5.78 -6.44
CA GLN E 6 31.05 -6.60 -7.65
C GLN E 6 30.15 -7.83 -7.65
N SER E 7 29.78 -8.26 -8.86
CA SER E 7 29.00 -9.48 -9.07
C SER E 7 29.71 -10.77 -8.57
N GLY E 8 28.95 -11.84 -8.36
CA GLY E 8 29.47 -13.07 -7.75
C GLY E 8 30.46 -13.87 -8.59
N PRO E 9 31.16 -14.85 -7.96
CA PRO E 9 32.07 -15.77 -8.66
C PRO E 9 31.39 -16.40 -9.87
N GLU E 10 32.15 -16.60 -10.94
CA GLU E 10 31.63 -17.21 -12.15
C GLU E 10 32.44 -18.42 -12.59
N LEU E 11 31.74 -19.44 -13.03
CA LEU E 11 32.38 -20.54 -13.75
C LEU E 11 31.94 -20.40 -15.19
N VAL E 12 32.89 -20.38 -16.12
CA VAL E 12 32.58 -20.19 -17.54
C VAL E 12 33.39 -21.14 -18.42
N LYS E 13 32.80 -21.55 -19.55
CA LYS E 13 33.45 -22.51 -20.45
C LYS E 13 34.56 -21.85 -21.26
N PRO E 14 35.58 -22.63 -21.66
CA PRO E 14 36.62 -22.07 -22.53
C PRO E 14 36.06 -21.61 -23.89
N GLY E 15 36.52 -20.47 -24.38
CA GLY E 15 36.05 -19.96 -25.66
C GLY E 15 34.85 -19.03 -25.57
N ALA E 16 34.12 -19.14 -24.46
CA ALA E 16 32.95 -18.29 -24.25
C ALA E 16 33.38 -16.94 -23.72
N SER E 17 32.40 -16.06 -23.51
CA SER E 17 32.69 -14.78 -22.90
C SER E 17 31.79 -14.53 -21.71
N MET E 18 32.17 -13.57 -20.87
CA MET E 18 31.52 -13.37 -19.60
C MET E 18 31.53 -11.86 -19.26
N LYS E 19 30.59 -11.41 -18.43
CA LYS E 19 30.49 -9.99 -18.09
C LYS E 19 30.43 -9.78 -16.56
N ILE E 20 31.33 -8.96 -16.03
CA ILE E 20 31.40 -8.66 -14.61
C ILE E 20 30.83 -7.26 -14.32
N SER E 21 30.04 -7.13 -13.28
CA SER E 21 29.51 -5.82 -12.98
C SER E 21 30.12 -5.26 -11.70
N CYS E 22 30.12 -3.93 -11.62
CA CYS E 22 30.58 -3.20 -10.45
C CYS E 22 29.58 -2.11 -10.13
N LYS E 23 28.77 -2.32 -9.09
CA LYS E 23 27.79 -1.32 -8.72
C LYS E 23 28.37 -0.31 -7.72
N ALA E 24 28.45 0.94 -8.16
CA ALA E 24 28.98 1.99 -7.31
C ALA E 24 27.84 2.64 -6.57
N SER E 25 28.10 3.00 -5.31
CA SER E 25 27.12 3.74 -4.52
C SER E 25 27.79 4.81 -3.66
N GLY E 26 27.02 5.82 -3.25
CA GLY E 26 27.50 6.78 -2.26
C GLY E 26 28.49 7.81 -2.74
N TYR E 27 28.56 8.03 -4.05
CA TYR E 27 29.28 9.16 -4.62
C TYR E 27 28.74 9.41 -6.00
N SER E 28 29.21 10.47 -6.64
CA SER E 28 28.73 10.84 -7.96
C SER E 28 29.48 10.07 -9.05
N PHE E 29 28.77 9.10 -9.62
CA PHE E 29 29.34 8.07 -10.48
C PHE E 29 30.17 8.58 -11.66
N THR E 30 29.71 9.63 -12.33
CA THR E 30 30.38 10.11 -13.54
C THR E 30 31.64 10.97 -13.31
N GLY E 31 31.99 11.24 -12.05
CA GLY E 31 33.13 12.10 -11.76
C GLY E 31 34.48 11.44 -11.55
N TYR E 32 34.51 10.11 -11.55
CA TYR E 32 35.75 9.39 -11.25
C TYR E 32 35.97 8.22 -12.19
N SER E 33 37.23 8.01 -12.61
CA SER E 33 37.52 6.87 -13.45
C SER E 33 37.31 5.58 -12.68
N MET E 34 36.77 4.58 -13.38
CA MET E 34 36.71 3.23 -12.86
C MET E 34 37.83 2.42 -13.50
N ASN E 35 38.72 1.89 -12.67
CA ASN E 35 39.77 0.99 -13.12
C ASN E 35 39.44 -0.49 -12.88
N TRP E 36 40.02 -1.35 -13.70
CA TRP E 36 39.89 -2.77 -13.52
C TRP E 36 41.25 -3.44 -13.39
N VAL E 37 41.36 -4.34 -12.41
CA VAL E 37 42.65 -4.97 -12.11
C VAL E 37 42.54 -6.50 -12.05
N LYS E 38 43.53 -7.18 -12.63
CA LYS E 38 43.53 -8.62 -12.64
C LYS E 38 44.49 -9.17 -11.59
N GLN E 39 44.16 -10.31 -10.99
CA GLN E 39 45.11 -10.97 -10.12
C GLN E 39 45.05 -12.48 -10.32
N SER E 40 46.05 -13.04 -11.02
CA SER E 40 46.20 -14.50 -11.14
C SER E 40 46.54 -15.08 -9.76
N HIS E 41 46.45 -16.40 -9.58
CA HIS E 41 46.68 -16.96 -8.25
C HIS E 41 48.08 -16.65 -7.75
N GLY E 42 49.05 -16.63 -8.66
CA GLY E 42 50.43 -16.24 -8.36
C GLY E 42 50.53 -14.91 -7.63
N LYS E 43 49.51 -14.09 -7.82
CA LYS E 43 49.15 -12.92 -7.02
C LYS E 43 49.82 -11.59 -7.45
N ASN E 44 50.41 -11.56 -8.65
CA ASN E 44 50.74 -10.27 -9.28
C ASN E 44 49.47 -9.48 -9.63
N LEU E 45 49.47 -8.19 -9.32
CA LEU E 45 48.43 -7.26 -9.75
C LEU E 45 48.71 -6.69 -11.14
N GLU E 46 47.73 -6.78 -12.02
CA GLU E 46 47.86 -6.21 -13.36
C GLU E 46 46.69 -5.27 -13.69
N TRP E 47 47.01 -4.07 -14.15
CA TRP E 47 46.01 -3.08 -14.53
C TRP E 47 45.50 -3.38 -15.94
N ILE E 48 44.19 -3.56 -16.06
CA ILE E 48 43.54 -3.92 -17.30
C ILE E 48 43.22 -2.68 -18.11
N GLY E 49 42.69 -1.68 -17.44
CA GLY E 49 42.31 -0.46 -18.12
C GLY E 49 41.36 0.37 -17.30
N LEU E 50 40.95 1.52 -17.83
CA LEU E 50 39.96 2.33 -17.12
C LEU E 50 38.95 2.91 -18.06
N ILE E 51 37.85 3.35 -17.47
CA ILE E 51 36.78 3.96 -18.23
C ILE E 51 36.36 5.25 -17.56
N ASN E 52 36.13 6.27 -18.38
CA ASN E 52 35.54 7.51 -17.90
C ASN E 52 34.03 7.42 -18.00
N PRO E 53 33.36 7.23 -16.85
CA PRO E 53 31.93 6.94 -16.87
C PRO E 53 31.13 8.13 -17.39
N TYR E 54 31.74 9.32 -17.36
CA TYR E 54 31.06 10.51 -17.84
C TYR E 54 30.75 10.41 -19.32
N ASN E 55 31.75 10.05 -20.13
CA ASN E 55 31.58 9.99 -21.59
C ASN E 55 31.87 8.61 -22.24
N GLY E 56 32.30 7.64 -21.45
CA GLY E 56 32.61 6.33 -22.00
C GLY E 56 34.01 6.13 -22.59
N ASP E 57 34.87 7.14 -22.51
CA ASP E 57 36.24 6.99 -23.00
C ASP E 57 36.94 5.87 -22.25
N THR E 58 37.74 5.08 -22.94
CA THR E 58 38.46 4.00 -22.29
C THR E 58 39.95 4.02 -22.61
N THR E 59 40.74 3.56 -21.66
CA THR E 59 42.15 3.32 -21.88
C THR E 59 42.46 1.87 -21.45
N TYR E 60 43.22 1.15 -22.27
CA TYR E 60 43.53 -0.26 -22.03
C TYR E 60 45.04 -0.51 -21.95
N LYS E 61 45.45 -1.48 -21.14
CA LYS E 61 46.81 -1.96 -21.26
C LYS E 61 46.83 -2.81 -22.53
N GLN E 62 47.85 -2.63 -23.36
CA GLN E 62 47.86 -3.22 -24.70
C GLN E 62 47.48 -4.73 -24.77
N LYS E 63 47.94 -5.53 -23.82
CA LYS E 63 47.67 -6.97 -23.86
C LYS E 63 46.18 -7.30 -23.62
N PHE E 64 45.38 -6.34 -23.16
CA PHE E 64 43.94 -6.59 -22.97
C PHE E 64 43.05 -5.94 -24.04
N LYS E 65 43.64 -5.20 -24.97
CA LYS E 65 42.87 -4.70 -26.10
C LYS E 65 42.21 -5.87 -26.82
N GLY E 66 40.90 -5.84 -26.96
CA GLY E 66 40.20 -6.92 -27.63
C GLY E 66 40.15 -8.21 -26.83
N LYS E 67 40.50 -8.10 -25.55
CA LYS E 67 40.27 -9.17 -24.59
C LYS E 67 39.18 -8.70 -23.65
N ALA E 68 39.41 -7.55 -23.06
CA ALA E 68 38.45 -6.89 -22.19
C ALA E 68 37.75 -5.72 -22.89
N THR E 69 36.46 -5.56 -22.57
CA THR E 69 35.67 -4.43 -23.01
C THR E 69 35.01 -3.83 -21.79
N LEU E 70 35.36 -2.57 -21.49
CA LEU E 70 34.74 -1.83 -20.39
C LEU E 70 33.59 -0.99 -20.92
N THR E 71 32.47 -1.00 -20.20
CA THR E 71 31.35 -0.14 -20.52
C THR E 71 30.81 0.38 -19.19
N VAL E 72 29.96 1.40 -19.23
CA VAL E 72 29.21 1.77 -18.03
C VAL E 72 27.74 1.91 -18.34
N ASP E 73 26.93 1.88 -17.30
CA ASP E 73 25.50 2.18 -17.40
C ASP E 73 25.20 3.27 -16.37
N ARG E 74 25.12 4.52 -16.84
CA ARG E 74 25.06 5.69 -15.96
C ARG E 74 23.78 5.77 -15.11
N SER E 75 22.67 5.25 -15.63
CA SER E 75 21.42 5.29 -14.89
C SER E 75 21.36 4.32 -13.69
N SER E 76 22.21 3.30 -13.67
CA SER E 76 22.24 2.39 -12.52
C SER E 76 23.57 2.46 -11.75
N SER E 77 24.43 3.39 -12.16
CA SER E 77 25.75 3.60 -11.55
C SER E 77 26.59 2.34 -11.53
N THR E 78 26.65 1.67 -12.68
CA THR E 78 27.28 0.37 -12.73
C THR E 78 28.30 0.32 -13.85
N ALA E 79 29.47 -0.24 -13.53
CA ALA E 79 30.52 -0.45 -14.51
C ALA E 79 30.60 -1.93 -14.89
N TYR E 80 30.93 -2.19 -16.13
CA TYR E 80 31.03 -3.57 -16.57
C TYR E 80 32.35 -3.84 -17.28
N MET E 81 32.85 -5.05 -17.09
CA MET E 81 33.97 -5.55 -17.89
C MET E 81 33.53 -6.82 -18.55
N GLU E 82 33.55 -6.84 -19.89
CA GLU E 82 33.28 -8.08 -20.60
C GLU E 82 34.59 -8.76 -21.01
N LEU E 83 34.76 -10.02 -20.60
CA LEU E 83 35.94 -10.78 -21.01
C LEU E 83 35.60 -11.72 -22.18
N LEU E 84 36.35 -11.59 -23.27
CA LEU E 84 36.07 -12.33 -24.51
C LEU E 84 36.95 -13.57 -24.67
N ARG E 85 36.40 -14.56 -25.37
CA ARG E 85 37.13 -15.77 -25.80
C ARG E 85 38.04 -16.37 -24.72
N LEU E 86 37.45 -16.90 -23.65
CA LEU E 86 38.22 -17.17 -22.42
C LEU E 86 39.06 -18.45 -22.48
N THR E 87 40.24 -18.35 -21.87
CA THR E 87 41.17 -19.45 -21.75
C THR E 87 41.48 -19.66 -20.27
N SER E 88 42.23 -20.72 -19.95
CA SER E 88 42.53 -20.99 -18.54
C SER E 88 43.44 -19.89 -17.97
N GLU E 89 44.12 -19.19 -18.85
CA GLU E 89 44.95 -18.05 -18.49
C GLU E 89 44.14 -16.86 -18.00
N ASP E 90 42.81 -16.97 -18.11
CA ASP E 90 41.94 -15.89 -17.69
C ASP E 90 41.30 -16.21 -16.35
N SER E 91 41.65 -17.36 -15.79
CA SER E 91 41.19 -17.71 -14.46
C SER E 91 41.96 -16.86 -13.48
N ALA E 92 41.22 -16.06 -12.70
CA ALA E 92 41.82 -15.03 -11.85
C ALA E 92 40.76 -14.33 -11.00
N VAL E 93 41.21 -13.53 -10.05
CA VAL E 93 40.31 -12.59 -9.36
C VAL E 93 40.41 -11.25 -10.07
N TYR E 94 39.25 -10.70 -10.38
CA TYR E 94 39.16 -9.40 -11.03
C TYR E 94 38.57 -8.34 -10.10
N TYR E 95 39.25 -7.20 -10.00
CA TYR E 95 38.77 -6.07 -9.19
C TYR E 95 38.35 -4.84 -10.00
N CYS E 96 37.30 -4.19 -9.56
CA CYS E 96 37.06 -2.83 -10.02
C CYS E 96 37.59 -1.90 -8.91
N ALA E 97 38.18 -0.79 -9.33
CA ALA E 97 38.75 0.17 -8.39
C ALA E 97 38.59 1.60 -8.89
N ARG E 98 38.12 2.46 -8.00
CA ARG E 98 37.88 3.85 -8.30
C ARG E 98 39.09 4.75 -8.07
N SER E 99 39.41 5.56 -9.09
CA SER E 99 40.36 6.67 -8.93
C SER E 99 40.02 7.53 -7.69
N GLY E 100 41.05 7.98 -6.99
CA GLY E 100 40.80 8.93 -5.92
C GLY E 100 40.94 10.35 -6.40
N ARG E 101 41.01 11.27 -5.45
CA ARG E 101 41.07 12.69 -5.74
C ARG E 101 42.43 13.30 -5.40
N GLY E 102 43.03 13.99 -6.34
CA GLY E 102 44.28 14.69 -6.04
C GLY E 102 45.35 14.62 -7.11
N ALA E 103 45.19 13.70 -8.06
CA ALA E 103 46.19 13.56 -9.10
C ALA E 103 46.01 14.63 -10.13
N PRO E 104 47.12 15.09 -10.72
CA PRO E 104 47.05 16.09 -11.78
C PRO E 104 46.27 15.59 -13.00
N THR E 105 46.31 14.29 -13.25
CA THR E 105 45.63 13.73 -14.42
C THR E 105 44.87 12.46 -14.11
N THR E 106 44.25 11.92 -15.14
CA THR E 106 43.46 10.70 -15.03
C THR E 106 44.42 9.55 -15.07
N THR E 107 45.60 9.82 -15.63
CA THR E 107 46.67 8.84 -15.69
C THR E 107 47.35 8.67 -14.34
N THR E 108 47.55 9.77 -13.62
CA THR E 108 48.35 9.68 -12.41
C THR E 108 47.53 9.25 -11.20
N ALA E 109 46.22 9.18 -11.35
CA ALA E 109 45.35 8.87 -10.21
C ALA E 109 45.59 7.47 -9.63
N TRP E 110 45.64 7.40 -8.30
CA TRP E 110 45.76 6.12 -7.60
C TRP E 110 44.37 5.57 -7.19
N PHE E 111 44.35 4.39 -6.56
CA PHE E 111 43.10 3.65 -6.29
C PHE E 111 42.75 3.64 -4.82
N THR E 112 41.69 4.34 -4.46
CA THR E 112 41.32 4.50 -3.07
C THR E 112 40.20 3.56 -2.64
N TYR E 113 39.40 3.13 -3.61
CA TYR E 113 38.24 2.32 -3.29
C TYR E 113 38.17 1.08 -4.18
N TRP E 114 38.08 -0.09 -3.57
CA TRP E 114 38.08 -1.34 -4.29
C TRP E 114 36.80 -2.11 -4.06
N GLY E 115 36.33 -2.84 -5.06
CA GLY E 115 35.27 -3.82 -4.83
C GLY E 115 35.88 -5.09 -4.25
N GLN E 116 35.02 -6.03 -3.82
CA GLN E 116 35.50 -7.18 -3.04
C GLN E 116 36.26 -8.18 -3.88
N GLY E 117 35.99 -8.14 -5.19
CA GLY E 117 36.64 -9.03 -6.12
C GLY E 117 35.69 -10.05 -6.71
N THR E 118 36.01 -10.50 -7.91
CA THR E 118 35.20 -11.48 -8.60
C THR E 118 36.11 -12.59 -9.07
N LEU E 119 35.84 -13.79 -8.57
CA LEU E 119 36.65 -14.94 -8.95
C LEU E 119 36.11 -15.54 -10.25
N VAL E 120 36.97 -15.65 -11.25
CA VAL E 120 36.56 -16.25 -12.50
C VAL E 120 37.28 -17.57 -12.74
N THR E 121 36.49 -18.61 -12.97
CA THR E 121 37.03 -19.93 -13.21
C THR E 121 36.68 -20.38 -14.61
N VAL E 122 37.72 -20.56 -15.43
CA VAL E 122 37.53 -20.94 -16.83
C VAL E 122 37.74 -22.44 -17.01
N SER E 123 36.65 -23.19 -17.05
CA SER E 123 36.75 -24.64 -17.15
C SER E 123 35.55 -25.30 -17.83
N ALA E 124 35.83 -26.31 -18.64
CA ALA E 124 34.76 -27.13 -19.18
C ALA E 124 34.21 -28.10 -18.13
N ALA E 125 34.89 -28.21 -16.98
CA ALA E 125 34.44 -29.12 -15.92
C ALA E 125 33.08 -28.71 -15.37
N LYS E 126 32.47 -29.63 -14.64
CA LYS E 126 31.06 -29.52 -14.27
C LYS E 126 30.86 -29.23 -12.79
N THR E 127 29.85 -28.45 -12.49
CA THR E 127 29.49 -28.19 -11.11
C THR E 127 29.13 -29.46 -10.37
N THR E 128 29.82 -29.69 -9.25
CA THR E 128 29.57 -30.82 -8.36
C THR E 128 29.33 -30.28 -6.96
N PRO E 129 28.33 -30.80 -6.23
CA PRO E 129 28.17 -30.41 -4.82
C PRO E 129 29.18 -31.16 -3.96
N PRO E 130 29.51 -30.65 -2.77
CA PRO E 130 30.50 -31.31 -1.90
C PRO E 130 29.96 -32.52 -1.16
N SER E 131 30.84 -33.43 -0.78
CA SER E 131 30.49 -34.41 0.25
C SER E 131 31.11 -33.93 1.55
N VAL E 132 30.35 -33.96 2.62
CA VAL E 132 30.80 -33.46 3.91
C VAL E 132 30.89 -34.59 4.91
N TYR E 133 32.10 -34.87 5.37
CA TYR E 133 32.31 -35.97 6.29
C TYR E 133 32.83 -35.43 7.63
N PRO E 134 32.30 -35.95 8.73
CA PRO E 134 32.69 -35.54 10.08
C PRO E 134 34.02 -36.15 10.49
N LEU E 135 34.81 -35.43 11.28
CA LEU E 135 36.10 -35.93 11.74
C LEU E 135 36.13 -36.02 13.26
N ALA E 136 35.67 -37.15 13.78
CA ALA E 136 35.65 -37.37 15.22
C ALA E 136 36.95 -38.04 15.63
N PRO E 137 37.41 -37.78 16.86
CA PRO E 137 38.61 -38.41 17.44
C PRO E 137 38.70 -39.91 17.18
N THR E 143 42.88 -38.39 25.14
CA THR E 143 42.07 -37.48 25.95
C THR E 143 42.94 -36.51 26.76
N ASN E 144 42.85 -35.24 26.37
CA ASN E 144 43.61 -34.14 26.95
C ASN E 144 42.64 -33.00 27.27
N SER E 145 43.10 -31.94 27.92
CA SER E 145 42.24 -30.79 28.25
C SER E 145 41.54 -30.19 27.02
N MET E 146 42.21 -30.23 25.86
CA MET E 146 41.60 -29.81 24.61
C MET E 146 41.45 -30.98 23.63
N VAL E 147 40.30 -31.04 22.95
CA VAL E 147 40.02 -32.06 21.93
C VAL E 147 39.80 -31.44 20.54
N THR E 148 40.47 -31.99 19.55
CA THR E 148 40.37 -31.42 18.22
C THR E 148 39.40 -32.20 17.34
N LEU E 149 38.39 -31.47 16.85
CA LEU E 149 37.38 -32.00 15.96
C LEU E 149 37.64 -31.50 14.57
N GLY E 150 36.96 -32.08 13.59
CA GLY E 150 37.24 -31.72 12.21
C GLY E 150 36.10 -31.94 11.25
N CYS E 151 36.27 -31.40 10.05
CA CYS E 151 35.26 -31.53 9.02
C CYS E 151 35.96 -31.62 7.66
N LEU E 152 35.58 -32.62 6.87
CA LEU E 152 36.17 -32.86 5.57
C LEU E 152 35.17 -32.57 4.47
N VAL E 153 35.46 -31.54 3.66
CA VAL E 153 34.56 -31.12 2.59
C VAL E 153 35.17 -31.55 1.26
N LYS E 154 34.62 -32.61 0.67
CA LYS E 154 35.32 -33.31 -0.40
C LYS E 154 34.58 -33.38 -1.74
N GLY E 155 35.38 -33.24 -2.80
CA GLY E 155 34.91 -33.47 -4.16
C GLY E 155 33.90 -32.49 -4.74
N TYR E 156 34.07 -31.20 -4.45
CA TYR E 156 33.17 -30.20 -5.00
C TYR E 156 33.81 -29.41 -6.14
N PHE E 157 32.97 -28.66 -6.85
CA PHE E 157 33.38 -27.80 -7.96
C PHE E 157 32.24 -26.88 -8.40
N PRO E 158 32.53 -25.61 -8.68
CA PRO E 158 33.82 -24.92 -8.50
C PRO E 158 33.94 -24.29 -7.11
N GLU E 159 34.92 -23.42 -6.94
CA GLU E 159 35.06 -22.61 -5.71
C GLU E 159 34.01 -21.51 -5.72
N PRO E 160 33.60 -21.02 -4.53
CA PRO E 160 34.08 -21.38 -3.19
C PRO E 160 33.05 -22.14 -2.35
N VAL E 161 33.51 -22.64 -1.20
CA VAL E 161 32.59 -23.07 -0.17
C VAL E 161 32.85 -22.22 1.04
N THR E 162 31.86 -22.13 1.91
CA THR E 162 32.07 -21.51 3.20
C THR E 162 31.90 -22.57 4.30
N VAL E 163 32.75 -22.48 5.31
CA VAL E 163 32.68 -23.38 6.44
C VAL E 163 32.60 -22.56 7.75
N THR E 164 31.49 -22.70 8.47
CA THR E 164 31.38 -22.14 9.81
C THR E 164 31.12 -23.27 10.77
N TRP E 165 31.36 -23.02 12.05
CA TRP E 165 31.14 -24.02 13.08
C TRP E 165 30.05 -23.54 14.03
N ASN E 166 29.06 -24.40 14.26
CA ASN E 166 27.90 -24.09 15.11
C ASN E 166 27.26 -22.75 14.79
N SER E 167 27.09 -22.50 13.49
CA SER E 167 26.45 -21.31 12.93
C SER E 167 27.23 -20.00 13.12
N GLY E 168 28.47 -20.08 13.61
CA GLY E 168 29.29 -18.89 13.79
C GLY E 168 29.73 -18.68 15.23
N SER E 169 29.10 -19.40 16.16
CA SER E 169 29.37 -19.29 17.59
C SER E 169 30.75 -19.80 17.99
N LEU E 170 31.16 -20.93 17.43
CA LEU E 170 32.55 -21.34 17.53
C LEU E 170 33.36 -20.53 16.52
N SER E 171 34.22 -19.64 16.99
CA SER E 171 35.10 -18.89 16.10
C SER E 171 36.55 -19.11 16.47
N SER E 172 36.79 -19.29 17.77
CA SER E 172 38.14 -19.47 18.29
C SER E 172 38.61 -20.90 18.15
N GLY E 173 39.86 -21.05 17.72
CA GLY E 173 40.47 -22.35 17.57
C GLY E 173 39.88 -23.02 16.34
N VAL E 174 39.56 -22.21 15.33
CA VAL E 174 39.05 -22.74 14.08
C VAL E 174 40.07 -22.56 12.97
N HIS E 175 40.37 -23.64 12.27
CA HIS E 175 41.23 -23.57 11.10
C HIS E 175 40.51 -24.13 9.89
N THR E 176 40.21 -23.27 8.94
CA THR E 176 39.76 -23.75 7.64
C THR E 176 40.92 -23.60 6.67
N PHE E 177 41.30 -24.73 6.07
CA PHE E 177 42.45 -24.84 5.17
C PHE E 177 42.04 -24.56 3.73
N PRO E 178 42.96 -23.95 2.97
CA PRO E 178 42.75 -23.64 1.55
C PRO E 178 42.45 -24.90 0.72
N ALA E 179 41.40 -24.83 -0.09
CA ALA E 179 41.03 -25.98 -0.92
C ALA E 179 42.17 -26.44 -1.77
N VAL E 180 42.14 -27.70 -2.17
CA VAL E 180 43.17 -28.24 -3.04
C VAL E 180 42.45 -28.93 -4.23
N LEU E 181 42.91 -28.65 -5.44
CA LEU E 181 42.23 -29.13 -6.65
C LEU E 181 42.95 -30.35 -7.18
N GLN E 182 42.21 -31.43 -7.41
CA GLN E 182 42.83 -32.69 -7.85
C GLN E 182 42.42 -33.11 -9.29
N SER E 183 41.28 -33.78 -9.43
CA SER E 183 40.83 -34.20 -10.75
C SER E 183 39.61 -33.38 -11.15
N ASP E 184 39.82 -32.08 -11.31
CA ASP E 184 38.73 -31.12 -11.47
C ASP E 184 37.77 -31.15 -10.27
N LEU E 185 38.26 -31.56 -9.09
CA LEU E 185 37.49 -31.52 -7.85
C LEU E 185 38.29 -30.99 -6.64
N TYR E 186 37.70 -30.05 -5.92
CA TYR E 186 38.36 -29.46 -4.76
C TYR E 186 38.04 -30.23 -3.50
N THR E 187 39.05 -30.30 -2.63
CA THR E 187 38.91 -30.84 -1.31
C THR E 187 39.42 -29.81 -0.32
N LEU E 188 38.62 -29.53 0.70
CA LEU E 188 39.16 -28.79 1.82
C LEU E 188 38.75 -29.42 3.15
N SER E 189 39.30 -28.89 4.23
CA SER E 189 38.89 -29.35 5.54
C SER E 189 38.95 -28.24 6.58
N SER E 190 38.42 -28.53 7.76
CA SER E 190 38.37 -27.56 8.82
C SER E 190 38.53 -28.27 10.14
N SER E 191 39.31 -27.68 11.04
CA SER E 191 39.46 -28.21 12.38
C SER E 191 39.01 -27.17 13.39
N VAL E 192 38.50 -27.65 14.51
CA VAL E 192 38.13 -26.77 15.59
C VAL E 192 38.51 -27.44 16.90
N THR E 193 39.14 -26.68 17.78
CA THR E 193 39.57 -27.23 19.04
C THR E 193 38.65 -26.73 20.13
N VAL E 194 38.03 -27.66 20.84
CA VAL E 194 37.14 -27.29 21.92
C VAL E 194 37.58 -27.95 23.21
N PRO E 195 37.18 -27.40 24.35
CA PRO E 195 37.41 -28.04 25.66
C PRO E 195 36.92 -29.49 25.67
N SER E 196 37.71 -30.40 26.22
CA SER E 196 37.31 -31.80 26.26
C SER E 196 36.12 -32.06 27.18
N SER E 197 35.96 -31.24 28.21
CA SER E 197 34.81 -31.34 29.12
C SER E 197 33.49 -31.10 28.38
N THR E 198 33.54 -30.27 27.33
CA THR E 198 32.34 -29.86 26.60
C THR E 198 32.03 -30.67 25.33
N TRP E 199 32.79 -31.74 25.07
CA TRP E 199 32.45 -32.63 23.97
C TRP E 199 32.60 -34.09 24.40
N PRO E 200 31.61 -34.94 24.06
CA PRO E 200 30.46 -34.76 23.18
C PRO E 200 29.18 -34.16 23.78
N SER E 201 29.15 -33.83 25.07
CA SER E 201 27.91 -33.36 25.70
C SER E 201 27.31 -32.15 24.97
N GLU E 202 28.15 -31.19 24.58
CA GLU E 202 27.70 -30.04 23.82
C GLU E 202 27.96 -30.24 22.32
N THR E 203 26.89 -30.42 21.56
CA THR E 203 26.97 -30.82 20.16
C THR E 203 27.67 -29.78 19.29
N VAL E 204 28.66 -30.24 18.52
CA VAL E 204 29.45 -29.40 17.63
C VAL E 204 29.09 -29.72 16.19
N THR E 205 28.71 -28.70 15.42
CA THR E 205 28.20 -28.95 14.08
C THR E 205 28.90 -28.12 13.02
N CYS E 206 29.32 -28.82 11.98
CA CYS E 206 30.02 -28.26 10.84
C CYS E 206 29.01 -27.75 9.80
N ASN E 207 28.98 -26.44 9.56
CA ASN E 207 28.10 -25.87 8.52
C ASN E 207 28.83 -25.61 7.22
N VAL E 208 28.40 -26.27 6.16
CA VAL E 208 29.05 -26.11 4.85
C VAL E 208 28.06 -25.64 3.82
N ALA E 209 28.45 -24.65 3.02
CA ALA E 209 27.57 -24.18 1.98
C ALA E 209 28.35 -23.96 0.69
N HIS E 210 27.79 -24.49 -0.40
CA HIS E 210 28.35 -24.36 -1.74
C HIS E 210 27.29 -23.77 -2.68
N PRO E 211 27.26 -22.43 -2.81
CA PRO E 211 26.15 -21.75 -3.50
C PRO E 211 26.06 -22.10 -4.99
N ALA E 212 27.19 -22.40 -5.64
CA ALA E 212 27.21 -22.83 -7.04
C ALA E 212 26.25 -23.99 -7.34
N SER E 213 26.13 -24.91 -6.38
CA SER E 213 25.26 -26.06 -6.55
C SER E 213 24.03 -25.97 -5.64
N SER E 214 23.86 -24.83 -4.97
CA SER E 214 22.75 -24.64 -4.03
C SER E 214 22.77 -25.69 -2.90
N THR E 215 23.97 -26.00 -2.43
CA THR E 215 24.18 -26.97 -1.38
C THR E 215 24.40 -26.33 -0.01
N LYS E 216 23.58 -26.68 0.98
CA LYS E 216 23.88 -26.29 2.35
C LYS E 216 23.71 -27.48 3.28
N VAL E 217 24.79 -27.84 3.96
CA VAL E 217 24.87 -29.06 4.75
C VAL E 217 25.28 -28.79 6.19
N ASP E 218 24.55 -29.40 7.12
CA ASP E 218 24.91 -29.42 8.53
C ASP E 218 25.29 -30.84 8.90
N LYS E 219 26.50 -31.01 9.41
CA LYS E 219 26.93 -32.32 9.88
C LYS E 219 27.38 -32.22 11.32
N LYS E 220 26.63 -32.90 12.19
CA LYS E 220 26.97 -32.96 13.60
C LYS E 220 28.19 -33.87 13.77
N ILE E 221 29.17 -33.46 14.56
CA ILE E 221 30.30 -34.35 14.81
C ILE E 221 29.89 -35.41 15.81
N VAL E 222 29.42 -36.54 15.30
CA VAL E 222 29.02 -37.66 16.15
C VAL E 222 30.26 -38.45 16.57
N PRO E 223 30.32 -38.87 17.85
CA PRO E 223 31.43 -39.64 18.39
C PRO E 223 31.54 -41.03 17.77
N ARG E 224 32.69 -41.68 17.94
CA ARG E 224 32.98 -42.94 17.28
C ARG E 224 32.17 -44.11 17.84
N ASP F 1 57.08 0.45 -20.68
CA ASP F 1 56.39 0.13 -19.43
C ASP F 1 57.37 0.14 -18.29
N ILE F 2 57.02 0.88 -17.25
CA ILE F 2 57.90 1.01 -16.11
C ILE F 2 57.88 -0.26 -15.28
N VAL F 3 59.05 -0.83 -15.03
CA VAL F 3 59.13 -2.05 -14.26
C VAL F 3 59.50 -1.74 -12.81
N LEU F 4 58.75 -2.36 -11.90
CA LEU F 4 58.93 -2.14 -10.48
C LEU F 4 59.53 -3.39 -9.83
N THR F 5 60.66 -3.22 -9.17
CA THR F 5 61.35 -4.31 -8.50
C THR F 5 61.37 -4.11 -6.99
N GLN F 6 60.62 -4.93 -6.26
CA GLN F 6 60.59 -4.82 -4.79
C GLN F 6 61.61 -5.72 -4.09
N SER F 7 62.15 -5.25 -2.98
CA SER F 7 63.03 -6.07 -2.20
C SER F 7 62.79 -5.79 -0.71
N PRO F 8 62.91 -6.84 0.12
CA PRO F 8 63.16 -8.19 -0.38
C PRO F 8 61.85 -8.79 -0.87
N ALA F 9 61.89 -10.00 -1.44
CA ALA F 9 60.66 -10.70 -1.80
C ALA F 9 59.81 -11.00 -0.57
N SER F 10 60.45 -11.48 0.47
CA SER F 10 59.73 -11.76 1.72
C SER F 10 60.58 -11.38 2.90
N LEU F 11 59.95 -11.28 4.05
CA LEU F 11 60.58 -10.65 5.19
C LEU F 11 59.87 -11.14 6.44
N ALA F 12 60.63 -11.41 7.51
CA ALA F 12 60.03 -11.74 8.80
C ALA F 12 60.50 -10.77 9.88
N VAL F 13 59.56 -10.06 10.50
CA VAL F 13 59.91 -9.05 11.48
C VAL F 13 59.18 -9.34 12.79
N SER F 14 59.92 -9.29 13.90
CA SER F 14 59.32 -9.46 15.22
C SER F 14 58.35 -8.34 15.60
N LEU F 15 57.36 -8.68 16.42
CA LEU F 15 56.43 -7.70 16.98
C LEU F 15 57.17 -6.58 17.67
N GLY F 16 56.79 -5.34 17.36
CA GLY F 16 57.32 -4.16 18.02
C GLY F 16 58.57 -3.65 17.34
N GLN F 17 59.03 -4.39 16.33
CA GLN F 17 60.21 -4.02 15.56
C GLN F 17 59.83 -3.37 14.23
N ARG F 18 60.85 -2.93 13.50
CA ARG F 18 60.70 -2.13 12.26
C ARG F 18 60.80 -2.96 10.97
N ALA F 19 59.87 -2.74 10.04
CA ALA F 19 59.96 -3.40 8.73
C ALA F 19 60.27 -2.39 7.63
N THR F 20 61.23 -2.73 6.78
CA THR F 20 61.60 -1.86 5.68
C THR F 20 61.47 -2.58 4.33
N ILE F 21 60.60 -2.07 3.49
CA ILE F 21 60.38 -2.61 2.16
C ILE F 21 60.83 -1.59 1.10
N SER F 22 61.52 -2.06 0.06
CA SER F 22 62.02 -1.18 -0.99
C SER F 22 61.36 -1.40 -2.35
N CYS F 23 61.30 -0.35 -3.15
CA CYS F 23 60.83 -0.43 -4.53
C CYS F 23 61.84 0.34 -5.40
N ARG F 24 62.33 -0.29 -6.45
CA ARG F 24 63.12 0.44 -7.45
C ARG F 24 62.41 0.40 -8.80
N ALA F 25 62.34 1.56 -9.45
CA ALA F 25 61.67 1.69 -10.72
C ALA F 25 62.68 1.84 -11.87
N SER F 26 62.38 1.22 -13.03
CA SER F 26 63.29 1.25 -14.20
C SER F 26 63.53 2.66 -14.72
N GLU F 27 62.50 3.50 -14.65
CA GLU F 27 62.58 4.91 -15.03
C GLU F 27 62.01 5.76 -13.90
N SER F 28 62.28 7.06 -13.92
CA SER F 28 61.74 7.96 -12.90
C SER F 28 60.21 8.07 -12.94
N VAL F 29 59.59 8.22 -11.78
CA VAL F 29 58.13 8.29 -11.73
C VAL F 29 57.69 9.66 -11.23
N ASP F 30 58.58 10.63 -11.42
CA ASP F 30 58.38 12.02 -11.05
C ASP F 30 57.73 12.85 -12.16
N SER F 31 56.80 13.71 -11.77
CA SER F 31 56.17 14.68 -12.67
C SER F 31 55.26 15.58 -11.83
N TYR F 32 54.96 16.77 -12.35
CA TYR F 32 54.10 17.71 -11.64
C TYR F 32 54.58 17.96 -10.22
N GLY F 33 55.89 17.99 -10.01
CA GLY F 33 56.43 18.17 -8.66
C GLY F 33 56.15 17.02 -7.69
N ASN F 34 55.79 15.85 -8.20
CA ASN F 34 55.53 14.73 -7.31
C ASN F 34 56.18 13.43 -7.77
N SER F 35 56.17 12.45 -6.86
CA SER F 35 56.61 11.10 -7.18
C SER F 35 55.38 10.18 -7.20
N PHE F 36 55.00 9.68 -8.38
CA PHE F 36 53.73 8.94 -8.44
C PHE F 36 53.95 7.46 -8.20
N MET F 37 54.28 7.19 -6.94
CA MET F 37 54.51 5.87 -6.42
C MET F 37 53.64 5.73 -5.20
N HIS F 38 52.89 4.62 -5.11
CA HIS F 38 52.01 4.42 -3.98
C HIS F 38 52.20 3.01 -3.41
N TRP F 39 51.74 2.79 -2.19
CA TRP F 39 51.88 1.49 -1.54
C TRP F 39 50.53 0.91 -1.16
N TYR F 40 50.34 -0.38 -1.42
CA TYR F 40 49.13 -1.08 -0.97
C TYR F 40 49.42 -2.29 -0.06
N GLN F 41 48.47 -2.56 0.81
CA GLN F 41 48.52 -3.71 1.70
C GLN F 41 47.44 -4.66 1.23
N GLN F 42 47.76 -5.94 1.03
CA GLN F 42 46.72 -6.92 0.72
C GLN F 42 46.82 -8.10 1.66
N LYS F 43 45.83 -8.23 2.55
CA LYS F 43 45.70 -9.42 3.40
C LYS F 43 45.11 -10.51 2.52
N PRO F 44 45.34 -11.79 2.86
CA PRO F 44 44.88 -12.89 1.99
C PRO F 44 43.36 -12.96 1.83
N GLY F 45 42.89 -12.98 0.59
CA GLY F 45 41.47 -13.08 0.30
C GLY F 45 40.70 -11.77 0.33
N GLN F 46 41.43 -10.65 0.26
CA GLN F 46 40.84 -9.33 0.41
C GLN F 46 41.39 -8.38 -0.65
N PRO F 47 40.61 -7.35 -1.02
CA PRO F 47 41.15 -6.34 -1.93
C PRO F 47 42.28 -5.55 -1.26
N PRO F 48 43.23 -5.07 -2.09
CA PRO F 48 44.31 -4.23 -1.57
C PRO F 48 43.75 -2.97 -0.90
N ILE F 49 44.43 -2.50 0.14
CA ILE F 49 44.09 -1.25 0.81
C ILE F 49 45.20 -0.25 0.53
N LEU F 50 44.85 0.97 0.12
CA LEU F 50 45.86 1.98 -0.12
C LEU F 50 46.41 2.45 1.22
N LEU F 51 47.72 2.40 1.39
CA LEU F 51 48.35 2.89 2.61
C LEU F 51 48.90 4.30 2.40
N ILE F 52 49.74 4.41 1.38
CA ILE F 52 50.48 5.64 1.13
C ILE F 52 50.41 6.03 -0.35
N SER F 53 50.11 7.29 -0.61
CA SER F 53 50.05 7.80 -1.97
C SER F 53 51.13 8.86 -2.20
N ARG F 54 51.53 9.02 -3.46
CA ARG F 54 52.58 9.95 -3.87
C ARG F 54 53.77 9.86 -2.92
N ALA F 55 54.20 8.63 -2.70
CA ALA F 55 55.44 8.28 -2.00
C ALA F 55 55.41 8.45 -0.48
N SER F 56 54.68 9.44 0.04
CA SER F 56 54.75 9.74 1.48
C SER F 56 53.47 10.24 2.15
N ASN F 57 52.40 10.45 1.39
CA ASN F 57 51.15 10.88 2.03
C ASN F 57 50.31 9.70 2.59
N LEU F 58 50.22 9.67 3.91
CA LEU F 58 49.43 8.68 4.60
C LEU F 58 47.95 8.92 4.30
N GLU F 59 47.24 7.90 3.84
CA GLU F 59 45.80 8.04 3.65
C GLU F 59 45.05 8.01 4.98
N SER F 60 43.93 8.71 5.02
CA SER F 60 43.14 8.79 6.25
C SER F 60 42.63 7.41 6.64
N GLY F 61 42.63 7.10 7.94
CA GLY F 61 42.22 5.80 8.44
C GLY F 61 43.38 4.82 8.64
N ILE F 62 44.56 5.21 8.21
CA ILE F 62 45.75 4.36 8.27
C ILE F 62 46.66 4.83 9.39
N PRO F 63 47.05 3.92 10.29
CA PRO F 63 47.89 4.28 11.45
C PRO F 63 49.21 4.96 11.06
N ALA F 64 49.75 5.79 11.93
CA ALA F 64 50.95 6.56 11.60
C ALA F 64 52.22 5.71 11.70
N ARG F 65 52.06 4.43 11.98
CA ARG F 65 53.21 3.54 12.01
C ARG F 65 53.56 3.05 10.59
N PHE F 66 52.66 3.28 9.64
CA PHE F 66 53.01 3.14 8.25
C PHE F 66 53.58 4.48 7.75
N SER F 67 54.65 4.46 6.97
CA SER F 67 55.17 5.68 6.34
C SER F 67 56.01 5.34 5.09
N GLY F 68 56.20 6.32 4.22
CA GLY F 68 56.91 6.04 2.99
C GLY F 68 57.82 7.20 2.68
N SER F 69 58.84 6.97 1.88
CA SER F 69 59.67 8.07 1.41
C SER F 69 60.42 7.68 0.15
N GLY F 70 61.17 8.64 -0.39
CA GLY F 70 61.99 8.41 -1.57
C GLY F 70 61.51 9.25 -2.74
N SER F 71 62.18 9.10 -3.88
CA SER F 71 61.88 9.90 -5.05
C SER F 71 62.54 9.34 -6.30
N ARG F 72 62.14 9.87 -7.46
CA ARG F 72 62.73 9.52 -8.75
C ARG F 72 62.44 8.07 -9.04
N THR F 73 63.37 7.20 -8.65
CA THR F 73 63.22 5.76 -8.88
C THR F 73 63.38 4.90 -7.63
N ASP F 74 63.63 5.49 -6.47
CA ASP F 74 63.87 4.68 -5.27
C ASP F 74 62.99 5.05 -4.08
N PHE F 75 62.24 4.06 -3.60
CA PHE F 75 61.21 4.29 -2.61
C PHE F 75 61.23 3.25 -1.49
N THR F 76 60.86 3.69 -0.29
CA THR F 76 60.84 2.79 0.85
C THR F 76 59.52 2.94 1.60
N LEU F 77 58.94 1.80 1.96
CA LEU F 77 57.79 1.76 2.85
C LEU F 77 58.30 1.32 4.21
N THR F 78 57.83 1.93 5.28
CA THR F 78 58.32 1.58 6.60
C THR F 78 57.18 1.34 7.56
N ILE F 79 57.29 0.26 8.32
CA ILE F 79 56.28 -0.09 9.31
C ILE F 79 56.96 -0.21 10.65
N ASN F 80 56.60 0.69 11.55
CA ASN F 80 57.27 0.76 12.83
C ASN F 80 56.35 1.35 13.87
N PRO F 81 56.01 0.57 14.91
CA PRO F 81 56.42 -0.82 15.10
C PRO F 81 55.46 -1.82 14.46
N VAL F 82 55.98 -2.93 13.94
CA VAL F 82 55.13 -3.97 13.37
C VAL F 82 54.13 -4.50 14.42
N GLU F 83 52.86 -4.59 14.05
CA GLU F 83 51.88 -5.17 14.94
C GLU F 83 51.31 -6.47 14.32
N ALA F 84 50.59 -7.24 15.13
CA ALA F 84 50.31 -8.62 14.75
C ALA F 84 49.46 -8.75 13.50
N ASP F 85 48.56 -7.80 13.26
CA ASP F 85 47.72 -7.86 12.07
C ASP F 85 48.37 -7.23 10.82
N ASP F 86 49.70 -7.17 10.79
CA ASP F 86 50.37 -6.52 9.68
C ASP F 86 50.92 -7.49 8.63
N PHE F 87 50.80 -8.79 8.88
CA PHE F 87 51.25 -9.75 7.88
C PHE F 87 50.35 -9.51 6.70
N ALA F 88 50.97 -9.45 5.51
CA ALA F 88 50.28 -9.17 4.26
C ALA F 88 51.29 -9.12 3.14
N THR F 89 50.78 -8.99 1.93
CA THR F 89 51.66 -8.69 0.83
C THR F 89 51.54 -7.20 0.61
N TYR F 90 52.69 -6.55 0.45
CA TYR F 90 52.75 -5.12 0.18
C TYR F 90 53.16 -4.87 -1.25
N TYR F 91 52.30 -4.20 -2.01
CA TYR F 91 52.62 -3.85 -3.39
C TYR F 91 52.87 -2.35 -3.59
N CYS F 92 54.00 -2.01 -4.16
CA CYS F 92 54.14 -0.66 -4.68
C CYS F 92 53.45 -0.54 -6.04
N GLN F 93 53.11 0.69 -6.41
CA GLN F 93 52.43 0.96 -7.69
C GLN F 93 52.84 2.32 -8.23
N GLN F 94 53.19 2.36 -9.52
CA GLN F 94 53.51 3.64 -10.18
C GLN F 94 52.35 4.04 -11.10
N THR F 95 52.04 5.32 -11.08
CA THR F 95 51.02 5.86 -11.97
C THR F 95 51.56 7.06 -12.73
N ASN F 96 52.87 7.12 -12.92
CA ASN F 96 53.44 8.25 -13.65
C ASN F 96 53.16 8.17 -15.14
N GLU F 97 52.88 6.96 -15.62
CA GLU F 97 52.94 6.66 -17.03
C GLU F 97 52.03 5.49 -17.40
N ASP F 98 51.23 5.62 -18.45
CA ASP F 98 50.45 4.49 -18.94
C ASP F 98 51.37 3.47 -19.58
N PRO F 99 51.15 2.19 -19.28
CA PRO F 99 50.17 1.71 -18.30
C PRO F 99 50.68 1.72 -16.86
N ARG F 100 49.77 1.83 -15.91
CA ARG F 100 50.14 1.63 -14.52
C ARG F 100 50.69 0.24 -14.35
N THR F 101 51.65 0.09 -13.44
CA THR F 101 52.25 -1.21 -13.17
C THR F 101 52.45 -1.40 -11.68
N PHE F 102 52.31 -2.64 -11.20
CA PHE F 102 52.57 -2.95 -9.79
C PHE F 102 53.90 -3.66 -9.64
N GLY F 103 54.53 -3.52 -8.48
CA GLY F 103 55.65 -4.40 -8.15
C GLY F 103 55.16 -5.82 -7.92
N GLY F 104 56.08 -6.78 -7.89
CA GLY F 104 55.72 -8.17 -7.69
C GLY F 104 55.21 -8.48 -6.29
N GLY F 105 55.36 -7.54 -5.37
CA GLY F 105 54.92 -7.75 -4.00
C GLY F 105 56.04 -8.14 -3.05
N THR F 106 55.86 -7.80 -1.79
CA THR F 106 56.78 -8.22 -0.74
C THR F 106 55.92 -8.84 0.34
N LYS F 107 56.33 -10.02 0.81
CA LYS F 107 55.49 -10.75 1.73
C LYS F 107 56.03 -10.54 3.14
N LEU F 108 55.24 -9.90 3.96
CA LEU F 108 55.65 -9.60 5.33
C LEU F 108 55.09 -10.62 6.33
N GLU F 109 55.99 -11.24 7.06
CA GLU F 109 55.62 -12.29 8.02
C GLU F 109 55.93 -11.82 9.44
N ILE F 110 55.08 -12.15 10.39
CA ILE F 110 55.39 -11.84 11.76
C ILE F 110 56.34 -12.91 12.31
N LYS F 111 57.53 -12.50 12.72
CA LYS F 111 58.45 -13.38 13.44
C LYS F 111 57.99 -13.51 14.90
N ARG F 112 58.07 -14.73 15.44
CA ARG F 112 57.73 -14.98 16.84
C ARG F 112 58.61 -16.09 17.35
N ALA F 113 58.51 -16.38 18.64
CA ALA F 113 59.25 -17.50 19.17
C ALA F 113 58.77 -18.80 18.50
N ASP F 114 59.70 -19.73 18.29
CA ASP F 114 59.41 -21.05 17.72
C ASP F 114 58.35 -21.79 18.51
N ALA F 115 57.51 -22.56 17.83
CA ALA F 115 56.42 -23.28 18.48
C ALA F 115 56.15 -24.65 17.84
N ALA F 116 55.98 -25.65 18.68
CA ALA F 116 55.75 -27.02 18.25
C ALA F 116 54.31 -27.23 17.80
N PRO F 117 54.11 -27.99 16.72
CA PRO F 117 52.76 -28.26 16.23
C PRO F 117 52.01 -29.23 17.11
N THR F 118 50.70 -28.99 17.22
CA THR F 118 49.80 -29.91 17.88
C THR F 118 49.16 -30.79 16.81
N VAL F 119 49.34 -32.10 16.95
CA VAL F 119 49.01 -33.02 15.88
C VAL F 119 47.82 -33.90 16.22
N SER F 120 46.87 -34.04 15.30
CA SER F 120 45.70 -34.90 15.53
C SER F 120 45.44 -35.71 14.28
N ILE F 121 45.28 -37.01 14.44
CA ILE F 121 45.04 -37.86 13.28
C ILE F 121 43.62 -38.40 13.31
N PHE F 122 43.02 -38.60 12.14
CA PHE F 122 41.63 -39.02 12.05
C PHE F 122 41.44 -40.13 11.05
N PRO F 123 40.90 -41.26 11.50
CA PRO F 123 40.60 -42.33 10.54
C PRO F 123 39.44 -41.89 9.65
N PRO F 124 39.22 -42.56 8.52
CA PRO F 124 38.06 -42.26 7.67
C PRO F 124 36.75 -42.30 8.44
N SER F 125 35.80 -41.44 8.08
CA SER F 125 34.47 -41.55 8.66
C SER F 125 33.71 -42.77 8.10
N SER F 126 32.76 -43.30 8.87
CA SER F 126 31.87 -44.36 8.39
C SER F 126 31.14 -43.88 7.13
N GLU F 127 30.75 -42.61 7.15
CA GLU F 127 30.01 -42.01 6.05
C GLU F 127 30.81 -42.06 4.76
N GLN F 128 32.12 -41.81 4.84
CA GLN F 128 32.91 -41.77 3.63
C GLN F 128 33.15 -43.19 3.14
N LEU F 129 33.28 -44.11 4.08
CA LEU F 129 33.52 -45.50 3.75
C LEU F 129 32.35 -46.02 2.92
N THR F 130 31.14 -45.65 3.31
CA THR F 130 29.93 -46.09 2.60
C THR F 130 29.95 -45.72 1.12
N SER F 131 30.90 -44.89 0.72
CA SER F 131 30.91 -44.26 -0.58
C SER F 131 31.97 -44.79 -1.52
N GLY F 132 32.86 -45.63 -1.00
CA GLY F 132 33.90 -46.24 -1.83
C GLY F 132 35.23 -45.51 -1.84
N GLY F 133 35.36 -44.56 -0.90
CA GLY F 133 36.60 -43.84 -0.70
C GLY F 133 36.93 -43.74 0.77
N ALA F 134 38.18 -43.40 1.06
CA ALA F 134 38.66 -43.31 2.42
C ALA F 134 39.76 -42.24 2.55
N SER F 135 39.60 -41.33 3.49
CA SER F 135 40.59 -40.28 3.72
C SER F 135 41.11 -40.29 5.15
N VAL F 136 42.43 -40.24 5.29
CA VAL F 136 43.00 -40.12 6.62
C VAL F 136 43.54 -38.71 6.78
N VAL F 137 43.02 -37.98 7.74
CA VAL F 137 43.35 -36.58 7.88
C VAL F 137 44.27 -36.36 9.07
N CYS F 138 45.31 -35.57 8.85
CA CYS F 138 46.18 -35.17 9.94
C CYS F 138 46.30 -33.63 10.07
N PHE F 139 45.86 -33.09 11.19
CA PHE F 139 46.03 -31.64 11.45
C PHE F 139 47.30 -31.38 12.22
N LEU F 140 48.06 -30.40 11.74
CA LEU F 140 49.23 -29.91 12.44
C LEU F 140 48.99 -28.45 12.78
N ASN F 141 48.54 -28.21 14.01
CA ASN F 141 48.02 -26.90 14.37
C ASN F 141 48.91 -26.05 15.25
N ASN F 142 49.01 -24.78 14.84
CA ASN F 142 49.61 -23.71 15.64
C ASN F 142 51.10 -23.88 15.87
N PHE F 143 51.86 -23.91 14.77
CA PHE F 143 53.30 -24.01 14.89
C PHE F 143 54.01 -22.85 14.18
N TYR F 144 55.30 -22.72 14.46
CA TYR F 144 56.13 -21.68 13.86
C TYR F 144 57.58 -22.09 14.02
N PRO F 145 58.39 -21.90 12.97
CA PRO F 145 58.05 -21.30 11.68
C PRO F 145 57.35 -22.24 10.68
N LYS F 146 57.03 -21.72 9.50
CA LYS F 146 56.16 -22.38 8.53
C LYS F 146 56.72 -23.69 7.96
N ASP F 147 58.05 -23.83 7.92
CA ASP F 147 58.71 -25.03 7.39
C ASP F 147 58.42 -26.24 8.25
N ILE F 148 57.85 -27.26 7.64
CA ILE F 148 57.54 -28.46 8.37
C ILE F 148 57.51 -29.67 7.44
N ASN F 149 57.87 -30.84 7.95
CA ASN F 149 57.95 -32.06 7.15
C ASN F 149 56.95 -33.10 7.69
N VAL F 150 56.01 -33.54 6.85
CA VAL F 150 55.06 -34.59 7.25
C VAL F 150 55.21 -35.83 6.37
N LYS F 151 55.37 -36.99 6.99
CA LYS F 151 55.33 -38.19 6.18
C LYS F 151 54.35 -39.18 6.75
N TRP F 152 53.85 -40.04 5.86
CA TRP F 152 52.84 -41.02 6.18
C TRP F 152 53.43 -42.41 6.12
N LYS F 153 53.14 -43.21 7.13
CA LYS F 153 53.58 -44.60 7.15
C LYS F 153 52.37 -45.51 7.26
N ILE F 154 52.33 -46.52 6.40
CA ILE F 154 51.26 -47.48 6.47
C ILE F 154 51.91 -48.82 6.68
N ASP F 155 51.54 -49.47 7.78
CA ASP F 155 52.09 -50.78 8.15
C ASP F 155 53.61 -50.72 8.05
N GLY F 156 54.18 -49.61 8.54
CA GLY F 156 55.61 -49.44 8.63
C GLY F 156 56.30 -49.02 7.36
N SER F 157 55.52 -48.65 6.35
CA SER F 157 56.12 -48.20 5.09
C SER F 157 55.70 -46.78 4.74
N GLU F 158 56.67 -45.96 4.35
CA GLU F 158 56.38 -44.58 3.95
C GLU F 158 55.49 -44.57 2.72
N ARG F 159 54.53 -43.66 2.69
CA ARG F 159 53.59 -43.58 1.59
C ARG F 159 53.57 -42.18 0.97
N GLN F 160 53.95 -42.08 -0.30
CA GLN F 160 54.04 -40.81 -1.03
C GLN F 160 52.75 -40.48 -1.74
N ASN F 161 52.23 -41.48 -2.43
CA ASN F 161 51.03 -41.37 -3.25
C ASN F 161 49.75 -41.08 -2.48
N GLY F 162 48.99 -40.11 -2.98
CA GLY F 162 47.70 -39.80 -2.42
C GLY F 162 47.70 -38.75 -1.32
N VAL F 163 48.85 -38.14 -1.06
CA VAL F 163 48.93 -37.16 0.01
C VAL F 163 48.76 -35.75 -0.53
N LEU F 164 47.72 -35.06 -0.09
CA LEU F 164 47.58 -33.63 -0.35
C LEU F 164 47.82 -32.82 0.94
N ASN F 165 48.62 -31.77 0.82
CA ASN F 165 48.90 -30.88 1.95
C ASN F 165 48.35 -29.47 1.73
N SER F 166 48.13 -28.74 2.80
CA SER F 166 47.60 -27.40 2.68
C SER F 166 47.89 -26.57 3.94
N TRP F 167 48.48 -25.39 3.75
CA TRP F 167 48.82 -24.48 4.86
C TRP F 167 47.80 -23.38 5.05
N THR F 168 47.52 -22.97 6.28
CA THR F 168 46.78 -21.73 6.51
C THR F 168 47.69 -20.53 6.36
N ASP F 169 47.09 -19.35 6.34
CA ASP F 169 47.85 -18.12 6.42
C ASP F 169 48.25 -17.92 7.87
N GLN F 170 49.25 -17.09 8.13
CA GLN F 170 49.60 -16.74 9.50
C GLN F 170 48.36 -16.29 10.28
N ASP F 171 48.28 -16.68 11.55
CA ASP F 171 47.17 -16.32 12.40
C ASP F 171 47.31 -14.89 12.95
N SER F 172 46.23 -14.11 12.92
CA SER F 172 46.37 -12.68 13.24
C SER F 172 46.60 -12.42 14.74
N LYS F 173 46.29 -13.39 15.58
CA LYS F 173 46.54 -13.29 17.02
C LYS F 173 47.90 -13.87 17.45
N ASP F 174 48.11 -15.17 17.28
CA ASP F 174 49.32 -15.82 17.80
C ASP F 174 50.43 -16.02 16.76
N SER F 175 50.18 -15.54 15.56
CA SER F 175 51.18 -15.53 14.48
C SER F 175 51.75 -16.90 14.13
N THR F 176 51.05 -17.97 14.50
CA THR F 176 51.48 -19.31 14.11
C THR F 176 50.89 -19.72 12.74
N TYR F 177 51.27 -20.91 12.30
CA TYR F 177 50.66 -21.52 11.13
C TYR F 177 50.00 -22.85 11.52
N SER F 178 49.05 -23.29 10.71
CA SER F 178 48.53 -24.65 10.80
C SER F 178 48.53 -25.32 9.44
N MET F 179 48.36 -26.64 9.43
CA MET F 179 48.48 -27.37 8.18
C MET F 179 47.64 -28.64 8.25
N SER F 180 47.03 -29.01 7.13
CA SER F 180 46.28 -30.25 7.09
C SER F 180 46.95 -31.15 6.10
N SER F 181 47.08 -32.42 6.46
CA SER F 181 47.64 -33.41 5.54
C SER F 181 46.65 -34.55 5.34
N THR F 182 46.19 -34.71 4.11
CA THR F 182 45.15 -35.69 3.79
C THR F 182 45.64 -36.81 2.87
N LEU F 183 45.56 -38.04 3.35
CA LEU F 183 45.94 -39.21 2.58
C LEU F 183 44.69 -39.91 2.04
N THR F 184 44.47 -39.83 0.75
CA THR F 184 43.26 -40.41 0.18
C THR F 184 43.57 -41.76 -0.42
N LEU F 185 42.82 -42.75 0.04
CA LEU F 185 42.92 -44.09 -0.46
C LEU F 185 41.56 -44.54 -0.99
N THR F 186 41.56 -45.63 -1.74
CA THR F 186 40.32 -46.33 -2.04
C THR F 186 39.91 -47.05 -0.76
N LYS F 187 38.61 -47.24 -0.58
CA LYS F 187 38.10 -48.02 0.54
C LYS F 187 38.76 -49.41 0.62
N ASP F 188 38.88 -50.09 -0.52
CA ASP F 188 39.54 -51.41 -0.56
C ASP F 188 40.98 -51.32 -0.06
N GLU F 189 41.72 -50.33 -0.55
CA GLU F 189 43.07 -50.07 -0.11
C GLU F 189 43.15 -49.88 1.41
N TYR F 190 42.33 -48.96 1.92
CA TYR F 190 42.26 -48.69 3.35
C TYR F 190 41.96 -49.94 4.18
N GLU F 191 40.99 -50.74 3.75
CA GLU F 191 40.62 -51.97 4.47
C GLU F 191 41.68 -53.06 4.33
N ARG F 192 42.71 -52.81 3.52
CA ARG F 192 43.70 -53.85 3.24
C ARG F 192 44.88 -53.73 4.20
N HIS F 193 45.00 -52.59 4.84
CA HIS F 193 46.12 -52.32 5.73
C HIS F 193 45.64 -52.01 7.12
N ASN F 194 46.54 -52.05 8.09
CA ASN F 194 46.10 -51.95 9.47
C ASN F 194 46.45 -50.63 10.16
N SER F 195 47.73 -50.28 10.21
CA SER F 195 48.15 -49.10 10.95
C SER F 195 48.49 -47.93 10.03
N TYR F 196 48.06 -46.76 10.48
CA TYR F 196 48.24 -45.51 9.77
C TYR F 196 48.89 -44.50 10.70
N THR F 197 49.99 -43.94 10.22
CA THR F 197 50.83 -43.04 11.02
C THR F 197 51.12 -41.75 10.27
N CYS F 198 50.91 -40.66 10.99
CA CYS F 198 51.17 -39.29 10.58
C CYS F 198 52.43 -38.81 11.31
N GLU F 199 53.45 -38.38 10.58
CA GLU F 199 54.73 -38.12 11.25
C GLU F 199 55.34 -36.75 10.94
N ALA F 200 55.22 -35.84 11.90
CA ALA F 200 55.65 -34.44 11.75
C ALA F 200 57.09 -34.22 12.16
N THR F 201 57.82 -33.49 11.33
CA THR F 201 59.16 -33.04 11.70
C THR F 201 59.27 -31.53 11.58
N HIS F 202 59.77 -30.91 12.64
CA HIS F 202 59.79 -29.46 12.81
C HIS F 202 61.03 -29.04 13.60
N LYS F 203 61.50 -27.82 13.40
CA LYS F 203 62.78 -27.41 14.01
C LYS F 203 62.73 -27.26 15.54
N THR F 204 61.54 -27.18 16.12
CA THR F 204 61.41 -27.16 17.58
C THR F 204 61.81 -28.47 18.26
N SER F 205 62.05 -29.51 17.47
CA SER F 205 62.31 -30.82 18.06
C SER F 205 63.05 -31.77 17.11
N THR F 206 63.96 -32.55 17.68
CA THR F 206 64.73 -33.52 16.92
C THR F 206 63.96 -34.83 16.85
N SER F 207 63.14 -35.08 17.85
CA SER F 207 62.16 -36.17 17.79
C SER F 207 61.03 -35.77 16.85
N PRO F 208 60.59 -36.68 15.99
CA PRO F 208 59.38 -36.33 15.25
C PRO F 208 58.17 -36.45 16.15
N ILE F 209 57.05 -35.84 15.77
CA ILE F 209 55.80 -36.04 16.49
C ILE F 209 54.93 -37.03 15.72
N VAL F 210 54.54 -38.14 16.34
CA VAL F 210 53.79 -39.14 15.58
C VAL F 210 52.43 -39.48 16.22
N LYS F 211 51.42 -39.52 15.36
CA LYS F 211 50.07 -39.93 15.72
C LYS F 211 49.65 -41.13 14.87
N SER F 212 49.02 -42.11 15.52
CA SER F 212 48.71 -43.39 14.89
C SER F 212 47.38 -43.95 15.30
N PHE F 213 46.84 -44.81 14.45
CA PHE F 213 45.72 -45.63 14.86
C PHE F 213 45.79 -46.96 14.12
N ASN F 214 45.17 -47.98 14.68
CA ASN F 214 44.97 -49.22 13.96
C ASN F 214 43.53 -49.27 13.49
N ARG F 215 43.32 -49.63 12.23
CA ARG F 215 41.98 -49.64 11.66
C ARG F 215 41.01 -50.53 12.46
N ASN F 216 41.43 -51.76 12.74
CA ASN F 216 40.49 -52.75 13.26
C ASN F 216 40.14 -52.54 14.74
N GLU F 217 39.80 -51.32 15.13
CA GLU F 217 39.48 -51.04 16.53
C GLU F 217 38.31 -50.08 16.70
N GLU G 1 -36.99 -41.31 1.45
CA GLU G 1 -35.85 -41.71 2.26
C GLU G 1 -35.93 -41.17 3.68
N VAL G 2 -37.05 -40.55 4.02
CA VAL G 2 -37.45 -40.43 5.42
C VAL G 2 -37.96 -41.79 5.92
N GLN G 3 -37.41 -42.27 7.02
CA GLN G 3 -37.87 -43.54 7.56
C GLN G 3 -37.95 -43.56 9.06
N LEU G 4 -39.09 -43.99 9.55
CA LEU G 4 -39.31 -44.22 10.97
C LEU G 4 -39.32 -45.70 11.24
N GLN G 5 -38.32 -46.17 11.97
CA GLN G 5 -38.17 -47.61 12.21
C GLN G 5 -38.44 -47.94 13.69
N GLN G 6 -39.51 -48.71 13.92
CA GLN G 6 -39.91 -49.06 15.28
C GLN G 6 -39.39 -50.44 15.71
N SER G 7 -39.35 -50.65 17.02
CA SER G 7 -38.95 -51.93 17.59
C SER G 7 -39.92 -53.02 17.15
N GLY G 8 -39.50 -54.27 17.28
CA GLY G 8 -40.36 -55.38 16.97
C GLY G 8 -41.39 -55.64 18.05
N PRO G 9 -42.29 -56.60 17.80
CA PRO G 9 -43.39 -56.97 18.71
C PRO G 9 -42.92 -57.31 20.12
N GLU G 10 -43.77 -57.05 21.10
CA GLU G 10 -43.43 -57.30 22.50
C GLU G 10 -44.54 -58.05 23.20
N LEU G 11 -44.14 -59.04 24.01
CA LEU G 11 -45.05 -59.66 24.96
C LEU G 11 -44.56 -59.25 26.33
N VAL G 12 -45.47 -58.80 27.18
CA VAL G 12 -45.10 -58.22 28.45
C VAL G 12 -46.12 -58.57 29.54
N LYS G 13 -45.63 -58.79 30.76
CA LYS G 13 -46.47 -59.22 31.87
C LYS G 13 -47.33 -58.09 32.41
N PRO G 14 -48.57 -58.42 32.81
CA PRO G 14 -49.44 -57.48 33.52
C PRO G 14 -48.72 -56.79 34.68
N GLY G 15 -48.83 -55.46 34.71
CA GLY G 15 -48.19 -54.68 35.75
C GLY G 15 -46.74 -54.35 35.47
N ALA G 16 -46.14 -54.99 34.48
CA ALA G 16 -44.79 -54.64 34.09
C ALA G 16 -44.78 -53.32 33.31
N SER G 17 -43.59 -52.85 32.97
CA SER G 17 -43.48 -51.71 32.07
C SER G 17 -42.67 -52.11 30.83
N MET G 18 -42.60 -51.22 29.85
CA MET G 18 -41.85 -51.49 28.64
C MET G 18 -41.58 -50.25 27.77
N LYS G 19 -40.50 -50.30 27.02
CA LYS G 19 -40.05 -49.17 26.25
C LYS G 19 -40.00 -49.49 24.75
N ILE G 20 -40.85 -48.80 23.98
CA ILE G 20 -40.86 -48.89 22.52
C ILE G 20 -39.91 -47.89 21.90
N SER G 21 -39.15 -48.29 20.89
CA SER G 21 -38.25 -47.36 20.22
C SER G 21 -38.69 -47.00 18.79
N CYS G 22 -38.27 -45.81 18.36
CA CYS G 22 -38.59 -45.32 17.02
C CYS G 22 -37.37 -44.61 16.44
N LYS G 23 -36.60 -45.30 15.62
CA LYS G 23 -35.39 -44.68 15.07
C LYS G 23 -35.67 -43.97 13.76
N ALA G 24 -35.62 -42.64 13.80
CA ALA G 24 -35.88 -41.82 12.64
C ALA G 24 -34.61 -41.55 11.88
N SER G 25 -34.66 -41.75 10.57
CA SER G 25 -33.51 -41.41 9.74
C SER G 25 -34.00 -40.68 8.49
N GLY G 26 -33.09 -40.01 7.81
CA GLY G 26 -33.41 -39.37 6.54
C GLY G 26 -33.76 -37.89 6.60
N TYR G 27 -33.72 -37.31 7.80
CA TYR G 27 -34.00 -35.89 7.99
C TYR G 27 -33.42 -35.37 9.30
N SER G 28 -33.65 -34.10 9.57
CA SER G 28 -33.16 -33.46 10.78
C SER G 28 -34.12 -33.73 11.96
N PHE G 29 -33.68 -34.62 12.84
CA PHE G 29 -34.48 -35.18 13.93
C PHE G 29 -35.11 -34.13 14.85
N THR G 30 -34.38 -33.07 15.13
CA THR G 30 -34.87 -32.05 16.07
C THR G 30 -35.77 -30.99 15.42
N GLY G 31 -35.92 -31.05 14.09
CA GLY G 31 -36.80 -30.12 13.40
C GLY G 31 -38.31 -30.36 13.46
N TYR G 32 -38.74 -31.56 13.85
CA TYR G 32 -40.14 -31.95 13.78
C TYR G 32 -40.60 -32.68 15.02
N SER G 33 -41.89 -32.58 15.31
CA SER G 33 -42.47 -33.32 16.42
C SER G 33 -42.62 -34.79 16.11
N MET G 34 -42.30 -35.64 17.08
CA MET G 34 -42.64 -37.04 17.01
C MET G 34 -43.93 -37.31 17.78
N ASN G 35 -44.89 -37.94 17.12
CA ASN G 35 -46.17 -38.29 17.76
C ASN G 35 -46.27 -39.80 18.03
N TRP G 36 -47.07 -40.17 19.02
CA TRP G 36 -47.41 -41.57 19.23
C TRP G 36 -48.90 -41.78 19.11
N VAL G 37 -49.28 -42.90 18.49
CA VAL G 37 -50.67 -43.21 18.22
C VAL G 37 -50.95 -44.66 18.63
N LYS G 38 -52.07 -44.86 19.31
CA LYS G 38 -52.44 -46.21 19.71
C LYS G 38 -53.57 -46.73 18.83
N GLN G 39 -53.50 -48.00 18.47
CA GLN G 39 -54.63 -48.62 17.77
C GLN G 39 -54.95 -49.98 18.37
N SER G 40 -56.11 -50.09 19.02
CA SER G 40 -56.57 -51.39 19.51
C SER G 40 -57.23 -52.15 18.38
N HIS G 41 -56.83 -53.41 18.19
CA HIS G 41 -57.50 -54.32 17.27
C HIS G 41 -59.01 -54.14 17.36
N GLY G 42 -59.59 -53.58 16.31
CA GLY G 42 -60.92 -52.97 16.38
C GLY G 42 -60.90 -51.59 15.74
N LYS G 43 -59.71 -51.01 15.74
CA LYS G 43 -59.19 -50.13 14.69
C LYS G 43 -59.32 -48.65 14.91
N ASN G 44 -59.94 -48.22 16.00
CA ASN G 44 -59.93 -46.79 16.24
C ASN G 44 -58.52 -46.32 16.58
N LEU G 45 -58.13 -45.20 15.99
CA LEU G 45 -56.84 -44.60 16.26
C LEU G 45 -56.94 -43.55 17.37
N GLU G 46 -56.02 -43.61 18.31
CA GLU G 46 -56.01 -42.63 19.39
C GLU G 46 -54.64 -41.96 19.44
N TRP G 47 -54.59 -40.63 19.56
CA TRP G 47 -53.33 -39.92 19.74
C TRP G 47 -52.90 -39.93 21.22
N ILE G 48 -51.68 -40.35 21.50
CA ILE G 48 -51.21 -40.46 22.87
C ILE G 48 -50.53 -39.18 23.32
N GLY G 49 -49.73 -38.60 22.44
CA GLY G 49 -48.94 -37.45 22.83
C GLY G 49 -47.85 -37.13 21.83
N LEU G 50 -47.07 -36.08 22.09
CA LEU G 50 -45.95 -35.79 21.23
C LEU G 50 -44.76 -35.26 22.01
N ILE G 51 -43.59 -35.36 21.40
CA ILE G 51 -42.40 -34.84 22.01
C ILE G 51 -41.69 -33.91 21.03
N ASN G 52 -41.21 -32.78 21.55
CA ASN G 52 -40.32 -31.89 20.81
C ASN G 52 -38.89 -32.36 20.99
N PRO G 53 -38.34 -33.04 19.96
CA PRO G 53 -37.01 -33.65 20.06
C PRO G 53 -35.91 -32.61 20.29
N TYR G 54 -36.20 -31.35 19.98
CA TYR G 54 -35.21 -30.30 20.16
C TYR G 54 -34.94 -30.05 21.64
N ASN G 55 -35.97 -30.12 22.47
CA ASN G 55 -35.81 -29.83 23.90
C ASN G 55 -36.51 -30.79 24.86
N GLY G 56 -37.29 -31.74 24.34
CA GLY G 56 -37.92 -32.74 25.18
C GLY G 56 -39.26 -32.34 25.79
N ASP G 57 -39.78 -31.19 25.37
CA ASP G 57 -41.13 -30.75 25.73
C ASP G 57 -42.15 -31.79 25.27
N THR G 58 -43.14 -32.03 26.12
CA THR G 58 -44.10 -33.06 25.82
C THR G 58 -45.51 -32.54 25.98
N THR G 59 -46.41 -33.11 25.18
CA THR G 59 -47.83 -32.85 25.30
C THR G 59 -48.52 -34.19 25.27
N TYR G 60 -49.39 -34.46 26.23
CA TYR G 60 -50.07 -35.74 26.32
C TYR G 60 -51.56 -35.54 26.27
N LYS G 61 -52.26 -36.47 25.63
CA LYS G 61 -53.70 -36.61 25.86
C LYS G 61 -53.92 -36.97 27.32
N GLN G 62 -54.79 -36.23 28.01
CA GLN G 62 -55.04 -36.42 29.44
C GLN G 62 -54.98 -37.86 29.96
N LYS G 63 -55.72 -38.76 29.32
CA LYS G 63 -55.80 -40.15 29.78
C LYS G 63 -54.45 -40.88 29.78
N PHE G 64 -53.49 -40.45 28.98
CA PHE G 64 -52.21 -41.15 29.01
C PHE G 64 -51.19 -40.51 29.94
N LYS G 65 -51.55 -39.39 30.57
CA LYS G 65 -50.67 -38.77 31.57
C LYS G 65 -50.45 -39.72 32.75
N GLY G 66 -49.19 -40.06 33.00
CA GLY G 66 -48.86 -41.00 34.05
C GLY G 66 -48.93 -42.43 33.56
N LYS G 67 -49.34 -42.59 32.32
CA LYS G 67 -49.41 -43.90 31.68
C LYS G 67 -48.25 -44.07 30.69
N ALA G 68 -47.99 -43.00 29.94
CA ALA G 68 -46.97 -43.02 28.91
C ALA G 68 -45.91 -41.94 29.16
N THR G 69 -44.65 -42.30 28.92
CA THR G 69 -43.55 -41.35 29.05
C THR G 69 -42.75 -41.23 27.75
N LEU G 70 -42.72 -40.03 27.18
CA LEU G 70 -42.02 -39.80 25.92
C LEU G 70 -40.64 -39.22 26.13
N THR G 71 -39.63 -39.83 25.53
CA THR G 71 -38.25 -39.34 25.62
C THR G 71 -37.60 -39.38 24.24
N VAL G 72 -36.47 -38.71 24.10
CA VAL G 72 -35.71 -38.78 22.85
C VAL G 72 -34.25 -38.96 23.17
N ASP G 73 -33.50 -39.52 22.23
CA ASP G 73 -32.05 -39.52 22.31
C ASP G 73 -31.54 -38.93 21.00
N ARG G 74 -31.00 -37.72 21.06
CA ARG G 74 -30.67 -36.97 19.86
C ARG G 74 -29.49 -37.56 19.12
N SER G 75 -28.56 -38.16 19.86
CA SER G 75 -27.37 -38.74 19.25
C SER G 75 -27.66 -39.97 18.39
N SER G 76 -28.74 -40.68 18.69
CA SER G 76 -29.08 -41.85 17.90
C SER G 76 -30.35 -41.60 17.08
N SER G 77 -30.87 -40.38 17.17
CA SER G 77 -32.10 -40.00 16.50
C SER G 77 -33.24 -40.97 16.83
N THR G 78 -33.43 -41.25 18.12
CA THR G 78 -34.47 -42.21 18.49
C THR G 78 -35.49 -41.62 19.42
N ALA G 79 -36.75 -41.89 19.11
CA ALA G 79 -37.85 -41.53 19.98
C ALA G 79 -38.26 -42.77 20.80
N TYR G 80 -38.51 -42.58 22.09
CA TYR G 80 -38.93 -43.70 22.92
C TYR G 80 -40.29 -43.42 23.54
N MET G 81 -41.11 -44.47 23.66
CA MET G 81 -42.29 -44.39 24.51
C MET G 81 -42.23 -45.48 25.56
N GLU G 82 -42.34 -45.09 26.81
CA GLU G 82 -42.47 -46.08 27.87
C GLU G 82 -43.92 -46.19 28.31
N LEU G 83 -44.47 -47.38 28.22
CA LEU G 83 -45.78 -47.63 28.79
C LEU G 83 -45.61 -48.16 30.22
N LEU G 84 -46.50 -47.76 31.11
CA LEU G 84 -46.38 -48.14 32.51
C LEU G 84 -47.58 -48.94 33.03
N ARG G 85 -47.30 -49.85 33.95
CA ARG G 85 -48.31 -50.61 34.69
C ARG G 85 -49.34 -51.22 33.74
N LEU G 86 -48.85 -52.05 32.84
CA LEU G 86 -49.65 -52.50 31.71
C LEU G 86 -50.80 -53.45 32.07
N THR G 87 -51.96 -53.14 31.51
CA THR G 87 -53.14 -53.99 31.60
C THR G 87 -53.40 -54.56 30.22
N SER G 88 -54.30 -55.55 30.12
CA SER G 88 -54.72 -56.03 28.80
C SER G 88 -55.25 -54.87 27.94
N GLU G 89 -55.74 -53.82 28.60
CA GLU G 89 -56.24 -52.62 27.94
C GLU G 89 -55.19 -51.91 27.07
N ASP G 90 -53.93 -52.20 27.32
CA ASP G 90 -52.83 -51.54 26.61
C ASP G 90 -52.30 -52.45 25.52
N SER G 91 -52.92 -53.62 25.35
CA SER G 91 -52.61 -54.50 24.23
C SER G 91 -53.14 -53.90 22.95
N ALA G 92 -52.23 -53.41 22.11
CA ALA G 92 -52.62 -52.69 20.90
C ALA G 92 -51.44 -52.61 19.95
N VAL G 93 -51.64 -51.97 18.81
CA VAL G 93 -50.49 -51.61 17.97
C VAL G 93 -50.18 -50.14 18.22
N TYR G 94 -48.92 -49.86 18.49
CA TYR G 94 -48.48 -48.50 18.77
C TYR G 94 -47.62 -47.98 17.61
N TYR G 95 -47.98 -46.82 17.07
CA TYR G 95 -47.20 -46.14 16.04
C TYR G 95 -46.48 -44.86 16.54
N CYS G 96 -45.29 -44.61 16.00
CA CYS G 96 -44.75 -43.26 16.04
C CYS G 96 -45.10 -42.60 14.71
N ALA G 97 -45.34 -41.29 14.72
CA ALA G 97 -45.65 -40.56 13.49
C ALA G 97 -45.09 -39.13 13.55
N ARG G 98 -44.29 -38.77 12.56
CA ARG G 98 -43.68 -37.45 12.52
C ARG G 98 -44.62 -36.34 12.00
N SER G 99 -44.62 -35.21 12.68
CA SER G 99 -45.35 -34.03 12.21
C SER G 99 -44.87 -33.61 10.83
N GLY G 100 -45.78 -33.00 10.08
CA GLY G 100 -45.45 -32.45 8.79
C GLY G 100 -44.93 -31.02 8.90
N ARG G 101 -44.85 -30.34 7.77
CA ARG G 101 -44.41 -28.97 7.73
C ARG G 101 -45.49 -28.14 7.04
N GLY G 102 -45.87 -27.01 7.63
CA GLY G 102 -46.85 -26.14 7.00
C GLY G 102 -47.93 -25.61 7.92
N ALA G 103 -48.10 -26.28 9.06
CA ALA G 103 -49.04 -25.87 10.10
C ALA G 103 -48.57 -24.59 10.79
N PRO G 104 -49.53 -23.77 11.27
CA PRO G 104 -49.15 -22.55 12.01
C PRO G 104 -48.56 -22.85 13.38
N THR G 105 -48.93 -24.00 13.95
CA THR G 105 -48.46 -24.37 15.28
C THR G 105 -48.11 -25.86 15.35
N THR G 106 -47.50 -26.24 16.46
CA THR G 106 -47.17 -27.62 16.67
C THR G 106 -48.43 -28.42 16.93
N THR G 107 -49.44 -27.81 17.54
CA THR G 107 -50.62 -28.59 17.84
C THR G 107 -51.42 -28.87 16.55
N THR G 108 -51.23 -28.06 15.50
CA THR G 108 -52.04 -28.19 14.27
C THR G 108 -51.39 -29.06 13.21
N ALA G 109 -50.15 -29.47 13.44
CA ALA G 109 -49.47 -30.36 12.50
C ALA G 109 -50.21 -31.71 12.29
N TRP G 110 -50.27 -32.13 11.03
CA TRP G 110 -50.77 -33.43 10.63
C TRP G 110 -49.59 -34.41 10.51
N PHE G 111 -49.89 -35.69 10.28
CA PHE G 111 -48.86 -36.75 10.29
C PHE G 111 -48.49 -37.23 8.87
N THR G 112 -47.23 -37.02 8.48
CA THR G 112 -46.80 -37.32 7.12
C THR G 112 -45.93 -38.56 7.00
N TYR G 113 -45.44 -39.07 8.12
CA TYR G 113 -44.61 -40.25 8.09
C TYR G 113 -44.93 -41.09 9.31
N TRP G 114 -45.01 -42.39 9.09
CA TRP G 114 -45.36 -43.31 10.14
C TRP G 114 -44.35 -44.45 10.24
N GLY G 115 -44.11 -44.91 11.46
CA GLY G 115 -43.41 -46.16 11.66
C GLY G 115 -44.31 -47.32 11.24
N GLN G 116 -43.73 -48.52 11.14
CA GLN G 116 -44.47 -49.69 10.66
C GLN G 116 -45.41 -50.19 11.75
N GLY G 117 -45.20 -49.69 12.97
CA GLY G 117 -46.05 -50.05 14.09
C GLY G 117 -45.42 -51.14 14.95
N THR G 118 -45.69 -51.06 16.25
CA THR G 118 -45.24 -52.07 17.18
C THR G 118 -46.44 -52.72 17.86
N LEU G 119 -46.59 -54.03 17.67
CA LEU G 119 -47.64 -54.81 18.31
C LEU G 119 -47.25 -55.26 19.74
N VAL G 120 -48.08 -54.90 20.72
CA VAL G 120 -47.76 -55.17 22.12
C VAL G 120 -48.84 -56.05 22.75
N THR G 121 -48.42 -57.20 23.29
CA THR G 121 -49.36 -58.08 23.96
C THR G 121 -49.10 -58.09 25.45
N VAL G 122 -50.16 -57.92 26.23
CA VAL G 122 -50.04 -57.94 27.69
C VAL G 122 -50.69 -59.22 28.19
N SER G 123 -49.87 -60.21 28.52
CA SER G 123 -50.38 -61.50 28.97
C SER G 123 -49.44 -62.16 29.95
N ALA G 124 -50.01 -62.96 30.84
CA ALA G 124 -49.25 -63.79 31.77
C ALA G 124 -48.91 -65.12 31.11
N ALA G 125 -49.62 -65.42 30.03
CA ALA G 125 -49.37 -66.63 29.24
C ALA G 125 -47.96 -66.62 28.69
N LYS G 126 -47.36 -67.80 28.53
CA LYS G 126 -45.96 -67.88 28.18
C LYS G 126 -45.79 -68.18 26.70
N THR G 127 -44.60 -67.86 26.19
CA THR G 127 -44.31 -68.00 24.77
C THR G 127 -44.28 -69.47 24.34
N THR G 128 -44.90 -69.73 23.19
CA THR G 128 -44.97 -71.06 22.61
C THR G 128 -44.72 -70.97 21.11
N PRO G 129 -43.74 -71.73 20.61
CA PRO G 129 -43.49 -71.79 19.17
C PRO G 129 -44.60 -72.57 18.48
N PRO G 130 -44.80 -72.32 17.19
CA PRO G 130 -45.83 -73.06 16.45
C PRO G 130 -45.35 -74.44 16.00
N SER G 131 -46.30 -75.32 15.75
CA SER G 131 -46.04 -76.50 14.94
C SER G 131 -46.57 -76.20 13.53
N VAL G 132 -45.75 -76.49 12.52
CA VAL G 132 -46.12 -76.23 11.14
C VAL G 132 -46.39 -77.56 10.42
N TYR G 133 -47.59 -77.70 9.86
CA TYR G 133 -47.94 -78.92 9.13
C TYR G 133 -48.32 -78.58 7.68
N PRO G 134 -48.01 -79.50 6.75
CA PRO G 134 -48.38 -79.30 5.36
C PRO G 134 -49.83 -79.70 5.08
N LEU G 135 -50.51 -78.88 4.30
CA LEU G 135 -51.81 -79.21 3.74
C LEU G 135 -51.62 -79.52 2.25
N ALA G 136 -51.77 -80.78 1.90
CA ALA G 136 -51.61 -81.25 0.54
C ALA G 136 -52.81 -82.09 0.15
N PRO G 137 -53.23 -82.03 -1.12
CA PRO G 137 -54.49 -82.64 -1.60
C PRO G 137 -54.61 -84.14 -1.38
N GLY G 138 -54.05 -84.91 -2.32
CA GLY G 138 -54.21 -86.35 -2.31
C GLY G 138 -55.50 -86.84 -2.96
N SER G 145 -56.47 -78.95 -12.87
CA SER G 145 -56.18 -77.73 -13.63
C SER G 145 -55.33 -76.77 -12.82
N MET G 146 -55.92 -76.23 -11.76
CA MET G 146 -55.21 -75.43 -10.76
C MET G 146 -55.13 -76.23 -9.47
N VAL G 147 -54.05 -76.05 -8.71
CA VAL G 147 -53.91 -76.79 -7.45
C VAL G 147 -53.75 -75.87 -6.25
N THR G 148 -54.51 -76.16 -5.19
CA THR G 148 -54.38 -75.44 -3.93
C THR G 148 -53.61 -76.25 -2.91
N LEU G 149 -52.62 -75.60 -2.31
CA LEU G 149 -51.80 -76.19 -1.27
C LEU G 149 -51.94 -75.30 -0.05
N GLY G 150 -51.45 -75.79 1.09
CA GLY G 150 -51.51 -74.99 2.30
C GLY G 150 -50.53 -75.35 3.39
N CYS G 151 -50.29 -74.39 4.26
CA CYS G 151 -49.56 -74.57 5.52
C CYS G 151 -50.51 -74.29 6.68
N LEU G 152 -50.52 -75.18 7.67
CA LEU G 152 -51.25 -74.93 8.90
C LEU G 152 -50.24 -74.64 10.01
N VAL G 153 -50.41 -73.49 10.68
CA VAL G 153 -49.51 -73.05 11.75
C VAL G 153 -50.20 -73.06 13.11
N LYS G 154 -49.95 -74.08 13.93
CA LYS G 154 -50.82 -74.33 15.08
C LYS G 154 -50.13 -74.20 16.44
N GLY G 155 -50.86 -73.64 17.41
CA GLY G 155 -50.45 -73.67 18.81
C GLY G 155 -49.38 -72.69 19.29
N TYR G 156 -49.29 -71.51 18.69
CA TYR G 156 -48.26 -70.56 19.08
C TYR G 156 -48.80 -69.41 19.92
N PHE G 157 -47.90 -68.77 20.65
CA PHE G 157 -48.19 -67.56 21.41
C PHE G 157 -46.90 -66.77 21.66
N PRO G 158 -46.93 -65.43 21.50
CA PRO G 158 -48.07 -64.59 21.10
C PRO G 158 -48.11 -64.34 19.60
N GLU G 159 -48.99 -63.45 19.18
CA GLU G 159 -48.91 -62.88 17.84
C GLU G 159 -47.63 -62.05 17.76
N PRO G 160 -47.08 -61.85 16.54
CA PRO G 160 -47.53 -62.34 15.24
C PRO G 160 -46.71 -63.49 14.68
N VAL G 161 -47.10 -63.95 13.50
CA VAL G 161 -46.44 -65.02 12.79
C VAL G 161 -46.42 -64.63 11.34
N THR G 162 -45.26 -64.69 10.69
CA THR G 162 -45.21 -64.41 9.26
C THR G 162 -45.11 -65.70 8.44
N VAL G 163 -45.85 -65.74 7.34
CA VAL G 163 -45.84 -66.87 6.42
C VAL G 163 -45.52 -66.37 5.01
N THR G 164 -44.53 -66.99 4.37
CA THR G 164 -44.21 -66.71 2.97
C THR G 164 -44.12 -68.02 2.20
N TRP G 165 -44.19 -67.94 0.88
CA TRP G 165 -44.08 -69.13 0.04
C TRP G 165 -42.90 -69.01 -0.94
N ASN G 166 -42.10 -70.08 -1.01
CA ASN G 166 -40.83 -70.08 -1.74
C ASN G 166 -40.05 -68.82 -1.44
N SER G 167 -39.93 -68.53 -0.15
CA SER G 167 -39.21 -67.39 0.41
C SER G 167 -39.71 -66.03 -0.06
N GLY G 168 -40.73 -66.02 -0.91
CA GLY G 168 -41.25 -64.77 -1.44
C GLY G 168 -41.51 -64.79 -2.93
N SER G 169 -40.91 -65.74 -3.63
CA SER G 169 -41.19 -65.94 -5.05
C SER G 169 -42.69 -66.00 -5.32
N LEU G 170 -43.32 -67.08 -4.84
CA LEU G 170 -44.77 -67.21 -4.95
C LEU G 170 -45.46 -66.19 -4.06
N SER G 171 -46.07 -65.19 -4.69
CA SER G 171 -46.69 -64.08 -3.98
C SER G 171 -48.13 -63.89 -4.43
N SER G 172 -48.43 -64.31 -5.66
CA SER G 172 -49.80 -64.25 -6.16
C SER G 172 -50.49 -65.57 -5.89
N GLY G 173 -51.79 -65.47 -5.64
CA GLY G 173 -52.61 -66.64 -5.33
C GLY G 173 -52.38 -67.12 -3.91
N VAL G 174 -51.90 -66.21 -3.03
CA VAL G 174 -51.65 -66.57 -1.64
C VAL G 174 -52.65 -65.93 -0.67
N HIS G 175 -53.36 -66.79 0.05
CA HIS G 175 -54.24 -66.35 1.12
C HIS G 175 -53.64 -66.77 2.46
N THR G 176 -53.39 -65.82 3.34
CA THR G 176 -53.06 -66.16 4.72
C THR G 176 -54.13 -65.59 5.67
N PHE G 177 -54.76 -66.51 6.38
CA PHE G 177 -55.94 -66.19 7.18
C PHE G 177 -55.55 -65.72 8.57
N PRO G 178 -56.31 -64.77 9.13
CA PRO G 178 -56.12 -64.23 10.49
C PRO G 178 -56.17 -65.33 11.54
N ALA G 179 -55.30 -65.28 12.54
CA ALA G 179 -55.21 -66.34 13.53
C ALA G 179 -56.47 -66.39 14.38
N VAL G 180 -56.75 -67.55 14.94
CA VAL G 180 -57.82 -67.66 15.91
C VAL G 180 -57.22 -68.03 17.25
N LEU G 181 -57.82 -67.51 18.30
CA LEU G 181 -57.36 -67.79 19.66
C LEU G 181 -58.24 -68.85 20.30
N GLN G 182 -57.65 -69.98 20.65
CA GLN G 182 -58.36 -71.02 21.42
C GLN G 182 -57.47 -71.55 22.54
N SER G 183 -57.90 -71.31 23.78
CA SER G 183 -57.15 -71.73 24.95
C SER G 183 -55.74 -71.14 24.96
N ASP G 184 -55.66 -69.82 24.84
CA ASP G 184 -54.38 -69.10 24.94
C ASP G 184 -53.33 -69.48 23.91
N LEU G 185 -53.72 -70.24 22.88
CA LEU G 185 -52.83 -70.44 21.76
C LEU G 185 -53.48 -70.04 20.42
N TYR G 186 -52.68 -69.42 19.55
CA TYR G 186 -53.14 -69.03 18.22
C TYR G 186 -52.94 -70.15 17.19
N THR G 187 -53.82 -70.15 16.20
CA THR G 187 -53.72 -71.06 15.06
C THR G 187 -54.07 -70.27 13.83
N LEU G 188 -53.32 -70.45 12.74
CA LEU G 188 -53.73 -69.90 11.45
C LEU G 188 -53.33 -70.79 10.30
N SER G 189 -53.82 -70.43 9.12
CA SER G 189 -53.60 -71.18 7.89
C SER G 189 -53.19 -70.29 6.75
N SER G 190 -52.52 -70.88 5.77
CA SER G 190 -52.17 -70.15 4.57
C SER G 190 -52.35 -71.08 3.39
N SER G 191 -53.07 -70.61 2.37
CA SER G 191 -53.20 -71.39 1.16
C SER G 191 -52.48 -70.72 -0.02
N VAL G 192 -51.90 -71.55 -0.88
CA VAL G 192 -51.30 -71.02 -2.09
C VAL G 192 -51.93 -71.76 -3.27
N THR G 193 -52.21 -71.04 -4.34
CA THR G 193 -52.81 -71.67 -5.51
C THR G 193 -51.92 -71.50 -6.73
N VAL G 194 -51.52 -72.63 -7.31
CA VAL G 194 -50.52 -72.64 -8.37
C VAL G 194 -51.00 -73.48 -9.56
N PRO G 195 -50.36 -73.31 -10.74
CA PRO G 195 -50.74 -74.17 -11.86
C PRO G 195 -50.39 -75.62 -11.59
N SER G 196 -51.28 -76.54 -11.98
CA SER G 196 -51.07 -77.98 -11.80
C SER G 196 -49.78 -78.47 -12.46
N SER G 197 -49.37 -77.76 -13.50
CA SER G 197 -48.17 -78.12 -14.26
C SER G 197 -46.90 -77.85 -13.47
N THR G 198 -46.92 -76.81 -12.64
CA THR G 198 -45.74 -76.40 -11.88
C THR G 198 -45.71 -77.01 -10.46
N TRP G 199 -46.56 -78.01 -10.21
CA TRP G 199 -46.52 -78.75 -8.96
C TRP G 199 -47.14 -80.14 -9.12
N PRO G 200 -46.41 -81.18 -8.72
CA PRO G 200 -45.13 -81.17 -7.97
C PRO G 200 -43.90 -80.77 -8.78
N SER G 201 -43.95 -80.83 -10.12
CA SER G 201 -42.78 -80.71 -11.02
C SER G 201 -41.61 -79.90 -10.47
N GLU G 202 -41.92 -78.74 -9.89
CA GLU G 202 -40.93 -78.00 -9.12
C GLU G 202 -41.53 -77.59 -7.77
N THR G 203 -40.67 -77.17 -6.84
CA THR G 203 -41.03 -77.22 -5.44
C THR G 203 -41.82 -76.02 -4.96
N VAL G 204 -42.80 -76.31 -4.12
CA VAL G 204 -43.51 -75.29 -3.38
C VAL G 204 -43.19 -75.46 -1.89
N THR G 205 -42.80 -74.36 -1.25
CA THR G 205 -42.31 -74.43 0.14
C THR G 205 -42.78 -73.26 0.99
N CYS G 206 -43.38 -73.59 2.13
CA CYS G 206 -43.89 -72.65 3.12
C CYS G 206 -42.80 -72.21 4.12
N ASN G 207 -42.80 -70.93 4.53
CA ASN G 207 -41.81 -70.41 5.50
C ASN G 207 -42.46 -69.75 6.70
N VAL G 208 -42.25 -70.32 7.89
CA VAL G 208 -42.94 -69.74 9.02
C VAL G 208 -41.96 -69.19 10.03
N ALA G 209 -42.21 -67.94 10.40
CA ALA G 209 -41.33 -67.23 11.31
C ALA G 209 -42.14 -66.74 12.50
N HIS G 210 -41.73 -67.14 13.68
CA HIS G 210 -42.38 -66.70 14.90
C HIS G 210 -41.32 -66.00 15.76
N PRO G 211 -41.23 -64.66 15.64
CA PRO G 211 -40.26 -63.80 16.33
C PRO G 211 -40.06 -64.15 17.79
N ALA G 212 -41.15 -64.06 18.57
CA ALA G 212 -41.16 -64.22 20.02
C ALA G 212 -40.36 -65.42 20.56
N SER G 213 -40.29 -66.48 19.76
CA SER G 213 -39.53 -67.66 20.15
C SER G 213 -38.38 -67.87 19.19
N SER G 214 -38.07 -66.83 18.41
CA SER G 214 -37.07 -66.88 17.34
C SER G 214 -37.15 -68.20 16.58
N THR G 215 -38.36 -68.54 16.16
CA THR G 215 -38.62 -69.76 15.40
C THR G 215 -38.56 -69.46 13.91
N LYS G 216 -37.99 -70.38 13.14
CA LYS G 216 -37.91 -70.22 11.70
C LYS G 216 -37.92 -71.59 11.02
N VAL G 217 -39.07 -71.96 10.45
CA VAL G 217 -39.26 -73.29 9.89
C VAL G 217 -39.62 -73.25 8.40
N ASP G 218 -39.21 -74.29 7.67
CA ASP G 218 -39.59 -74.48 6.27
C ASP G 218 -40.34 -75.79 6.05
N LYS G 219 -41.54 -75.71 5.48
CA LYS G 219 -42.24 -76.95 5.14
C LYS G 219 -42.45 -77.08 3.62
N LYS G 220 -41.75 -78.03 3.01
CA LYS G 220 -41.99 -78.38 1.63
C LYS G 220 -43.32 -79.12 1.53
N ILE G 221 -44.18 -78.65 0.63
CA ILE G 221 -45.45 -79.32 0.40
C ILE G 221 -45.26 -80.43 -0.62
N VAL G 222 -45.50 -81.65 -0.18
CA VAL G 222 -45.34 -82.81 -1.04
C VAL G 222 -46.70 -83.47 -1.20
N PRO G 223 -46.94 -84.06 -2.37
CA PRO G 223 -48.17 -84.82 -2.63
C PRO G 223 -48.30 -86.03 -1.71
N ARG G 224 -49.53 -86.48 -1.49
CA ARG G 224 -49.79 -87.72 -0.77
C ARG G 224 -50.61 -88.66 -1.65
N ASP H 1 -63.51 -32.36 24.31
CA ASP H 1 -62.78 -32.99 23.20
C ASP H 1 -63.57 -32.85 21.92
N ILE H 2 -62.89 -32.57 20.82
CA ILE H 2 -63.60 -32.51 19.56
C ILE H 2 -63.88 -33.93 19.09
N VAL H 3 -65.16 -34.23 18.88
CA VAL H 3 -65.61 -35.55 18.46
C VAL H 3 -65.89 -35.59 16.96
N LEU H 4 -65.31 -36.57 16.27
CA LEU H 4 -65.51 -36.78 14.84
C LEU H 4 -66.39 -37.99 14.55
N THR H 5 -67.51 -37.74 13.89
CA THR H 5 -68.48 -38.76 13.58
C THR H 5 -68.47 -38.97 12.08
N GLN H 6 -68.16 -40.19 11.65
CA GLN H 6 -68.04 -40.50 10.24
C GLN H 6 -69.28 -41.22 9.72
N SER H 7 -69.62 -40.91 8.48
CA SER H 7 -70.73 -41.56 7.81
C SER H 7 -70.35 -41.83 6.36
N PRO H 8 -70.73 -43.01 5.85
CA PRO H 8 -71.27 -44.15 6.60
C PRO H 8 -70.15 -44.88 7.33
N ALA H 9 -70.49 -45.89 8.13
CA ALA H 9 -69.46 -46.70 8.77
C ALA H 9 -68.87 -47.67 7.76
N SER H 10 -69.72 -48.12 6.85
CA SER H 10 -69.33 -49.06 5.84
C SER H 10 -69.95 -48.66 4.51
N LEU H 11 -69.26 -48.99 3.43
CA LEU H 11 -69.68 -48.54 2.11
C LEU H 11 -69.16 -49.54 1.09
N ALA H 12 -69.99 -49.95 0.14
CA ALA H 12 -69.53 -50.86 -0.91
C ALA H 12 -69.81 -50.28 -2.30
N VAL H 13 -68.76 -50.09 -3.08
CA VAL H 13 -68.85 -49.32 -4.32
C VAL H 13 -68.20 -50.06 -5.46
N SER H 14 -68.87 -50.13 -6.61
CA SER H 14 -68.35 -50.85 -7.77
C SER H 14 -67.14 -50.16 -8.37
N LEU H 15 -66.20 -50.96 -8.91
CA LEU H 15 -65.11 -50.42 -9.74
C LEU H 15 -65.57 -49.35 -10.75
N GLY H 16 -64.91 -48.20 -10.75
CA GLY H 16 -65.21 -47.14 -11.70
C GLY H 16 -66.24 -46.13 -11.19
N GLN H 17 -66.81 -46.46 -10.04
CA GLN H 17 -67.85 -45.63 -9.46
C GLN H 17 -67.28 -44.70 -8.39
N ARG H 18 -68.14 -43.80 -7.89
CA ARG H 18 -67.76 -42.80 -6.92
C ARG H 18 -68.06 -43.20 -5.47
N ALA H 19 -67.05 -43.18 -4.60
CA ALA H 19 -67.29 -43.30 -3.16
C ALA H 19 -67.32 -41.91 -2.51
N THR H 20 -68.29 -41.70 -1.62
CA THR H 20 -68.37 -40.45 -0.87
C THR H 20 -68.53 -40.72 0.63
N ILE H 21 -67.52 -40.28 1.40
CA ILE H 21 -67.43 -40.46 2.85
C ILE H 21 -67.40 -39.10 3.52
N SER H 22 -68.19 -38.92 4.57
CA SER H 22 -68.17 -37.65 5.24
C SER H 22 -67.84 -37.74 6.74
N CYS H 23 -67.39 -36.60 7.26
CA CYS H 23 -66.94 -36.40 8.64
C CYS H 23 -67.64 -35.17 9.18
N ARG H 24 -68.18 -35.28 10.37
CA ARG H 24 -68.80 -34.14 11.04
C ARG H 24 -68.09 -33.97 12.37
N ALA H 25 -67.62 -32.76 12.64
CA ALA H 25 -66.97 -32.45 13.91
C ALA H 25 -68.00 -31.82 14.84
N SER H 26 -67.79 -31.95 16.15
CA SER H 26 -68.74 -31.44 17.14
C SER H 26 -68.56 -29.93 17.39
N GLU H 27 -67.37 -29.42 17.07
CA GLU H 27 -67.09 -27.99 17.07
C GLU H 27 -66.37 -27.68 15.76
N SER H 28 -66.25 -26.40 15.43
CA SER H 28 -65.43 -26.02 14.28
C SER H 28 -63.99 -26.49 14.45
N VAL H 29 -63.38 -26.91 13.34
CA VAL H 29 -61.95 -27.18 13.32
C VAL H 29 -61.20 -26.17 12.43
N ASP H 30 -61.78 -24.98 12.28
CA ASP H 30 -61.12 -23.87 11.55
C ASP H 30 -60.34 -22.95 12.48
N SER H 31 -59.15 -22.57 12.04
CA SER H 31 -58.36 -21.52 12.66
C SER H 31 -57.28 -21.07 11.68
N TYR H 32 -56.71 -19.89 11.91
CA TYR H 32 -55.61 -19.40 11.08
C TYR H 32 -56.01 -19.36 9.61
N GLY H 33 -57.31 -19.25 9.33
CA GLY H 33 -57.80 -19.21 7.97
C GLY H 33 -57.75 -20.54 7.26
N ASN H 34 -57.60 -21.61 8.03
CA ASN H 34 -57.58 -22.97 7.49
C ASN H 34 -58.64 -23.87 8.15
N SER H 35 -58.86 -25.03 7.56
CA SER H 35 -59.63 -26.11 8.20
C SER H 35 -58.70 -27.28 8.53
N PHE H 36 -58.49 -27.55 9.83
CA PHE H 36 -57.49 -28.56 10.18
C PHE H 36 -58.11 -29.94 10.32
N MET H 37 -58.72 -30.37 9.21
CA MET H 37 -59.26 -31.70 9.00
C MET H 37 -58.42 -32.43 7.96
N HIS H 38 -57.99 -33.64 8.25
CA HIS H 38 -57.14 -34.41 7.35
C HIS H 38 -57.68 -35.82 7.15
N TRP H 39 -57.40 -36.42 6.01
CA TRP H 39 -57.90 -37.75 5.72
C TRP H 39 -56.78 -38.77 5.58
N TYR H 40 -56.99 -39.95 6.11
CA TYR H 40 -55.97 -41.00 6.05
C TYR H 40 -56.53 -42.31 5.50
N GLN H 41 -55.67 -43.07 4.84
CA GLN H 41 -56.01 -44.41 4.34
C GLN H 41 -55.30 -45.46 5.16
N GLN H 42 -56.01 -46.45 5.68
CA GLN H 42 -55.31 -47.61 6.25
C GLN H 42 -55.72 -48.93 5.59
N LYS H 43 -54.78 -49.56 4.89
CA LYS H 43 -54.95 -50.96 4.48
C LYS H 43 -54.59 -51.85 5.69
N PRO H 44 -55.24 -53.02 5.81
CA PRO H 44 -55.02 -53.83 7.02
C PRO H 44 -53.59 -54.35 7.15
N GLY H 45 -53.07 -54.36 8.38
CA GLY H 45 -51.69 -54.73 8.64
C GLY H 45 -50.67 -53.65 8.31
N GLN H 46 -51.17 -52.45 8.01
CA GLN H 46 -50.31 -51.36 7.57
C GLN H 46 -50.53 -50.09 8.39
N PRO H 47 -49.50 -49.24 8.46
CA PRO H 47 -49.75 -47.90 9.01
C PRO H 47 -50.59 -47.07 8.06
N PRO H 48 -51.33 -46.10 8.62
CA PRO H 48 -52.08 -45.14 7.84
C PRO H 48 -51.20 -44.34 6.89
N ILE H 49 -51.79 -43.91 5.77
CA ILE H 49 -51.15 -43.02 4.81
C ILE H 49 -51.96 -41.71 4.74
N LEU H 50 -51.27 -40.57 4.74
CA LEU H 50 -51.96 -39.31 4.56
C LEU H 50 -52.47 -39.20 3.11
N LEU H 51 -53.74 -38.82 2.94
CA LEU H 51 -54.29 -38.59 1.60
C LEU H 51 -54.43 -37.10 1.39
N ILE H 52 -55.11 -36.47 2.33
CA ILE H 52 -55.44 -35.08 2.19
C ILE H 52 -55.13 -34.35 3.50
N SER H 53 -54.41 -33.23 3.42
CA SER H 53 -54.24 -32.36 4.58
C SER H 53 -55.15 -31.15 4.45
N ARG H 54 -55.56 -30.59 5.59
CA ARG H 54 -56.30 -29.33 5.62
C ARG H 54 -57.47 -29.29 4.66
N ALA H 55 -58.35 -30.27 4.83
CA ALA H 55 -59.64 -30.35 4.14
C ALA H 55 -59.56 -30.66 2.64
N SER H 56 -58.57 -30.12 1.89
CA SER H 56 -58.59 -30.30 0.44
C SER H 56 -57.24 -30.44 -0.23
N ASN H 57 -56.17 -30.31 0.52
CA ASN H 57 -54.83 -30.38 -0.09
C ASN H 57 -54.39 -31.80 -0.37
N LEU H 58 -54.27 -32.13 -1.65
CA LEU H 58 -53.86 -33.46 -2.07
C LEU H 58 -52.38 -33.65 -1.79
N GLU H 59 -52.01 -34.73 -1.10
CA GLU H 59 -50.60 -34.98 -0.81
C GLU H 59 -49.81 -35.48 -2.02
N SER H 60 -48.54 -35.11 -2.09
CA SER H 60 -47.65 -35.60 -3.16
C SER H 60 -47.65 -37.13 -3.24
N GLY H 61 -47.90 -37.65 -4.42
CA GLY H 61 -47.84 -39.08 -4.61
C GLY H 61 -49.16 -39.75 -4.31
N ILE H 62 -50.17 -38.95 -3.98
CA ILE H 62 -51.52 -39.48 -3.87
C ILE H 62 -52.22 -39.15 -5.19
N PRO H 63 -52.84 -40.15 -5.82
CA PRO H 63 -53.60 -40.02 -7.08
C PRO H 63 -54.70 -38.97 -6.95
N ALA H 64 -55.06 -38.31 -8.05
CA ALA H 64 -56.13 -37.29 -7.97
C ALA H 64 -57.54 -37.90 -8.05
N ARG H 65 -57.69 -39.20 -7.88
CA ARG H 65 -59.02 -39.74 -7.77
C ARG H 65 -59.50 -39.43 -6.36
N PHE H 66 -58.56 -39.07 -5.50
CA PHE H 66 -58.87 -38.63 -4.15
C PHE H 66 -59.00 -37.10 -4.11
N SER H 67 -60.07 -36.61 -3.51
CA SER H 67 -60.22 -35.18 -3.26
C SER H 67 -61.07 -34.99 -2.04
N GLY H 68 -60.98 -33.81 -1.44
CA GLY H 68 -61.74 -33.57 -0.23
C GLY H 68 -62.28 -32.17 -0.23
N SER H 69 -63.31 -31.94 0.58
CA SER H 69 -63.92 -30.62 0.66
C SER H 69 -64.57 -30.37 2.02
N GLY H 70 -65.04 -29.15 2.23
CA GLY H 70 -65.79 -28.82 3.42
C GLY H 70 -65.09 -27.78 4.28
N SER H 71 -65.77 -27.36 5.34
CA SER H 71 -65.19 -26.46 6.34
C SER H 71 -65.99 -26.48 7.65
N ARG H 72 -65.48 -25.78 8.66
CA ARG H 72 -66.09 -25.63 9.97
C ARG H 72 -66.33 -26.99 10.60
N THR H 73 -67.53 -27.55 10.45
CA THR H 73 -67.78 -28.89 10.99
C THR H 73 -68.12 -30.00 9.99
N ASP H 74 -68.31 -29.67 8.71
CA ASP H 74 -68.69 -30.70 7.72
C ASP H 74 -67.64 -30.92 6.63
N PHE H 75 -67.24 -32.17 6.45
CA PHE H 75 -66.17 -32.50 5.52
C PHE H 75 -66.45 -33.77 4.72
N THR H 76 -65.86 -33.85 3.53
CA THR H 76 -66.16 -34.93 2.61
C THR H 76 -64.89 -35.46 1.93
N LEU H 77 -64.82 -36.78 1.78
CA LEU H 77 -63.75 -37.40 1.02
C LEU H 77 -64.39 -38.06 -0.19
N THR H 78 -63.86 -37.77 -1.37
CA THR H 78 -64.38 -38.37 -2.59
C THR H 78 -63.29 -39.17 -3.27
N ILE H 79 -63.65 -40.41 -3.58
CA ILE H 79 -62.80 -41.26 -4.38
C ILE H 79 -63.56 -41.52 -5.66
N ASN H 80 -63.00 -41.07 -6.77
CA ASN H 80 -63.68 -41.13 -8.04
C ASN H 80 -62.66 -41.14 -9.16
N PRO H 81 -62.60 -42.23 -9.93
CA PRO H 81 -63.32 -43.50 -9.77
C PRO H 81 -62.63 -44.50 -8.84
N VAL H 82 -63.41 -45.25 -8.08
CA VAL H 82 -62.87 -46.28 -7.20
C VAL H 82 -62.14 -47.35 -7.99
N GLU H 83 -60.95 -47.70 -7.51
CA GLU H 83 -60.14 -48.77 -8.08
C GLU H 83 -59.96 -49.89 -7.04
N ALA H 84 -59.56 -51.07 -7.48
CA ALA H 84 -59.67 -52.26 -6.62
C ALA H 84 -58.77 -52.22 -5.39
N ASP H 85 -57.61 -51.59 -5.52
CA ASP H 85 -56.70 -51.44 -4.40
C ASP H 85 -57.10 -50.29 -3.44
N ASP H 86 -58.28 -49.72 -3.63
CA ASP H 86 -58.76 -48.68 -2.71
C ASP H 86 -59.57 -49.19 -1.52
N PHE H 87 -59.77 -50.50 -1.39
CA PHE H 87 -60.51 -50.99 -0.23
C PHE H 87 -59.61 -50.75 0.97
N ALA H 88 -60.20 -50.18 2.02
CA ALA H 88 -59.42 -49.77 3.20
C ALA H 88 -60.36 -49.18 4.22
N THR H 89 -59.82 -48.87 5.39
CA THR H 89 -60.50 -47.95 6.29
C THR H 89 -59.96 -46.53 6.07
N TYR H 90 -60.88 -45.58 5.93
CA TYR H 90 -60.52 -44.17 5.78
C TYR H 90 -60.86 -43.45 7.08
N TYR H 91 -59.88 -42.73 7.62
CA TYR H 91 -60.04 -41.99 8.86
C TYR H 91 -59.89 -40.47 8.65
N CYS H 92 -60.79 -39.71 9.25
CA CYS H 92 -60.59 -38.27 9.31
C CYS H 92 -59.90 -37.97 10.61
N GLN H 93 -59.20 -36.83 10.66
CA GLN H 93 -58.50 -36.40 11.86
C GLN H 93 -58.57 -34.88 11.98
N GLN H 94 -58.78 -34.39 13.21
CA GLN H 94 -58.72 -32.96 13.44
C GLN H 94 -57.47 -32.60 14.24
N THR H 95 -56.83 -31.49 13.87
CA THR H 95 -55.66 -31.02 14.63
C THR H 95 -55.86 -29.57 15.07
N ASN H 96 -57.12 -29.12 15.12
CA ASN H 96 -57.38 -27.73 15.48
C ASN H 96 -57.08 -27.49 16.94
N GLU H 97 -57.53 -28.38 17.81
CA GLU H 97 -57.18 -28.25 19.21
C GLU H 97 -56.71 -29.58 19.81
N ASP H 98 -56.01 -29.47 20.93
CA ASP H 98 -55.58 -30.61 21.72
C ASP H 98 -56.73 -31.15 22.59
N PRO H 99 -56.85 -32.48 22.66
CA PRO H 99 -55.94 -33.38 21.96
C PRO H 99 -56.40 -33.63 20.53
N ARG H 100 -55.49 -34.03 19.64
CA ARG H 100 -55.87 -34.50 18.30
C ARG H 100 -56.81 -35.70 18.41
N THR H 101 -57.82 -35.75 17.55
CA THR H 101 -58.73 -36.86 17.60
C THR H 101 -58.94 -37.41 16.20
N PHE H 102 -59.33 -38.67 16.12
CA PHE H 102 -59.65 -39.32 14.86
C PHE H 102 -61.12 -39.69 14.84
N GLY H 103 -61.70 -39.82 13.66
CA GLY H 103 -63.04 -40.35 13.56
C GLY H 103 -63.01 -41.86 13.70
N GLY H 104 -64.19 -42.46 13.76
CA GLY H 104 -64.29 -43.89 13.98
C GLY H 104 -63.81 -44.75 12.83
N GLY H 105 -63.71 -44.15 11.65
CA GLY H 105 -63.26 -44.88 10.48
C GLY H 105 -64.43 -45.24 9.61
N THR H 106 -64.16 -45.37 8.32
CA THR H 106 -65.17 -45.77 7.35
C THR H 106 -64.57 -46.89 6.52
N LYS H 107 -65.20 -48.06 6.54
CA LYS H 107 -64.67 -49.19 5.79
C LYS H 107 -65.21 -49.17 4.36
N LEU H 108 -64.30 -49.09 3.39
CA LEU H 108 -64.69 -49.17 1.99
C LEU H 108 -64.44 -50.56 1.40
N GLU H 109 -65.53 -51.20 1.02
CA GLU H 109 -65.51 -52.44 0.29
C GLU H 109 -65.69 -52.16 -1.22
N ILE H 110 -64.92 -52.86 -2.05
CA ILE H 110 -65.17 -52.88 -3.49
C ILE H 110 -66.34 -53.79 -3.83
N LYS H 111 -67.33 -53.27 -4.54
CA LYS H 111 -68.48 -54.09 -4.91
C LYS H 111 -68.29 -54.70 -6.30
N ARG H 112 -68.66 -55.98 -6.44
CA ARG H 112 -68.49 -56.70 -7.70
C ARG H 112 -69.54 -57.80 -7.87
N ALA H 113 -69.49 -58.45 -9.03
CA ALA H 113 -70.45 -59.49 -9.34
C ALA H 113 -70.24 -60.70 -8.43
N ASP H 114 -71.34 -61.39 -8.11
CA ASP H 114 -71.25 -62.57 -7.23
C ASP H 114 -70.38 -63.65 -7.85
N ALA H 115 -69.70 -64.40 -7.00
CA ALA H 115 -68.76 -65.43 -7.44
C ALA H 115 -68.78 -66.63 -6.47
N ALA H 116 -68.81 -67.84 -7.03
CA ALA H 116 -68.84 -69.07 -6.24
C ALA H 116 -67.49 -69.33 -5.60
N PRO H 117 -67.51 -69.98 -4.42
CA PRO H 117 -66.23 -70.33 -3.78
C PRO H 117 -65.52 -71.49 -4.48
N THR H 118 -64.20 -71.47 -4.44
CA THR H 118 -63.43 -72.62 -4.88
C THR H 118 -63.02 -73.42 -3.64
N VAL H 119 -63.58 -74.62 -3.51
CA VAL H 119 -63.41 -75.40 -2.29
C VAL H 119 -62.31 -76.46 -2.35
N SER H 120 -61.43 -76.42 -1.36
CA SER H 120 -60.37 -77.39 -1.15
C SER H 120 -60.45 -77.97 0.27
N ILE H 121 -60.26 -79.28 0.42
CA ILE H 121 -60.31 -79.93 1.73
C ILE H 121 -59.02 -80.72 1.93
N PHE H 122 -58.47 -80.67 3.13
CA PHE H 122 -57.19 -81.32 3.38
C PHE H 122 -57.23 -82.18 4.63
N PRO H 123 -56.82 -83.44 4.51
CA PRO H 123 -56.67 -84.33 5.67
C PRO H 123 -55.58 -83.85 6.63
N PRO H 124 -55.56 -84.36 7.88
CA PRO H 124 -54.43 -84.05 8.77
C PRO H 124 -53.13 -84.57 8.16
N SER H 125 -52.02 -83.91 8.41
CA SER H 125 -50.72 -84.50 8.04
C SER H 125 -50.37 -85.66 8.97
N SER H 126 -49.54 -86.58 8.49
CA SER H 126 -49.04 -87.70 9.31
C SER H 126 -48.32 -87.20 10.55
N GLU H 127 -47.67 -86.04 10.42
CA GLU H 127 -46.94 -85.40 11.49
C GLU H 127 -47.84 -85.03 12.65
N GLN H 128 -48.95 -84.37 12.35
CA GLN H 128 -49.87 -83.94 13.40
C GLN H 128 -50.47 -85.15 14.11
N LEU H 129 -50.71 -86.21 13.33
CA LEU H 129 -51.25 -87.46 13.85
C LEU H 129 -50.33 -88.17 14.84
N THR H 130 -49.02 -88.11 14.60
CA THR H 130 -48.06 -88.75 15.50
C THR H 130 -48.03 -88.08 16.87
N SER H 131 -48.76 -86.97 17.03
CA SER H 131 -48.73 -86.15 18.23
C SER H 131 -50.09 -86.09 18.93
N GLY H 132 -51.04 -86.91 18.47
CA GLY H 132 -52.35 -87.00 19.09
C GLY H 132 -53.36 -85.94 18.66
N GLY H 133 -53.10 -85.27 17.55
CA GLY H 133 -54.01 -84.25 17.06
C GLY H 133 -54.41 -84.44 15.62
N ALA H 134 -55.54 -83.86 15.24
CA ALA H 134 -56.05 -84.02 13.88
C ALA H 134 -56.89 -82.83 13.48
N SER H 135 -56.31 -82.00 12.63
CA SER H 135 -57.04 -80.87 12.07
C SER H 135 -57.36 -81.14 10.61
N VAL H 136 -58.65 -81.10 10.29
CA VAL H 136 -59.13 -81.17 8.92
C VAL H 136 -59.39 -79.73 8.46
N VAL H 137 -58.77 -79.32 7.37
CA VAL H 137 -58.88 -77.92 6.92
C VAL H 137 -59.64 -77.82 5.61
N CYS H 138 -60.57 -76.86 5.55
CA CYS H 138 -61.28 -76.58 4.32
C CYS H 138 -60.98 -75.14 3.93
N PHE H 139 -60.57 -74.91 2.68
CA PHE H 139 -60.44 -73.54 2.16
C PHE H 139 -61.60 -73.19 1.24
N LEU H 140 -62.19 -72.01 1.46
CA LEU H 140 -63.21 -71.52 0.54
C LEU H 140 -62.65 -70.27 -0.14
N ASN H 141 -62.18 -70.42 -1.37
CA ASN H 141 -61.40 -69.34 -1.95
C ASN H 141 -62.09 -68.53 -3.04
N ASN H 142 -61.86 -67.23 -2.97
CA ASN H 142 -62.30 -66.27 -3.97
C ASN H 142 -63.77 -66.32 -4.27
N PHE H 143 -64.57 -65.79 -3.35
CA PHE H 143 -66.01 -65.70 -3.55
C PHE H 143 -66.48 -64.29 -3.19
N TYR H 144 -67.67 -63.94 -3.67
CA TYR H 144 -68.29 -62.67 -3.35
C TYR H 144 -69.79 -62.88 -3.45
N PRO H 145 -70.57 -62.34 -2.51
CA PRO H 145 -70.16 -61.49 -1.38
C PRO H 145 -69.72 -62.30 -0.16
N LYS H 146 -69.33 -61.59 0.91
CA LYS H 146 -68.70 -62.17 2.11
C LYS H 146 -69.52 -63.23 2.83
N ASP H 147 -70.85 -63.09 2.80
CA ASP H 147 -71.79 -64.06 3.39
C ASP H 147 -71.69 -65.48 2.85
N ILE H 148 -71.07 -66.37 3.60
CA ILE H 148 -70.94 -67.76 3.17
C ILE H 148 -71.25 -68.73 4.31
N ASN H 149 -71.81 -69.87 3.96
CA ASN H 149 -72.06 -70.88 4.98
C ASN H 149 -71.18 -72.12 4.75
N VAL H 150 -70.51 -72.60 5.80
CA VAL H 150 -69.79 -73.86 5.70
C VAL H 150 -70.36 -74.90 6.65
N LYS H 151 -70.59 -76.09 6.12
CA LYS H 151 -71.11 -77.20 6.90
C LYS H 151 -70.14 -78.39 6.87
N TRP H 152 -69.84 -78.95 8.03
CA TRP H 152 -68.95 -80.13 8.12
C TRP H 152 -69.71 -81.44 8.29
N LYS H 153 -69.18 -82.50 7.72
CA LYS H 153 -69.80 -83.80 7.89
C LYS H 153 -68.78 -84.90 8.13
N ILE H 154 -69.14 -85.83 9.00
CA ILE H 154 -68.29 -86.97 9.29
C ILE H 154 -69.09 -88.23 9.05
N ASP H 155 -68.64 -89.01 8.07
CA ASP H 155 -69.36 -90.20 7.61
C ASP H 155 -70.79 -89.84 7.21
N GLY H 156 -70.98 -88.65 6.66
CA GLY H 156 -72.30 -88.18 6.28
C GLY H 156 -73.11 -87.43 7.33
N SER H 157 -72.69 -87.47 8.59
CA SER H 157 -73.41 -86.75 9.66
C SER H 157 -72.83 -85.36 9.95
N GLU H 158 -73.71 -84.36 10.02
CA GLU H 158 -73.32 -82.99 10.39
C GLU H 158 -72.54 -82.91 11.71
N ARG H 159 -71.49 -82.11 11.70
CA ARG H 159 -70.60 -81.94 12.85
C ARG H 159 -70.35 -80.45 13.11
N GLN H 160 -70.59 -80.03 14.35
CA GLN H 160 -70.34 -78.64 14.72
C GLN H 160 -69.25 -78.54 15.77
N ASN H 161 -69.16 -79.54 16.63
CA ASN H 161 -68.12 -79.56 17.64
C ASN H 161 -66.73 -79.42 17.02
N GLY H 162 -66.02 -78.36 17.42
CA GLY H 162 -64.62 -78.20 17.08
C GLY H 162 -64.35 -77.49 15.76
N VAL H 163 -65.35 -76.77 15.23
CA VAL H 163 -65.18 -76.00 14.01
C VAL H 163 -64.79 -74.56 14.34
N LEU H 164 -63.79 -74.03 13.64
CA LEU H 164 -63.42 -72.60 13.74
C LEU H 164 -63.19 -71.98 12.36
N ASN H 165 -63.87 -70.85 12.09
CA ASN H 165 -63.77 -70.17 10.79
C ASN H 165 -62.95 -68.90 10.88
N SER H 166 -62.38 -68.48 9.75
CA SER H 166 -61.56 -67.28 9.67
C SER H 166 -61.58 -66.70 8.24
N TRP H 167 -61.81 -65.39 8.15
CA TRP H 167 -61.97 -64.68 6.88
C TRP H 167 -60.82 -63.78 6.53
N THR H 168 -60.43 -63.75 5.26
CA THR H 168 -59.48 -62.73 4.82
C THR H 168 -60.15 -61.41 4.58
N ASP H 169 -59.31 -60.40 4.34
CA ASP H 169 -59.81 -59.13 3.85
C ASP H 169 -60.02 -59.29 2.34
N GLN H 170 -60.72 -58.34 1.73
CA GLN H 170 -60.96 -58.39 0.30
C GLN H 170 -59.67 -58.45 -0.49
N ASP H 171 -59.68 -59.16 -1.61
CA ASP H 171 -58.46 -59.33 -2.37
C ASP H 171 -58.18 -58.10 -3.22
N SER H 172 -56.92 -57.69 -3.27
CA SER H 172 -56.53 -56.44 -3.93
C SER H 172 -56.69 -56.49 -5.46
N LYS H 173 -56.54 -57.68 -6.04
CA LYS H 173 -56.72 -57.86 -7.48
C LYS H 173 -58.18 -58.15 -7.87
N ASP H 174 -58.71 -59.30 -7.45
CA ASP H 174 -60.04 -59.71 -7.91
C ASP H 174 -61.21 -59.29 -7.01
N SER H 175 -60.91 -58.60 -5.92
CA SER H 175 -61.94 -58.07 -5.02
C SER H 175 -62.79 -59.13 -4.35
N THR H 176 -62.34 -60.38 -4.32
CA THR H 176 -63.14 -61.41 -3.65
C THR H 176 -62.73 -61.58 -2.19
N TYR H 177 -63.46 -62.44 -1.50
CA TYR H 177 -63.11 -62.84 -0.14
C TYR H 177 -62.72 -64.33 -0.11
N SER H 178 -61.96 -64.69 0.92
CA SER H 178 -61.59 -66.08 1.18
C SER H 178 -61.83 -66.44 2.64
N MET H 179 -61.98 -67.71 2.90
CA MET H 179 -62.26 -68.16 4.25
C MET H 179 -61.72 -69.58 4.50
N SER H 180 -61.13 -69.81 5.67
CA SER H 180 -60.76 -71.17 6.05
C SER H 180 -61.66 -71.68 7.17
N SER H 181 -61.94 -72.99 7.14
CA SER H 181 -62.71 -73.66 8.15
C SER H 181 -61.87 -74.81 8.70
N THR H 182 -61.59 -74.80 10.00
CA THR H 182 -60.81 -75.88 10.57
C THR H 182 -61.62 -76.68 11.62
N LEU H 183 -61.68 -77.99 11.40
CA LEU H 183 -62.32 -78.92 12.30
C LEU H 183 -61.25 -79.67 13.09
N THR H 184 -61.11 -79.37 14.38
CA THR H 184 -60.07 -80.01 15.16
C THR H 184 -60.61 -81.22 15.91
N LEU H 185 -59.92 -82.33 15.75
CA LEU H 185 -60.31 -83.56 16.41
C LEU H 185 -59.10 -84.04 17.17
N THR H 186 -59.30 -85.00 18.07
CA THR H 186 -58.21 -85.80 18.57
C THR H 186 -57.89 -86.85 17.52
N LYS H 187 -56.67 -87.39 17.57
CA LYS H 187 -56.32 -88.42 16.61
C LYS H 187 -57.21 -89.65 16.82
N ASP H 188 -57.69 -89.87 18.03
CA ASP H 188 -58.55 -91.02 18.28
C ASP H 188 -59.94 -90.88 17.64
N GLU H 189 -60.61 -89.77 17.86
CA GLU H 189 -61.91 -89.52 17.24
C GLU H 189 -61.79 -89.53 15.70
N TYR H 190 -60.75 -88.89 15.20
CA TYR H 190 -60.48 -88.87 13.76
C TYR H 190 -60.39 -90.26 13.12
N GLU H 191 -59.72 -91.20 13.81
CA GLU H 191 -59.49 -92.49 13.20
C GLU H 191 -60.62 -93.48 13.47
N ARG H 192 -61.70 -93.00 14.09
CA ARG H 192 -62.92 -93.77 14.27
C ARG H 192 -63.91 -93.58 13.12
N HIS H 193 -63.51 -92.80 12.12
CA HIS H 193 -64.41 -92.45 11.03
C HIS H 193 -63.73 -92.54 9.65
N ASN H 194 -64.51 -92.77 8.62
CA ASN H 194 -63.94 -93.17 7.32
C ASN H 194 -63.87 -92.09 6.27
N SER H 195 -64.73 -91.07 6.38
CA SER H 195 -64.76 -90.01 5.39
C SER H 195 -65.05 -88.67 6.04
N TYR H 196 -64.56 -87.61 5.42
CA TYR H 196 -64.78 -86.25 5.90
C TYR H 196 -65.29 -85.37 4.79
N THR H 197 -66.21 -84.48 5.13
CA THR H 197 -66.86 -83.68 4.11
C THR H 197 -67.03 -82.24 4.54
N CYS H 198 -66.72 -81.35 3.60
CA CYS H 198 -66.88 -79.90 3.78
C CYS H 198 -67.82 -79.34 2.71
N GLU H 199 -68.97 -78.82 3.12
CA GLU H 199 -69.96 -78.27 2.18
C GLU H 199 -70.10 -76.77 2.30
N ALA H 200 -69.99 -76.07 1.16
CA ALA H 200 -70.10 -74.63 1.11
C ALA H 200 -71.39 -74.18 0.43
N THR H 201 -72.21 -73.44 1.17
CA THR H 201 -73.45 -72.89 0.63
C THR H 201 -73.31 -71.39 0.45
N HIS H 202 -73.78 -70.89 -0.69
CA HIS H 202 -73.59 -69.50 -1.12
C HIS H 202 -74.73 -69.11 -2.08
N LYS H 203 -75.08 -67.83 -2.13
CA LYS H 203 -76.19 -67.37 -2.97
C LYS H 203 -76.01 -67.68 -4.47
N THR H 204 -74.77 -67.92 -4.89
CA THR H 204 -74.47 -68.16 -6.29
C THR H 204 -75.03 -69.48 -6.79
N SER H 205 -75.15 -70.45 -5.88
CA SER H 205 -75.70 -71.73 -6.31
C SER H 205 -76.87 -72.15 -5.46
N THR H 206 -77.69 -73.03 -6.03
CA THR H 206 -78.74 -73.70 -5.29
C THR H 206 -78.13 -74.82 -4.45
N SER H 207 -77.33 -75.64 -5.13
CA SER H 207 -76.65 -76.74 -4.49
C SER H 207 -75.40 -76.24 -3.78
N PRO H 208 -75.02 -76.93 -2.68
CA PRO H 208 -73.76 -76.59 -2.05
C PRO H 208 -72.59 -77.19 -2.84
N ILE H 209 -71.43 -76.56 -2.73
CA ILE H 209 -70.21 -77.13 -3.26
C ILE H 209 -69.62 -78.06 -2.21
N VAL H 210 -69.38 -79.31 -2.59
CA VAL H 210 -69.05 -80.37 -1.66
C VAL H 210 -67.70 -81.01 -1.98
N LYS H 211 -66.84 -81.11 -0.99
CA LYS H 211 -65.56 -81.78 -1.12
C LYS H 211 -65.37 -82.78 0.02
N SER H 212 -64.92 -83.96 -0.34
CA SER H 212 -64.81 -85.05 0.61
C SER H 212 -63.49 -85.79 0.46
N PHE H 213 -63.02 -86.44 1.51
CA PHE H 213 -61.96 -87.41 1.31
C PHE H 213 -62.24 -88.63 2.17
N ASN H 214 -61.64 -89.76 1.79
CA ASN H 214 -61.72 -90.94 2.63
C ASN H 214 -60.44 -90.99 3.45
N ARG H 215 -60.57 -91.37 4.71
CA ARG H 215 -59.41 -91.40 5.60
C ARG H 215 -58.28 -92.29 5.07
N ASN H 216 -58.62 -93.42 4.45
CA ASN H 216 -57.60 -94.17 3.69
C ASN H 216 -58.21 -94.92 2.49
#